data_7DNH
#
_entry.id   7DNH
#
loop_
_entity.id
_entity.type
_entity.pdbx_description
1 polymer 'Major capsid protein L1'
2 polymer 'The light chain of 2H3 Fab fragment'
3 polymer 'The heavy chain of 2H3 Fab fragment'
#
loop_
_entity_poly.entity_id
_entity_poly.type
_entity_poly.pdbx_seq_one_letter_code
_entity_poly.pdbx_strand_id
1 'polypeptide(L)'
;MVLILCCTLAILFCVADVNVFHIFLQMSVWRPSEATVYLPPVPVSKVVSTDEYVSRTSIYYYAGSSRLLAVGNPYFSIKS
PNNNKKVLVPKVSGLQYRVFRVRLPDPNKFGFPDTSFYNPDTQRLVWACVGLEIGRGQPLGVGVSGHPYLNKFDDTETSN
RYPAQPGSDNRECLSMDYKQTQLCLIGCKPPTGEHWGKGVACNNNAAATDCPPLELFNSIIEDGDMVDTGFGCMDFGTLQ
ANKSDVPIDICNSTCKYPDYLKMASEPYGDSLFFFLRREQMFVRHFFNRAGKLGEAVPDDLYIKGSGNTAVIQSSAFFPT
PSGSIVTSESQLFNKPYWLQRAQGHNNGICWGNQLFVTVVDTTRSTNMTLCTEVTKEGTYKNDNFKEYVRHVEEYDLQFV
FQLCKITLTAEIMTYIHTMDSNILEDWQFGLTPPPSASLQDTYRFVTSQAITCQKTAPPKEKEDPLNKYTFWEVNLKEKF
SADLDQFPLGRKFLLQSGLKAKPRLKRSAPTTRAPSTKRKKVKK
;
B,A,C,D,E
2 'polypeptide(L)'
;DIQMTQSPASLSVSVGETVTITCRASENIYSNLIWYQQKQGKSPQLLVYAATNLADGVPSRFSGSGSGTQYSLKINSLQS
EDFGSYYCQHFWGTPLTFGAGTKLEIKRADAAPTVSIFPPSSEQLTSGGASVVCFLNNFYPKDINVKWKIDGSERQNGVL
NSWTDQDSKDSTYSMSSTLTLTKDEYERHNSYTCEATHKTSTSPIVKSFNRNEC
;
L
3 'polypeptide(L)'
;QVQLLQSGAELVRPGSSVKISCKASGYVFTSYWMHWVKQRPGQGLEWIGQIYPGDGGTHYNGNFRDKATLTADKSSSTAY
MHLSSLTSEDSAVYFCARKIYDGYGFSYWGQGTLVTVSAKTTPPSVYPLAPGSAAQTNSMVTLGCLVKGYFPEPVTVTWN
SGSLSSGVHTFPAVLQSDLYTLSSSVTVPSSPRPSETVTCNVAHPASSTKVDKKI
;
H
#
# COMPACT_ATOMS: atom_id res chain seq x y z
N SER A 28 -19.07 -18.68 -76.37
CA SER A 28 -18.72 -18.70 -77.78
C SER A 28 -19.82 -18.08 -78.61
N VAL A 29 -20.75 -17.42 -77.93
CA VAL A 29 -21.93 -16.90 -78.62
C VAL A 29 -21.83 -15.38 -78.72
N TRP A 30 -22.19 -14.83 -79.88
CA TRP A 30 -22.21 -13.40 -80.06
C TRP A 30 -23.41 -12.79 -79.32
N ARG A 31 -23.13 -11.87 -78.43
CA ARG A 31 -24.08 -11.46 -77.40
C ARG A 31 -24.41 -9.99 -77.51
N PRO A 32 -25.65 -9.60 -77.21
CA PRO A 32 -25.98 -8.17 -77.12
C PRO A 32 -25.69 -7.56 -75.76
N SER A 33 -25.15 -8.34 -74.84
CA SER A 33 -24.97 -7.86 -73.47
C SER A 33 -23.78 -6.92 -73.36
N GLU A 34 -23.91 -5.93 -72.47
CA GLU A 34 -22.80 -5.10 -72.05
C GLU A 34 -22.98 -4.77 -70.57
N ALA A 35 -22.01 -5.17 -69.76
CA ALA A 35 -22.10 -5.04 -68.31
C ALA A 35 -21.69 -3.65 -67.87
N THR A 36 -21.46 -3.51 -66.56
CA THR A 36 -21.06 -2.24 -65.99
C THR A 36 -19.57 -2.00 -66.17
N VAL A 37 -19.24 -0.80 -66.64
CA VAL A 37 -17.86 -0.35 -66.75
C VAL A 37 -17.77 1.00 -66.05
N TYR A 38 -16.99 1.08 -64.98
CA TYR A 38 -16.93 2.28 -64.16
C TYR A 38 -16.07 3.32 -64.84
N LEU A 39 -16.55 4.48 -64.94
CA LEU A 39 -15.78 5.51 -65.61
C LEU A 39 -14.92 6.25 -64.60
N PRO A 40 -13.76 6.74 -65.02
CA PRO A 40 -12.97 7.64 -64.17
C PRO A 40 -13.71 8.94 -63.91
N PRO A 41 -13.59 9.50 -62.73
CA PRO A 41 -14.44 10.63 -62.33
C PRO A 41 -13.94 11.94 -62.92
N VAL A 42 -14.77 12.97 -62.76
CA VAL A 42 -14.47 14.30 -63.31
C VAL A 42 -13.44 14.98 -62.43
N PRO A 43 -12.66 15.94 -62.94
CA PRO A 43 -11.70 16.63 -62.06
C PRO A 43 -12.38 17.57 -61.09
N VAL A 44 -12.30 17.26 -59.81
CA VAL A 44 -12.94 18.07 -58.79
C VAL A 44 -11.88 18.89 -58.05
N SER A 45 -12.28 20.06 -57.57
CA SER A 45 -11.39 20.95 -56.85
C SER A 45 -11.15 20.41 -55.45
N LYS A 46 -9.89 20.15 -55.11
CA LYS A 46 -9.52 19.63 -53.81
C LYS A 46 -8.83 20.71 -52.99
N VAL A 47 -8.88 20.56 -51.67
CA VAL A 47 -8.22 21.51 -50.78
C VAL A 47 -6.74 21.17 -50.68
N VAL A 48 -5.91 22.19 -50.83
CA VAL A 48 -4.46 22.00 -50.77
C VAL A 48 -4.02 22.43 -49.37
N SER A 49 -2.93 21.82 -48.91
CA SER A 49 -2.42 22.12 -47.59
C SER A 49 -1.78 23.50 -47.57
N THR A 50 -1.80 24.13 -46.39
CA THR A 50 -1.46 25.53 -46.24
C THR A 50 0.04 25.79 -46.15
N ASP A 51 0.86 24.91 -46.71
CA ASP A 51 2.28 25.11 -46.84
C ASP A 51 2.68 25.52 -48.24
N GLU A 52 1.76 25.45 -49.20
CA GLU A 52 2.08 25.82 -50.57
C GLU A 52 2.05 27.33 -50.74
N TYR A 53 1.10 27.99 -50.10
CA TYR A 53 0.87 29.40 -50.41
C TYR A 53 1.19 30.32 -49.24
N VAL A 54 0.83 29.94 -48.02
CA VAL A 54 1.17 30.76 -46.87
C VAL A 54 2.64 30.57 -46.56
N SER A 55 3.37 31.67 -46.52
CA SER A 55 4.81 31.60 -46.24
C SER A 55 5.04 31.55 -44.73
N ARG A 56 6.29 31.47 -44.33
CA ARG A 56 6.65 31.46 -42.92
C ARG A 56 7.72 32.51 -42.69
N THR A 57 7.62 33.21 -41.56
CA THR A 57 8.66 34.15 -41.19
C THR A 57 9.35 33.67 -39.91
N SER A 58 10.22 34.49 -39.35
CA SER A 58 10.97 34.07 -38.19
C SER A 58 10.87 35.10 -37.07
N ILE A 59 9.68 35.61 -36.82
CA ILE A 59 9.46 36.64 -35.81
C ILE A 59 8.46 36.08 -34.82
N TYR A 60 8.95 35.45 -33.76
CA TYR A 60 8.06 34.83 -32.80
C TYR A 60 7.58 35.84 -31.78
N TYR A 61 6.40 35.57 -31.22
CA TYR A 61 5.73 36.55 -30.36
C TYR A 61 5.08 35.80 -29.21
N TYR A 62 5.42 36.15 -27.98
CA TYR A 62 4.83 35.50 -26.83
C TYR A 62 3.50 36.12 -26.48
N ALA A 63 2.59 35.31 -25.96
CA ALA A 63 1.34 35.84 -25.40
C ALA A 63 0.92 34.92 -24.26
N GLY A 64 0.92 35.47 -23.06
CA GLY A 64 0.49 34.74 -21.88
C GLY A 64 -0.63 35.47 -21.16
N SER A 65 -1.63 34.72 -20.73
CA SER A 65 -2.68 35.29 -19.92
C SER A 65 -2.35 35.15 -18.45
N SER A 66 -2.96 36.01 -17.65
CA SER A 66 -2.86 35.84 -16.20
C SER A 66 -3.82 34.75 -15.75
N ARG A 67 -3.79 34.47 -14.46
CA ARG A 67 -4.52 33.33 -13.91
C ARG A 67 -6.00 33.61 -13.90
N LEU A 68 -6.77 32.55 -13.67
CA LEU A 68 -8.22 32.65 -13.75
C LEU A 68 -8.88 32.22 -12.44
N LEU A 69 -10.06 32.75 -12.21
CA LEU A 69 -10.79 32.57 -10.97
C LEU A 69 -12.19 32.06 -11.30
N ALA A 70 -12.60 31.00 -10.61
CA ALA A 70 -13.93 30.44 -10.79
C ALA A 70 -14.27 29.63 -9.55
N VAL A 71 -15.43 29.89 -8.97
CA VAL A 71 -15.76 29.35 -7.66
C VAL A 71 -17.27 29.32 -7.50
N GLY A 72 -17.79 28.21 -6.96
CA GLY A 72 -19.21 28.12 -6.70
C GLY A 72 -19.61 26.81 -6.07
N ASN A 73 -20.88 26.46 -6.21
CA ASN A 73 -21.42 25.20 -5.71
C ASN A 73 -21.35 24.14 -6.79
N PRO A 74 -20.98 22.91 -6.44
CA PRO A 74 -20.79 21.88 -7.46
C PRO A 74 -22.06 21.33 -8.06
N TYR A 75 -23.21 21.46 -7.40
CA TYR A 75 -24.36 20.66 -7.74
C TYR A 75 -25.38 21.42 -8.60
N PHE A 76 -25.69 22.66 -8.25
CA PHE A 76 -26.73 23.40 -8.95
C PHE A 76 -26.48 24.89 -8.80
N SER A 77 -26.85 25.63 -9.83
CA SER A 77 -26.79 27.07 -9.72
C SER A 77 -27.95 27.56 -8.86
N ILE A 78 -27.68 28.57 -8.05
CA ILE A 78 -28.67 29.10 -7.12
C ILE A 78 -29.12 30.45 -7.63
N LYS A 79 -30.40 30.56 -7.93
CA LYS A 79 -30.99 31.81 -8.40
C LYS A 79 -31.60 32.54 -7.22
N SER A 80 -31.66 33.86 -7.34
CA SER A 80 -32.29 34.66 -6.30
C SER A 80 -33.80 34.51 -6.38
N PRO A 81 -34.52 34.76 -5.29
CA PRO A 81 -35.97 34.98 -5.40
C PRO A 81 -36.24 36.32 -6.06
N ASN A 82 -37.51 36.50 -6.44
CA ASN A 82 -38.13 37.71 -7.02
C ASN A 82 -37.60 38.09 -8.41
N ASN A 83 -36.57 37.39 -8.90
CA ASN A 83 -36.02 37.66 -10.21
C ASN A 83 -36.18 36.48 -11.15
N ASN A 84 -35.62 35.32 -10.78
CA ASN A 84 -35.57 34.07 -11.56
C ASN A 84 -34.99 34.27 -12.96
N LYS A 85 -34.14 35.27 -13.11
CA LYS A 85 -33.38 35.52 -14.31
C LYS A 85 -31.91 35.75 -14.00
N LYS A 86 -31.60 36.10 -12.75
CA LYS A 86 -30.24 36.36 -12.32
C LYS A 86 -29.84 35.32 -11.28
N VAL A 87 -28.54 35.23 -11.03
CA VAL A 87 -27.95 34.12 -10.29
C VAL A 87 -27.23 34.65 -9.07
N LEU A 88 -27.27 33.88 -7.99
CA LEU A 88 -26.53 34.24 -6.79
C LEU A 88 -25.12 33.65 -6.82
N VAL A 89 -25.04 32.35 -7.11
CA VAL A 89 -23.76 31.67 -7.29
C VAL A 89 -23.88 30.77 -8.51
N PRO A 90 -22.91 30.77 -9.41
CA PRO A 90 -22.97 29.86 -10.56
C PRO A 90 -22.60 28.44 -10.17
N LYS A 91 -23.01 27.50 -11.02
CA LYS A 91 -22.79 26.08 -10.77
C LYS A 91 -21.40 25.71 -11.27
N VAL A 92 -20.46 25.55 -10.36
CA VAL A 92 -19.06 25.31 -10.72
C VAL A 92 -18.64 23.97 -10.16
N SER A 93 -18.31 23.04 -11.04
CA SER A 93 -17.81 21.74 -10.63
C SER A 93 -16.73 21.27 -11.58
N GLY A 94 -16.02 20.22 -11.17
CA GLY A 94 -14.92 19.73 -11.98
C GLY A 94 -15.37 18.92 -13.17
N LEU A 95 -16.62 18.45 -13.16
CA LEU A 95 -17.09 17.62 -14.25
C LEU A 95 -17.47 18.40 -15.49
N GLN A 96 -17.58 19.72 -15.39
CA GLN A 96 -18.09 20.51 -16.48
C GLN A 96 -17.02 20.69 -17.56
N TYR A 97 -17.47 20.82 -18.80
CA TYR A 97 -16.58 21.23 -19.86
C TYR A 97 -16.16 22.68 -19.63
N ARG A 98 -14.96 23.00 -20.11
CA ARG A 98 -14.44 24.36 -20.06
C ARG A 98 -13.97 24.66 -21.46
N VAL A 99 -14.74 25.45 -22.20
CA VAL A 99 -14.29 25.90 -23.51
C VAL A 99 -13.70 27.29 -23.32
N PHE A 100 -12.64 27.59 -24.05
CA PHE A 100 -12.06 28.92 -23.98
C PHE A 100 -12.03 29.54 -25.36
N ARG A 101 -12.46 30.80 -25.45
CA ARG A 101 -12.37 31.51 -26.71
C ARG A 101 -11.37 32.63 -26.52
N VAL A 102 -10.17 32.43 -27.00
CA VAL A 102 -9.20 33.50 -26.96
C VAL A 102 -9.52 34.50 -28.06
N ARG A 103 -9.00 35.70 -27.91
CA ARG A 103 -9.14 36.75 -28.90
C ARG A 103 -7.76 37.29 -29.21
N LEU A 104 -7.52 37.60 -30.45
CA LEU A 104 -6.18 38.05 -30.75
C LEU A 104 -6.18 39.47 -31.29
N PRO A 105 -5.08 40.18 -31.17
CA PRO A 105 -4.91 41.41 -31.93
C PRO A 105 -4.84 41.13 -33.42
N ASP A 106 -5.41 42.03 -34.21
CA ASP A 106 -5.28 41.97 -35.65
C ASP A 106 -3.84 42.23 -36.04
N PRO A 107 -3.21 41.35 -36.79
CA PRO A 107 -1.82 41.56 -37.17
C PRO A 107 -1.62 42.54 -38.32
N ASN A 108 -2.64 43.28 -38.71
CA ASN A 108 -2.43 44.36 -39.66
C ASN A 108 -2.53 45.74 -39.04
N LYS A 109 -2.96 45.84 -37.80
CA LYS A 109 -3.02 47.12 -37.12
C LYS A 109 -2.13 47.10 -35.88
N PHE A 110 -0.91 46.60 -36.04
CA PHE A 110 -0.07 46.31 -34.89
C PHE A 110 1.21 47.11 -34.94
N GLY A 111 1.81 47.28 -33.77
CA GLY A 111 3.02 48.05 -33.64
C GLY A 111 4.26 47.27 -34.00
N PHE A 112 4.44 46.99 -35.27
CA PHE A 112 5.65 46.31 -35.71
C PHE A 112 6.78 47.32 -35.85
N PRO A 113 7.97 47.01 -35.33
CA PRO A 113 9.07 47.99 -35.35
C PRO A 113 9.69 48.20 -36.72
N ASP A 114 9.37 47.35 -37.69
CA ASP A 114 9.95 47.49 -39.03
C ASP A 114 8.84 47.11 -40.01
N THR A 115 8.44 48.07 -40.83
CA THR A 115 7.40 47.81 -41.82
C THR A 115 7.96 47.54 -43.21
N SER A 116 9.19 47.03 -43.31
CA SER A 116 9.86 46.90 -44.59
C SER A 116 10.29 45.47 -44.90
N PHE A 117 9.67 44.50 -44.26
CA PHE A 117 9.88 43.11 -44.62
C PHE A 117 8.80 42.57 -45.55
N TYR A 118 7.72 43.30 -45.77
CA TYR A 118 6.60 42.83 -46.58
C TYR A 118 6.02 43.99 -47.36
N ASN A 119 5.30 43.67 -48.44
CA ASN A 119 4.71 44.68 -49.29
C ASN A 119 3.24 44.85 -48.92
N PRO A 120 2.82 46.03 -48.47
CA PRO A 120 1.45 46.17 -47.92
C PRO A 120 0.36 46.15 -48.97
N ASP A 121 0.69 46.40 -50.24
CA ASP A 121 -0.33 46.45 -51.26
C ASP A 121 -0.89 45.08 -51.59
N THR A 122 -0.08 44.04 -51.47
CA THR A 122 -0.46 42.76 -52.04
C THR A 122 -0.26 41.60 -51.09
N GLN A 123 -0.13 41.85 -49.78
CA GLN A 123 0.12 40.78 -48.85
C GLN A 123 -0.78 40.89 -47.64
N ARG A 124 -0.73 39.87 -46.81
CA ARG A 124 -1.60 39.80 -45.66
C ARG A 124 -0.90 39.04 -44.54
N LEU A 125 -1.02 39.57 -43.34
CA LEU A 125 -0.37 38.98 -42.18
C LEU A 125 -1.42 38.27 -41.34
N VAL A 126 -1.05 37.13 -40.79
CA VAL A 126 -1.97 36.30 -40.01
C VAL A 126 -1.16 35.47 -39.01
N TRP A 127 -1.70 35.33 -37.80
CA TRP A 127 -1.03 34.57 -36.77
C TRP A 127 -1.09 33.09 -37.04
N ALA A 128 -0.24 32.33 -36.36
CA ALA A 128 -0.21 30.88 -36.45
C ALA A 128 0.24 30.35 -35.10
N CYS A 129 -0.32 29.23 -34.67
CA CYS A 129 0.10 28.64 -33.40
C CYS A 129 1.28 27.73 -33.60
N VAL A 130 2.25 27.80 -32.68
CA VAL A 130 3.41 26.92 -32.72
C VAL A 130 3.70 26.30 -31.37
N GLY A 131 3.14 26.81 -30.28
CA GLY A 131 3.36 26.22 -28.99
C GLY A 131 2.21 26.51 -28.07
N LEU A 132 2.13 25.74 -26.99
CA LEU A 132 0.99 25.82 -26.10
C LEU A 132 1.36 25.16 -24.79
N GLU A 133 0.82 25.69 -23.70
CA GLU A 133 0.78 24.90 -22.47
C GLU A 133 -0.44 25.30 -21.69
N ILE A 134 -0.98 24.36 -20.91
CA ILE A 134 -2.19 24.58 -20.14
C ILE A 134 -1.79 24.46 -18.68
N GLY A 135 -1.60 25.60 -18.02
CA GLY A 135 -1.17 25.57 -16.64
C GLY A 135 -2.26 25.10 -15.70
N ARG A 136 -1.84 24.80 -14.47
CA ARG A 136 -2.74 24.33 -13.43
C ARG A 136 -2.10 24.45 -12.06
N GLY A 137 -2.82 24.99 -11.08
CA GLY A 137 -2.32 24.98 -9.71
C GLY A 137 -3.36 24.63 -8.67
N GLN A 138 -3.17 23.49 -8.01
CA GLN A 138 -4.25 22.83 -7.30
C GLN A 138 -3.75 21.61 -6.55
N PRO A 139 -4.49 21.11 -5.59
CA PRO A 139 -4.23 19.76 -5.08
C PRO A 139 -4.63 18.66 -6.05
N LEU A 140 -4.63 17.43 -5.57
CA LEU A 140 -4.99 16.28 -6.39
C LEU A 140 -6.21 15.57 -5.81
N GLY A 141 -7.24 16.32 -5.44
CA GLY A 141 -8.37 15.73 -4.76
C GLY A 141 -9.49 15.33 -5.71
N VAL A 142 -10.12 14.20 -5.40
CA VAL A 142 -11.26 13.72 -6.13
C VAL A 142 -12.52 14.31 -5.52
N GLY A 143 -13.63 14.19 -6.25
CA GLY A 143 -14.90 14.68 -5.77
C GLY A 143 -16.02 13.67 -5.88
N VAL A 144 -16.92 13.67 -4.91
CA VAL A 144 -18.00 12.70 -4.83
C VAL A 144 -19.31 13.46 -4.94
N SER A 145 -20.27 12.89 -5.66
CA SER A 145 -21.62 13.42 -5.68
C SER A 145 -22.59 12.26 -5.56
N GLY A 146 -23.86 12.59 -5.38
CA GLY A 146 -24.84 11.56 -5.17
C GLY A 146 -26.24 12.07 -5.46
N HIS A 147 -27.22 11.40 -4.85
CA HIS A 147 -28.60 11.69 -5.05
C HIS A 147 -29.31 11.38 -3.76
N PRO A 148 -30.15 12.27 -3.25
CA PRO A 148 -30.85 11.97 -1.99
C PRO A 148 -31.91 10.90 -2.13
N TYR A 149 -32.50 10.72 -3.31
CA TYR A 149 -33.56 9.75 -3.50
C TYR A 149 -33.25 8.84 -4.67
N LEU A 150 -32.04 8.31 -4.71
CA LEU A 150 -31.63 7.45 -5.81
C LEU A 150 -32.32 6.09 -5.70
N ASN A 151 -32.68 5.53 -6.86
CA ASN A 151 -33.50 4.32 -6.92
C ASN A 151 -32.63 3.06 -6.81
N LYS A 152 -31.97 2.95 -5.67
CA LYS A 152 -31.23 1.74 -5.32
C LYS A 152 -32.25 0.78 -4.73
N PHE A 153 -32.62 -0.24 -5.50
CA PHE A 153 -33.72 -1.10 -5.09
C PHE A 153 -33.27 -2.19 -4.15
N ASP A 154 -32.38 -3.06 -4.61
CA ASP A 154 -31.90 -4.17 -3.80
C ASP A 154 -30.39 -4.19 -3.76
N ASP A 155 -29.80 -5.26 -3.26
CA ASP A 155 -28.37 -5.50 -3.35
C ASP A 155 -28.19 -6.81 -4.11
N THR A 156 -27.39 -6.78 -5.17
CA THR A 156 -27.23 -7.93 -6.05
C THR A 156 -25.78 -8.16 -6.42
N GLU A 157 -24.88 -8.12 -5.45
CA GLU A 157 -23.53 -8.58 -5.72
C GLU A 157 -23.14 -9.80 -4.90
N THR A 158 -23.75 -10.00 -3.73
CA THR A 158 -23.39 -11.17 -2.93
C THR A 158 -24.55 -12.03 -2.46
N SER A 159 -25.76 -11.49 -2.25
CA SER A 159 -26.83 -12.28 -1.66
C SER A 159 -28.15 -11.57 -1.95
N ASN A 160 -29.12 -12.30 -2.49
CA ASN A 160 -30.44 -11.74 -2.75
C ASN A 160 -31.53 -12.72 -2.37
N ARG A 161 -31.45 -13.27 -1.15
CA ARG A 161 -32.47 -14.19 -0.66
C ARG A 161 -33.80 -13.47 -0.50
N TYR A 162 -34.87 -14.06 -1.03
CA TYR A 162 -36.06 -13.28 -1.20
C TYR A 162 -37.40 -14.03 -1.18
N PRO A 163 -38.41 -13.48 -0.53
CA PRO A 163 -39.77 -13.55 -1.05
C PRO A 163 -40.01 -12.31 -1.90
N ALA A 164 -41.24 -12.18 -2.38
CA ALA A 164 -41.65 -10.90 -2.94
C ALA A 164 -41.73 -9.85 -1.85
N GLN A 165 -41.14 -8.69 -2.12
CA GLN A 165 -40.98 -7.64 -1.12
C GLN A 165 -42.11 -6.63 -1.24
N PRO A 166 -42.81 -6.32 -0.14
CA PRO A 166 -43.81 -5.27 -0.18
C PRO A 166 -43.18 -3.90 0.05
N GLY A 167 -43.89 -2.87 -0.42
CA GLY A 167 -43.42 -1.51 -0.33
C GLY A 167 -43.61 -0.76 -1.63
N SER A 168 -43.62 0.56 -1.51
CA SER A 168 -43.84 1.44 -2.64
C SER A 168 -42.60 2.22 -3.03
N ASP A 169 -42.02 2.97 -2.11
CA ASP A 169 -40.75 3.63 -2.39
C ASP A 169 -39.60 2.88 -1.73
N ASN A 170 -38.47 2.88 -2.41
CA ASN A 170 -37.24 2.41 -1.79
C ASN A 170 -36.07 3.33 -2.15
N ARG A 171 -36.36 4.58 -2.50
CA ARG A 171 -35.31 5.52 -2.85
C ARG A 171 -34.45 5.83 -1.63
N GLU A 172 -33.15 5.77 -1.81
CA GLU A 172 -32.20 5.96 -0.73
C GLU A 172 -31.26 7.09 -1.10
N CYS A 173 -30.39 7.44 -0.17
CA CYS A 173 -29.36 8.46 -0.39
C CYS A 173 -28.04 7.74 -0.53
N LEU A 174 -27.53 7.68 -1.75
CA LEU A 174 -26.25 7.06 -2.05
C LEU A 174 -25.35 8.04 -2.78
N SER A 175 -24.14 7.58 -3.09
CA SER A 175 -23.13 8.46 -3.63
C SER A 175 -22.02 7.63 -4.25
N MET A 176 -21.51 8.10 -5.39
CA MET A 176 -20.35 7.48 -6.00
C MET A 176 -19.63 8.51 -6.86
N ASP A 177 -18.35 8.27 -7.10
CA ASP A 177 -17.53 9.17 -7.89
C ASP A 177 -17.61 8.80 -9.37
N TYR A 178 -16.73 9.34 -10.20
CA TYR A 178 -16.83 9.22 -11.64
C TYR A 178 -15.49 8.82 -12.26
N LYS A 179 -15.53 8.52 -13.55
CA LYS A 179 -14.35 8.05 -14.25
C LYS A 179 -13.42 9.20 -14.54
N GLN A 180 -12.13 9.03 -14.21
CA GLN A 180 -11.19 10.08 -14.55
C GLN A 180 -10.87 10.05 -16.03
N THR A 181 -10.78 11.24 -16.60
CA THR A 181 -10.80 11.50 -18.03
C THR A 181 -10.12 12.83 -18.27
N GLN A 182 -9.12 12.84 -19.14
CA GLN A 182 -8.47 14.08 -19.51
C GLN A 182 -8.46 14.18 -21.02
N LEU A 183 -8.83 15.34 -21.52
CA LEU A 183 -8.68 15.59 -22.95
C LEU A 183 -8.54 17.07 -23.19
N CYS A 184 -7.60 17.41 -24.06
CA CYS A 184 -7.46 18.78 -24.53
C CYS A 184 -7.45 18.74 -26.04
N LEU A 185 -8.02 19.78 -26.64
CA LEU A 185 -8.13 19.86 -28.09
C LEU A 185 -8.35 21.31 -28.46
N ILE A 186 -7.58 21.77 -29.44
CA ILE A 186 -7.58 23.17 -29.85
C ILE A 186 -8.11 23.24 -31.27
N GLY A 187 -8.64 24.40 -31.65
CA GLY A 187 -9.18 24.54 -32.99
C GLY A 187 -9.56 25.93 -33.40
N CYS A 188 -9.53 26.21 -34.70
CA CYS A 188 -9.98 27.47 -35.24
C CYS A 188 -11.50 27.60 -35.28
N LYS A 189 -12.22 26.49 -35.32
CA LYS A 189 -13.67 26.46 -35.25
C LYS A 189 -14.06 25.69 -34.00
N PRO A 190 -15.20 26.00 -33.39
CA PRO A 190 -15.56 25.35 -32.14
C PRO A 190 -15.87 23.88 -32.35
N PRO A 191 -15.51 23.04 -31.38
CA PRO A 191 -15.67 21.60 -31.58
C PRO A 191 -17.11 21.17 -31.36
N THR A 192 -17.48 20.07 -32.01
CA THR A 192 -18.86 19.60 -31.98
C THR A 192 -18.94 18.24 -31.31
N GLY A 193 -19.90 18.10 -30.41
CA GLY A 193 -20.15 16.85 -29.74
C GLY A 193 -21.33 16.12 -30.34
N GLU A 194 -21.85 15.17 -29.58
CA GLU A 194 -22.95 14.34 -30.03
C GLU A 194 -23.66 13.76 -28.82
N HIS A 195 -24.97 13.57 -28.94
CA HIS A 195 -25.74 13.03 -27.83
C HIS A 195 -27.04 12.46 -28.37
N TRP A 196 -27.58 11.49 -27.64
CA TRP A 196 -28.81 10.82 -28.03
C TRP A 196 -30.02 11.55 -27.48
N GLY A 197 -31.19 11.21 -28.03
CA GLY A 197 -32.41 11.85 -27.58
C GLY A 197 -33.64 11.20 -28.18
N LYS A 198 -34.79 11.77 -27.85
CA LYS A 198 -36.08 11.30 -28.31
C LYS A 198 -36.27 11.65 -29.78
N GLY A 199 -36.65 10.64 -30.57
CA GLY A 199 -36.81 10.85 -32.00
C GLY A 199 -38.23 10.71 -32.50
N VAL A 200 -38.39 10.39 -33.78
CA VAL A 200 -39.70 10.28 -34.38
C VAL A 200 -40.30 8.91 -34.08
N ALA A 201 -41.53 8.89 -33.59
CA ALA A 201 -42.18 7.64 -33.20
C ALA A 201 -42.80 6.88 -34.37
N CYS A 202 -42.70 7.41 -35.60
CA CYS A 202 -43.08 6.79 -36.87
C CYS A 202 -44.58 6.59 -37.07
N ASN A 203 -45.39 6.89 -36.05
CA ASN A 203 -46.84 7.18 -36.15
C ASN A 203 -47.69 6.03 -36.73
N ASN A 204 -47.14 4.83 -36.85
CA ASN A 204 -47.89 3.75 -37.48
C ASN A 204 -47.48 2.41 -36.87
N ASN A 205 -48.08 1.35 -37.41
CA ASN A 205 -47.66 -0.05 -37.30
C ASN A 205 -47.84 -0.65 -35.90
N ALA A 206 -48.70 -0.04 -35.08
CA ALA A 206 -49.25 -0.66 -33.86
C ALA A 206 -48.15 -1.03 -32.86
N ALA A 207 -47.57 0.02 -32.25
CA ALA A 207 -46.42 -0.10 -31.36
C ALA A 207 -46.76 -0.92 -30.11
N ALA A 208 -46.20 -2.13 -30.01
CA ALA A 208 -46.43 -2.97 -28.84
C ALA A 208 -45.47 -2.64 -27.71
N THR A 209 -44.34 -2.02 -28.03
CA THR A 209 -43.41 -1.51 -27.03
C THR A 209 -43.50 0.00 -27.03
N ASP A 210 -43.66 0.60 -25.86
CA ASP A 210 -43.79 2.05 -25.75
C ASP A 210 -42.42 2.71 -25.69
N CYS A 211 -41.55 2.33 -26.61
CA CYS A 211 -40.16 2.72 -26.60
C CYS A 211 -39.98 4.01 -27.38
N PRO A 212 -39.39 5.02 -26.77
CA PRO A 212 -38.97 6.20 -27.51
C PRO A 212 -37.89 5.81 -28.50
N PRO A 213 -38.10 6.07 -29.79
CA PRO A 213 -37.08 5.75 -30.77
C PRO A 213 -35.93 6.75 -30.67
N LEU A 214 -34.72 6.21 -30.63
CA LEU A 214 -33.55 7.01 -30.38
C LEU A 214 -33.13 7.76 -31.64
N GLU A 215 -32.32 8.79 -31.44
CA GLU A 215 -31.85 9.58 -32.57
C GLU A 215 -30.48 10.12 -32.24
N LEU A 216 -29.53 9.83 -33.11
CA LEU A 216 -28.17 10.33 -32.96
C LEU A 216 -28.19 11.80 -33.34
N PHE A 217 -28.16 12.67 -32.33
CA PHE A 217 -27.94 14.07 -32.58
C PHE A 217 -26.46 14.39 -32.44
N ASN A 218 -26.06 15.51 -33.04
CA ASN A 218 -24.71 16.02 -32.88
C ASN A 218 -24.76 17.54 -32.86
N SER A 219 -24.54 18.10 -31.69
CA SER A 219 -24.66 19.54 -31.49
C SER A 219 -23.25 20.10 -31.37
N ILE A 220 -23.16 21.40 -31.12
CA ILE A 220 -21.88 22.09 -30.95
C ILE A 220 -21.71 22.37 -29.47
N ILE A 221 -20.54 22.07 -28.94
CA ILE A 221 -20.30 22.15 -27.51
C ILE A 221 -20.22 23.61 -27.09
N GLU A 222 -20.82 23.91 -25.95
CA GLU A 222 -20.51 25.11 -25.18
C GLU A 222 -20.17 24.65 -23.77
N ASP A 223 -19.54 25.54 -23.00
CA ASP A 223 -19.06 25.13 -21.68
C ASP A 223 -20.19 25.09 -20.67
N GLY A 224 -19.96 24.33 -19.60
CA GLY A 224 -20.87 24.23 -18.48
C GLY A 224 -21.54 22.89 -18.36
N ASP A 225 -21.99 22.30 -19.45
CA ASP A 225 -22.68 21.03 -19.43
C ASP A 225 -21.71 19.88 -19.19
N MET A 226 -22.21 18.84 -18.56
CA MET A 226 -21.34 17.83 -17.97
C MET A 226 -20.84 16.85 -19.01
N VAL A 227 -19.73 16.20 -18.68
CA VAL A 227 -19.12 15.19 -19.52
C VAL A 227 -19.80 13.88 -19.17
N ASP A 228 -19.62 12.85 -20.00
CA ASP A 228 -20.15 11.54 -19.69
C ASP A 228 -19.38 10.93 -18.54
N THR A 229 -20.10 10.30 -17.62
CA THR A 229 -19.51 9.63 -16.47
C THR A 229 -19.85 8.14 -16.45
N GLY A 230 -19.87 7.51 -17.62
CA GLY A 230 -20.21 6.11 -17.63
C GLY A 230 -21.68 5.82 -17.50
N PHE A 231 -22.53 6.59 -18.15
CA PHE A 231 -23.95 6.28 -18.21
C PHE A 231 -24.52 6.48 -19.61
N GLY A 232 -23.67 6.67 -20.60
CA GLY A 232 -24.12 6.89 -21.96
C GLY A 232 -24.10 8.35 -22.34
N CYS A 233 -23.71 8.65 -23.56
CA CYS A 233 -23.70 10.02 -24.04
C CYS A 233 -25.09 10.43 -24.50
N MET A 234 -25.98 10.71 -23.56
CA MET A 234 -27.38 10.96 -23.88
C MET A 234 -27.95 12.09 -23.03
N ASP A 235 -29.21 12.43 -23.32
CA ASP A 235 -29.95 13.50 -22.66
C ASP A 235 -30.83 12.92 -21.56
N PHE A 236 -30.59 13.33 -20.33
CA PHE A 236 -31.38 12.90 -19.19
C PHE A 236 -32.47 13.87 -18.84
N GLY A 237 -32.85 14.75 -19.75
CA GLY A 237 -33.98 15.61 -19.50
C GLY A 237 -35.28 14.89 -19.77
N THR A 238 -35.47 14.45 -21.02
CA THR A 238 -36.76 13.94 -21.45
C THR A 238 -36.81 12.43 -21.57
N LEU A 239 -35.68 11.75 -21.48
CA LEU A 239 -35.68 10.31 -21.61
C LEU A 239 -35.94 9.57 -20.31
N GLN A 240 -35.90 10.26 -19.18
CA GLN A 240 -36.17 9.67 -17.88
C GLN A 240 -37.30 10.44 -17.21
N ALA A 241 -37.91 9.81 -16.21
CA ALA A 241 -39.05 10.44 -15.59
C ALA A 241 -38.93 10.53 -14.08
N ASN A 242 -38.39 9.49 -13.45
CA ASN A 242 -38.36 9.45 -11.99
C ASN A 242 -37.32 10.40 -11.40
N LYS A 243 -36.41 10.92 -12.23
CA LYS A 243 -35.32 11.81 -11.83
C LYS A 243 -34.43 11.16 -10.76
N SER A 244 -34.33 9.83 -10.82
CA SER A 244 -33.69 9.06 -9.76
C SER A 244 -32.84 7.91 -10.31
N ASP A 245 -32.05 8.16 -11.35
CA ASP A 245 -31.16 7.12 -11.85
C ASP A 245 -29.69 7.54 -11.85
N VAL A 246 -29.42 8.82 -12.04
CA VAL A 246 -28.07 9.37 -12.05
C VAL A 246 -27.97 10.30 -10.85
N PRO A 247 -26.79 10.75 -10.44
CA PRO A 247 -26.73 11.78 -9.41
C PRO A 247 -27.31 13.10 -9.90
N ILE A 248 -27.53 14.00 -8.94
CA ILE A 248 -28.26 15.23 -9.21
C ILE A 248 -27.47 16.23 -10.04
N ASP A 249 -26.19 16.00 -10.28
CA ASP A 249 -25.44 16.86 -11.17
C ASP A 249 -25.88 16.68 -12.62
N ILE A 250 -26.37 15.51 -12.95
CA ILE A 250 -26.68 15.16 -14.33
C ILE A 250 -28.13 14.74 -14.43
N CYS A 251 -28.89 15.06 -13.40
CA CYS A 251 -30.30 14.71 -13.35
C CYS A 251 -31.12 15.57 -14.28
N ASN A 252 -30.78 16.84 -14.44
CA ASN A 252 -31.56 17.77 -15.23
C ASN A 252 -30.69 18.43 -16.28
N SER A 253 -29.89 17.63 -16.98
CA SER A 253 -28.93 18.17 -17.94
C SER A 253 -28.71 17.16 -19.05
N THR A 254 -27.86 17.52 -20.00
CA THR A 254 -27.53 16.68 -21.14
C THR A 254 -26.02 16.55 -21.27
N CYS A 255 -25.51 15.33 -21.09
CA CYS A 255 -24.08 15.10 -21.14
C CYS A 255 -23.67 14.64 -22.53
N LYS A 256 -22.72 15.36 -23.13
CA LYS A 256 -22.29 15.08 -24.49
C LYS A 256 -20.96 14.36 -24.48
N TYR A 257 -20.37 14.17 -25.67
CA TYR A 257 -19.12 13.47 -25.86
C TYR A 257 -18.59 13.90 -27.21
N PRO A 258 -17.29 14.17 -27.35
CA PRO A 258 -16.79 14.65 -28.63
C PRO A 258 -16.70 13.53 -29.64
N ASP A 259 -16.91 13.90 -30.90
CA ASP A 259 -16.90 12.96 -32.01
C ASP A 259 -15.62 13.23 -32.79
N TYR A 260 -14.56 12.47 -32.50
CA TYR A 260 -13.32 12.60 -33.24
C TYR A 260 -13.50 12.24 -34.70
N LEU A 261 -14.01 11.05 -34.97
CA LEU A 261 -14.05 10.56 -36.33
C LEU A 261 -15.08 11.25 -37.19
N LYS A 262 -15.92 12.10 -36.64
CA LYS A 262 -16.56 13.07 -37.49
C LYS A 262 -15.65 14.27 -37.72
N MET A 263 -15.01 14.75 -36.65
CA MET A 263 -14.25 15.99 -36.71
C MET A 263 -12.94 15.84 -37.44
N ALA A 264 -12.37 14.65 -37.48
CA ALA A 264 -11.20 14.44 -38.33
C ALA A 264 -11.57 14.36 -39.79
N SER A 265 -12.79 13.95 -40.09
CA SER A 265 -13.24 13.74 -41.45
C SER A 265 -13.80 15.00 -42.09
N GLU A 266 -13.58 16.16 -41.49
CA GLU A 266 -13.91 17.41 -42.14
C GLU A 266 -12.96 17.64 -43.32
N PRO A 267 -13.42 18.27 -44.39
CA PRO A 267 -12.55 18.55 -45.53
C PRO A 267 -11.36 19.45 -45.24
N TYR A 268 -11.59 20.63 -44.69
CA TYR A 268 -10.51 21.58 -44.52
C TYR A 268 -9.61 21.25 -43.34
N GLY A 269 -10.01 20.32 -42.49
CA GLY A 269 -9.23 19.98 -41.32
C GLY A 269 -9.22 21.08 -40.28
N ASP A 270 -10.23 21.95 -40.29
CA ASP A 270 -10.18 23.21 -39.58
C ASP A 270 -10.92 23.11 -38.25
N SER A 271 -10.81 21.96 -37.60
CA SER A 271 -11.44 21.80 -36.31
C SER A 271 -10.57 21.06 -35.31
N LEU A 272 -9.39 20.59 -35.70
CA LEU A 272 -8.47 19.90 -34.80
C LEU A 272 -7.06 20.17 -35.29
N PHE A 273 -6.30 20.93 -34.52
CA PHE A 273 -4.87 20.92 -34.77
C PHE A 273 -4.19 19.76 -34.07
N PHE A 274 -4.75 19.29 -32.95
CA PHE A 274 -4.04 18.44 -32.01
C PHE A 274 -5.02 17.95 -30.97
N PHE A 275 -4.87 16.71 -30.52
CA PHE A 275 -5.79 16.20 -29.51
C PHE A 275 -5.15 15.08 -28.70
N LEU A 276 -5.57 14.95 -27.45
CA LEU A 276 -5.08 13.94 -26.51
C LEU A 276 -6.25 13.36 -25.74
N ARG A 277 -6.06 12.15 -25.22
CA ARG A 277 -7.08 11.55 -24.35
C ARG A 277 -6.43 10.52 -23.46
N ARG A 278 -7.08 10.27 -22.32
CA ARG A 278 -6.69 9.21 -21.38
C ARG A 278 -7.86 8.94 -20.46
N GLU A 279 -8.34 7.71 -20.42
CA GLU A 279 -9.51 7.38 -19.62
C GLU A 279 -9.28 6.06 -18.90
N GLN A 280 -9.92 5.91 -17.74
CA GLN A 280 -9.96 4.63 -17.05
C GLN A 280 -11.16 4.60 -16.11
N MET A 281 -11.73 3.41 -15.94
CA MET A 281 -13.00 3.24 -15.26
C MET A 281 -13.22 1.77 -14.97
N PHE A 282 -13.72 1.47 -13.76
CA PHE A 282 -14.08 0.10 -13.42
C PHE A 282 -15.17 0.11 -12.35
N VAL A 283 -15.93 -0.97 -12.30
CA VAL A 283 -17.15 -1.00 -11.49
C VAL A 283 -16.80 -1.29 -10.04
N ARG A 284 -17.73 -0.96 -9.15
CA ARG A 284 -17.54 -1.24 -7.73
C ARG A 284 -18.72 -1.98 -7.13
N HIS A 285 -19.95 -1.67 -7.55
CA HIS A 285 -21.13 -2.36 -7.05
C HIS A 285 -22.14 -2.49 -8.18
N PHE A 286 -23.06 -3.43 -8.01
CA PHE A 286 -24.14 -3.65 -8.94
C PHE A 286 -25.46 -3.50 -8.21
N PHE A 287 -26.34 -2.67 -8.74
CA PHE A 287 -27.67 -2.52 -8.17
C PHE A 287 -28.69 -2.68 -9.28
N ASN A 288 -29.87 -3.17 -8.93
CA ASN A 288 -30.96 -3.34 -9.87
C ASN A 288 -31.93 -2.18 -9.78
N ARG A 289 -32.69 -1.98 -10.85
CA ARG A 289 -33.75 -0.99 -10.80
C ARG A 289 -34.96 -1.56 -10.07
N ALA A 290 -35.97 -0.74 -9.88
CA ALA A 290 -37.07 -1.08 -8.99
C ALA A 290 -38.39 -1.35 -9.69
N GLY A 291 -38.78 -0.50 -10.64
CA GLY A 291 -40.12 -0.56 -11.17
C GLY A 291 -40.35 -1.77 -12.05
N LYS A 292 -41.62 -1.95 -12.44
CA LYS A 292 -41.96 -3.01 -13.37
C LYS A 292 -41.40 -2.66 -14.74
N LEU A 293 -40.54 -3.51 -15.26
CA LEU A 293 -39.89 -3.24 -16.53
C LEU A 293 -40.88 -3.43 -17.66
N GLY A 294 -40.53 -2.86 -18.82
CA GLY A 294 -41.44 -2.82 -19.94
C GLY A 294 -41.73 -4.15 -20.57
N GLU A 295 -40.70 -4.81 -21.08
CA GLU A 295 -40.86 -6.10 -21.73
C GLU A 295 -40.43 -7.18 -20.76
N ALA A 296 -41.37 -8.04 -20.37
CA ALA A 296 -41.02 -9.18 -19.54
C ALA A 296 -40.40 -10.27 -20.40
N VAL A 297 -39.42 -10.96 -19.83
CA VAL A 297 -38.66 -11.95 -20.59
C VAL A 297 -39.53 -13.16 -20.88
N PRO A 298 -39.28 -13.91 -21.94
CA PRO A 298 -40.15 -15.04 -22.25
C PRO A 298 -39.94 -16.22 -21.31
N ASP A 299 -40.93 -17.10 -21.31
CA ASP A 299 -40.87 -18.35 -20.56
C ASP A 299 -40.02 -19.40 -21.23
N ASP A 300 -39.48 -19.12 -22.41
CA ASP A 300 -38.68 -20.07 -23.17
C ASP A 300 -37.24 -20.14 -22.69
N LEU A 301 -36.87 -19.32 -21.71
CA LEU A 301 -35.47 -19.20 -21.31
C LEU A 301 -35.21 -19.56 -19.85
N TYR A 302 -36.21 -19.98 -19.10
CA TYR A 302 -36.02 -20.29 -17.70
C TYR A 302 -37.09 -21.27 -17.26
N ILE A 303 -36.82 -21.97 -16.16
CA ILE A 303 -37.82 -22.83 -15.56
C ILE A 303 -38.57 -22.03 -14.49
N LYS A 304 -39.89 -22.09 -14.53
CA LYS A 304 -40.75 -21.34 -13.62
C LYS A 304 -40.57 -21.82 -12.19
N GLY A 305 -40.84 -20.92 -11.24
CA GLY A 305 -40.62 -21.18 -9.84
C GLY A 305 -41.74 -22.00 -9.22
N SER A 306 -41.92 -21.79 -7.92
CA SER A 306 -42.98 -22.45 -7.17
C SER A 306 -43.30 -21.61 -5.94
N GLY A 307 -44.57 -21.64 -5.54
CA GLY A 307 -45.02 -21.11 -4.26
C GLY A 307 -44.82 -19.63 -4.05
N ASN A 308 -43.88 -19.27 -3.16
CA ASN A 308 -43.50 -17.88 -2.99
C ASN A 308 -42.59 -17.42 -4.13
N THR A 309 -41.84 -18.35 -4.73
CA THR A 309 -40.88 -18.03 -5.76
C THR A 309 -41.48 -18.09 -7.15
N ALA A 310 -42.81 -18.21 -7.26
CA ALA A 310 -43.44 -18.28 -8.58
C ALA A 310 -43.52 -16.89 -9.21
N VAL A 311 -43.33 -15.84 -8.42
CA VAL A 311 -43.30 -14.49 -8.97
C VAL A 311 -41.86 -14.08 -9.26
N ILE A 312 -41.70 -13.20 -10.23
CA ILE A 312 -40.38 -12.75 -10.69
C ILE A 312 -40.25 -11.25 -10.45
N GLN A 313 -39.09 -10.85 -9.96
CA GLN A 313 -38.77 -9.45 -9.77
C GLN A 313 -38.14 -8.87 -11.03
N SER A 314 -37.54 -7.69 -10.89
CA SER A 314 -37.00 -6.96 -12.02
C SER A 314 -35.71 -7.61 -12.52
N SER A 315 -35.29 -7.16 -13.70
CA SER A 315 -34.01 -7.57 -14.25
C SER A 315 -33.33 -6.41 -14.97
N ALA A 316 -33.50 -5.18 -14.49
CA ALA A 316 -32.83 -4.01 -15.04
C ALA A 316 -31.75 -3.59 -14.05
N PHE A 317 -30.49 -3.82 -14.40
CA PHE A 317 -29.35 -3.59 -13.53
C PHE A 317 -28.57 -2.38 -14.00
N PHE A 318 -27.78 -1.81 -13.09
CA PHE A 318 -26.90 -0.73 -13.45
C PHE A 318 -25.72 -0.73 -12.48
N PRO A 319 -24.52 -0.43 -12.96
CA PRO A 319 -23.35 -0.49 -12.09
C PRO A 319 -22.99 0.85 -11.48
N THR A 320 -22.14 0.85 -10.46
CA THR A 320 -21.60 2.09 -9.91
C THR A 320 -20.19 2.29 -10.44
N PRO A 321 -19.99 3.17 -11.40
CA PRO A 321 -18.64 3.40 -11.91
C PRO A 321 -17.82 4.17 -10.90
N SER A 322 -16.53 3.88 -10.88
CA SER A 322 -15.66 4.55 -9.94
C SER A 322 -14.32 4.77 -10.57
N GLY A 323 -13.60 5.75 -10.05
CA GLY A 323 -12.25 5.98 -10.47
C GLY A 323 -11.31 5.03 -9.76
N SER A 324 -10.02 5.32 -9.89
CA SER A 324 -9.00 4.53 -9.25
C SER A 324 -7.89 5.49 -8.88
N ILE A 325 -6.70 4.96 -8.68
CA ILE A 325 -5.57 5.77 -8.24
C ILE A 325 -5.22 6.83 -9.28
N VAL A 326 -5.44 8.08 -8.91
CA VAL A 326 -4.99 9.18 -9.76
C VAL A 326 -3.55 9.53 -9.37
N THR A 327 -2.65 9.38 -10.32
CA THR A 327 -1.25 9.59 -10.02
C THR A 327 -0.84 10.95 -10.56
N SER A 328 0.42 11.31 -10.35
CA SER A 328 0.92 12.58 -10.82
C SER A 328 2.02 12.39 -11.85
N GLU A 329 2.02 11.24 -12.53
CA GLU A 329 2.90 11.01 -13.66
C GLU A 329 2.13 10.63 -14.90
N SER A 330 0.88 10.25 -14.76
CA SER A 330 0.00 9.97 -15.88
C SER A 330 -0.93 11.13 -16.10
N GLN A 331 -0.47 12.32 -15.75
CA GLN A 331 -1.20 13.55 -16.01
C GLN A 331 -0.71 14.12 -17.33
N LEU A 332 -1.55 14.94 -17.95
CA LEU A 332 -1.24 15.52 -19.25
C LEU A 332 -1.25 17.04 -19.23
N PHE A 333 -0.88 17.67 -18.13
CA PHE A 333 -0.88 19.11 -18.03
C PHE A 333 0.43 19.59 -17.42
N ASN A 334 0.53 20.91 -17.32
CA ASN A 334 1.70 21.62 -16.77
C ASN A 334 2.97 21.30 -17.51
N LYS A 335 2.87 21.03 -18.81
CA LYS A 335 4.06 20.76 -19.59
C LYS A 335 3.77 21.17 -21.01
N PRO A 336 4.75 21.69 -21.73
CA PRO A 336 4.49 22.23 -23.07
C PRO A 336 4.27 21.15 -24.11
N TYR A 337 3.61 21.56 -25.18
CA TYR A 337 3.59 20.84 -26.45
C TYR A 337 4.12 21.74 -27.54
N TRP A 338 4.56 21.13 -28.63
CA TRP A 338 4.99 21.91 -29.79
C TRP A 338 4.29 21.31 -31.00
N LEU A 339 3.56 22.12 -31.75
CA LEU A 339 2.89 21.61 -32.94
C LEU A 339 3.86 21.64 -34.11
N GLN A 340 4.42 20.48 -34.45
CA GLN A 340 5.26 20.40 -35.63
C GLN A 340 4.54 19.83 -36.84
N ARG A 341 3.41 19.15 -36.64
CA ARG A 341 2.67 18.62 -37.78
C ARG A 341 1.21 18.49 -37.38
N ALA A 342 0.39 19.45 -37.79
CA ALA A 342 -1.04 19.35 -37.57
C ALA A 342 -1.61 18.24 -38.45
N GLN A 343 -2.63 17.57 -37.92
CA GLN A 343 -3.12 16.39 -38.62
C GLN A 343 -4.27 16.71 -39.55
N GLY A 344 -4.67 17.97 -39.64
CA GLY A 344 -5.61 18.39 -40.67
C GLY A 344 -4.85 18.86 -41.89
N HIS A 345 -5.31 19.93 -42.52
CA HIS A 345 -4.56 20.55 -43.59
C HIS A 345 -3.90 21.85 -43.18
N ASN A 346 -4.53 22.61 -42.30
CA ASN A 346 -3.97 23.89 -41.89
C ASN A 346 -3.03 23.72 -40.71
N ASN A 347 -1.74 23.87 -40.97
CA ASN A 347 -0.72 23.64 -39.95
C ASN A 347 -0.66 24.78 -38.93
N GLY A 348 -1.71 24.94 -38.15
CA GLY A 348 -1.69 25.92 -37.07
C GLY A 348 -2.24 27.29 -37.43
N ILE A 349 -2.77 27.47 -38.63
CA ILE A 349 -3.30 28.77 -39.02
C ILE A 349 -4.64 29.00 -38.34
N CYS A 350 -4.84 30.20 -37.82
CA CYS A 350 -6.08 30.56 -37.14
C CYS A 350 -6.71 31.73 -37.89
N TRP A 351 -7.67 31.43 -38.76
CA TRP A 351 -8.40 32.49 -39.43
C TRP A 351 -9.32 33.20 -38.45
N GLY A 352 -9.47 34.50 -38.64
CA GLY A 352 -10.34 35.27 -37.78
C GLY A 352 -9.77 35.57 -36.42
N ASN A 353 -8.52 35.17 -36.16
CA ASN A 353 -7.75 35.52 -34.97
C ASN A 353 -8.43 35.05 -33.68
N GLN A 354 -8.71 33.75 -33.65
CA GLN A 354 -9.28 33.13 -32.47
C GLN A 354 -8.92 31.66 -32.48
N LEU A 355 -8.72 31.12 -31.28
CA LEU A 355 -8.51 29.70 -31.06
C LEU A 355 -9.55 29.20 -30.07
N PHE A 356 -9.67 27.89 -29.98
CA PHE A 356 -10.66 27.30 -29.09
C PHE A 356 -9.99 26.14 -28.35
N VAL A 357 -9.36 26.45 -27.23
CA VAL A 357 -8.88 25.36 -26.41
C VAL A 357 -10.00 24.92 -25.47
N THR A 358 -10.04 23.62 -25.21
CA THR A 358 -11.08 23.01 -24.40
C THR A 358 -10.41 21.97 -23.53
N VAL A 359 -10.68 21.99 -22.24
CA VAL A 359 -10.00 21.09 -21.32
C VAL A 359 -11.03 20.47 -20.39
N VAL A 360 -10.90 19.17 -20.15
CA VAL A 360 -11.65 18.47 -19.12
C VAL A 360 -10.68 17.82 -18.17
N ASP A 361 -10.73 18.24 -16.91
CA ASP A 361 -9.92 17.63 -15.88
C ASP A 361 -10.90 17.16 -14.81
N THR A 362 -10.85 15.89 -14.50
CA THR A 362 -11.63 15.38 -13.39
C THR A 362 -10.75 14.62 -12.43
N THR A 363 -9.49 15.04 -12.34
CA THR A 363 -8.63 14.59 -11.26
C THR A 363 -8.47 15.63 -10.18
N ARG A 364 -8.84 16.87 -10.45
CA ARG A 364 -8.69 17.93 -9.47
C ARG A 364 -10.06 18.44 -9.09
N SER A 365 -10.98 17.53 -8.83
CA SER A 365 -12.39 17.85 -8.66
C SER A 365 -12.80 17.89 -7.20
N THR A 366 -11.91 18.28 -6.29
CA THR A 366 -12.20 18.16 -4.88
C THR A 366 -13.22 19.20 -4.43
N ASN A 367 -13.75 19.01 -3.24
CA ASN A 367 -14.87 19.81 -2.74
C ASN A 367 -14.57 20.24 -1.33
N MET A 368 -14.71 21.53 -1.05
CA MET A 368 -14.48 22.04 0.28
C MET A 368 -15.77 21.94 1.10
N THR A 369 -15.65 22.08 2.41
CA THR A 369 -16.79 21.94 3.30
C THR A 369 -16.75 23.11 4.26
N LEU A 370 -17.52 24.14 3.94
CA LEU A 370 -17.63 25.31 4.80
C LEU A 370 -18.74 25.09 5.80
N CYS A 371 -18.41 25.34 7.07
CA CYS A 371 -19.34 25.02 8.15
C CYS A 371 -19.23 26.11 9.21
N THR A 372 -20.28 26.90 9.35
CA THR A 372 -20.33 27.98 10.32
C THR A 372 -21.38 27.68 11.38
N GLU A 373 -21.44 28.56 12.36
CA GLU A 373 -22.43 28.52 13.43
C GLU A 373 -23.26 29.81 13.40
N VAL A 374 -24.30 29.83 14.21
CA VAL A 374 -25.08 31.05 14.40
C VAL A 374 -24.90 31.47 15.85
N THR A 375 -25.24 30.57 16.76
CA THR A 375 -25.01 30.77 18.19
C THR A 375 -23.84 29.93 18.64
N LYS A 376 -23.41 30.14 19.86
CA LYS A 376 -22.34 29.38 20.46
C LYS A 376 -22.73 28.98 21.88
N GLU A 377 -22.38 27.75 22.25
CA GLU A 377 -22.65 27.24 23.59
C GLU A 377 -21.40 26.51 24.06
N GLY A 378 -21.53 25.79 25.17
CA GLY A 378 -20.44 24.99 25.68
C GLY A 378 -20.70 23.52 25.51
N THR A 379 -21.74 23.18 24.75
CA THR A 379 -22.16 21.79 24.56
C THR A 379 -22.53 21.59 23.09
N TYR A 380 -22.20 20.42 22.55
CA TYR A 380 -22.44 20.18 21.14
C TYR A 380 -23.91 19.93 20.85
N LYS A 381 -24.50 20.82 20.07
CA LYS A 381 -25.86 20.63 19.57
C LYS A 381 -25.87 20.97 18.08
N ASN A 382 -26.18 19.96 17.28
CA ASN A 382 -26.00 20.03 15.84
C ASN A 382 -26.91 21.02 15.14
N ASP A 383 -27.98 21.47 15.80
CA ASP A 383 -28.89 22.41 15.16
C ASP A 383 -28.36 23.83 15.24
N ASN A 384 -27.25 24.05 15.93
CA ASN A 384 -26.70 25.39 16.04
C ASN A 384 -25.90 25.80 14.81
N PHE A 385 -25.57 24.83 13.96
CA PHE A 385 -24.63 25.07 12.88
C PHE A 385 -25.29 24.96 11.52
N LYS A 386 -24.64 25.56 10.53
CA LYS A 386 -24.98 25.38 9.12
C LYS A 386 -23.73 24.95 8.38
N GLU A 387 -23.91 24.23 7.28
CA GLU A 387 -22.80 23.74 6.48
C GLU A 387 -23.02 24.08 5.01
N TYR A 388 -21.94 24.38 4.31
CA TYR A 388 -22.02 24.72 2.89
C TYR A 388 -20.94 23.97 2.14
N VAL A 389 -21.16 23.76 0.85
CA VAL A 389 -20.19 23.13 -0.02
C VAL A 389 -19.80 24.12 -1.10
N ARG A 390 -18.50 24.28 -1.31
CA ARG A 390 -18.00 25.09 -2.40
C ARG A 390 -16.94 24.30 -3.16
N HIS A 391 -16.52 24.86 -4.29
CA HIS A 391 -15.54 24.24 -5.15
C HIS A 391 -14.89 25.35 -5.94
N VAL A 392 -13.63 25.18 -6.33
CA VAL A 392 -12.90 26.26 -6.95
C VAL A 392 -12.01 25.68 -8.04
N GLU A 393 -11.65 26.52 -9.01
CA GLU A 393 -10.71 26.13 -10.07
C GLU A 393 -9.72 27.28 -10.29
N GLU A 394 -8.51 26.93 -10.70
CA GLU A 394 -7.49 27.90 -11.07
C GLU A 394 -6.81 27.41 -12.35
N TYR A 395 -6.77 28.27 -13.35
CA TYR A 395 -6.27 27.87 -14.66
C TYR A 395 -5.18 28.82 -15.12
N ASP A 396 -4.61 28.51 -16.28
CA ASP A 396 -3.64 29.35 -16.97
C ASP A 396 -3.56 28.89 -18.42
N LEU A 397 -3.34 29.84 -19.31
CA LEU A 397 -3.03 29.53 -20.69
C LEU A 397 -1.76 30.27 -21.06
N GLN A 398 -0.92 29.64 -21.87
CA GLN A 398 0.28 30.29 -22.36
C GLN A 398 0.53 29.87 -23.79
N PHE A 399 0.73 30.85 -24.65
CA PHE A 399 0.86 30.58 -26.08
C PHE A 399 2.13 31.22 -26.58
N VAL A 400 2.61 30.73 -27.71
CA VAL A 400 3.67 31.41 -28.46
C VAL A 400 3.34 31.29 -29.93
N PHE A 401 3.34 32.41 -30.64
CA PHE A 401 2.80 32.44 -32.00
C PHE A 401 3.88 32.84 -33.01
N GLN A 402 3.60 32.54 -34.26
CA GLN A 402 4.47 32.88 -35.39
C GLN A 402 3.68 33.74 -36.35
N LEU A 403 4.40 34.37 -37.27
CA LEU A 403 3.83 35.39 -38.15
C LEU A 403 3.91 34.88 -39.58
N CYS A 404 2.83 35.06 -40.34
CA CYS A 404 2.71 34.47 -41.66
C CYS A 404 2.32 35.49 -42.70
N LYS A 405 3.00 35.47 -43.85
CA LYS A 405 2.70 36.38 -44.94
C LYS A 405 2.13 35.59 -46.11
N ILE A 406 1.10 36.14 -46.75
CA ILE A 406 0.43 35.51 -47.88
C ILE A 406 0.62 36.37 -49.12
N THR A 407 1.18 35.80 -50.17
CA THR A 407 1.16 36.46 -51.48
C THR A 407 -0.27 36.30 -51.99
N LEU A 408 -0.86 37.41 -52.43
CA LEU A 408 -2.29 37.45 -52.71
C LEU A 408 -2.51 37.65 -54.20
N THR A 409 -2.61 36.54 -54.92
CA THR A 409 -2.88 36.56 -56.35
C THR A 409 -4.35 36.22 -56.60
N ALA A 410 -4.69 36.01 -57.87
CA ALA A 410 -6.10 35.93 -58.24
C ALA A 410 -6.74 34.60 -57.89
N GLU A 411 -5.99 33.50 -57.95
CA GLU A 411 -6.58 32.20 -57.67
C GLU A 411 -6.90 32.05 -56.19
N ILE A 412 -6.02 32.55 -55.34
CA ILE A 412 -6.15 32.32 -53.91
C ILE A 412 -7.32 33.08 -53.34
N MET A 413 -7.57 34.30 -53.82
CA MET A 413 -8.70 35.09 -53.36
C MET A 413 -10.03 34.45 -53.67
N THR A 414 -10.12 33.64 -54.72
CA THR A 414 -11.31 32.83 -54.92
C THR A 414 -11.34 31.66 -53.98
N TYR A 415 -10.18 31.06 -53.72
CA TYR A 415 -10.09 29.91 -52.85
C TYR A 415 -10.45 30.25 -51.41
N ILE A 416 -9.99 31.41 -50.93
CA ILE A 416 -10.36 31.87 -49.60
C ILE A 416 -11.83 32.25 -49.54
N HIS A 417 -12.39 32.77 -50.65
CA HIS A 417 -13.77 33.22 -50.68
C HIS A 417 -14.75 32.09 -50.43
N THR A 418 -14.42 30.89 -50.89
CA THR A 418 -15.34 29.78 -50.68
C THR A 418 -15.08 29.04 -49.39
N MET A 419 -13.93 29.25 -48.75
CA MET A 419 -13.73 28.75 -47.40
C MET A 419 -14.62 29.50 -46.42
N ASP A 420 -14.57 30.83 -46.50
CA ASP A 420 -15.35 31.69 -45.64
C ASP A 420 -15.46 33.05 -46.34
N SER A 421 -16.64 33.62 -46.28
CA SER A 421 -16.84 34.97 -46.76
C SER A 421 -16.40 36.01 -45.73
N ASN A 422 -16.43 35.65 -44.46
CA ASN A 422 -16.14 36.57 -43.39
C ASN A 422 -14.67 36.70 -43.09
N ILE A 423 -13.79 36.22 -43.94
CA ILE A 423 -12.35 36.38 -43.76
C ILE A 423 -11.75 37.32 -44.80
N LEU A 424 -12.15 37.19 -46.06
CA LEU A 424 -11.74 38.15 -47.07
C LEU A 424 -12.46 39.47 -46.90
N GLU A 425 -13.60 39.48 -46.22
CA GLU A 425 -14.31 40.71 -45.94
C GLU A 425 -13.60 41.51 -44.86
N ASP A 426 -12.90 40.82 -43.95
CA ASP A 426 -12.32 41.51 -42.80
C ASP A 426 -11.03 42.24 -43.13
N TRP A 427 -10.32 41.83 -44.18
CA TRP A 427 -9.14 42.59 -44.57
C TRP A 427 -9.51 43.68 -45.57
N GLN A 428 -10.60 43.44 -46.32
CA GLN A 428 -11.14 44.26 -47.42
C GLN A 428 -10.06 44.79 -48.38
N PHE A 429 -9.06 43.98 -48.69
CA PHE A 429 -8.12 44.30 -49.75
C PHE A 429 -8.38 43.47 -50.99
N GLY A 430 -9.60 43.00 -51.13
CA GLY A 430 -10.11 42.59 -52.42
C GLY A 430 -11.14 43.61 -52.87
N LEU A 431 -11.11 43.98 -54.16
CA LEU A 431 -12.13 44.89 -54.69
C LEU A 431 -13.47 44.20 -54.66
N THR A 432 -14.52 44.96 -54.41
CA THR A 432 -15.84 44.37 -54.17
C THR A 432 -16.47 43.95 -55.48
N PRO A 433 -16.95 42.72 -55.60
CA PRO A 433 -17.60 42.30 -56.85
C PRO A 433 -19.03 42.80 -56.99
N PRO A 434 -19.89 42.85 -55.96
CA PRO A 434 -21.14 43.58 -56.13
C PRO A 434 -20.91 45.07 -56.13
N PRO A 435 -21.66 45.83 -56.92
CA PRO A 435 -21.44 47.27 -57.02
C PRO A 435 -21.95 47.99 -55.78
N SER A 436 -21.63 49.29 -55.72
CA SER A 436 -22.04 50.14 -54.62
C SER A 436 -23.49 50.57 -54.70
N ALA A 437 -24.39 49.61 -54.52
CA ALA A 437 -25.81 49.84 -54.71
C ALA A 437 -26.44 48.68 -55.44
N SER A 438 -27.75 48.53 -55.31
CA SER A 438 -28.45 47.43 -55.95
C SER A 438 -28.90 47.75 -57.36
N LEU A 439 -28.68 48.99 -57.81
CA LEU A 439 -28.93 49.47 -59.18
C LEU A 439 -30.39 49.29 -59.59
N GLN A 440 -31.24 50.03 -58.87
CA GLN A 440 -32.66 50.19 -59.18
C GLN A 440 -33.15 51.46 -58.48
N ASP A 441 -34.47 51.66 -58.43
CA ASP A 441 -35.04 52.92 -57.95
C ASP A 441 -36.01 52.65 -56.82
N THR A 442 -35.68 53.11 -55.61
CA THR A 442 -36.57 53.02 -54.45
C THR A 442 -36.75 54.40 -53.86
N TYR A 443 -37.86 55.06 -54.15
CA TYR A 443 -38.06 56.44 -53.72
C TYR A 443 -39.53 56.78 -53.83
N ARG A 444 -39.97 57.69 -52.98
CA ARG A 444 -41.32 58.21 -53.09
C ARG A 444 -41.32 59.70 -52.77
N PHE A 445 -42.34 60.39 -53.28
CA PHE A 445 -42.65 61.76 -52.88
C PHE A 445 -42.95 61.79 -51.38
N VAL A 446 -42.71 62.95 -50.76
CA VAL A 446 -42.69 63.08 -49.31
C VAL A 446 -44.07 62.78 -48.71
N THR A 447 -44.06 62.26 -47.49
CA THR A 447 -45.10 61.35 -47.03
C THR A 447 -46.30 62.07 -46.44
N SER A 448 -47.47 61.91 -47.06
CA SER A 448 -48.71 62.22 -46.40
C SER A 448 -49.66 61.02 -46.30
N GLN A 449 -50.04 60.40 -47.43
CA GLN A 449 -51.06 59.35 -47.38
C GLN A 449 -50.74 58.19 -48.31
N ALA A 450 -49.49 57.75 -48.32
CA ALA A 450 -49.14 56.45 -48.86
C ALA A 450 -48.50 55.63 -47.75
N ILE A 451 -48.58 54.31 -47.88
CA ILE A 451 -48.04 53.43 -46.85
C ILE A 451 -46.51 53.46 -46.91
N THR A 452 -45.86 52.86 -45.91
CA THR A 452 -44.40 52.85 -45.71
C THR A 452 -43.86 54.28 -45.55
N CYS A 453 -44.22 54.84 -44.39
CA CYS A 453 -43.83 56.19 -44.02
C CYS A 453 -42.32 56.37 -44.03
N GLN A 454 -41.60 55.68 -43.15
CA GLN A 454 -40.16 55.68 -43.22
C GLN A 454 -39.66 54.29 -42.84
N LYS A 455 -38.36 54.09 -43.00
CA LYS A 455 -37.75 52.81 -42.68
C LYS A 455 -37.62 52.64 -41.16
N THR A 456 -38.01 51.47 -40.69
CA THR A 456 -38.04 51.20 -39.26
C THR A 456 -37.05 50.13 -38.81
N ALA A 457 -36.04 49.81 -39.63
CA ALA A 457 -34.84 49.10 -39.17
C ALA A 457 -33.64 49.58 -39.97
N PRO A 458 -33.03 50.70 -39.58
CA PRO A 458 -31.96 51.30 -40.41
C PRO A 458 -30.68 50.48 -40.46
N PRO A 459 -30.04 50.06 -39.31
CA PRO A 459 -28.79 49.30 -39.48
C PRO A 459 -29.01 47.80 -39.56
N LYS A 460 -27.92 47.04 -39.71
CA LYS A 460 -27.90 45.59 -39.67
C LYS A 460 -27.14 45.10 -38.44
N GLU A 461 -27.64 44.07 -37.76
CA GLU A 461 -26.92 43.50 -36.62
C GLU A 461 -25.78 42.56 -36.98
N LYS A 462 -25.47 42.42 -38.28
CA LYS A 462 -24.27 41.76 -38.82
C LYS A 462 -24.22 40.26 -38.55
N GLU A 463 -25.31 39.71 -37.99
CA GLU A 463 -25.54 38.28 -37.67
C GLU A 463 -24.32 37.58 -37.07
N ASP A 464 -23.88 38.09 -35.92
CA ASP A 464 -22.78 37.45 -35.18
C ASP A 464 -23.24 36.11 -34.61
N PRO A 465 -22.78 34.99 -35.17
CA PRO A 465 -23.46 33.71 -34.86
C PRO A 465 -23.10 33.15 -33.50
N LEU A 466 -21.87 33.38 -33.04
CA LEU A 466 -21.37 32.67 -31.88
C LEU A 466 -21.94 33.19 -30.57
N ASN A 467 -22.55 34.36 -30.57
CA ASN A 467 -23.04 34.96 -29.34
C ASN A 467 -24.26 34.26 -28.79
N LYS A 468 -24.89 33.38 -29.56
CA LYS A 468 -25.92 32.53 -29.01
C LYS A 468 -25.38 31.49 -28.05
N TYR A 469 -24.08 31.16 -28.13
CA TYR A 469 -23.47 30.18 -27.27
C TYR A 469 -22.52 30.86 -26.30
N THR A 470 -22.75 30.67 -25.01
CA THR A 470 -21.91 31.30 -24.01
C THR A 470 -20.58 30.58 -23.90
N PHE A 471 -19.55 31.35 -23.57
CA PHE A 471 -18.19 30.86 -23.48
C PHE A 471 -17.62 31.23 -22.11
N TRP A 472 -16.32 31.04 -21.94
CA TRP A 472 -15.58 31.66 -20.84
C TRP A 472 -14.48 32.44 -21.53
N GLU A 473 -14.82 33.63 -21.98
CA GLU A 473 -14.00 34.37 -22.94
C GLU A 473 -12.79 34.95 -22.23
N VAL A 474 -11.63 34.66 -22.76
CA VAL A 474 -10.38 35.24 -22.27
C VAL A 474 -9.78 36.10 -23.37
N ASN A 475 -9.54 37.36 -23.06
CA ASN A 475 -9.12 38.33 -24.08
C ASN A 475 -7.63 38.60 -23.94
N LEU A 476 -6.87 38.20 -24.95
CA LEU A 476 -5.43 38.42 -24.98
C LEU A 476 -5.05 39.64 -25.80
N LYS A 477 -5.90 40.66 -25.83
CA LYS A 477 -5.83 41.67 -26.89
C LYS A 477 -4.62 42.56 -26.73
N GLU A 478 -4.22 42.87 -25.50
CA GLU A 478 -3.09 43.73 -25.23
C GLU A 478 -2.11 43.04 -24.30
N LYS A 479 -1.75 41.81 -24.64
CA LYS A 479 -0.89 41.00 -23.78
C LYS A 479 0.35 40.50 -24.50
N PHE A 480 0.61 40.98 -25.71
CA PHE A 480 1.67 40.41 -26.51
C PHE A 480 3.03 40.92 -26.05
N SER A 481 4.08 40.40 -26.67
CA SER A 481 5.45 40.78 -26.34
C SER A 481 6.36 40.41 -27.48
N ALA A 482 7.48 41.11 -27.57
CA ALA A 482 8.46 40.87 -28.62
C ALA A 482 9.72 40.16 -28.14
N ASP A 483 9.93 40.10 -26.83
CA ASP A 483 11.05 39.38 -26.27
C ASP A 483 10.57 38.04 -25.70
N LEU A 484 11.39 37.01 -25.84
CA LEU A 484 10.91 35.67 -25.48
C LEU A 484 11.40 35.25 -24.11
N ASP A 485 12.63 35.60 -23.75
CA ASP A 485 13.28 34.98 -22.61
C ASP A 485 12.97 35.67 -21.29
N GLN A 486 11.82 36.35 -21.20
CA GLN A 486 11.41 37.00 -19.98
C GLN A 486 10.12 36.38 -19.44
N PHE A 487 9.77 35.23 -19.99
CA PHE A 487 8.51 34.57 -19.66
C PHE A 487 8.79 33.08 -19.58
N PRO A 488 8.10 32.36 -18.70
CA PRO A 488 8.49 30.97 -18.40
C PRO A 488 8.27 29.98 -19.52
N LEU A 489 7.71 30.39 -20.64
CA LEU A 489 7.65 29.48 -21.77
C LEU A 489 8.75 29.76 -22.78
N GLY A 490 9.13 31.02 -22.94
CA GLY A 490 10.01 31.39 -24.04
C GLY A 490 11.40 30.83 -23.90
N ARG A 491 11.93 30.82 -22.68
CA ARG A 491 13.20 30.16 -22.43
C ARG A 491 13.11 28.67 -22.72
N LYS A 492 11.99 28.06 -22.36
CA LYS A 492 11.77 26.66 -22.70
C LYS A 492 11.64 26.46 -24.20
N PHE A 493 11.23 27.47 -24.93
CA PHE A 493 11.23 27.36 -26.37
C PHE A 493 12.59 27.58 -26.97
N LEU A 494 13.39 28.46 -26.38
CA LEU A 494 14.63 28.88 -27.01
C LEU A 494 15.67 27.78 -27.09
N LEU A 495 15.76 26.92 -26.09
CA LEU A 495 16.69 25.81 -26.18
C LEU A 495 16.23 24.78 -27.18
N GLN A 496 14.92 24.69 -27.42
CA GLN A 496 14.40 23.74 -28.39
C GLN A 496 14.83 24.07 -29.81
N SER A 497 14.78 25.34 -30.20
CA SER A 497 15.21 25.72 -31.54
C SER A 497 16.71 25.80 -31.68
N GLY A 498 17.43 26.08 -30.60
CA GLY A 498 18.85 26.32 -30.71
C GLY A 498 19.21 27.70 -31.19
N LEU A 499 18.59 28.73 -30.63
CA LEU A 499 18.81 30.10 -31.09
C LEU A 499 19.21 31.01 -29.94
N VAL B 37 -2.33 54.59 -37.71
CA VAL B 37 -0.91 54.33 -37.60
C VAL B 37 -0.51 54.28 -36.12
N TYR B 38 0.19 53.20 -35.76
CA TYR B 38 0.53 52.94 -34.37
C TYR B 38 2.05 52.87 -34.25
N LEU B 39 2.50 52.46 -33.08
CA LEU B 39 3.93 52.46 -32.80
C LEU B 39 4.28 51.32 -31.86
N PRO B 40 5.51 50.83 -31.89
CA PRO B 40 5.96 49.93 -30.82
C PRO B 40 5.98 50.67 -29.49
N PRO B 41 5.19 50.20 -28.51
CA PRO B 41 4.71 51.07 -27.43
C PRO B 41 5.75 51.71 -26.52
N VAL B 42 6.52 50.91 -25.78
CA VAL B 42 7.45 51.44 -24.77
C VAL B 42 8.73 50.63 -24.81
N PRO B 43 9.88 51.31 -24.73
CA PRO B 43 11.11 50.59 -24.36
C PRO B 43 11.28 50.53 -22.85
N VAL B 44 11.58 49.33 -22.34
CA VAL B 44 11.56 49.06 -20.92
C VAL B 44 12.80 48.26 -20.54
N SER B 45 13.12 48.26 -19.25
CA SER B 45 14.27 47.54 -18.74
C SER B 45 13.97 46.04 -18.65
N LYS B 46 14.98 45.23 -18.94
CA LYS B 46 14.83 43.79 -19.03
C LYS B 46 16.03 43.13 -18.37
N VAL B 47 15.83 41.90 -17.87
CA VAL B 47 16.90 41.17 -17.21
C VAL B 47 17.79 40.52 -18.26
N VAL B 48 18.94 40.03 -17.82
CA VAL B 48 19.84 39.25 -18.67
C VAL B 48 20.33 38.10 -17.81
N SER B 49 20.63 36.96 -18.46
CA SER B 49 21.00 35.75 -17.74
C SER B 49 22.32 35.91 -17.00
N THR B 50 22.53 35.02 -16.04
CA THR B 50 23.74 35.01 -15.24
C THR B 50 24.88 34.28 -15.91
N ASP B 51 24.74 33.93 -17.18
CA ASP B 51 25.85 33.32 -17.89
C ASP B 51 26.81 34.36 -18.44
N GLU B 52 26.45 35.64 -18.33
CA GLU B 52 27.16 36.68 -19.08
C GLU B 52 28.12 37.48 -18.23
N TYR B 53 27.90 37.61 -16.94
CA TYR B 53 28.84 38.38 -16.14
C TYR B 53 29.51 37.55 -15.07
N VAL B 54 28.85 36.54 -14.52
CA VAL B 54 29.50 35.64 -13.59
C VAL B 54 30.29 34.61 -14.38
N SER B 55 31.60 34.57 -14.18
CA SER B 55 32.43 33.54 -14.77
C SER B 55 32.86 32.54 -13.72
N ARG B 56 32.87 31.27 -14.09
CA ARG B 56 33.04 30.18 -13.14
C ARG B 56 34.45 29.61 -13.21
N THR B 57 34.94 29.15 -12.08
CA THR B 57 36.28 28.64 -11.94
C THR B 57 36.14 27.16 -11.60
N SER B 58 37.21 26.38 -11.78
CA SER B 58 37.12 24.94 -11.62
C SER B 58 37.55 24.49 -10.23
N ILE B 59 37.21 25.27 -9.21
CA ILE B 59 37.65 24.99 -7.84
C ILE B 59 36.41 24.59 -7.07
N TYR B 60 36.32 23.32 -6.72
CA TYR B 60 35.12 22.73 -6.16
C TYR B 60 35.31 22.44 -4.68
N TYR B 61 34.25 22.61 -3.91
CA TYR B 61 34.33 22.52 -2.47
C TYR B 61 33.15 21.69 -1.99
N TYR B 62 33.42 20.60 -1.29
CA TYR B 62 32.34 19.83 -0.69
C TYR B 62 31.90 20.46 0.62
N ALA B 63 30.63 20.28 0.94
CA ALA B 63 30.13 20.57 2.27
C ALA B 63 29.23 19.43 2.66
N GLY B 64 28.94 19.33 3.96
CA GLY B 64 28.04 18.28 4.40
C GLY B 64 27.65 18.37 5.85
N SER B 65 26.36 18.23 6.13
CA SER B 65 25.88 18.25 7.50
C SER B 65 25.91 16.86 8.10
N SER B 66 25.80 16.81 9.42
CA SER B 66 25.66 15.55 10.11
C SER B 66 24.18 15.20 10.17
N ARG B 67 23.87 14.06 10.79
CA ARG B 67 22.50 13.54 10.80
C ARG B 67 21.64 14.40 11.68
N LEU B 68 20.84 15.26 11.06
CA LEU B 68 19.92 16.08 11.81
C LEU B 68 18.75 15.20 12.24
N LEU B 69 18.35 15.34 13.50
CA LEU B 69 17.30 14.48 14.01
C LEU B 69 16.17 15.32 14.58
N ALA B 70 15.05 14.66 14.85
CA ALA B 70 13.87 15.29 15.43
C ALA B 70 12.99 14.19 15.99
N VAL B 71 12.37 14.46 17.14
CA VAL B 71 11.56 13.46 17.82
C VAL B 71 10.53 14.18 18.68
N GLY B 72 9.30 13.71 18.65
CA GLY B 72 8.28 14.26 19.49
C GLY B 72 6.94 13.60 19.28
N ASN B 73 5.89 14.28 19.72
CA ASN B 73 4.53 13.82 19.59
C ASN B 73 3.98 14.20 18.23
N PRO B 74 3.28 13.31 17.57
CA PRO B 74 2.84 13.60 16.20
C PRO B 74 1.48 14.22 16.13
N TYR B 75 0.87 14.51 17.28
CA TYR B 75 -0.49 15.02 17.28
C TYR B 75 -0.57 16.46 17.72
N PHE B 76 -0.06 16.81 18.89
CA PHE B 76 -0.15 18.18 19.36
C PHE B 76 0.99 18.48 20.32
N SER B 77 1.39 19.74 20.34
CA SER B 77 2.46 20.15 21.23
C SER B 77 1.93 20.25 22.65
N ILE B 78 2.68 19.71 23.60
CA ILE B 78 2.32 19.79 25.00
C ILE B 78 3.17 20.88 25.66
N LYS B 79 2.51 21.83 26.29
CA LYS B 79 3.20 22.95 26.92
C LYS B 79 3.30 22.71 28.41
N SER B 80 4.18 23.48 29.07
CA SER B 80 4.33 23.46 30.51
C SER B 80 3.03 23.96 31.15
N PRO B 81 2.64 23.41 32.31
CA PRO B 81 1.34 23.82 32.88
C PRO B 81 1.35 25.24 33.40
N ASN B 82 2.43 25.67 34.04
CA ASN B 82 2.50 27.04 34.52
C ASN B 82 2.88 28.01 33.41
N ASN B 83 4.06 27.85 32.82
CA ASN B 83 4.57 28.77 31.82
C ASN B 83 3.89 28.45 30.49
N ASN B 84 2.99 29.32 30.06
CA ASN B 84 2.14 29.06 28.91
C ASN B 84 2.72 29.63 27.62
N LYS B 85 4.04 29.65 27.50
CA LYS B 85 4.73 30.02 26.27
C LYS B 85 5.79 29.02 25.85
N LYS B 86 6.27 28.17 26.76
CA LYS B 86 7.33 27.23 26.46
C LYS B 86 6.73 25.86 26.19
N VAL B 87 7.30 25.16 25.22
CA VAL B 87 6.87 23.82 24.86
C VAL B 87 7.58 22.80 25.74
N LEU B 88 7.03 21.59 25.79
CA LEU B 88 7.72 20.48 26.43
C LEU B 88 8.13 19.42 25.41
N VAL B 89 7.20 19.00 24.57
CA VAL B 89 7.47 18.12 23.45
C VAL B 89 6.91 18.72 22.17
N PRO B 90 7.76 19.07 21.20
CA PRO B 90 7.27 19.72 20.00
C PRO B 90 6.52 18.76 19.11
N LYS B 91 5.61 19.32 18.32
CA LYS B 91 4.72 18.54 17.47
C LYS B 91 5.38 18.34 16.13
N VAL B 92 5.60 17.08 15.76
CA VAL B 92 6.29 16.76 14.52
C VAL B 92 5.71 15.49 13.93
N SER B 93 5.30 15.58 12.66
CA SER B 93 4.74 14.44 11.96
C SER B 93 5.39 14.38 10.60
N GLY B 94 4.81 13.60 9.71
CA GLY B 94 5.28 13.60 8.34
C GLY B 94 4.79 14.81 7.59
N LEU B 95 3.73 15.42 8.08
CA LEU B 95 2.98 16.32 7.24
C LEU B 95 3.53 17.73 7.24
N GLN B 96 4.54 18.03 8.04
CA GLN B 96 5.05 19.39 8.08
C GLN B 96 6.00 19.65 6.93
N TYR B 97 5.93 20.85 6.41
CA TYR B 97 6.96 21.32 5.48
C TYR B 97 8.26 21.47 6.24
N ARG B 98 9.21 20.59 5.99
CA ARG B 98 10.44 20.56 6.76
C ARG B 98 11.48 21.46 6.10
N VAL B 99 11.15 22.75 6.02
CA VAL B 99 11.95 23.69 5.24
C VAL B 99 13.24 24.01 6.00
N PHE B 100 14.37 23.84 5.32
CA PHE B 100 15.66 24.12 5.91
C PHE B 100 16.13 25.51 5.56
N ARG B 101 17.10 26.00 6.33
CA ARG B 101 17.65 27.33 6.15
C ARG B 101 19.16 27.20 6.34
N VAL B 102 19.87 26.95 5.27
CA VAL B 102 21.30 26.77 5.42
C VAL B 102 21.98 28.12 5.47
N ARG B 103 23.22 28.11 5.94
CA ARG B 103 24.05 29.29 5.97
C ARG B 103 25.36 28.95 5.26
N LEU B 104 25.95 29.93 4.62
CA LEU B 104 27.21 29.73 3.93
C LEU B 104 28.25 30.64 4.55
N PRO B 105 29.51 30.23 4.56
CA PRO B 105 30.57 31.18 4.89
C PRO B 105 30.79 32.14 3.73
N ASP B 106 31.32 33.29 4.05
CA ASP B 106 31.59 34.29 3.05
C ASP B 106 32.77 33.82 2.23
N PRO B 107 32.69 33.79 0.92
CA PRO B 107 33.86 33.48 0.11
C PRO B 107 34.74 34.70 -0.14
N ASN B 108 34.60 35.73 0.65
CA ASN B 108 35.56 36.82 0.57
C ASN B 108 36.50 36.86 1.77
N LYS B 109 36.16 36.16 2.84
CA LYS B 109 37.12 36.02 3.94
C LYS B 109 37.89 34.71 3.84
N PHE B 110 38.50 34.42 2.70
CA PHE B 110 39.41 33.29 2.57
C PHE B 110 40.82 33.76 2.27
N GLY B 111 41.79 33.12 2.91
CA GLY B 111 43.18 33.33 2.58
C GLY B 111 43.69 32.24 1.65
N PHE B 112 43.75 32.54 0.39
CA PHE B 112 44.14 31.52 -0.55
C PHE B 112 45.66 31.46 -0.70
N PRO B 113 46.22 30.28 -0.93
CA PRO B 113 47.68 30.17 -1.04
C PRO B 113 48.26 30.83 -2.29
N ASP B 114 47.49 30.91 -3.37
CA ASP B 114 47.87 31.71 -4.53
C ASP B 114 46.69 32.54 -4.99
N THR B 115 46.81 33.85 -4.85
CA THR B 115 45.79 34.81 -5.26
C THR B 115 45.97 35.28 -6.69
N SER B 116 46.66 34.49 -7.53
CA SER B 116 47.01 34.95 -8.86
C SER B 116 45.86 34.86 -9.84
N PHE B 117 44.77 34.17 -9.49
CA PHE B 117 43.68 33.97 -10.42
C PHE B 117 42.67 35.11 -10.41
N TYR B 118 42.77 36.05 -9.46
CA TYR B 118 41.90 37.22 -9.48
C TYR B 118 42.56 38.35 -8.73
N ASN B 119 42.34 39.57 -9.21
CA ASN B 119 42.76 40.76 -8.48
C ASN B 119 41.77 41.01 -7.36
N PRO B 120 42.22 41.20 -6.12
CA PRO B 120 41.28 41.38 -5.01
C PRO B 120 40.57 42.72 -4.98
N ASP B 121 40.88 43.66 -5.86
CA ASP B 121 40.24 44.95 -5.75
C ASP B 121 39.04 45.07 -6.70
N THR B 122 39.26 44.80 -7.98
CA THR B 122 38.18 44.98 -8.94
C THR B 122 37.16 43.87 -8.89
N GLN B 123 37.58 42.65 -8.57
CA GLN B 123 36.68 41.51 -8.59
C GLN B 123 35.99 41.33 -7.24
N ARG B 124 35.10 40.34 -7.20
CA ARG B 124 34.51 39.86 -5.97
C ARG B 124 34.32 38.36 -6.11
N LEU B 125 33.86 37.71 -5.06
CA LEU B 125 33.64 36.27 -5.10
C LEU B 125 32.26 35.92 -4.55
N VAL B 126 31.71 34.81 -5.04
CA VAL B 126 30.37 34.38 -4.67
C VAL B 126 30.27 32.88 -4.97
N TRP B 127 29.41 32.18 -4.23
CA TRP B 127 29.29 30.74 -4.36
C TRP B 127 28.23 30.35 -5.38
N ALA B 128 28.52 29.27 -6.11
CA ALA B 128 27.56 28.63 -6.99
C ALA B 128 27.25 27.23 -6.48
N CYS B 129 26.06 26.75 -6.79
CA CYS B 129 25.63 25.42 -6.36
C CYS B 129 25.53 24.52 -7.58
N VAL B 130 25.97 23.26 -7.44
CA VAL B 130 26.07 22.40 -8.61
C VAL B 130 25.54 21.00 -8.32
N GLY B 131 25.30 20.69 -7.05
CA GLY B 131 24.85 19.34 -6.73
C GLY B 131 24.02 19.34 -5.47
N LEU B 132 23.48 18.17 -5.14
CA LEU B 132 22.49 18.12 -4.07
C LEU B 132 22.31 16.68 -3.63
N GLU B 133 22.00 16.49 -2.35
CA GLU B 133 21.60 15.20 -1.83
C GLU B 133 20.72 15.39 -0.62
N ILE B 134 19.58 14.71 -0.57
CA ILE B 134 18.76 14.73 0.63
C ILE B 134 18.57 13.32 1.12
N GLY B 135 19.45 12.86 1.98
CA GLY B 135 19.37 11.49 2.43
C GLY B 135 18.39 11.31 3.57
N ARG B 136 17.67 10.21 3.52
CA ARG B 136 16.80 9.80 4.61
C ARG B 136 17.08 8.33 4.91
N GLY B 137 16.81 7.91 6.13
CA GLY B 137 17.17 6.55 6.48
C GLY B 137 16.24 5.81 7.42
N GLN B 138 15.07 6.32 7.62
CA GLN B 138 14.21 5.49 8.42
C GLN B 138 13.51 4.47 7.52
N PRO B 139 13.19 3.28 8.05
CA PRO B 139 12.50 2.29 7.23
C PRO B 139 11.10 2.72 6.86
N LEU B 140 10.54 2.13 5.81
CA LEU B 140 9.33 2.65 5.18
C LEU B 140 8.11 2.34 6.05
N GLY B 141 6.97 2.87 5.64
CA GLY B 141 5.74 2.67 6.38
C GLY B 141 4.90 3.91 6.48
N VAL B 142 3.64 3.81 6.11
CA VAL B 142 2.73 4.94 6.15
C VAL B 142 2.08 5.01 7.53
N GLY B 143 1.91 6.21 8.04
CA GLY B 143 1.29 6.43 9.34
C GLY B 143 -0.16 6.85 9.19
N VAL B 144 -0.93 6.60 10.24
CA VAL B 144 -2.37 6.81 10.23
C VAL B 144 -2.74 7.79 11.33
N SER B 145 -3.70 8.66 11.05
CA SER B 145 -4.18 9.62 12.02
C SER B 145 -5.67 9.44 12.19
N GLY B 146 -6.28 10.25 13.04
CA GLY B 146 -7.70 10.13 13.28
C GLY B 146 -8.20 11.23 14.18
N HIS B 147 -9.45 11.09 14.60
CA HIS B 147 -10.17 12.00 15.49
C HIS B 147 -11.16 11.21 16.32
N PRO B 148 -11.38 11.58 17.58
CA PRO B 148 -12.31 10.82 18.41
C PRO B 148 -13.75 11.29 18.32
N TYR B 149 -14.00 12.48 17.80
CA TYR B 149 -15.33 13.06 17.78
C TYR B 149 -15.71 13.49 16.38
N LEU B 150 -15.53 12.60 15.41
CA LEU B 150 -15.68 12.98 14.01
C LEU B 150 -17.15 12.98 13.61
N ASN B 151 -17.50 13.86 12.68
CA ASN B 151 -18.87 14.02 12.19
C ASN B 151 -19.24 12.94 11.18
N LYS B 152 -19.23 11.69 11.60
CA LYS B 152 -19.72 10.61 10.75
C LYS B 152 -21.20 10.43 11.02
N PHE B 153 -22.02 10.66 10.00
CA PHE B 153 -23.45 10.46 10.19
C PHE B 153 -23.82 9.00 9.94
N ASP B 154 -23.63 8.54 8.70
CA ASP B 154 -24.07 7.21 8.28
C ASP B 154 -23.19 6.73 7.15
N ASP B 155 -23.34 5.45 6.82
CA ASP B 155 -22.60 4.82 5.74
C ASP B 155 -23.34 5.02 4.43
N THR B 156 -22.65 5.57 3.45
CA THR B 156 -23.27 6.00 2.20
C THR B 156 -22.78 5.16 1.03
N GLU B 157 -22.62 3.85 1.24
CA GLU B 157 -22.17 2.95 0.19
C GLU B 157 -23.17 1.85 -0.10
N THR B 158 -23.65 1.15 0.93
CA THR B 158 -24.39 -0.07 0.74
C THR B 158 -25.86 0.02 1.10
N SER B 159 -26.24 0.59 2.24
CA SER B 159 -27.63 0.61 2.68
C SER B 159 -27.85 1.84 3.54
N ASN B 160 -28.48 2.86 2.98
CA ASN B 160 -28.78 4.09 3.70
C ASN B 160 -30.29 4.29 3.61
N ARG B 161 -31.01 3.66 4.53
CA ARG B 161 -32.45 3.50 4.41
C ARG B 161 -33.18 4.71 4.97
N TYR B 162 -34.47 4.57 5.15
CA TYR B 162 -35.33 5.61 5.68
C TYR B 162 -36.16 5.05 6.83
N PRO B 163 -36.47 5.87 7.84
CA PRO B 163 -36.14 7.29 8.04
C PRO B 163 -34.76 7.46 8.66
N ALA B 164 -34.34 8.70 8.85
CA ALA B 164 -33.10 8.94 9.53
C ALA B 164 -33.28 8.73 11.03
N GLN B 165 -32.27 8.12 11.64
CA GLN B 165 -32.30 7.90 13.08
C GLN B 165 -32.08 9.23 13.80
N PRO B 166 -33.04 9.64 14.62
CA PRO B 166 -32.93 10.95 15.29
C PRO B 166 -31.94 10.91 16.45
N GLY B 167 -31.60 12.09 16.92
CA GLY B 167 -30.68 12.22 18.03
C GLY B 167 -29.94 13.54 17.96
N SER B 168 -29.38 13.92 19.10
CA SER B 168 -28.69 15.19 19.20
C SER B 168 -27.29 15.15 18.64
N ASP B 169 -26.58 14.05 18.82
CA ASP B 169 -25.23 13.91 18.27
C ASP B 169 -25.01 12.44 17.93
N ASN B 170 -24.39 12.18 16.80
CA ASN B 170 -24.01 10.84 16.39
C ASN B 170 -22.53 10.79 16.08
N ARG B 171 -21.78 11.71 16.65
CA ARG B 171 -20.36 11.84 16.36
C ARG B 171 -19.60 10.67 16.95
N GLU B 172 -18.62 10.17 16.19
CA GLU B 172 -17.93 8.97 16.59
C GLU B 172 -16.43 9.15 16.41
N CYS B 173 -15.71 8.06 16.65
CA CYS B 173 -14.26 8.02 16.54
C CYS B 173 -13.88 7.24 15.29
N LEU B 174 -13.14 7.88 14.39
CA LEU B 174 -12.64 7.24 13.19
C LEU B 174 -11.19 7.59 12.98
N SER B 175 -10.54 6.80 12.13
CA SER B 175 -9.19 7.04 11.71
C SER B 175 -9.09 6.87 10.21
N MET B 176 -8.23 7.70 9.60
CA MET B 176 -8.11 7.71 8.15
C MET B 176 -6.65 7.91 7.79
N ASP B 177 -6.35 7.69 6.52
CA ASP B 177 -4.98 7.79 6.04
C ASP B 177 -4.83 9.06 5.22
N TYR B 178 -3.65 9.25 4.65
CA TYR B 178 -3.31 10.49 3.97
C TYR B 178 -2.82 10.17 2.57
N LYS B 179 -2.90 11.15 1.68
CA LYS B 179 -2.39 10.97 0.34
C LYS B 179 -0.87 11.04 0.37
N GLN B 180 -0.22 10.03 -0.18
CA GLN B 180 1.23 9.98 -0.14
C GLN B 180 1.80 11.04 -1.08
N THR B 181 2.89 11.68 -0.66
CA THR B 181 3.44 12.76 -1.45
C THR B 181 4.91 12.95 -1.13
N GLN B 182 5.67 13.32 -2.16
CA GLN B 182 7.09 13.57 -2.07
C GLN B 182 7.41 14.76 -2.95
N LEU B 183 8.13 15.73 -2.42
CA LEU B 183 8.55 16.85 -3.24
C LEU B 183 9.83 17.46 -2.69
N CYS B 184 10.36 18.43 -3.42
CA CYS B 184 11.68 18.98 -3.12
C CYS B 184 11.80 20.30 -3.86
N LEU B 185 12.06 21.39 -3.14
CA LEU B 185 12.23 22.70 -3.72
C LEU B 185 13.44 23.37 -3.09
N ILE B 186 14.30 23.93 -3.90
CA ILE B 186 15.43 24.72 -3.40
C ILE B 186 15.36 26.11 -4.00
N GLY B 187 16.24 26.98 -3.53
CA GLY B 187 16.36 28.29 -4.13
C GLY B 187 17.10 29.26 -3.24
N CYS B 188 17.25 30.47 -3.75
CA CYS B 188 17.97 31.53 -3.05
C CYS B 188 17.06 32.36 -2.15
N LYS B 189 15.77 32.42 -2.46
CA LYS B 189 14.78 33.09 -1.62
C LYS B 189 13.72 32.08 -1.25
N PRO B 190 13.15 32.18 -0.04
CA PRO B 190 12.37 31.06 0.48
C PRO B 190 11.04 30.95 -0.25
N PRO B 191 10.50 29.74 -0.38
CA PRO B 191 9.37 29.52 -1.28
C PRO B 191 8.06 30.04 -0.71
N THR B 192 7.17 30.43 -1.62
CA THR B 192 5.90 31.05 -1.27
C THR B 192 4.76 30.09 -1.53
N GLY B 193 3.89 29.92 -0.55
CA GLY B 193 2.72 29.10 -0.68
C GLY B 193 1.44 29.89 -0.50
N GLU B 194 0.32 29.21 -0.68
CA GLU B 194 -0.96 29.89 -0.60
C GLU B 194 -2.03 28.94 -0.13
N HIS B 195 -3.21 29.50 0.14
CA HIS B 195 -4.32 28.78 0.76
C HIS B 195 -5.55 29.66 0.63
N TRP B 196 -6.70 29.03 0.61
CA TRP B 196 -7.90 29.82 0.63
C TRP B 196 -8.17 30.32 2.04
N GLY B 197 -8.89 31.42 2.15
CA GLY B 197 -9.14 32.01 3.44
C GLY B 197 -10.34 32.94 3.38
N LYS B 198 -11.03 33.03 4.52
CA LYS B 198 -12.21 33.86 4.63
C LYS B 198 -11.83 35.33 4.55
N GLY B 199 -12.61 36.10 3.81
CA GLY B 199 -12.27 37.49 3.60
C GLY B 199 -13.39 38.45 3.91
N VAL B 200 -13.46 39.55 3.18
CA VAL B 200 -14.46 40.59 3.42
C VAL B 200 -15.55 40.46 2.36
N ALA B 201 -16.80 40.63 2.77
CA ALA B 201 -17.92 40.71 1.85
C ALA B 201 -18.00 42.12 1.27
N CYS B 202 -19.13 42.44 0.67
CA CYS B 202 -19.35 43.72 0.01
C CYS B 202 -20.47 44.47 0.72
N ASN B 203 -20.96 45.53 0.08
CA ASN B 203 -22.08 46.32 0.59
C ASN B 203 -23.37 45.47 0.62
N ASN B 204 -24.41 46.07 1.22
CA ASN B 204 -25.63 45.36 1.60
C ASN B 204 -26.38 44.84 0.38
N ASN B 205 -26.65 43.54 0.39
CA ASN B 205 -27.34 42.86 -0.70
C ASN B 205 -28.57 42.15 -0.13
N ALA B 206 -29.69 42.29 -0.83
CA ALA B 206 -31.00 41.97 -0.24
C ALA B 206 -31.23 40.47 -0.07
N ALA B 207 -31.34 39.71 -1.16
CA ALA B 207 -31.69 38.29 -1.09
C ALA B 207 -30.44 37.42 -1.09
N ALA B 208 -29.34 37.90 -0.53
CA ALA B 208 -28.11 37.13 -0.48
C ALA B 208 -28.17 36.15 0.70
N THR B 209 -27.77 34.92 0.45
CA THR B 209 -27.66 33.95 1.52
C THR B 209 -26.43 34.27 2.38
N ASP B 210 -26.37 33.65 3.55
CA ASP B 210 -25.19 33.80 4.38
C ASP B 210 -24.07 32.93 3.84
N CYS B 211 -23.07 33.55 3.25
CA CYS B 211 -21.98 32.80 2.66
C CYS B 211 -20.67 33.57 2.84
N PRO B 212 -19.68 32.97 3.49
CA PRO B 212 -18.41 33.66 3.69
C PRO B 212 -17.63 33.73 2.40
N PRO B 213 -17.03 34.87 2.08
CA PRO B 213 -16.32 35.00 0.81
C PRO B 213 -14.95 34.34 0.88
N LEU B 214 -14.48 33.93 -0.29
CA LEU B 214 -13.23 33.17 -0.40
C LEU B 214 -12.23 33.97 -1.21
N GLU B 215 -11.00 34.04 -0.70
CA GLU B 215 -9.97 34.84 -1.34
C GLU B 215 -8.63 34.15 -1.22
N LEU B 216 -7.69 34.55 -2.08
CA LEU B 216 -6.34 34.00 -2.10
C LEU B 216 -5.42 34.80 -1.18
N PHE B 217 -4.55 34.10 -0.48
CA PHE B 217 -3.54 34.75 0.34
C PHE B 217 -2.17 34.15 0.04
N ASN B 218 -1.20 35.00 -0.26
CA ASN B 218 0.17 34.58 -0.45
C ASN B 218 0.94 34.88 0.82
N SER B 219 1.87 34.00 1.14
CA SER B 219 2.63 34.12 2.37
C SER B 219 3.97 33.43 2.18
N ILE B 220 4.68 33.21 3.28
CA ILE B 220 5.94 32.49 3.26
C ILE B 220 5.72 31.19 4.01
N ILE B 221 6.19 30.09 3.44
CA ILE B 221 5.91 28.77 3.98
C ILE B 221 6.76 28.57 5.23
N GLU B 222 6.13 28.73 6.39
CA GLU B 222 6.84 28.55 7.64
C GLU B 222 7.08 27.07 7.88
N ASP B 223 7.98 26.75 8.80
CA ASP B 223 8.24 25.37 9.13
C ASP B 223 7.15 24.89 10.07
N GLY B 224 6.65 23.69 9.84
CA GLY B 224 5.69 23.08 10.72
C GLY B 224 4.27 23.05 10.21
N ASP B 225 3.93 23.92 9.26
CA ASP B 225 2.57 23.92 8.73
C ASP B 225 2.34 22.72 7.83
N MET B 226 1.09 22.29 7.74
CA MET B 226 0.81 21.05 7.05
C MET B 226 0.71 21.27 5.54
N VAL B 227 0.65 20.17 4.81
CA VAL B 227 0.46 20.18 3.36
C VAL B 227 -1.00 19.82 3.13
N ASP B 228 -1.51 19.99 1.90
CA ASP B 228 -2.87 19.55 1.61
C ASP B 228 -2.96 18.03 1.68
N THR B 229 -4.14 17.54 2.02
CA THR B 229 -4.29 16.10 2.15
C THR B 229 -5.63 15.65 1.62
N GLY B 230 -6.01 16.12 0.44
CA GLY B 230 -7.28 15.71 -0.11
C GLY B 230 -8.48 16.40 0.51
N PHE B 231 -8.27 17.41 1.34
CA PHE B 231 -9.34 18.24 1.86
C PHE B 231 -9.27 19.65 1.34
N GLY B 232 -8.55 19.88 0.25
CA GLY B 232 -8.42 21.19 -0.31
C GLY B 232 -7.44 22.06 0.44
N CYS B 233 -6.76 22.92 -0.31
CA CYS B 233 -5.77 23.82 0.29
C CYS B 233 -6.44 25.02 0.94
N MET B 234 -7.20 24.77 2.01
CA MET B 234 -7.98 25.83 2.62
C MET B 234 -7.68 25.92 4.11
N ASP B 235 -8.09 27.03 4.70
CA ASP B 235 -7.93 27.23 6.12
C ASP B 235 -8.91 26.36 6.88
N PHE B 236 -8.54 25.94 8.08
CA PHE B 236 -9.38 25.07 8.88
C PHE B 236 -9.69 25.63 10.25
N GLY B 237 -9.01 26.70 10.66
CA GLY B 237 -9.32 27.29 11.93
C GLY B 237 -10.60 28.09 11.84
N THR B 238 -10.60 29.08 10.94
CA THR B 238 -11.68 30.05 10.88
C THR B 238 -12.74 29.69 9.84
N LEU B 239 -12.78 28.43 9.41
CA LEU B 239 -13.77 27.99 8.45
C LEU B 239 -14.61 26.82 8.93
N GLN B 240 -14.27 26.23 10.07
CA GLN B 240 -15.07 25.15 10.65
C GLN B 240 -15.42 25.55 12.07
N ALA B 241 -16.71 25.80 12.31
CA ALA B 241 -17.13 26.10 13.66
C ALA B 241 -17.15 24.85 14.53
N ASN B 242 -17.69 23.76 14.00
CA ASN B 242 -17.85 22.51 14.73
C ASN B 242 -16.53 21.85 15.09
N LYS B 243 -15.45 22.15 14.35
CA LYS B 243 -14.10 21.66 14.61
C LYS B 243 -14.01 20.14 14.65
N SER B 244 -14.87 19.46 13.93
CA SER B 244 -15.01 18.01 14.03
C SER B 244 -15.18 17.39 12.66
N ASP B 245 -14.38 17.85 11.70
CA ASP B 245 -14.50 17.35 10.34
C ASP B 245 -13.19 16.79 9.82
N VAL B 246 -12.06 17.18 10.39
CA VAL B 246 -10.74 16.71 9.97
C VAL B 246 -10.08 16.11 11.20
N PRO B 247 -8.98 15.38 11.09
CA PRO B 247 -8.29 14.93 12.30
C PRO B 247 -7.60 16.06 13.04
N ILE B 248 -6.98 15.70 14.17
CA ILE B 248 -6.37 16.66 15.09
C ILE B 248 -5.21 17.38 14.45
N ASP B 249 -4.48 16.71 13.56
CA ASP B 249 -3.27 17.25 12.97
C ASP B 249 -3.53 18.41 12.03
N ILE B 250 -4.80 18.64 11.69
CA ILE B 250 -5.19 19.72 10.81
C ILE B 250 -6.40 20.49 11.37
N CYS B 251 -6.75 20.26 12.64
CA CYS B 251 -7.97 20.81 13.20
C CYS B 251 -7.91 22.31 13.40
N ASN B 252 -6.83 22.83 13.95
CA ASN B 252 -6.71 24.27 14.13
C ASN B 252 -5.47 24.81 13.41
N SER B 253 -5.22 24.32 12.21
CA SER B 253 -4.05 24.74 11.44
C SER B 253 -4.47 25.01 10.01
N THR B 254 -3.57 25.64 9.27
CA THR B 254 -3.87 26.13 7.92
C THR B 254 -2.87 25.56 6.91
N CYS B 255 -3.24 24.44 6.30
CA CYS B 255 -2.33 23.75 5.39
C CYS B 255 -2.30 24.48 4.05
N LYS B 256 -1.10 24.78 3.57
CA LYS B 256 -0.92 25.54 2.34
C LYS B 256 -0.44 24.60 1.23
N TYR B 257 -0.06 25.20 0.10
CA TYR B 257 0.43 24.50 -1.07
C TYR B 257 1.16 25.48 -1.98
N PRO B 258 2.33 25.13 -2.48
CA PRO B 258 3.13 26.11 -3.23
C PRO B 258 2.56 26.34 -4.61
N ASP B 259 2.87 27.50 -5.14
CA ASP B 259 2.39 27.90 -6.46
C ASP B 259 3.54 27.64 -7.41
N TYR B 260 3.36 26.61 -8.23
CA TYR B 260 4.33 26.38 -9.29
C TYR B 260 4.16 27.35 -10.45
N LEU B 261 3.00 27.96 -10.59
CA LEU B 261 2.79 28.89 -11.69
C LEU B 261 3.43 30.23 -11.38
N LYS B 262 3.27 30.72 -10.15
CA LYS B 262 3.72 32.07 -9.84
C LYS B 262 5.24 32.14 -9.74
N MET B 263 5.84 31.15 -9.08
CA MET B 263 7.26 31.27 -8.75
C MET B 263 8.14 31.15 -9.98
N ALA B 264 7.67 30.48 -11.02
CA ALA B 264 8.39 30.53 -12.28
C ALA B 264 8.20 31.87 -12.97
N SER B 265 7.08 32.53 -12.73
CA SER B 265 6.77 33.77 -13.41
C SER B 265 7.49 34.97 -12.83
N GLU B 266 8.22 34.79 -11.73
CA GLU B 266 9.07 35.86 -11.23
C GLU B 266 10.15 36.16 -12.26
N PRO B 267 10.37 37.44 -12.59
CA PRO B 267 11.33 37.78 -13.65
C PRO B 267 12.77 37.45 -13.30
N TYR B 268 13.15 37.53 -12.03
CA TYR B 268 14.51 37.17 -11.67
C TYR B 268 14.66 35.67 -11.48
N GLY B 269 13.59 34.99 -11.10
CA GLY B 269 13.64 33.57 -10.88
C GLY B 269 14.41 33.12 -9.68
N ASP B 270 14.52 33.95 -8.65
CA ASP B 270 15.37 33.62 -7.51
C ASP B 270 14.59 32.88 -6.45
N SER B 271 13.51 32.23 -6.83
CA SER B 271 12.72 31.46 -5.90
C SER B 271 12.64 29.99 -6.25
N LEU B 272 13.05 29.60 -7.47
CA LEU B 272 13.11 28.19 -7.85
C LEU B 272 14.35 27.94 -8.70
N PHE B 273 15.09 26.91 -8.33
CA PHE B 273 16.13 26.37 -9.19
C PHE B 273 15.71 25.09 -9.88
N PHE B 274 14.97 24.24 -9.17
CA PHE B 274 14.87 22.83 -9.52
C PHE B 274 13.82 22.21 -8.62
N PHE B 275 12.91 21.41 -9.16
CA PHE B 275 11.84 20.89 -8.32
C PHE B 275 11.35 19.56 -8.86
N LEU B 276 10.99 18.67 -7.95
CA LEU B 276 10.42 17.37 -8.28
C LEU B 276 9.16 17.17 -7.48
N ARG B 277 8.29 16.28 -7.97
CA ARG B 277 7.12 15.91 -7.22
C ARG B 277 6.61 14.57 -7.72
N ARG B 278 5.94 13.84 -6.84
CA ARG B 278 5.23 12.63 -7.20
C ARG B 278 4.20 12.32 -6.13
N GLU B 279 2.92 12.33 -6.47
CA GLU B 279 1.93 12.03 -5.45
C GLU B 279 0.78 11.27 -6.07
N GLN B 280 0.02 10.59 -5.23
CA GLN B 280 -1.12 9.81 -5.69
C GLN B 280 -2.11 9.68 -4.54
N MET B 281 -3.34 9.31 -4.90
CA MET B 281 -4.43 9.27 -3.93
C MET B 281 -5.59 8.53 -4.56
N PHE B 282 -6.33 7.80 -3.75
CA PHE B 282 -7.59 7.23 -4.20
C PHE B 282 -8.52 7.08 -3.02
N VAL B 283 -9.80 7.02 -3.30
CA VAL B 283 -10.83 7.08 -2.27
C VAL B 283 -11.00 5.71 -1.63
N ARG B 284 -11.16 5.70 -0.31
CA ARG B 284 -11.30 4.44 0.42
C ARG B 284 -12.73 4.16 0.84
N HIS B 285 -13.39 5.10 1.50
CA HIS B 285 -14.78 4.87 1.92
C HIS B 285 -15.57 6.15 1.67
N PHE B 286 -16.88 6.04 1.78
CA PHE B 286 -17.76 7.15 1.55
C PHE B 286 -18.52 7.47 2.82
N PHE B 287 -18.38 8.71 3.30
CA PHE B 287 -19.07 9.15 4.50
C PHE B 287 -19.82 10.44 4.18
N ASN B 288 -20.67 10.85 5.12
CA ASN B 288 -21.39 12.10 4.99
C ASN B 288 -21.57 12.76 6.35
N ARG B 289 -21.69 14.08 6.34
CA ARG B 289 -21.88 14.86 7.56
C ARG B 289 -23.33 14.76 8.02
N ALA B 290 -23.66 15.52 9.06
CA ALA B 290 -25.03 15.60 9.54
C ALA B 290 -25.32 17.04 9.93
N GLY B 291 -26.52 17.50 9.65
CA GLY B 291 -26.93 18.83 10.05
C GLY B 291 -27.93 19.41 9.07
N LYS B 292 -28.43 20.58 9.43
CA LYS B 292 -29.27 21.33 8.51
C LYS B 292 -28.39 21.88 7.40
N LEU B 293 -28.61 21.35 6.18
CA LEU B 293 -27.89 21.77 4.99
C LEU B 293 -28.11 23.25 4.74
N GLY B 294 -27.01 23.99 4.59
CA GLY B 294 -27.10 25.43 4.49
C GLY B 294 -27.69 25.93 3.21
N GLU B 295 -27.73 25.09 2.17
CA GLU B 295 -28.45 25.41 0.95
C GLU B 295 -29.33 24.24 0.54
N ALA B 296 -30.63 24.48 0.58
CA ALA B 296 -31.61 23.46 0.31
C ALA B 296 -31.62 23.15 -1.18
N VAL B 297 -31.72 21.87 -1.51
CA VAL B 297 -31.83 21.44 -2.91
C VAL B 297 -33.15 21.95 -3.48
N PRO B 298 -33.18 22.49 -4.69
CA PRO B 298 -34.42 23.03 -5.23
C PRO B 298 -35.39 21.92 -5.59
N ASP B 299 -36.68 22.24 -5.46
CA ASP B 299 -37.73 21.25 -5.54
C ASP B 299 -38.01 20.80 -6.97
N ASP B 300 -37.41 21.44 -7.96
CA ASP B 300 -37.71 21.11 -9.34
C ASP B 300 -37.02 19.84 -9.81
N LEU B 301 -36.06 19.33 -9.06
CA LEU B 301 -35.19 18.28 -9.57
C LEU B 301 -35.47 16.91 -9.01
N TYR B 302 -36.41 16.78 -8.07
CA TYR B 302 -36.72 15.44 -7.57
C TYR B 302 -38.17 15.37 -7.11
N ILE B 303 -38.75 14.18 -7.24
CA ILE B 303 -40.15 13.95 -6.93
C ILE B 303 -40.28 13.63 -5.45
N LYS B 304 -41.16 14.34 -4.77
CA LYS B 304 -41.29 14.26 -3.32
C LYS B 304 -41.93 12.94 -2.89
N GLY B 305 -41.50 12.45 -1.74
CA GLY B 305 -41.98 11.19 -1.20
C GLY B 305 -42.78 11.41 0.07
N SER B 306 -43.39 10.34 0.56
CA SER B 306 -44.17 10.35 1.78
C SER B 306 -44.05 8.99 2.45
N GLY B 307 -44.89 8.73 3.44
CA GLY B 307 -44.79 7.48 4.18
C GLY B 307 -43.66 7.53 5.19
N ASN B 308 -42.56 6.87 4.88
CA ASN B 308 -41.33 6.99 5.65
C ASN B 308 -40.42 8.08 5.11
N THR B 309 -40.86 8.84 4.11
CA THR B 309 -40.04 9.84 3.45
C THR B 309 -40.66 11.22 3.58
N ALA B 310 -41.02 11.61 4.79
CA ALA B 310 -41.44 12.99 5.00
C ALA B 310 -40.25 13.93 4.96
N VAL B 311 -39.26 13.70 5.80
CA VAL B 311 -38.07 14.54 5.87
C VAL B 311 -37.07 14.03 4.84
N ILE B 312 -36.26 14.93 4.28
CA ILE B 312 -35.29 14.61 3.26
C ILE B 312 -33.91 14.65 3.89
N GLN B 313 -33.11 13.60 3.66
CA GLN B 313 -31.76 13.54 4.16
C GLN B 313 -30.87 14.58 3.46
N SER B 314 -29.77 14.92 4.11
CA SER B 314 -28.89 15.94 3.57
C SER B 314 -27.99 15.37 2.48
N SER B 315 -27.31 16.27 1.79
CA SER B 315 -26.36 15.93 0.75
C SER B 315 -24.93 16.37 1.08
N ALA B 316 -24.60 16.50 2.36
CA ALA B 316 -23.27 16.97 2.75
C ALA B 316 -22.32 15.79 2.76
N PHE B 317 -21.61 15.59 1.65
CA PHE B 317 -20.73 14.44 1.48
C PHE B 317 -19.27 14.83 1.62
N PHE B 318 -18.46 13.88 2.08
CA PHE B 318 -17.02 14.00 2.05
C PHE B 318 -16.40 12.61 2.00
N PRO B 319 -15.38 12.41 1.17
CA PRO B 319 -14.73 11.10 1.11
C PRO B 319 -13.49 11.02 1.96
N THR B 320 -12.96 9.81 2.16
CA THR B 320 -11.74 9.62 2.94
C THR B 320 -10.61 9.09 2.05
N PRO B 321 -9.62 9.90 1.79
CA PRO B 321 -8.48 9.45 0.99
C PRO B 321 -7.59 8.54 1.80
N SER B 322 -6.87 7.66 1.10
CA SER B 322 -6.03 6.69 1.82
C SER B 322 -4.60 6.63 1.31
N GLY B 323 -4.41 6.74 0.01
CA GLY B 323 -3.11 6.47 -0.58
C GLY B 323 -2.88 4.99 -0.74
N SER B 324 -1.77 4.66 -1.37
CA SER B 324 -1.54 3.31 -1.83
C SER B 324 -0.22 2.77 -1.33
N ILE B 325 0.24 1.66 -1.92
CA ILE B 325 1.53 1.05 -1.59
C ILE B 325 2.67 2.05 -1.80
N VAL B 326 3.74 1.85 -1.06
CA VAL B 326 4.92 2.70 -1.15
C VAL B 326 6.09 1.80 -1.53
N THR B 327 6.59 1.95 -2.75
CA THR B 327 7.64 1.05 -3.22
C THR B 327 8.98 1.55 -2.74
N SER B 328 10.04 1.00 -3.31
CA SER B 328 11.38 1.53 -3.08
C SER B 328 11.97 2.03 -4.37
N GLU B 329 11.16 2.07 -5.41
CA GLU B 329 11.56 2.66 -6.67
C GLU B 329 10.78 3.91 -7.02
N SER B 330 9.75 4.23 -6.25
CA SER B 330 9.01 5.48 -6.40
C SER B 330 9.49 6.52 -5.39
N GLN B 331 10.77 6.55 -5.10
CA GLN B 331 11.28 7.51 -4.15
C GLN B 331 11.90 8.69 -4.87
N LEU B 332 12.11 9.77 -4.13
CA LEU B 332 12.77 10.94 -4.68
C LEU B 332 14.00 11.34 -3.87
N PHE B 333 14.49 10.48 -3.01
CA PHE B 333 15.62 10.82 -2.17
C PHE B 333 16.73 9.79 -2.37
N ASN B 334 17.80 10.00 -1.60
CA ASN B 334 19.02 9.17 -1.61
C ASN B 334 19.64 9.08 -3.00
N LYS B 335 19.55 10.15 -3.76
CA LYS B 335 20.04 10.15 -5.14
C LYS B 335 20.74 11.46 -5.43
N PRO B 336 21.73 11.46 -6.29
CA PRO B 336 22.29 12.73 -6.75
C PRO B 336 21.32 13.47 -7.67
N TYR B 337 21.56 14.76 -7.78
CA TYR B 337 20.80 15.64 -8.68
C TYR B 337 21.79 16.70 -9.14
N TRP B 338 22.28 16.55 -10.35
CA TRP B 338 23.13 17.60 -10.86
C TRP B 338 22.30 18.66 -11.56
N LEU B 339 22.82 19.87 -11.59
CA LEU B 339 22.18 20.95 -12.30
C LEU B 339 23.07 21.42 -13.42
N GLN B 340 22.46 21.68 -14.57
CA GLN B 340 23.19 22.26 -15.68
C GLN B 340 22.49 23.44 -16.31
N ARG B 341 21.20 23.64 -16.06
CA ARG B 341 20.46 24.77 -16.57
C ARG B 341 19.24 24.93 -15.67
N ALA B 342 19.23 25.96 -14.85
CA ALA B 342 18.06 26.20 -14.02
C ALA B 342 16.93 26.80 -14.86
N GLN B 343 15.72 26.67 -14.36
CA GLN B 343 14.53 27.09 -15.09
C GLN B 343 14.29 28.58 -15.03
N GLY B 344 15.09 29.31 -14.27
CA GLY B 344 15.02 30.75 -14.30
C GLY B 344 16.27 31.32 -14.94
N HIS B 345 16.45 32.63 -14.87
CA HIS B 345 17.69 33.22 -15.35
C HIS B 345 18.80 33.16 -14.33
N ASN B 346 18.48 32.69 -13.13
CA ASN B 346 19.46 32.50 -12.07
C ASN B 346 20.04 31.12 -12.29
N ASN B 347 21.22 31.04 -12.89
CA ASN B 347 21.79 29.74 -13.15
C ASN B 347 22.58 29.22 -11.96
N GLY B 348 21.94 29.12 -10.80
CA GLY B 348 22.50 28.45 -9.65
C GLY B 348 23.08 29.39 -8.60
N ILE B 349 23.32 30.66 -8.95
CA ILE B 349 23.99 31.58 -8.05
C ILE B 349 23.10 31.90 -6.85
N CYS B 350 23.71 31.92 -5.67
CA CYS B 350 22.99 32.27 -4.45
C CYS B 350 23.59 33.53 -3.86
N TRP B 351 22.94 34.67 -4.14
CA TRP B 351 23.29 35.91 -3.46
C TRP B 351 22.99 35.79 -1.98
N GLY B 352 23.71 36.56 -1.18
CA GLY B 352 23.43 36.59 0.25
C GLY B 352 23.89 35.39 1.02
N ASN B 353 24.46 34.38 0.35
CA ASN B 353 25.14 33.25 0.95
C ASN B 353 24.22 32.44 1.87
N GLN B 354 23.05 32.10 1.33
CA GLN B 354 22.16 31.15 1.97
C GLN B 354 21.29 30.51 0.92
N LEU B 355 20.75 29.33 1.24
CA LEU B 355 19.76 28.67 0.41
C LEU B 355 18.49 28.46 1.22
N PHE B 356 17.53 27.80 0.59
CA PHE B 356 16.29 27.43 1.26
C PHE B 356 15.84 26.11 0.63
N VAL B 357 16.21 25.02 1.26
CA VAL B 357 15.82 23.70 0.77
C VAL B 357 14.62 23.24 1.58
N THR B 358 13.59 22.78 0.90
CA THR B 358 12.38 22.30 1.58
C THR B 358 11.93 20.98 0.97
N VAL B 359 11.65 20.01 1.84
CA VAL B 359 11.20 18.69 1.41
C VAL B 359 9.96 18.32 2.20
N VAL B 360 9.11 17.53 1.58
CA VAL B 360 7.97 16.91 2.23
C VAL B 360 8.00 15.43 1.95
N ASP B 361 7.86 14.63 2.99
CA ASP B 361 7.71 13.20 2.81
C ASP B 361 6.53 12.73 3.64
N THR B 362 5.75 11.83 3.07
CA THR B 362 4.70 11.16 3.82
C THR B 362 4.80 9.66 3.66
N THR B 363 5.92 9.17 3.17
CA THR B 363 6.07 7.74 3.00
C THR B 363 6.78 7.07 4.16
N ARG B 364 7.60 7.81 4.91
CA ARG B 364 8.39 7.21 5.97
C ARG B 364 7.86 7.73 7.28
N SER B 365 6.55 7.70 7.43
CA SER B 365 5.87 8.44 8.48
C SER B 365 5.28 7.53 9.54
N THR B 366 6.02 6.52 9.97
CA THR B 366 5.49 5.56 10.92
C THR B 366 5.28 6.19 12.29
N ASN B 367 4.55 5.48 13.14
CA ASN B 367 4.23 5.96 14.48
C ASN B 367 4.40 4.83 15.47
N MET B 368 5.59 4.70 16.02
CA MET B 368 5.86 3.73 17.06
C MET B 368 5.17 4.19 18.33
N THR B 369 4.65 3.25 19.11
CA THR B 369 3.88 3.60 20.30
C THR B 369 4.50 2.96 21.52
N LEU B 370 4.46 3.66 22.64
CA LEU B 370 5.12 3.25 23.87
C LEU B 370 4.14 2.55 24.81
N CYS B 371 4.67 2.00 25.89
CA CYS B 371 3.87 1.33 26.91
C CYS B 371 4.58 1.47 28.25
N THR B 372 4.00 2.24 29.16
CA THR B 372 4.52 2.38 30.52
C THR B 372 3.50 1.84 31.52
N GLU B 373 3.98 1.03 32.47
CA GLU B 373 3.12 0.28 33.37
C GLU B 373 2.89 1.05 34.67
N VAL B 374 1.87 0.63 35.41
CA VAL B 374 1.57 1.17 36.73
C VAL B 374 1.94 0.19 37.84
N THR B 375 1.24 -0.95 37.89
CA THR B 375 1.52 -2.00 38.88
C THR B 375 1.42 -3.37 38.22
N LYS B 376 2.38 -4.23 38.55
CA LYS B 376 2.67 -5.40 37.73
C LYS B 376 2.39 -6.68 38.49
N GLU B 377 1.67 -7.58 37.82
CA GLU B 377 1.30 -8.91 38.29
C GLU B 377 0.72 -9.67 37.10
N GLY B 378 0.88 -10.99 37.10
CA GLY B 378 0.36 -11.82 36.03
C GLY B 378 -1.13 -12.06 35.99
N THR B 379 -1.93 -10.99 36.09
CA THR B 379 -3.32 -11.03 35.69
C THR B 379 -3.67 -9.65 35.15
N TYR B 380 -4.07 -9.60 33.89
CA TYR B 380 -4.16 -8.36 33.14
C TYR B 380 -5.34 -7.52 33.61
N LYS B 381 -5.08 -6.23 33.82
CA LYS B 381 -6.12 -5.21 33.94
C LYS B 381 -5.66 -4.00 33.12
N ASN B 382 -6.59 -3.43 32.34
CA ASN B 382 -6.21 -2.46 31.32
C ASN B 382 -5.80 -1.10 31.88
N ASP B 383 -6.03 -0.85 33.16
CA ASP B 383 -5.62 0.41 33.76
C ASP B 383 -4.23 0.31 34.37
N ASN B 384 -3.60 -0.86 34.31
CA ASN B 384 -2.25 -1.00 34.85
C ASN B 384 -1.19 -0.45 33.91
N PHE B 385 -1.59 0.04 32.74
CA PHE B 385 -0.64 0.55 31.77
C PHE B 385 -1.09 1.91 31.26
N LYS B 386 -0.14 2.72 30.87
CA LYS B 386 -0.41 4.07 30.39
C LYS B 386 0.59 4.35 29.27
N GLU B 387 0.07 4.63 28.09
CA GLU B 387 0.87 4.59 26.87
C GLU B 387 1.10 5.99 26.35
N TYR B 388 2.14 6.14 25.57
CA TYR B 388 2.45 7.36 24.86
C TYR B 388 2.23 7.12 23.37
N VAL B 389 2.32 8.19 22.60
CA VAL B 389 2.51 8.06 21.16
C VAL B 389 3.64 8.99 20.75
N ARG B 390 4.64 8.45 20.08
CA ARG B 390 5.79 9.23 19.68
C ARG B 390 6.06 8.97 18.21
N HIS B 391 6.93 9.81 17.64
CA HIS B 391 7.26 9.73 16.22
C HIS B 391 8.58 10.44 15.97
N VAL B 392 9.43 9.79 15.17
CA VAL B 392 10.80 10.22 14.97
C VAL B 392 11.09 10.42 13.49
N GLU B 393 11.77 11.51 13.16
CA GLU B 393 12.20 11.75 11.79
C GLU B 393 13.56 12.39 11.79
N GLU B 394 14.42 11.92 10.88
CA GLU B 394 15.76 12.46 10.71
C GLU B 394 15.95 12.86 9.26
N TYR B 395 17.12 13.43 8.97
CA TYR B 395 17.42 13.85 7.60
C TYR B 395 18.92 13.76 7.39
N ASP B 396 19.38 14.33 6.29
CA ASP B 396 20.78 14.55 5.95
C ASP B 396 20.80 15.50 4.76
N LEU B 397 21.85 16.28 4.68
CA LEU B 397 22.07 17.11 3.51
C LEU B 397 23.53 17.02 3.11
N GLN B 398 23.76 17.02 1.81
CA GLN B 398 25.11 17.04 1.27
C GLN B 398 25.12 17.98 0.08
N PHE B 399 26.23 18.66 -0.13
CA PHE B 399 26.31 19.64 -1.20
C PHE B 399 27.65 19.55 -1.89
N VAL B 400 27.76 20.27 -2.99
CA VAL B 400 29.04 20.55 -3.62
C VAL B 400 28.95 21.90 -4.30
N PHE B 401 29.87 22.79 -3.98
CA PHE B 401 29.78 24.15 -4.45
C PHE B 401 30.94 24.50 -5.36
N GLN B 402 30.85 25.64 -6.02
CA GLN B 402 31.78 25.98 -7.07
C GLN B 402 32.04 27.46 -7.01
N LEU B 403 33.32 27.82 -6.93
CA LEU B 403 33.74 29.20 -6.76
C LEU B 403 33.62 29.93 -8.08
N CYS B 404 32.93 31.07 -8.06
CA CYS B 404 32.77 31.89 -9.26
C CYS B 404 32.88 33.36 -8.91
N LYS B 405 33.49 34.12 -9.81
CA LYS B 405 33.90 35.48 -9.54
C LYS B 405 33.02 36.46 -10.31
N ILE B 406 32.91 37.67 -9.79
CA ILE B 406 32.21 38.74 -10.48
C ILE B 406 33.18 39.88 -10.74
N THR B 407 33.40 40.21 -12.00
CA THR B 407 34.11 41.43 -12.32
C THR B 407 33.16 42.60 -12.09
N LEU B 408 33.60 43.59 -11.32
CA LEU B 408 32.74 44.68 -10.92
C LEU B 408 33.17 45.95 -11.64
N THR B 409 32.48 46.28 -12.72
CA THR B 409 32.77 47.46 -13.52
C THR B 409 31.55 48.37 -13.49
N ALA B 410 31.60 49.43 -14.30
CA ALA B 410 30.63 50.52 -14.20
C ALA B 410 29.23 50.10 -14.65
N GLU B 411 29.15 49.36 -15.75
CA GLU B 411 27.86 49.01 -16.30
C GLU B 411 27.21 47.82 -15.59
N ILE B 412 27.86 47.26 -14.58
CA ILE B 412 27.31 46.11 -13.90
C ILE B 412 26.68 46.50 -12.56
N MET B 413 27.31 47.41 -11.84
CA MET B 413 26.76 47.81 -10.55
C MET B 413 25.49 48.62 -10.69
N THR B 414 25.27 49.22 -11.86
CA THR B 414 23.97 49.81 -12.13
C THR B 414 22.92 48.75 -12.34
N TYR B 415 23.30 47.54 -12.75
CA TYR B 415 22.32 46.49 -12.94
C TYR B 415 21.95 45.83 -11.62
N ILE B 416 22.94 45.57 -10.77
CA ILE B 416 22.67 44.90 -9.50
C ILE B 416 21.94 45.83 -8.55
N HIS B 417 22.11 47.15 -8.74
CA HIS B 417 21.46 48.13 -7.88
C HIS B 417 19.95 48.11 -8.04
N THR B 418 19.46 47.81 -9.25
CA THR B 418 18.02 47.75 -9.46
C THR B 418 17.42 46.47 -8.94
N MET B 419 18.21 45.40 -8.90
CA MET B 419 17.72 44.16 -8.28
C MET B 419 17.63 44.32 -6.78
N ASP B 420 18.76 44.58 -6.12
CA ASP B 420 18.76 44.64 -4.67
C ASP B 420 19.81 45.65 -4.20
N SER B 421 19.50 46.28 -3.08
CA SER B 421 20.46 47.09 -2.34
C SER B 421 21.34 46.27 -1.42
N ASN B 422 20.78 45.23 -0.79
CA ASN B 422 21.45 44.48 0.26
C ASN B 422 22.63 43.67 -0.26
N ILE B 423 22.68 43.39 -1.56
CA ILE B 423 23.83 42.72 -2.13
C ILE B 423 25.04 43.64 -2.13
N LEU B 424 24.88 44.84 -2.65
CA LEU B 424 26.03 45.69 -2.93
C LEU B 424 26.64 46.26 -1.67
N GLU B 425 25.86 46.41 -0.60
CA GLU B 425 26.42 46.89 0.65
C GLU B 425 27.17 45.78 1.37
N ASP B 426 26.79 44.53 1.13
CA ASP B 426 27.39 43.45 1.88
C ASP B 426 28.73 43.00 1.33
N TRP B 427 29.24 43.66 0.30
CA TRP B 427 30.66 43.53 0.01
C TRP B 427 31.46 44.67 0.60
N GLN B 428 30.79 45.63 1.26
CA GLN B 428 31.38 46.62 2.17
C GLN B 428 32.45 47.46 1.48
N PHE B 429 32.18 47.88 0.26
CA PHE B 429 33.18 48.61 -0.51
C PHE B 429 32.76 50.04 -0.82
N GLY B 430 31.58 50.46 -0.41
CA GLY B 430 31.17 51.83 -0.62
C GLY B 430 29.75 52.07 -0.17
N LEU B 431 29.37 53.34 -0.19
CA LEU B 431 28.03 53.76 0.19
C LEU B 431 27.41 54.45 -1.01
N THR B 432 26.09 54.56 -0.98
CA THR B 432 25.33 54.99 -2.15
C THR B 432 24.35 56.08 -1.74
N PRO B 433 24.46 57.29 -2.27
CA PRO B 433 23.40 58.28 -2.10
C PRO B 433 22.16 57.86 -2.89
N PRO B 434 21.03 57.70 -2.22
CA PRO B 434 19.87 57.06 -2.87
C PRO B 434 19.25 57.92 -3.97
N PRO B 435 19.10 59.27 -3.83
CA PRO B 435 18.82 60.02 -5.04
C PRO B 435 20.08 60.60 -5.65
N SER B 436 19.92 61.22 -6.82
CA SER B 436 20.90 62.19 -7.29
C SER B 436 20.31 63.56 -7.07
N ALA B 437 19.55 63.71 -5.99
CA ALA B 437 18.76 64.89 -5.75
C ALA B 437 17.35 64.75 -6.29
N SER B 438 16.46 65.58 -5.74
CA SER B 438 15.08 65.64 -6.18
C SER B 438 14.69 67.10 -6.43
N LEU B 439 13.61 67.28 -7.21
CA LEU B 439 13.25 68.60 -7.70
C LEU B 439 12.51 69.44 -6.65
N GLN B 440 11.52 68.85 -5.99
CA GLN B 440 10.61 69.57 -5.11
C GLN B 440 11.29 70.03 -3.82
N ASP B 441 10.72 71.07 -3.21
CA ASP B 441 11.28 71.65 -1.98
C ASP B 441 11.14 70.71 -0.79
N THR B 442 10.07 69.90 -0.76
CA THR B 442 9.74 68.88 0.25
C THR B 442 9.46 69.48 1.64
N TYR B 443 9.47 70.82 1.74
CA TYR B 443 8.92 71.60 2.87
C TYR B 443 9.60 71.24 4.20
N ARG B 444 10.89 71.56 4.26
CA ARG B 444 11.74 71.18 5.39
C ARG B 444 11.56 72.16 6.54
N PHE B 445 11.09 71.66 7.69
CA PHE B 445 10.93 72.50 8.88
C PHE B 445 12.15 72.42 9.78
N VAL B 446 12.32 73.41 10.66
CA VAL B 446 13.48 73.41 11.57
C VAL B 446 13.08 73.80 12.98
N THR B 447 11.83 74.20 13.19
CA THR B 447 11.55 74.94 14.42
C THR B 447 11.15 74.05 15.60
N SER B 448 11.44 72.76 15.56
CA SER B 448 11.21 71.79 16.63
C SER B 448 9.76 71.69 17.11
N GLN B 449 8.83 71.50 16.15
CA GLN B 449 7.59 70.77 16.38
C GLN B 449 6.62 71.31 17.43
N ALA B 450 6.01 72.48 17.18
CA ALA B 450 4.95 72.94 18.07
C ALA B 450 3.80 73.64 17.34
N ILE B 451 3.54 73.34 16.06
CA ILE B 451 2.59 74.11 15.26
C ILE B 451 1.50 73.28 14.59
N THR B 452 1.88 72.28 13.79
CA THR B 452 0.95 71.41 13.07
C THR B 452 1.69 70.09 12.86
N CYS B 453 1.15 69.02 13.44
CA CYS B 453 1.91 67.78 13.66
C CYS B 453 2.18 67.09 12.33
N GLN B 454 3.36 66.52 12.20
CA GLN B 454 3.68 65.68 11.06
C GLN B 454 4.12 64.31 11.54
N LYS B 455 4.19 63.37 10.61
CA LYS B 455 4.59 62.01 10.93
C LYS B 455 6.12 61.97 10.97
N THR B 456 6.68 61.80 12.16
CA THR B 456 8.11 62.03 12.33
C THR B 456 8.94 60.84 11.83
N ALA B 457 8.30 59.68 11.64
CA ALA B 457 8.77 58.40 11.06
C ALA B 457 10.21 58.00 11.41
N PRO B 458 10.48 57.60 12.65
CA PRO B 458 11.83 57.13 12.99
C PRO B 458 12.12 55.79 12.33
N PRO B 459 13.24 55.68 11.61
CA PRO B 459 13.51 54.47 10.85
C PRO B 459 14.16 53.39 11.69
N LYS B 460 14.13 52.16 11.17
CA LYS B 460 14.82 51.03 11.76
C LYS B 460 15.06 50.00 10.67
N GLU B 461 16.32 49.66 10.35
CA GLU B 461 16.58 48.74 9.24
C GLU B 461 16.21 47.30 9.55
N LYS B 462 16.39 46.92 10.82
CA LYS B 462 16.04 45.62 11.40
C LYS B 462 16.80 44.43 10.81
N GLU B 463 17.78 44.70 9.96
CA GLU B 463 18.93 43.83 9.68
C GLU B 463 18.64 42.55 8.90
N ASP B 464 17.35 42.21 8.71
CA ASP B 464 16.82 41.13 7.86
C ASP B 464 15.29 41.21 7.85
N PRO B 465 14.63 40.74 6.79
CA PRO B 465 13.17 40.65 6.83
C PRO B 465 12.62 39.31 7.31
N LEU B 466 13.44 38.28 7.37
CA LEU B 466 12.93 36.94 7.64
C LEU B 466 12.95 36.56 9.11
N ASN B 467 13.39 37.47 9.99
CA ASN B 467 13.63 37.13 11.39
C ASN B 467 12.36 36.87 12.18
N LYS B 468 11.19 37.20 11.63
CA LYS B 468 9.94 36.86 12.30
C LYS B 468 9.65 35.37 12.23
N TYR B 469 10.00 34.74 11.11
CA TYR B 469 9.65 33.36 10.85
C TYR B 469 10.58 32.41 11.59
N THR B 470 10.25 31.12 11.55
CA THR B 470 11.05 30.09 12.22
C THR B 470 11.36 28.97 11.24
N PHE B 471 12.63 28.60 11.19
CA PHE B 471 13.12 27.56 10.31
C PHE B 471 13.94 26.56 11.08
N TRP B 472 14.30 25.47 10.42
CA TRP B 472 15.38 24.64 10.92
C TRP B 472 16.70 25.25 10.51
N GLU B 473 17.31 26.03 11.39
CA GLU B 473 18.60 26.61 11.06
C GLU B 473 19.70 25.56 11.17
N VAL B 474 20.42 25.37 10.08
CA VAL B 474 21.62 24.56 10.12
C VAL B 474 22.79 25.46 9.78
N ASN B 475 23.97 25.12 10.27
CA ASN B 475 25.14 25.90 9.99
C ASN B 475 26.12 25.09 9.16
N LEU B 476 26.81 25.79 8.27
CA LEU B 476 27.88 25.18 7.49
C LEU B 476 29.11 26.06 7.48
N LYS B 477 29.33 26.84 8.52
CA LYS B 477 30.50 27.72 8.52
C LYS B 477 31.76 26.94 8.80
N GLU B 478 31.65 25.79 9.45
CA GLU B 478 32.82 25.00 9.80
C GLU B 478 32.82 23.63 9.16
N LYS B 479 32.15 23.45 8.03
CA LYS B 479 32.05 22.14 7.41
C LYS B 479 32.48 22.12 5.95
N PHE B 480 33.22 23.11 5.49
CA PHE B 480 33.71 22.99 4.13
C PHE B 480 34.89 22.02 4.03
N SER B 481 35.30 21.76 2.81
CA SER B 481 36.52 21.01 2.52
C SER B 481 36.98 21.35 1.12
N ALA B 482 38.24 21.08 0.86
CA ALA B 482 38.81 21.30 -0.46
C ALA B 482 39.13 20.01 -1.19
N ASP B 483 39.15 18.88 -0.51
CA ASP B 483 39.45 17.59 -1.11
C ASP B 483 38.19 16.75 -1.14
N LEU B 484 37.67 16.51 -2.35
CA LEU B 484 36.31 15.98 -2.49
C LEU B 484 36.25 14.51 -2.12
N ASP B 485 37.20 13.72 -2.59
CA ASP B 485 37.07 12.28 -2.70
C ASP B 485 37.05 11.52 -1.38
N GLN B 486 37.14 12.23 -0.27
CA GLN B 486 36.98 11.62 1.04
C GLN B 486 35.54 11.66 1.51
N PHE B 487 34.60 11.84 0.61
CA PHE B 487 33.19 11.98 0.93
C PHE B 487 32.39 11.24 -0.13
N PRO B 488 31.13 10.88 0.16
CA PRO B 488 30.33 10.16 -0.84
C PRO B 488 30.05 10.94 -2.10
N LEU B 489 29.63 12.20 -1.98
CA LEU B 489 29.29 13.00 -3.14
C LEU B 489 30.45 13.27 -4.06
N GLY B 490 31.65 13.44 -3.51
CA GLY B 490 32.81 13.68 -4.35
C GLY B 490 33.15 12.49 -5.21
N ARG B 491 33.02 11.30 -4.65
CA ARG B 491 33.33 10.11 -5.42
C ARG B 491 32.26 9.83 -6.46
N LYS B 492 31.05 10.32 -6.27
CA LYS B 492 30.07 10.17 -7.34
C LYS B 492 30.18 11.28 -8.35
N PHE B 493 30.56 12.47 -7.92
CA PHE B 493 30.63 13.60 -8.84
C PHE B 493 31.81 13.49 -9.77
N LEU B 494 32.94 13.01 -9.26
CA LEU B 494 34.13 12.90 -10.10
C LEU B 494 34.00 11.84 -11.17
N LEU B 495 33.22 10.79 -10.93
CA LEU B 495 32.99 9.80 -11.97
C LEU B 495 32.12 10.33 -13.08
N GLN B 496 31.35 11.38 -12.82
CA GLN B 496 30.61 11.99 -13.92
C GLN B 496 31.51 12.85 -14.78
N SER B 497 32.35 13.68 -14.17
CA SER B 497 33.13 14.65 -14.92
C SER B 497 34.35 14.05 -15.58
N GLY B 498 34.85 12.92 -15.10
CA GLY B 498 36.03 12.32 -15.68
C GLY B 498 37.34 12.91 -15.23
N LEU B 499 37.32 13.89 -14.32
CA LEU B 499 38.55 14.46 -13.80
C LEU B 499 39.19 13.52 -12.79
N SER C 28 25.34 -62.45 -47.15
CA SER C 28 26.64 -61.96 -46.72
C SER C 28 26.80 -62.21 -45.25
N VAL C 29 25.76 -61.83 -44.52
CA VAL C 29 25.83 -61.86 -43.07
C VAL C 29 24.89 -62.98 -42.64
N TRP C 30 24.86 -63.30 -41.35
CA TRP C 30 24.24 -64.51 -40.83
C TRP C 30 22.72 -64.40 -40.79
N ARG C 31 22.21 -63.31 -40.26
CA ARG C 31 20.84 -63.25 -39.76
C ARG C 31 19.86 -62.76 -40.83
N PRO C 32 18.57 -63.10 -40.71
CA PRO C 32 17.58 -62.50 -41.62
C PRO C 32 17.43 -61.00 -41.44
N SER C 33 17.07 -60.57 -40.23
CA SER C 33 17.10 -59.18 -39.77
C SER C 33 16.22 -58.26 -40.64
N GLU C 34 14.92 -58.52 -40.59
CA GLU C 34 13.98 -57.81 -41.46
C GLU C 34 13.37 -56.58 -40.80
N ALA C 35 14.17 -55.77 -40.10
CA ALA C 35 13.73 -54.50 -39.53
C ALA C 35 13.58 -53.44 -40.63
N THR C 36 13.39 -52.18 -40.21
CA THR C 36 12.88 -51.14 -41.08
C THR C 36 13.90 -50.05 -41.37
N VAL C 37 13.78 -49.46 -42.57
CA VAL C 37 14.62 -48.37 -43.06
C VAL C 37 13.73 -47.43 -43.86
N TYR C 38 13.80 -46.13 -43.57
CA TYR C 38 13.00 -45.15 -44.28
C TYR C 38 13.64 -44.72 -45.59
N LEU C 39 12.83 -44.59 -46.62
CA LEU C 39 13.13 -44.10 -47.94
C LEU C 39 12.60 -42.68 -48.11
N PRO C 40 13.23 -41.85 -48.92
CA PRO C 40 12.74 -40.48 -49.10
C PRO C 40 11.46 -40.47 -49.90
N PRO C 41 10.55 -39.54 -49.64
CA PRO C 41 9.22 -39.59 -50.24
C PRO C 41 9.21 -39.18 -51.70
N VAL C 42 8.06 -39.40 -52.33
CA VAL C 42 7.84 -39.08 -53.73
C VAL C 42 7.77 -37.56 -53.88
N PRO C 43 8.10 -37.01 -55.03
CA PRO C 43 8.00 -35.55 -55.21
C PRO C 43 6.56 -35.11 -55.41
N VAL C 44 6.01 -34.47 -54.42
CA VAL C 44 4.71 -33.82 -54.54
C VAL C 44 4.96 -32.33 -54.69
N SER C 45 4.26 -31.70 -55.62
CA SER C 45 4.51 -30.30 -55.94
C SER C 45 4.14 -29.40 -54.77
N LYS C 46 5.00 -28.43 -54.50
CA LYS C 46 4.99 -27.62 -53.30
C LYS C 46 4.05 -26.42 -53.48
N VAL C 47 3.60 -25.87 -52.36
CA VAL C 47 2.79 -24.66 -52.40
C VAL C 47 3.67 -23.47 -52.12
N VAL C 48 3.66 -22.51 -53.03
CA VAL C 48 4.69 -21.49 -53.09
C VAL C 48 4.05 -20.14 -52.78
N SER C 49 4.88 -19.18 -52.41
CA SER C 49 4.45 -17.86 -51.95
C SER C 49 3.81 -17.04 -53.06
N THR C 50 3.45 -15.80 -52.74
CA THR C 50 2.76 -14.95 -53.69
C THR C 50 3.60 -13.78 -54.17
N ASP C 51 4.88 -13.70 -53.80
CA ASP C 51 5.72 -12.63 -54.29
C ASP C 51 6.66 -13.09 -55.40
N GLU C 52 6.25 -14.09 -56.18
CA GLU C 52 6.98 -14.52 -57.35
C GLU C 52 6.15 -14.47 -58.63
N TYR C 53 4.85 -14.72 -58.55
CA TYR C 53 4.00 -14.63 -59.73
C TYR C 53 3.09 -13.42 -59.67
N VAL C 54 3.33 -12.51 -58.73
CA VAL C 54 2.53 -11.29 -58.63
C VAL C 54 3.50 -10.11 -58.50
N SER C 55 3.37 -9.14 -59.40
CA SER C 55 4.20 -7.96 -59.39
C SER C 55 3.39 -6.78 -58.87
N ARG C 56 4.08 -5.84 -58.22
CA ARG C 56 3.42 -4.67 -57.64
C ARG C 56 3.58 -3.45 -58.54
N THR C 57 2.47 -2.79 -58.83
CA THR C 57 2.49 -1.50 -59.50
C THR C 57 2.50 -0.40 -58.44
N SER C 58 2.26 0.84 -58.85
CA SER C 58 2.33 1.97 -57.94
C SER C 58 1.04 2.76 -57.97
N ILE C 59 -0.08 2.08 -57.83
CA ILE C 59 -1.39 2.73 -57.75
C ILE C 59 -1.97 2.44 -56.38
N TYR C 60 -2.71 3.40 -55.84
CA TYR C 60 -3.36 3.24 -54.55
C TYR C 60 -4.76 3.79 -54.64
N TYR C 61 -5.61 3.37 -53.70
CA TYR C 61 -6.98 3.86 -53.65
C TYR C 61 -7.48 3.81 -52.22
N TYR C 62 -7.87 4.96 -51.69
CA TYR C 62 -8.54 5.01 -50.40
C TYR C 62 -9.98 4.57 -50.57
N ALA C 63 -10.54 3.96 -49.54
CA ALA C 63 -11.94 3.54 -49.61
C ALA C 63 -12.60 3.77 -48.26
N GLY C 64 -13.27 4.90 -48.12
CA GLY C 64 -14.06 5.14 -46.93
C GLY C 64 -15.35 4.34 -46.94
N SER C 65 -15.78 3.97 -45.75
CA SER C 65 -16.92 3.08 -45.57
C SER C 65 -17.80 3.60 -44.46
N SER C 66 -18.26 4.85 -44.61
CA SER C 66 -18.76 5.76 -43.58
C SER C 66 -19.74 5.19 -42.55
N ARG C 67 -19.79 5.87 -41.40
CA ARG C 67 -20.18 5.36 -40.09
C ARG C 67 -21.48 4.55 -40.08
N LEU C 68 -21.40 3.37 -39.47
CA LEU C 68 -22.52 2.47 -39.29
C LEU C 68 -23.04 2.59 -37.87
N LEU C 69 -24.31 2.27 -37.69
CA LEU C 69 -24.92 2.24 -36.38
C LEU C 69 -25.66 0.93 -36.21
N ALA C 70 -25.88 0.55 -34.97
CA ALA C 70 -26.69 -0.60 -34.63
C ALA C 70 -27.23 -0.41 -33.22
N VAL C 71 -28.53 -0.64 -33.05
CA VAL C 71 -29.19 -0.36 -31.79
C VAL C 71 -30.16 -1.49 -31.48
N GLY C 72 -30.30 -1.85 -30.22
CA GLY C 72 -31.26 -2.88 -29.88
C GLY C 72 -31.22 -3.23 -28.40
N ASN C 73 -31.75 -4.42 -28.11
CA ASN C 73 -31.82 -4.89 -26.74
C ASN C 73 -30.58 -5.69 -26.39
N PRO C 74 -30.00 -5.47 -25.23
CA PRO C 74 -28.70 -6.09 -24.92
C PRO C 74 -28.79 -7.49 -24.37
N TYR C 75 -29.94 -7.88 -23.84
CA TYR C 75 -30.01 -9.22 -23.27
C TYR C 75 -30.42 -10.26 -24.30
N PHE C 76 -31.46 -9.97 -25.08
CA PHE C 76 -31.96 -10.90 -26.08
C PHE C 76 -32.62 -10.08 -27.18
N SER C 77 -33.47 -10.74 -27.96
CA SER C 77 -34.37 -10.07 -28.89
C SER C 77 -35.79 -10.55 -28.63
N ILE C 78 -36.76 -9.68 -28.92
CA ILE C 78 -38.17 -10.03 -28.81
C ILE C 78 -38.79 -10.01 -30.21
N LYS C 79 -39.96 -10.63 -30.31
CA LYS C 79 -40.66 -10.76 -31.57
C LYS C 79 -42.10 -10.33 -31.40
N SER C 80 -42.85 -10.39 -32.48
CA SER C 80 -44.27 -10.12 -32.42
C SER C 80 -44.98 -11.26 -31.70
N PRO C 81 -46.05 -10.96 -30.95
CA PRO C 81 -46.85 -12.05 -30.37
C PRO C 81 -47.76 -12.72 -31.37
N ASN C 82 -47.99 -12.08 -32.52
CA ASN C 82 -48.89 -12.64 -33.52
C ASN C 82 -48.16 -13.60 -34.44
N ASN C 83 -47.13 -13.11 -35.13
CA ASN C 83 -46.28 -13.94 -35.94
C ASN C 83 -45.21 -14.57 -35.05
N ASN C 84 -44.37 -15.42 -35.64
CA ASN C 84 -43.22 -15.97 -34.93
C ASN C 84 -41.88 -15.45 -35.40
N LYS C 85 -41.78 -15.02 -36.65
CA LYS C 85 -40.53 -14.58 -37.25
C LYS C 85 -40.63 -13.11 -37.64
N LYS C 86 -41.17 -12.31 -36.73
CA LYS C 86 -41.23 -10.86 -36.91
C LYS C 86 -40.57 -10.22 -35.70
N VAL C 87 -39.27 -9.99 -35.80
CA VAL C 87 -38.53 -9.39 -34.70
C VAL C 87 -38.82 -7.89 -34.64
N LEU C 88 -39.19 -7.43 -33.47
CA LEU C 88 -39.44 -6.01 -33.24
C LEU C 88 -38.18 -5.25 -32.89
N VAL C 89 -37.36 -5.77 -31.98
CA VAL C 89 -36.09 -5.18 -31.63
C VAL C 89 -35.04 -6.29 -31.60
N PRO C 90 -33.92 -6.14 -32.30
CA PRO C 90 -32.96 -7.23 -32.39
C PRO C 90 -32.02 -7.27 -31.19
N LYS C 91 -31.29 -8.37 -31.12
CA LYS C 91 -30.33 -8.62 -30.05
C LYS C 91 -28.93 -8.18 -30.43
N VAL C 92 -28.40 -7.17 -29.73
CA VAL C 92 -27.07 -6.68 -29.98
C VAL C 92 -26.39 -6.42 -28.65
N SER C 93 -25.15 -6.90 -28.51
CA SER C 93 -24.48 -6.81 -27.21
C SER C 93 -22.98 -6.61 -27.35
N GLY C 94 -22.31 -6.48 -26.21
CA GLY C 94 -20.86 -6.38 -26.21
C GLY C 94 -20.14 -7.70 -26.25
N LEU C 95 -20.82 -8.77 -26.67
CA LEU C 95 -20.17 -10.06 -26.86
C LEU C 95 -20.38 -10.63 -28.24
N GLN C 96 -21.14 -9.97 -29.09
CA GLN C 96 -21.39 -10.51 -30.40
C GLN C 96 -20.19 -10.26 -31.32
N TYR C 97 -19.82 -11.28 -32.07
CA TYR C 97 -18.77 -11.15 -33.08
C TYR C 97 -19.32 -10.29 -34.21
N ARG C 98 -18.95 -9.03 -34.23
CA ARG C 98 -19.48 -8.10 -35.23
C ARG C 98 -18.71 -8.28 -36.54
N VAL C 99 -18.88 -9.45 -37.16
CA VAL C 99 -18.08 -9.81 -38.33
C VAL C 99 -18.65 -9.12 -39.57
N PHE C 100 -17.79 -8.42 -40.29
CA PHE C 100 -18.19 -7.73 -41.50
C PHE C 100 -17.74 -8.49 -42.72
N ARG C 101 -18.53 -8.40 -43.79
CA ARG C 101 -18.19 -9.05 -45.04
C ARG C 101 -18.12 -7.94 -46.07
N VAL C 102 -16.92 -7.49 -46.36
CA VAL C 102 -16.74 -6.34 -47.23
C VAL C 102 -16.87 -6.81 -48.67
N ARG C 103 -17.35 -5.93 -49.53
CA ARG C 103 -17.34 -6.18 -50.96
C ARG C 103 -16.29 -5.32 -51.61
N LEU C 104 -16.05 -5.56 -52.89
CA LEU C 104 -15.12 -4.78 -53.66
C LEU C 104 -15.70 -4.53 -55.03
N PRO C 105 -15.30 -3.47 -55.70
CA PRO C 105 -15.51 -3.41 -57.14
C PRO C 105 -14.58 -4.41 -57.81
N ASP C 106 -15.07 -5.00 -58.89
CA ASP C 106 -14.22 -5.82 -59.72
C ASP C 106 -13.17 -4.93 -60.37
N PRO C 107 -11.89 -5.29 -60.29
CA PRO C 107 -10.85 -4.45 -60.87
C PRO C 107 -10.86 -4.41 -62.37
N ASN C 108 -11.45 -5.40 -63.03
CA ASN C 108 -11.33 -5.46 -64.48
C ASN C 108 -12.36 -4.58 -65.16
N LYS C 109 -13.40 -4.18 -64.43
CA LYS C 109 -14.45 -3.35 -65.01
C LYS C 109 -14.16 -1.87 -64.93
N PHE C 110 -12.91 -1.46 -64.71
CA PHE C 110 -12.61 -0.03 -64.65
C PHE C 110 -12.15 0.47 -66.01
N GLY C 111 -12.53 1.70 -66.34
CA GLY C 111 -12.04 2.33 -67.54
C GLY C 111 -10.70 3.01 -67.32
N PHE C 112 -9.63 2.40 -67.80
CA PHE C 112 -8.34 3.03 -67.59
C PHE C 112 -7.95 3.88 -68.80
N PRO C 113 -7.58 5.13 -68.58
CA PRO C 113 -7.17 5.98 -69.70
C PRO C 113 -5.78 5.66 -70.23
N ASP C 114 -4.94 5.02 -69.44
CA ASP C 114 -3.65 4.55 -69.92
C ASP C 114 -3.77 3.06 -70.20
N THR C 115 -3.07 2.60 -71.23
CA THR C 115 -3.08 1.18 -71.60
C THR C 115 -1.74 0.51 -71.34
N SER C 116 -0.65 1.27 -71.25
CA SER C 116 0.68 0.69 -71.25
C SER C 116 1.14 0.26 -69.86
N PHE C 117 0.22 -0.01 -68.95
CA PHE C 117 0.55 -0.69 -67.70
C PHE C 117 -0.27 -1.97 -67.54
N TYR C 118 -1.32 -2.12 -68.32
CA TYR C 118 -2.19 -3.29 -68.23
C TYR C 118 -2.51 -3.74 -69.64
N ASN C 119 -2.00 -4.90 -70.01
CA ASN C 119 -2.37 -5.49 -71.28
C ASN C 119 -3.57 -6.39 -71.06
N PRO C 120 -4.73 -6.08 -71.65
CA PRO C 120 -5.94 -6.90 -71.45
C PRO C 120 -5.96 -8.18 -72.24
N ASP C 121 -4.89 -8.50 -72.97
CA ASP C 121 -4.86 -9.73 -73.72
C ASP C 121 -4.53 -10.89 -72.80
N THR C 122 -3.36 -10.85 -72.15
CA THR C 122 -2.81 -12.00 -71.45
C THR C 122 -2.63 -11.79 -69.95
N GLN C 123 -3.25 -10.78 -69.37
CA GLN C 123 -3.09 -10.49 -67.95
C GLN C 123 -4.44 -10.31 -67.28
N ARG C 124 -4.42 -10.23 -65.96
CA ARG C 124 -5.60 -9.93 -65.17
C ARG C 124 -5.20 -9.02 -64.03
N LEU C 125 -6.19 -8.43 -63.36
CA LEU C 125 -5.94 -7.50 -62.27
C LEU C 125 -6.61 -8.00 -61.00
N VAL C 126 -6.05 -7.62 -59.85
CA VAL C 126 -6.52 -8.10 -58.56
C VAL C 126 -6.08 -7.14 -57.47
N TRP C 127 -7.01 -6.83 -56.55
CA TRP C 127 -6.75 -5.92 -55.46
C TRP C 127 -5.85 -6.57 -54.41
N ALA C 128 -5.35 -5.73 -53.50
CA ALA C 128 -4.49 -6.20 -52.42
C ALA C 128 -4.55 -5.19 -51.30
N CYS C 129 -4.78 -5.67 -50.08
CA CYS C 129 -4.83 -4.77 -48.93
C CYS C 129 -3.44 -4.47 -48.41
N VAL C 130 -3.22 -3.21 -48.04
CA VAL C 130 -1.94 -2.81 -47.47
C VAL C 130 -2.17 -2.01 -46.19
N GLY C 131 -3.34 -1.37 -46.08
CA GLY C 131 -3.63 -0.51 -44.95
C GLY C 131 -4.97 -0.87 -44.35
N LEU C 132 -5.15 -0.50 -43.09
CA LEU C 132 -6.34 -0.91 -42.35
C LEU C 132 -6.48 -0.04 -41.12
N GLU C 133 -7.72 0.33 -40.82
CA GLU C 133 -8.03 0.99 -39.56
C GLU C 133 -9.43 0.57 -39.18
N ILE C 134 -9.67 0.43 -37.88
CA ILE C 134 -11.00 0.14 -37.36
C ILE C 134 -11.38 1.25 -36.41
N GLY C 135 -12.35 2.05 -36.78
CA GLY C 135 -12.75 3.16 -35.95
C GLY C 135 -13.81 2.79 -34.95
N ARG C 136 -13.73 3.44 -33.79
CA ARG C 136 -14.74 3.31 -32.74
C ARG C 136 -15.01 4.68 -32.19
N GLY C 137 -16.26 4.91 -31.76
CA GLY C 137 -16.61 6.25 -31.36
C GLY C 137 -17.49 6.38 -30.13
N GLN C 138 -17.42 5.43 -29.21
CA GLN C 138 -18.30 5.48 -28.08
C GLN C 138 -17.45 5.39 -26.83
N PRO C 139 -17.82 6.10 -25.74
CA PRO C 139 -16.97 6.15 -24.55
C PRO C 139 -16.75 4.79 -23.90
N LEU C 140 -15.67 4.73 -23.12
CA LEU C 140 -15.33 3.51 -22.42
C LEU C 140 -16.30 3.28 -21.27
N GLY C 141 -16.65 2.01 -21.05
CA GLY C 141 -17.57 1.71 -19.99
C GLY C 141 -18.03 0.28 -19.97
N VAL C 142 -18.04 -0.33 -18.79
CA VAL C 142 -18.13 -1.77 -18.66
C VAL C 142 -19.59 -2.18 -18.60
N GLY C 143 -19.97 -3.12 -19.46
CA GLY C 143 -21.30 -3.68 -19.42
C GLY C 143 -21.48 -4.66 -18.28
N VAL C 144 -22.73 -5.05 -18.07
CA VAL C 144 -23.07 -5.95 -16.97
C VAL C 144 -24.31 -6.72 -17.38
N SER C 145 -24.46 -7.93 -16.84
CA SER C 145 -25.63 -8.75 -17.09
C SER C 145 -25.93 -9.61 -15.87
N GLY C 146 -27.04 -10.31 -15.92
CA GLY C 146 -27.41 -11.17 -14.82
C GLY C 146 -28.72 -11.90 -15.04
N HIS C 147 -28.72 -13.19 -14.74
CA HIS C 147 -29.93 -13.98 -14.78
C HIS C 147 -30.67 -13.84 -13.45
N PRO C 148 -31.99 -13.64 -13.50
CA PRO C 148 -32.77 -13.56 -12.25
C PRO C 148 -33.10 -14.90 -11.59
N TYR C 149 -32.56 -16.02 -12.05
CA TYR C 149 -32.88 -17.32 -11.47
C TYR C 149 -31.65 -18.22 -11.43
N LEU C 150 -30.52 -17.70 -10.97
CA LEU C 150 -29.26 -18.43 -11.01
C LEU C 150 -29.23 -19.55 -9.98
N ASN C 151 -28.46 -20.58 -10.27
CA ASN C 151 -28.38 -21.76 -9.40
C ASN C 151 -27.25 -21.59 -8.37
N LYS C 152 -27.39 -20.58 -7.52
CA LYS C 152 -26.45 -20.38 -6.43
C LYS C 152 -27.02 -21.02 -5.18
N PHE C 153 -26.36 -22.05 -4.66
CA PHE C 153 -26.85 -22.67 -3.43
C PHE C 153 -26.59 -21.76 -2.24
N ASP C 154 -25.32 -21.55 -1.91
CA ASP C 154 -24.90 -20.68 -0.81
C ASP C 154 -23.61 -19.99 -1.21
N ASP C 155 -22.96 -19.37 -0.25
CA ASP C 155 -21.64 -18.81 -0.44
C ASP C 155 -20.58 -19.74 0.13
N THR C 156 -19.36 -19.58 -0.35
CA THR C 156 -18.23 -20.32 0.17
C THR C 156 -16.99 -19.44 0.27
N GLU C 157 -17.15 -18.15 0.50
CA GLU C 157 -15.98 -17.31 0.67
C GLU C 157 -15.42 -17.47 2.07
N THR C 158 -16.20 -17.16 3.10
CA THR C 158 -15.63 -17.11 4.44
C THR C 158 -16.47 -17.78 5.52
N SER C 159 -17.75 -18.07 5.27
CA SER C 159 -18.60 -18.62 6.32
C SER C 159 -19.63 -19.57 5.71
N ASN C 160 -19.52 -20.85 6.07
CA ASN C 160 -20.49 -21.86 5.65
C ASN C 160 -20.41 -22.98 6.68
N ARG C 161 -21.36 -23.01 7.60
CA ARG C 161 -21.31 -23.94 8.73
C ARG C 161 -22.37 -25.01 8.61
N TYR C 162 -22.15 -26.11 9.31
CA TYR C 162 -23.13 -27.17 9.40
C TYR C 162 -24.20 -26.80 10.44
N PRO C 163 -25.48 -27.10 10.15
CA PRO C 163 -26.02 -27.88 9.04
C PRO C 163 -26.25 -27.06 7.80
N ALA C 164 -26.64 -27.72 6.72
CA ALA C 164 -27.05 -27.03 5.53
C ALA C 164 -28.41 -26.36 5.77
N GLN C 165 -28.75 -25.42 4.90
CA GLN C 165 -30.01 -24.70 4.97
C GLN C 165 -30.91 -25.24 3.88
N PRO C 166 -31.82 -26.15 4.22
CA PRO C 166 -32.54 -26.91 3.18
C PRO C 166 -33.74 -26.18 2.61
N GLY C 167 -34.04 -26.50 1.35
CA GLY C 167 -35.18 -25.95 0.65
C GLY C 167 -35.22 -26.54 -0.75
N SER C 168 -36.45 -26.77 -1.23
CA SER C 168 -36.62 -27.45 -2.50
C SER C 168 -36.28 -26.56 -3.70
N ASP C 169 -36.15 -25.25 -3.46
CA ASP C 169 -35.63 -24.33 -4.46
C ASP C 169 -34.91 -23.19 -3.77
N ASN C 170 -33.78 -22.78 -4.36
CA ASN C 170 -32.99 -21.70 -3.77
C ASN C 170 -32.38 -20.78 -4.82
N ARG C 171 -33.06 -20.55 -5.94
CA ARG C 171 -32.50 -19.68 -6.97
C ARG C 171 -32.62 -18.22 -6.56
N GLU C 172 -31.69 -17.41 -7.05
CA GLU C 172 -31.56 -16.01 -6.65
C GLU C 172 -31.61 -15.10 -7.87
N CYS C 173 -31.70 -13.80 -7.61
CA CYS C 173 -31.67 -12.76 -8.63
C CYS C 173 -30.36 -12.03 -8.51
N LEU C 174 -29.34 -12.49 -9.25
CA LEU C 174 -27.99 -11.97 -9.12
C LEU C 174 -27.60 -11.19 -10.37
N SER C 175 -26.34 -10.75 -10.38
CA SER C 175 -25.69 -10.23 -11.57
C SER C 175 -24.18 -10.34 -11.43
N MET C 176 -23.49 -10.20 -12.56
CA MET C 176 -22.06 -10.38 -12.62
C MET C 176 -21.53 -9.66 -13.85
N ASP C 177 -20.22 -9.48 -13.89
CA ASP C 177 -19.57 -8.83 -14.99
C ASP C 177 -18.93 -9.92 -15.86
N TYR C 178 -18.20 -9.53 -16.89
CA TYR C 178 -17.61 -10.45 -17.85
C TYR C 178 -16.10 -10.34 -17.86
N LYS C 179 -15.49 -10.97 -18.84
CA LYS C 179 -14.05 -10.89 -19.07
C LYS C 179 -13.77 -9.83 -20.12
N GLN C 180 -12.79 -8.98 -19.86
CA GLN C 180 -12.41 -8.00 -20.86
C GLN C 180 -11.65 -8.67 -21.98
N THR C 181 -11.99 -8.32 -23.21
CA THR C 181 -11.42 -8.99 -24.38
C THR C 181 -11.45 -8.07 -25.60
N GLN C 182 -10.41 -8.16 -26.41
CA GLN C 182 -10.30 -7.45 -27.68
C GLN C 182 -9.52 -8.32 -28.65
N LEU C 183 -10.00 -8.46 -29.87
CA LEU C 183 -9.21 -9.09 -30.92
C LEU C 183 -9.72 -8.68 -32.28
N CYS C 184 -8.81 -8.71 -33.24
CA CYS C 184 -9.11 -8.38 -34.63
C CYS C 184 -8.58 -9.48 -35.53
N LEU C 185 -9.17 -9.62 -36.71
CA LEU C 185 -8.87 -10.77 -37.55
C LEU C 185 -9.22 -10.46 -38.99
N ILE C 186 -8.30 -10.68 -39.92
CA ILE C 186 -8.50 -10.39 -41.33
C ILE C 186 -8.25 -11.66 -42.13
N GLY C 187 -9.13 -11.93 -43.09
CA GLY C 187 -8.93 -13.08 -43.96
C GLY C 187 -9.81 -12.97 -45.19
N CYS C 188 -9.43 -13.74 -46.22
CA CYS C 188 -10.22 -13.88 -47.43
C CYS C 188 -11.13 -15.11 -47.39
N LYS C 189 -11.55 -15.51 -46.20
CA LYS C 189 -12.45 -16.64 -45.97
C LYS C 189 -13.05 -16.43 -44.59
N PRO C 190 -14.30 -16.82 -44.37
CA PRO C 190 -14.88 -16.73 -43.04
C PRO C 190 -14.12 -17.60 -42.06
N PRO C 191 -13.56 -17.01 -41.01
CA PRO C 191 -12.66 -17.76 -40.13
C PRO C 191 -13.42 -18.74 -39.26
N THR C 192 -12.76 -19.83 -38.93
CA THR C 192 -13.40 -20.97 -38.30
C THR C 192 -13.37 -20.84 -36.79
N GLY C 193 -14.19 -21.63 -36.12
CA GLY C 193 -14.26 -21.62 -34.68
C GLY C 193 -14.72 -22.95 -34.15
N GLU C 194 -14.67 -23.10 -32.84
CA GLU C 194 -14.84 -24.40 -32.22
C GLU C 194 -15.50 -24.26 -30.86
N HIS C 195 -15.97 -25.39 -30.35
CA HIS C 195 -16.61 -25.51 -29.06
C HIS C 195 -16.74 -26.99 -28.77
N TRP C 196 -17.14 -27.31 -27.55
CA TRP C 196 -17.41 -28.68 -27.18
C TRP C 196 -18.91 -28.93 -27.30
N GLY C 197 -19.28 -29.92 -28.12
CA GLY C 197 -20.67 -30.26 -28.29
C GLY C 197 -20.92 -31.72 -27.94
N LYS C 198 -22.20 -32.04 -27.74
CA LYS C 198 -22.57 -33.36 -27.26
C LYS C 198 -22.42 -34.37 -28.39
N GLY C 199 -21.36 -35.17 -28.34
CA GLY C 199 -21.15 -36.25 -29.27
C GLY C 199 -21.61 -37.55 -28.65
N VAL C 200 -22.26 -38.36 -29.48
CA VAL C 200 -22.97 -39.53 -29.01
C VAL C 200 -21.97 -40.60 -28.58
N ALA C 201 -22.42 -41.55 -27.76
CA ALA C 201 -21.56 -42.56 -27.18
C ALA C 201 -21.26 -43.65 -28.20
N CYS C 202 -20.70 -44.76 -27.73
CA CYS C 202 -20.53 -45.94 -28.56
C CYS C 202 -21.84 -46.75 -28.54
N ASN C 203 -21.78 -48.00 -28.99
CA ASN C 203 -23.00 -48.79 -29.17
C ASN C 203 -23.66 -49.15 -27.84
N ASN C 204 -22.86 -49.41 -26.80
CA ASN C 204 -23.36 -49.79 -25.49
C ASN C 204 -22.34 -49.36 -24.45
N ASN C 205 -22.82 -48.77 -23.37
CA ASN C 205 -21.99 -48.58 -22.18
C ASN C 205 -22.21 -49.68 -21.16
N ALA C 206 -23.28 -50.48 -21.34
CA ALA C 206 -23.70 -51.55 -20.42
C ALA C 206 -23.90 -51.03 -19.00
N ALA C 207 -24.55 -49.84 -18.91
CA ALA C 207 -24.92 -49.17 -17.65
C ALA C 207 -23.71 -48.86 -16.77
N ALA C 208 -22.86 -47.95 -17.24
CA ALA C 208 -21.71 -47.53 -16.45
C ALA C 208 -22.00 -46.27 -15.63
N THR C 209 -22.34 -45.18 -16.30
CA THR C 209 -22.51 -43.88 -15.66
C THR C 209 -23.49 -43.08 -16.51
N ASP C 210 -24.36 -42.29 -15.87
CA ASP C 210 -25.13 -41.28 -16.58
C ASP C 210 -24.24 -40.04 -16.76
N CYS C 211 -23.28 -40.18 -17.65
CA CYS C 211 -22.42 -39.07 -18.02
C CYS C 211 -22.72 -38.67 -19.44
N PRO C 212 -22.85 -37.38 -19.75
CA PRO C 212 -23.03 -36.98 -21.14
C PRO C 212 -21.69 -36.95 -21.86
N PRO C 213 -21.51 -37.76 -22.88
CA PRO C 213 -20.24 -37.78 -23.61
C PRO C 213 -20.14 -36.59 -24.56
N LEU C 214 -18.90 -36.16 -24.79
CA LEU C 214 -18.66 -34.90 -25.48
C LEU C 214 -17.40 -34.98 -26.33
N GLU C 215 -17.37 -34.13 -27.36
CA GLU C 215 -16.27 -34.03 -28.30
C GLU C 215 -16.41 -32.73 -29.07
N LEU C 216 -15.29 -32.12 -29.44
CA LEU C 216 -15.33 -30.84 -30.14
C LEU C 216 -15.48 -31.06 -31.64
N PHE C 217 -15.97 -30.04 -32.32
CA PHE C 217 -16.05 -30.05 -33.77
C PHE C 217 -16.10 -28.62 -34.27
N ASN C 218 -15.45 -28.37 -35.40
CA ASN C 218 -15.25 -27.02 -35.91
C ASN C 218 -16.54 -26.47 -36.51
N SER C 219 -16.63 -25.15 -36.55
CA SER C 219 -17.79 -24.47 -37.11
C SER C 219 -17.31 -23.22 -37.81
N ILE C 220 -18.26 -22.39 -38.25
CA ILE C 220 -17.98 -21.17 -38.98
C ILE C 220 -18.47 -20.01 -38.15
N ILE C 221 -17.56 -19.10 -37.79
CA ILE C 221 -17.93 -18.00 -36.92
C ILE C 221 -18.74 -16.99 -37.70
N GLU C 222 -20.05 -17.01 -37.51
CA GLU C 222 -20.95 -16.07 -38.16
C GLU C 222 -21.39 -15.03 -37.12
N ASP C 223 -22.14 -14.05 -37.58
CA ASP C 223 -22.46 -12.92 -36.72
C ASP C 223 -23.53 -13.31 -35.71
N GLY C 224 -23.57 -12.56 -34.62
CA GLY C 224 -24.53 -12.83 -33.57
C GLY C 224 -24.20 -14.00 -32.68
N ASP C 225 -23.03 -14.60 -32.87
CA ASP C 225 -22.58 -15.70 -32.03
C ASP C 225 -21.90 -15.11 -30.81
N MET C 226 -21.76 -15.92 -29.78
CA MET C 226 -21.19 -15.40 -28.55
C MET C 226 -19.74 -15.82 -28.38
N VAL C 227 -18.99 -14.97 -27.72
CA VAL C 227 -17.64 -15.29 -27.28
C VAL C 227 -17.79 -15.97 -25.92
N ASP C 228 -16.77 -16.70 -25.50
CA ASP C 228 -16.69 -17.06 -24.10
C ASP C 228 -16.46 -15.81 -23.27
N THR C 229 -16.96 -15.85 -22.04
CA THR C 229 -16.61 -14.86 -21.04
C THR C 229 -15.80 -15.46 -19.91
N GLY C 230 -15.36 -16.70 -20.05
CA GLY C 230 -14.59 -17.36 -19.02
C GLY C 230 -15.24 -18.60 -18.45
N PHE C 231 -16.41 -19.00 -18.95
CA PHE C 231 -17.08 -20.18 -18.45
C PHE C 231 -16.70 -21.43 -19.20
N GLY C 232 -15.66 -21.38 -20.01
CA GLY C 232 -15.41 -22.43 -20.97
C GLY C 232 -16.21 -22.23 -22.23
N CYS C 233 -15.85 -22.97 -23.25
CA CYS C 233 -16.40 -22.80 -24.59
C CYS C 233 -17.29 -23.99 -24.91
N MET C 234 -18.60 -23.81 -24.81
CA MET C 234 -19.50 -24.93 -25.01
C MET C 234 -20.87 -24.42 -25.47
N ASP C 235 -21.67 -25.34 -26.00
CA ASP C 235 -23.08 -25.11 -26.24
C ASP C 235 -23.80 -25.37 -24.91
N PHE C 236 -24.71 -24.47 -24.55
CA PHE C 236 -25.34 -24.54 -23.24
C PHE C 236 -26.76 -25.05 -23.29
N GLY C 237 -27.42 -24.98 -24.44
CA GLY C 237 -28.82 -25.33 -24.52
C GLY C 237 -29.06 -26.81 -24.45
N THR C 238 -28.16 -27.59 -25.06
CA THR C 238 -28.31 -29.03 -25.11
C THR C 238 -27.36 -29.74 -24.17
N LEU C 239 -26.64 -29.02 -23.34
CA LEU C 239 -25.81 -29.65 -22.34
C LEU C 239 -26.25 -29.29 -20.94
N GLN C 240 -26.80 -28.10 -20.74
CA GLN C 240 -27.30 -27.65 -19.46
C GLN C 240 -28.81 -27.49 -19.56
N ALA C 241 -29.55 -28.52 -19.20
CA ALA C 241 -30.99 -28.52 -19.40
C ALA C 241 -31.72 -27.57 -18.46
N ASN C 242 -31.16 -27.27 -17.30
CA ASN C 242 -31.85 -26.49 -16.29
C ASN C 242 -31.94 -25.00 -16.60
N LYS C 243 -31.19 -24.52 -17.60
CA LYS C 243 -31.23 -23.15 -18.11
C LYS C 243 -30.96 -22.09 -17.05
N SER C 244 -30.28 -22.44 -15.97
CA SER C 244 -30.26 -21.59 -14.80
C SER C 244 -28.87 -21.51 -14.20
N ASP C 245 -27.85 -21.55 -15.05
CA ASP C 245 -26.48 -21.58 -14.54
C ASP C 245 -25.59 -20.51 -15.13
N VAL C 246 -26.00 -19.84 -16.21
CA VAL C 246 -25.21 -18.80 -16.83
C VAL C 246 -26.08 -17.55 -16.87
N PRO C 247 -25.55 -16.38 -17.21
CA PRO C 247 -26.41 -15.23 -17.48
C PRO C 247 -27.28 -15.45 -18.70
N ILE C 248 -28.29 -14.59 -18.81
CA ILE C 248 -29.51 -14.89 -19.58
C ILE C 248 -29.25 -14.91 -21.08
N ASP C 249 -28.28 -14.15 -21.55
CA ASP C 249 -27.95 -14.11 -22.96
C ASP C 249 -27.30 -15.38 -23.46
N ILE C 250 -26.81 -16.24 -22.56
CA ILE C 250 -26.01 -17.39 -22.94
C ILE C 250 -26.82 -18.68 -22.91
N CYS C 251 -27.82 -18.79 -22.02
CA CYS C 251 -28.57 -20.01 -21.77
C CYS C 251 -29.43 -20.48 -22.94
N ASN C 252 -29.40 -19.78 -24.08
CA ASN C 252 -30.13 -20.24 -25.26
C ASN C 252 -29.19 -20.50 -26.42
N SER C 253 -28.08 -19.78 -26.48
CA SER C 253 -27.15 -19.86 -27.60
C SER C 253 -25.93 -20.71 -27.25
N THR C 254 -24.97 -20.71 -28.17
CA THR C 254 -23.67 -21.33 -27.97
C THR C 254 -22.62 -20.25 -27.87
N CYS C 255 -21.40 -20.64 -27.48
CA CYS C 255 -20.27 -19.74 -27.53
C CYS C 255 -19.11 -20.44 -28.24
N LYS C 256 -18.43 -19.71 -29.12
CA LYS C 256 -17.32 -20.24 -29.90
C LYS C 256 -16.08 -19.39 -29.64
N TYR C 257 -14.94 -20.04 -29.49
CA TYR C 257 -13.65 -19.39 -29.36
C TYR C 257 -12.93 -19.41 -30.70
N PRO C 258 -12.23 -18.35 -31.08
CA PRO C 258 -11.51 -18.36 -32.36
C PRO C 258 -10.25 -19.20 -32.27
N ASP C 259 -10.15 -20.16 -33.18
CA ASP C 259 -9.04 -21.09 -33.22
C ASP C 259 -7.79 -20.37 -33.70
N TYR C 260 -6.63 -20.89 -33.30
CA TYR C 260 -5.36 -20.40 -33.80
C TYR C 260 -4.45 -21.53 -34.23
N LEU C 261 -4.90 -22.76 -34.12
CA LEU C 261 -4.05 -23.89 -34.44
C LEU C 261 -4.40 -24.52 -35.78
N LYS C 262 -5.67 -24.89 -35.96
CA LYS C 262 -6.15 -25.28 -37.27
C LYS C 262 -6.05 -24.12 -38.25
N MET C 263 -6.24 -22.90 -37.73
CA MET C 263 -6.25 -21.70 -38.56
C MET C 263 -4.90 -21.44 -39.19
N ALA C 264 -3.82 -21.54 -38.42
CA ALA C 264 -2.49 -21.23 -38.92
C ALA C 264 -1.88 -22.38 -39.69
N SER C 265 -2.37 -23.60 -39.51
CA SER C 265 -1.83 -24.75 -40.20
C SER C 265 -2.42 -24.92 -41.58
N GLU C 266 -3.25 -23.99 -42.03
CA GLU C 266 -3.80 -24.04 -43.38
C GLU C 266 -2.67 -23.88 -44.39
N PRO C 267 -2.60 -24.72 -45.43
CA PRO C 267 -1.53 -24.58 -46.42
C PRO C 267 -1.57 -23.29 -47.22
N TYR C 268 -2.74 -22.81 -47.62
CA TYR C 268 -2.79 -21.65 -48.48
C TYR C 268 -2.79 -20.33 -47.74
N GLY C 269 -3.02 -20.34 -46.43
CA GLY C 269 -3.02 -19.11 -45.67
C GLY C 269 -4.19 -18.21 -45.95
N ASP C 270 -5.27 -18.74 -46.50
CA ASP C 270 -6.39 -17.89 -46.91
C ASP C 270 -7.23 -17.39 -45.74
N SER C 271 -6.97 -17.86 -44.52
CA SER C 271 -7.83 -17.54 -43.40
C SER C 271 -7.20 -16.59 -42.40
N LEU C 272 -5.97 -16.17 -42.61
CA LEU C 272 -5.33 -15.24 -41.70
C LEU C 272 -4.43 -14.28 -42.44
N PHE C 273 -4.56 -13.01 -42.13
CA PHE C 273 -3.61 -12.02 -42.59
C PHE C 273 -2.80 -11.42 -41.48
N PHE C 274 -3.45 -11.07 -40.36
CA PHE C 274 -2.86 -10.24 -39.33
C PHE C 274 -3.79 -10.27 -38.15
N PHE C 275 -3.33 -10.63 -36.96
CA PHE C 275 -4.28 -10.72 -35.86
C PHE C 275 -3.65 -10.31 -34.53
N LEU C 276 -4.41 -9.57 -33.75
CA LEU C 276 -3.96 -9.09 -32.46
C LEU C 276 -4.80 -9.72 -31.36
N ARG C 277 -4.38 -9.51 -30.12
CA ARG C 277 -5.00 -10.19 -29.00
C ARG C 277 -4.68 -9.44 -27.72
N ARG C 278 -5.69 -9.27 -26.86
CA ARG C 278 -5.46 -8.77 -25.51
C ARG C 278 -6.64 -9.12 -24.63
N GLU C 279 -6.44 -10.01 -23.67
CA GLU C 279 -7.48 -10.41 -22.72
C GLU C 279 -6.93 -10.39 -21.30
N GLN C 280 -7.82 -10.13 -20.33
CA GLN C 280 -7.45 -10.23 -18.93
C GLN C 280 -8.71 -10.41 -18.08
N MET C 281 -8.57 -11.18 -17.00
CA MET C 281 -9.69 -11.48 -16.11
C MET C 281 -9.16 -12.00 -14.78
N PHE C 282 -10.05 -12.05 -13.79
CA PHE C 282 -9.73 -12.62 -12.49
C PHE C 282 -11.01 -12.92 -11.74
N VAL C 283 -10.89 -13.68 -10.65
CA VAL C 283 -12.06 -14.17 -9.93
C VAL C 283 -12.53 -13.16 -8.91
N ARG C 284 -13.84 -13.07 -8.73
CA ARG C 284 -14.38 -12.11 -7.80
C ARG C 284 -15.00 -12.74 -6.57
N HIS C 285 -15.95 -13.64 -6.73
CA HIS C 285 -16.53 -14.34 -5.59
C HIS C 285 -16.69 -15.82 -5.89
N PHE C 286 -16.94 -16.63 -4.87
CA PHE C 286 -17.06 -18.06 -5.06
C PHE C 286 -18.41 -18.51 -4.57
N PHE C 287 -19.05 -19.38 -5.34
CA PHE C 287 -20.34 -19.94 -4.98
C PHE C 287 -20.32 -21.43 -5.30
N ASN C 288 -21.45 -22.09 -5.14
CA ASN C 288 -21.56 -23.50 -5.47
C ASN C 288 -22.95 -23.83 -5.95
N ARG C 289 -23.03 -24.81 -6.85
CA ARG C 289 -24.29 -25.25 -7.42
C ARG C 289 -25.09 -26.05 -6.41
N ALA C 290 -26.41 -26.07 -6.62
CA ALA C 290 -27.29 -26.91 -5.82
C ALA C 290 -27.38 -28.28 -6.50
N GLY C 291 -28.34 -29.09 -6.09
CA GLY C 291 -28.59 -30.36 -6.73
C GLY C 291 -27.66 -31.45 -6.25
N LYS C 292 -28.14 -32.69 -6.33
CA LYS C 292 -27.39 -33.83 -5.86
C LYS C 292 -26.27 -34.16 -6.84
N LEU C 293 -25.08 -34.36 -6.29
CA LEU C 293 -23.91 -34.65 -7.11
C LEU C 293 -23.93 -36.12 -7.51
N GLY C 294 -23.66 -36.38 -8.78
CA GLY C 294 -23.65 -37.75 -9.26
C GLY C 294 -22.37 -38.45 -8.88
N GLU C 295 -21.24 -37.79 -9.11
CA GLU C 295 -19.95 -38.42 -8.87
C GLU C 295 -19.62 -38.33 -7.40
N ALA C 296 -20.00 -39.36 -6.63
CA ALA C 296 -19.79 -39.36 -5.20
C ALA C 296 -18.31 -39.48 -4.87
N VAL C 297 -17.83 -38.64 -3.97
CA VAL C 297 -16.43 -38.63 -3.58
C VAL C 297 -16.11 -39.92 -2.83
N PRO C 298 -14.96 -40.56 -3.08
CA PRO C 298 -14.62 -41.78 -2.34
C PRO C 298 -14.30 -41.47 -0.88
N ASP C 299 -14.31 -42.51 -0.06
CA ASP C 299 -14.31 -42.32 1.37
C ASP C 299 -12.95 -41.93 1.91
N ASP C 300 -11.87 -42.46 1.33
CA ASP C 300 -10.56 -42.36 1.97
C ASP C 300 -9.88 -41.02 1.76
N LEU C 301 -10.56 -40.04 1.18
CA LEU C 301 -10.01 -38.69 1.11
C LEU C 301 -10.56 -37.78 2.19
N TYR C 302 -11.38 -38.31 3.10
CA TYR C 302 -11.95 -37.53 4.17
C TYR C 302 -12.32 -38.50 5.29
N ILE C 303 -12.84 -37.96 6.39
CA ILE C 303 -13.14 -38.75 7.57
C ILE C 303 -14.57 -38.44 8.01
N LYS C 304 -15.38 -39.49 8.15
CA LYS C 304 -16.76 -39.36 8.60
C LYS C 304 -16.80 -38.77 10.01
N GLY C 305 -17.94 -38.18 10.37
CA GLY C 305 -18.12 -37.67 11.70
C GLY C 305 -19.39 -38.22 12.32
N SER C 306 -19.85 -37.52 13.35
CA SER C 306 -21.13 -37.78 14.00
C SER C 306 -21.90 -36.47 14.11
N GLY C 307 -23.01 -36.51 14.85
CA GLY C 307 -23.74 -35.30 15.19
C GLY C 307 -24.49 -34.68 14.04
N ASN C 308 -24.03 -33.51 13.60
CA ASN C 308 -24.66 -32.81 12.49
C ASN C 308 -23.89 -32.98 11.19
N THR C 309 -22.99 -33.96 11.14
CA THR C 309 -22.20 -34.27 9.96
C THR C 309 -22.69 -35.53 9.26
N ALA C 310 -23.98 -35.79 9.38
CA ALA C 310 -24.56 -36.91 8.63
C ALA C 310 -24.78 -36.52 7.17
N VAL C 311 -25.46 -35.40 6.94
CA VAL C 311 -25.61 -34.88 5.60
C VAL C 311 -24.30 -34.20 5.17
N ILE C 312 -23.87 -34.50 3.95
CA ILE C 312 -22.64 -33.95 3.43
C ILE C 312 -23.01 -32.88 2.41
N GLN C 313 -22.13 -31.88 2.29
CA GLN C 313 -22.40 -30.77 1.40
C GLN C 313 -22.15 -31.18 -0.05
N SER C 314 -22.49 -30.28 -0.97
CA SER C 314 -22.15 -30.49 -2.36
C SER C 314 -20.70 -30.10 -2.62
N SER C 315 -20.22 -30.49 -3.79
CA SER C 315 -18.88 -30.10 -4.24
C SER C 315 -18.95 -29.71 -5.71
N ALA C 316 -19.96 -28.91 -6.07
CA ALA C 316 -20.15 -28.44 -7.43
C ALA C 316 -20.05 -26.91 -7.41
N PHE C 317 -18.83 -26.39 -7.57
CA PHE C 317 -18.60 -24.96 -7.47
C PHE C 317 -18.58 -24.33 -8.84
N PHE C 318 -18.84 -23.02 -8.86
CA PHE C 318 -18.59 -22.26 -10.05
C PHE C 318 -18.10 -20.90 -9.56
N PRO C 319 -17.07 -20.34 -10.17
CA PRO C 319 -16.64 -18.98 -9.81
C PRO C 319 -17.25 -17.95 -10.76
N THR C 320 -17.17 -16.71 -10.34
CA THR C 320 -17.63 -15.64 -11.21
C THR C 320 -16.47 -14.79 -11.69
N PRO C 321 -16.32 -14.64 -13.00
CA PRO C 321 -15.22 -13.84 -13.52
C PRO C 321 -15.61 -12.37 -13.58
N SER C 322 -14.64 -11.53 -13.35
CA SER C 322 -14.98 -10.11 -13.28
C SER C 322 -14.13 -9.21 -14.15
N GLY C 323 -12.86 -9.47 -14.27
CA GLY C 323 -11.99 -8.57 -15.00
C GLY C 323 -11.73 -7.28 -14.25
N SER C 324 -10.82 -6.48 -14.80
CA SER C 324 -10.24 -5.39 -14.06
C SER C 324 -10.46 -4.12 -14.85
N ILE C 325 -9.75 -3.06 -14.47
CA ILE C 325 -9.99 -1.73 -15.03
C ILE C 325 -9.64 -1.72 -16.50
N VAL C 326 -10.29 -0.82 -17.24
CA VAL C 326 -10.10 -0.71 -18.67
C VAL C 326 -9.56 0.68 -18.95
N THR C 327 -8.42 0.73 -19.61
CA THR C 327 -7.74 2.00 -19.79
C THR C 327 -7.86 2.44 -21.23
N SER C 328 -7.18 3.53 -21.55
CA SER C 328 -7.11 4.01 -22.92
C SER C 328 -5.72 3.79 -23.50
N GLU C 329 -4.73 3.59 -22.64
CA GLU C 329 -3.41 3.22 -23.08
C GLU C 329 -3.37 1.80 -23.61
N SER C 330 -4.24 0.94 -23.12
CA SER C 330 -4.24 -0.47 -23.47
C SER C 330 -5.34 -0.77 -24.47
N GLN C 331 -5.55 0.11 -25.43
CA GLN C 331 -6.56 -0.11 -26.45
C GLN C 331 -5.94 -0.68 -27.71
N LEU C 332 -6.81 -1.04 -28.65
CA LEU C 332 -6.40 -1.63 -29.91
C LEU C 332 -6.88 -0.86 -31.13
N PHE C 333 -7.79 0.08 -30.96
CA PHE C 333 -8.49 0.69 -32.07
C PHE C 333 -8.09 2.14 -32.22
N ASN C 334 -8.73 2.79 -33.20
CA ASN C 334 -8.53 4.19 -33.54
C ASN C 334 -7.08 4.52 -33.89
N LYS C 335 -6.36 3.55 -34.43
CA LYS C 335 -4.99 3.75 -34.83
C LYS C 335 -4.68 2.82 -35.99
N PRO C 336 -3.87 3.24 -36.93
CA PRO C 336 -3.69 2.45 -38.14
C PRO C 336 -2.84 1.22 -37.93
N TYR C 337 -2.73 0.41 -38.97
CA TYR C 337 -1.73 -0.63 -39.08
C TYR C 337 -1.21 -0.62 -40.50
N TRP C 338 -0.09 -1.29 -40.72
CA TRP C 338 0.43 -1.45 -42.07
C TRP C 338 0.84 -2.90 -42.25
N LEU C 339 0.26 -3.58 -43.22
CA LEU C 339 0.56 -4.98 -43.43
C LEU C 339 1.89 -5.09 -44.15
N GLN C 340 2.95 -5.23 -43.39
CA GLN C 340 4.26 -5.37 -44.01
C GLN C 340 4.41 -6.75 -44.65
N ARG C 341 4.37 -7.79 -43.85
CA ARG C 341 4.53 -9.15 -44.34
C ARG C 341 3.64 -10.04 -43.52
N ALA C 342 2.61 -10.60 -44.14
CA ALA C 342 1.65 -11.40 -43.41
C ALA C 342 2.24 -12.74 -43.03
N GLN C 343 1.49 -13.48 -42.24
CA GLN C 343 2.03 -14.71 -41.66
C GLN C 343 1.79 -15.91 -42.55
N GLY C 344 0.87 -15.81 -43.50
CA GLY C 344 0.59 -16.90 -44.40
C GLY C 344 1.53 -16.89 -45.60
N HIS C 345 0.98 -17.30 -46.74
CA HIS C 345 1.71 -17.16 -47.99
C HIS C 345 1.12 -16.09 -48.89
N ASN C 346 -0.20 -16.01 -48.96
CA ASN C 346 -0.82 -14.94 -49.71
C ASN C 346 -0.70 -13.64 -48.93
N ASN C 347 0.40 -12.95 -49.17
CA ASN C 347 0.79 -11.72 -48.46
C ASN C 347 -0.05 -10.53 -48.88
N GLY C 348 -1.33 -10.54 -48.52
CA GLY C 348 -2.19 -9.39 -48.74
C GLY C 348 -3.08 -9.50 -49.95
N ILE C 349 -2.88 -10.49 -50.80
CA ILE C 349 -3.73 -10.68 -51.96
C ILE C 349 -5.09 -11.20 -51.49
N CYS C 350 -6.15 -10.66 -52.03
CA CYS C 350 -7.48 -11.20 -51.75
C CYS C 350 -8.14 -11.61 -53.06
N TRP C 351 -8.65 -12.84 -53.09
CA TRP C 351 -9.37 -13.35 -54.24
C TRP C 351 -10.86 -13.32 -53.98
N GLY C 352 -11.63 -13.40 -55.06
CA GLY C 352 -13.07 -13.31 -54.97
C GLY C 352 -13.60 -11.92 -54.75
N ASN C 353 -12.71 -10.92 -54.63
CA ASN C 353 -13.03 -9.51 -54.48
C ASN C 353 -13.86 -9.27 -53.21
N GLN C 354 -13.42 -9.92 -52.13
CA GLN C 354 -14.02 -9.72 -50.82
C GLN C 354 -13.01 -10.16 -49.78
N LEU C 355 -13.20 -9.70 -48.55
CA LEU C 355 -12.39 -10.17 -47.44
C LEU C 355 -13.21 -10.05 -46.17
N PHE C 356 -12.73 -10.70 -45.13
CA PHE C 356 -13.50 -10.86 -43.90
C PHE C 356 -12.75 -10.22 -42.74
N VAL C 357 -13.32 -9.18 -42.17
CA VAL C 357 -12.84 -8.59 -40.94
C VAL C 357 -13.80 -8.98 -39.83
N THR C 358 -13.26 -9.36 -38.68
CA THR C 358 -14.10 -9.50 -37.50
C THR C 358 -13.41 -8.89 -36.29
N VAL C 359 -14.18 -8.15 -35.51
CA VAL C 359 -13.70 -7.53 -34.28
C VAL C 359 -14.60 -7.98 -33.15
N VAL C 360 -14.04 -8.02 -31.94
CA VAL C 360 -14.80 -8.28 -30.72
C VAL C 360 -14.42 -7.20 -29.73
N ASP C 361 -15.41 -6.56 -29.13
CA ASP C 361 -15.17 -5.44 -28.24
C ASP C 361 -16.02 -5.61 -27.01
N THR C 362 -15.43 -5.41 -25.84
CA THR C 362 -16.15 -5.47 -24.59
C THR C 362 -16.06 -4.15 -23.85
N THR C 363 -14.99 -3.40 -24.07
CA THR C 363 -14.69 -2.21 -23.31
C THR C 363 -15.60 -1.03 -23.67
N ARG C 364 -16.44 -1.14 -24.69
CA ARG C 364 -17.32 -0.04 -25.01
C ARG C 364 -18.76 -0.52 -25.03
N SER C 365 -19.16 -1.22 -23.98
CA SER C 365 -20.46 -1.88 -23.96
C SER C 365 -21.37 -1.38 -22.85
N THR C 366 -21.43 -0.07 -22.64
CA THR C 366 -22.30 0.52 -21.63
C THR C 366 -23.77 0.31 -22.01
N ASN C 367 -24.56 -0.14 -21.05
CA ASN C 367 -25.96 -0.50 -21.29
C ASN C 367 -26.87 0.58 -20.75
N MET C 368 -27.44 1.37 -21.65
CA MET C 368 -28.28 2.51 -21.29
C MET C 368 -29.68 2.04 -20.91
N THR C 369 -30.23 2.63 -19.86
CA THR C 369 -31.57 2.28 -19.38
C THR C 369 -32.48 3.49 -19.45
N LEU C 370 -33.64 3.32 -20.06
CA LEU C 370 -34.63 4.38 -20.20
C LEU C 370 -35.84 4.07 -19.34
N CYS C 371 -36.39 5.11 -18.70
CA CYS C 371 -37.60 4.97 -17.91
C CYS C 371 -38.61 6.01 -18.34
N THR C 372 -39.87 5.57 -18.44
CA THR C 372 -40.97 6.47 -18.74
C THR C 372 -41.97 6.48 -17.59
N GLU C 373 -42.98 7.34 -17.69
CA GLU C 373 -44.00 7.46 -16.67
C GLU C 373 -45.32 7.00 -17.25
N VAL C 374 -46.19 6.52 -16.37
CA VAL C 374 -47.52 6.11 -16.78
C VAL C 374 -48.62 6.93 -16.10
N THR C 375 -48.38 7.45 -14.90
CA THR C 375 -49.37 8.22 -14.18
C THR C 375 -48.72 9.50 -13.65
N LYS C 376 -49.19 10.65 -14.13
CA LYS C 376 -48.73 11.91 -13.58
C LYS C 376 -49.30 12.08 -12.18
N GLU C 377 -48.42 12.08 -11.18
CA GLU C 377 -48.88 12.13 -9.80
C GLU C 377 -47.96 13.05 -9.01
N GLY C 378 -48.42 13.40 -7.81
CA GLY C 378 -47.64 14.21 -6.92
C GLY C 378 -46.68 13.39 -6.08
N THR C 379 -47.21 12.38 -5.39
CA THR C 379 -46.38 11.51 -4.58
C THR C 379 -45.67 10.51 -5.49
N TYR C 380 -44.71 9.79 -4.95
CA TYR C 380 -43.92 8.81 -5.69
C TYR C 380 -44.39 7.42 -5.28
N LYS C 381 -44.78 6.62 -6.26
CA LYS C 381 -45.20 5.26 -6.01
C LYS C 381 -44.22 4.30 -6.65
N ASN C 382 -44.42 3.00 -6.38
CA ASN C 382 -43.67 1.98 -7.09
C ASN C 382 -44.05 1.94 -8.56
N ASP C 383 -45.30 1.60 -8.83
CA ASP C 383 -45.73 1.15 -10.14
C ASP C 383 -46.04 2.27 -11.11
N ASN C 384 -45.63 3.50 -10.81
CA ASN C 384 -45.89 4.62 -11.69
C ASN C 384 -44.83 4.76 -12.77
N PHE C 385 -43.92 3.81 -12.90
CA PHE C 385 -42.85 3.94 -13.86
C PHE C 385 -42.61 2.62 -14.57
N LYS C 386 -42.25 2.70 -15.83
CA LYS C 386 -41.98 1.55 -16.67
C LYS C 386 -40.57 1.66 -17.21
N GLU C 387 -39.80 0.59 -17.13
CA GLU C 387 -38.39 0.62 -17.50
C GLU C 387 -38.18 0.12 -18.94
N TYR C 388 -37.05 0.52 -19.49
CA TYR C 388 -36.59 0.05 -20.79
C TYR C 388 -35.08 0.02 -20.77
N VAL C 389 -34.50 -0.93 -21.51
CA VAL C 389 -33.05 -1.07 -21.59
C VAL C 389 -32.63 -1.15 -23.05
N ARG C 390 -31.58 -0.41 -23.41
CA ARG C 390 -31.13 -0.35 -24.79
C ARG C 390 -29.61 -0.34 -24.81
N HIS C 391 -29.04 -0.77 -25.93
CA HIS C 391 -27.60 -0.78 -26.14
C HIS C 391 -27.31 -0.40 -27.57
N VAL C 392 -26.24 0.36 -27.79
CA VAL C 392 -25.89 0.83 -29.12
C VAL C 392 -24.40 0.62 -29.34
N GLU C 393 -24.04 0.18 -30.54
CA GLU C 393 -22.66 0.14 -30.99
C GLU C 393 -22.46 1.16 -32.10
N GLU C 394 -21.22 1.28 -32.55
CA GLU C 394 -20.85 2.30 -33.54
C GLU C 394 -19.51 1.91 -34.12
N TYR C 395 -19.41 1.85 -35.44
CA TYR C 395 -18.16 1.42 -36.05
C TYR C 395 -17.77 2.34 -37.19
N ASP C 396 -16.65 2.00 -37.82
CA ASP C 396 -16.10 2.69 -38.97
C ASP C 396 -15.05 1.74 -39.54
N LEU C 397 -14.88 1.78 -40.85
CA LEU C 397 -13.79 1.06 -41.47
C LEU C 397 -13.18 1.94 -42.56
N GLN C 398 -11.86 1.91 -42.65
CA GLN C 398 -11.16 2.63 -43.69
C GLN C 398 -10.12 1.70 -44.28
N PHE C 399 -9.82 1.89 -45.56
CA PHE C 399 -9.00 0.91 -46.27
C PHE C 399 -8.09 1.61 -47.25
N VAL C 400 -6.91 1.01 -47.48
CA VAL C 400 -6.02 1.41 -48.55
C VAL C 400 -5.67 0.16 -49.35
N PHE C 401 -5.94 0.17 -50.64
CA PHE C 401 -5.62 -0.95 -51.49
C PHE C 401 -4.56 -0.58 -52.51
N GLN C 402 -3.66 -1.52 -52.77
CA GLN C 402 -2.63 -1.30 -53.78
C GLN C 402 -2.89 -2.29 -54.89
N LEU C 403 -2.73 -1.87 -56.13
CA LEU C 403 -3.14 -2.65 -57.28
C LEU C 403 -1.98 -3.39 -57.91
N CYS C 404 -2.22 -4.65 -58.25
CA CYS C 404 -1.19 -5.56 -58.70
C CYS C 404 -1.73 -6.43 -59.82
N LYS C 405 -0.86 -6.83 -60.73
CA LYS C 405 -1.25 -7.52 -61.94
C LYS C 405 -0.61 -8.91 -61.99
N ILE C 406 -1.31 -9.84 -62.62
CA ILE C 406 -0.88 -11.21 -62.71
C ILE C 406 -0.55 -11.50 -64.17
N THR C 407 0.72 -11.70 -64.47
CA THR C 407 1.05 -12.34 -65.73
C THR C 407 0.63 -13.80 -65.67
N LEU C 408 0.03 -14.28 -66.74
CA LEU C 408 -0.64 -15.58 -66.67
C LEU C 408 -0.08 -16.45 -67.78
N THR C 409 0.92 -17.25 -67.43
CA THR C 409 1.41 -18.28 -68.34
C THR C 409 0.64 -19.57 -68.06
N ALA C 410 0.96 -20.64 -68.78
CA ALA C 410 0.16 -21.86 -68.73
C ALA C 410 0.39 -22.61 -67.42
N GLU C 411 1.62 -22.60 -66.91
CA GLU C 411 1.85 -23.36 -65.69
C GLU C 411 1.31 -22.67 -64.46
N ILE C 412 1.21 -21.35 -64.46
CA ILE C 412 0.55 -20.66 -63.36
C ILE C 412 -0.94 -20.85 -63.44
N MET C 413 -1.47 -21.00 -64.66
CA MET C 413 -2.85 -21.41 -64.86
C MET C 413 -3.16 -22.77 -64.25
N THR C 414 -2.18 -23.67 -64.20
CA THR C 414 -2.36 -24.91 -63.44
C THR C 414 -2.46 -24.62 -61.95
N TYR C 415 -1.50 -23.86 -61.42
CA TYR C 415 -1.33 -23.66 -59.99
C TYR C 415 -2.54 -23.02 -59.35
N ILE C 416 -3.18 -22.09 -60.06
CA ILE C 416 -4.39 -21.48 -59.54
C ILE C 416 -5.60 -22.38 -59.75
N HIS C 417 -5.56 -23.29 -60.72
CA HIS C 417 -6.66 -24.22 -60.90
C HIS C 417 -6.70 -25.22 -59.75
N THR C 418 -5.52 -25.64 -59.29
CA THR C 418 -5.43 -26.56 -58.17
C THR C 418 -5.69 -25.89 -56.84
N MET C 419 -5.56 -24.58 -56.74
CA MET C 419 -5.87 -23.91 -55.48
C MET C 419 -7.36 -23.91 -55.27
N ASP C 420 -8.08 -23.24 -56.16
CA ASP C 420 -9.54 -23.25 -56.13
C ASP C 420 -9.96 -22.83 -57.53
N SER C 421 -10.91 -23.54 -58.11
CA SER C 421 -11.29 -23.33 -59.49
C SER C 421 -12.42 -22.33 -59.64
N ASN C 422 -12.91 -21.74 -58.55
CA ASN C 422 -14.01 -20.80 -58.66
C ASN C 422 -13.56 -19.39 -58.99
N ILE C 423 -12.28 -19.20 -59.32
CA ILE C 423 -11.78 -17.87 -59.63
C ILE C 423 -11.34 -17.81 -61.08
N LEU C 424 -10.95 -18.94 -61.65
CA LEU C 424 -10.64 -18.94 -63.07
C LEU C 424 -11.90 -18.88 -63.93
N GLU C 425 -13.05 -19.23 -63.38
CA GLU C 425 -14.31 -19.06 -64.07
C GLU C 425 -14.75 -17.61 -64.08
N ASP C 426 -14.23 -16.80 -63.16
CA ASP C 426 -14.73 -15.45 -62.97
C ASP C 426 -13.96 -14.42 -63.78
N TRP C 427 -12.64 -14.55 -63.87
CA TRP C 427 -11.91 -13.66 -64.78
C TRP C 427 -12.13 -14.01 -66.23
N GLN C 428 -12.65 -15.21 -66.50
CA GLN C 428 -13.08 -15.66 -67.83
C GLN C 428 -11.90 -15.73 -68.79
N PHE C 429 -10.70 -15.91 -68.24
CA PHE C 429 -9.51 -16.06 -69.08
C PHE C 429 -9.33 -17.52 -69.45
N GLY C 430 -9.51 -18.40 -68.47
CA GLY C 430 -9.53 -19.80 -68.79
C GLY C 430 -10.89 -20.20 -69.34
N LEU C 431 -10.91 -20.88 -70.48
CA LEU C 431 -12.13 -21.50 -70.99
C LEU C 431 -12.21 -22.90 -70.37
N THR C 432 -12.23 -22.93 -69.04
CA THR C 432 -12.14 -24.20 -68.32
C THR C 432 -13.40 -25.06 -68.34
N PRO C 433 -14.63 -24.52 -68.33
CA PRO C 433 -15.76 -25.40 -68.65
C PRO C 433 -15.96 -25.53 -70.15
N PRO C 434 -16.02 -26.75 -70.65
CA PRO C 434 -16.53 -26.97 -72.01
C PRO C 434 -17.99 -26.58 -72.19
N PRO C 435 -18.92 -26.70 -71.14
CA PRO C 435 -20.26 -26.16 -71.39
C PRO C 435 -20.38 -24.65 -71.35
N SER C 436 -19.26 -23.92 -71.32
CA SER C 436 -19.31 -22.47 -71.40
C SER C 436 -19.85 -21.98 -72.73
N ALA C 437 -19.67 -22.75 -73.79
CA ALA C 437 -20.20 -22.38 -75.08
C ALA C 437 -21.54 -23.04 -75.41
N SER C 438 -21.61 -24.35 -75.27
CA SER C 438 -22.78 -25.12 -75.66
C SER C 438 -23.37 -25.86 -74.46
N LEU C 439 -24.37 -26.68 -74.75
CA LEU C 439 -25.01 -27.55 -73.79
C LEU C 439 -25.65 -28.69 -74.56
N GLN C 440 -26.18 -29.66 -73.84
CA GLN C 440 -26.82 -30.80 -74.50
C GLN C 440 -28.34 -30.56 -74.59
N ASP C 441 -28.68 -29.36 -75.06
CA ASP C 441 -29.92 -29.04 -75.77
C ASP C 441 -31.18 -29.35 -74.97
N THR C 442 -31.39 -28.58 -73.90
CA THR C 442 -32.66 -28.64 -73.18
C THR C 442 -33.80 -28.21 -74.09
N TYR C 443 -34.96 -28.87 -73.95
CA TYR C 443 -36.05 -28.62 -74.88
C TYR C 443 -36.76 -27.31 -74.57
N ARG C 444 -37.32 -26.74 -75.61
CA ARG C 444 -38.08 -25.50 -75.55
C ARG C 444 -39.46 -25.85 -76.03
N PHE C 445 -40.45 -25.86 -75.14
CA PHE C 445 -41.77 -26.31 -75.53
C PHE C 445 -42.46 -25.23 -76.36
N VAL C 446 -43.33 -25.64 -77.27
CA VAL C 446 -43.80 -24.74 -78.32
C VAL C 446 -45.13 -24.09 -77.93
N THR C 447 -46.03 -24.85 -77.32
CA THR C 447 -47.32 -24.32 -76.92
C THR C 447 -47.43 -24.60 -75.42
N SER C 448 -46.91 -23.68 -74.62
CA SER C 448 -46.80 -23.89 -73.19
C SER C 448 -48.16 -23.75 -72.51
N GLN C 449 -48.10 -23.72 -71.16
CA GLN C 449 -49.23 -23.59 -70.22
C GLN C 449 -50.43 -24.48 -70.58
N ALA C 450 -50.17 -25.69 -71.04
CA ALA C 450 -51.19 -26.69 -71.30
C ALA C 450 -51.01 -27.85 -70.33
N ILE C 451 -51.76 -28.92 -70.55
CA ILE C 451 -51.58 -30.14 -69.76
C ILE C 451 -50.54 -30.97 -70.51
N THR C 452 -49.29 -30.55 -70.38
CA THR C 452 -48.16 -31.27 -70.93
C THR C 452 -47.09 -31.56 -69.89
N CYS C 453 -46.67 -30.54 -69.16
CA CYS C 453 -45.59 -30.61 -68.18
C CYS C 453 -45.78 -29.42 -67.23
N GLN C 454 -44.73 -29.10 -66.48
CA GLN C 454 -44.76 -27.96 -65.57
C GLN C 454 -43.71 -26.94 -65.97
N LYS C 455 -44.09 -25.66 -65.92
CA LYS C 455 -43.17 -24.56 -66.10
C LYS C 455 -42.83 -23.96 -64.74
N THR C 456 -41.54 -23.71 -64.51
CA THR C 456 -41.03 -23.43 -63.18
C THR C 456 -40.64 -21.97 -63.04
N ALA C 457 -40.03 -21.65 -61.91
CA ALA C 457 -39.34 -20.39 -61.68
C ALA C 457 -38.08 -20.31 -62.54
N PRO C 458 -37.51 -19.12 -62.72
CA PRO C 458 -36.15 -19.01 -63.25
C PRO C 458 -35.15 -19.79 -62.41
N PRO C 459 -34.15 -20.42 -63.04
CA PRO C 459 -33.41 -21.50 -62.37
C PRO C 459 -32.50 -21.06 -61.23
N LYS C 460 -32.28 -19.75 -61.07
CA LYS C 460 -31.49 -19.14 -60.00
C LYS C 460 -30.07 -19.71 -59.92
N GLU C 461 -29.15 -19.29 -60.81
CA GLU C 461 -27.75 -19.74 -60.69
C GLU C 461 -26.92 -18.95 -59.69
N LYS C 462 -27.59 -18.26 -58.75
CA LYS C 462 -26.93 -17.49 -57.71
C LYS C 462 -26.07 -18.36 -56.81
N GLU C 463 -26.71 -19.30 -56.09
CA GLU C 463 -26.16 -20.50 -55.41
C GLU C 463 -24.78 -20.36 -54.75
N ASP C 464 -24.53 -19.27 -54.03
CA ASP C 464 -23.23 -19.23 -53.39
C ASP C 464 -23.24 -20.04 -52.10
N PRO C 465 -22.13 -20.72 -51.77
CA PRO C 465 -22.03 -21.38 -50.46
C PRO C 465 -22.12 -20.43 -49.30
N LEU C 466 -21.75 -19.17 -49.46
CA LEU C 466 -21.92 -18.19 -48.41
C LEU C 466 -23.22 -17.42 -48.53
N ASN C 467 -24.18 -17.92 -49.29
CA ASN C 467 -25.51 -17.31 -49.35
C ASN C 467 -26.45 -17.90 -48.30
N LYS C 468 -25.93 -18.77 -47.44
CA LYS C 468 -26.72 -19.32 -46.35
C LYS C 468 -26.47 -18.59 -45.04
N TYR C 469 -25.23 -18.18 -44.79
CA TYR C 469 -24.87 -17.52 -43.54
C TYR C 469 -25.43 -16.10 -43.49
N THR C 470 -25.39 -15.50 -42.31
CA THR C 470 -25.92 -14.16 -42.09
C THR C 470 -24.80 -13.27 -41.60
N PHE C 471 -24.37 -12.32 -42.42
CA PHE C 471 -23.30 -11.40 -42.09
C PHE C 471 -23.81 -9.97 -42.14
N TRP C 472 -23.22 -9.12 -41.33
CA TRP C 472 -23.50 -7.69 -41.39
C TRP C 472 -22.69 -7.11 -42.54
N GLU C 473 -23.28 -7.20 -43.73
CA GLU C 473 -22.57 -6.88 -44.95
C GLU C 473 -22.43 -5.38 -45.10
N VAL C 474 -21.25 -4.93 -45.53
CA VAL C 474 -21.10 -3.59 -46.05
C VAL C 474 -20.88 -3.69 -47.55
N ASN C 475 -21.09 -2.57 -48.24
CA ASN C 475 -20.90 -2.52 -49.68
C ASN C 475 -20.00 -1.36 -50.03
N LEU C 476 -18.94 -1.65 -50.78
CA LEU C 476 -17.95 -0.64 -51.13
C LEU C 476 -17.84 -0.45 -52.63
N LYS C 477 -18.88 -0.77 -53.39
CA LYS C 477 -18.74 -0.79 -54.85
C LYS C 477 -18.61 0.61 -55.42
N GLU C 478 -19.42 1.55 -54.96
CA GLU C 478 -19.39 2.91 -55.47
C GLU C 478 -18.74 3.83 -54.45
N LYS C 479 -17.65 3.39 -53.84
CA LYS C 479 -17.02 4.16 -52.79
C LYS C 479 -15.51 4.30 -52.92
N PHE C 480 -14.96 4.20 -54.11
CA PHE C 480 -13.52 4.34 -54.23
C PHE C 480 -13.15 5.77 -54.57
N SER C 481 -11.86 6.07 -54.46
CA SER C 481 -11.31 7.36 -54.84
C SER C 481 -9.81 7.23 -55.03
N ALA C 482 -9.27 8.02 -55.95
CA ALA C 482 -7.86 8.00 -56.25
C ALA C 482 -7.06 9.05 -55.50
N ASP C 483 -7.67 10.17 -55.15
CA ASP C 483 -6.98 11.21 -54.39
C ASP C 483 -6.82 10.73 -52.96
N LEU C 484 -5.60 10.40 -52.55
CA LEU C 484 -5.39 9.91 -51.20
C LEU C 484 -5.57 11.02 -50.18
N ASP C 485 -4.89 12.13 -50.39
CA ASP C 485 -4.68 13.12 -49.34
C ASP C 485 -5.82 14.08 -49.14
N GLN C 486 -7.05 13.73 -49.53
CA GLN C 486 -8.21 14.52 -49.15
C GLN C 486 -9.06 13.80 -48.13
N PHE C 487 -8.46 12.91 -47.36
CA PHE C 487 -9.19 11.99 -46.51
C PHE C 487 -8.38 11.80 -45.23
N PRO C 488 -9.01 11.30 -44.15
CA PRO C 488 -8.27 11.16 -42.89
C PRO C 488 -7.08 10.24 -42.92
N LEU C 489 -7.24 9.03 -43.44
CA LEU C 489 -6.16 8.06 -43.33
C LEU C 489 -5.04 8.31 -44.32
N GLY C 490 -5.37 8.89 -45.48
CA GLY C 490 -4.37 9.09 -46.51
C GLY C 490 -3.27 10.04 -46.13
N ARG C 491 -3.57 11.00 -45.24
CA ARG C 491 -2.51 11.83 -44.69
C ARG C 491 -1.51 11.01 -43.90
N LYS C 492 -1.99 9.97 -43.21
CA LYS C 492 -1.08 9.14 -42.44
C LYS C 492 -0.31 8.19 -43.34
N PHE C 493 -0.80 7.93 -44.55
CA PHE C 493 -0.10 7.00 -45.43
C PHE C 493 0.91 7.71 -46.32
N LEU C 494 0.71 9.00 -46.57
CA LEU C 494 1.67 9.72 -47.41
C LEU C 494 2.95 10.04 -46.66
N LEU C 495 2.85 10.34 -45.36
CA LEU C 495 4.05 10.66 -44.61
C LEU C 495 4.94 9.45 -44.39
N GLN C 496 4.34 8.26 -44.29
CA GLN C 496 5.12 7.09 -43.94
C GLN C 496 5.97 6.61 -45.11
N SER C 497 5.37 6.46 -46.29
CA SER C 497 6.05 5.92 -47.45
C SER C 497 7.19 6.79 -47.95
N GLY C 498 7.08 8.10 -47.75
CA GLY C 498 8.13 8.99 -48.16
C GLY C 498 8.23 9.17 -49.65
N LEU C 499 7.13 9.54 -50.29
CA LEU C 499 7.14 9.85 -51.72
C LEU C 499 7.13 11.37 -51.87
N LYS D 46 37.44 -33.30 -16.29
CA LYS D 46 37.73 -32.45 -17.43
C LYS D 46 36.72 -32.66 -18.54
N VAL D 47 35.45 -32.38 -18.25
CA VAL D 47 34.41 -32.46 -19.24
C VAL D 47 34.58 -31.33 -20.25
N VAL D 48 34.66 -31.69 -21.53
CA VAL D 48 34.77 -30.68 -22.57
C VAL D 48 33.37 -30.45 -23.13
N SER D 49 33.17 -29.27 -23.72
CA SER D 49 31.87 -28.89 -24.23
C SER D 49 31.54 -29.68 -25.49
N THR D 50 30.27 -29.64 -25.87
CA THR D 50 29.75 -30.47 -26.95
C THR D 50 29.84 -29.80 -28.30
N ASP D 51 30.71 -28.80 -28.46
CA ASP D 51 30.88 -28.14 -29.74
C ASP D 51 32.30 -28.29 -30.26
N GLU D 52 33.10 -29.13 -29.62
CA GLU D 52 34.45 -29.40 -30.09
C GLU D 52 34.55 -30.76 -30.76
N TYR D 53 33.77 -31.74 -30.32
CA TYR D 53 33.88 -33.05 -30.94
C TYR D 53 32.72 -33.41 -31.85
N VAL D 54 31.82 -32.47 -32.16
CA VAL D 54 30.85 -32.68 -33.22
C VAL D 54 31.12 -31.65 -34.30
N SER D 55 30.40 -31.77 -35.40
CA SER D 55 30.61 -30.88 -36.53
C SER D 55 29.28 -30.59 -37.18
N ARG D 56 28.85 -29.34 -37.11
CA ARG D 56 27.52 -28.96 -37.55
C ARG D 56 27.43 -29.02 -39.07
N THR D 57 26.39 -29.70 -39.56
CA THR D 57 26.07 -29.66 -40.98
C THR D 57 25.19 -28.47 -41.27
N SER D 58 24.58 -28.45 -42.44
CA SER D 58 23.81 -27.31 -42.87
C SER D 58 22.52 -27.76 -43.52
N ILE D 59 21.88 -28.77 -42.95
CA ILE D 59 20.65 -29.30 -43.49
C ILE D 59 19.64 -29.44 -42.35
N TYR D 60 18.44 -28.93 -42.56
CA TYR D 60 17.50 -28.69 -41.48
C TYR D 60 16.24 -29.51 -41.70
N TYR D 61 15.56 -29.86 -40.61
CA TYR D 61 14.43 -30.78 -40.68
C TYR D 61 13.33 -30.30 -39.73
N TYR D 62 12.18 -29.94 -40.30
CA TYR D 62 11.01 -29.65 -39.48
C TYR D 62 10.37 -30.96 -39.05
N ALA D 63 9.77 -30.95 -37.87
CA ALA D 63 8.87 -31.99 -37.46
C ALA D 63 7.64 -31.33 -36.87
N GLY D 64 6.58 -32.10 -36.69
CA GLY D 64 5.39 -31.50 -36.14
C GLY D 64 4.43 -32.51 -35.56
N SER D 65 3.98 -32.26 -34.33
CA SER D 65 3.06 -33.18 -33.69
C SER D 65 1.66 -32.97 -34.25
N SER D 66 0.76 -33.88 -33.88
CA SER D 66 -0.65 -33.67 -34.14
C SER D 66 -1.22 -32.87 -32.97
N ARG D 67 -2.51 -32.56 -33.00
CA ARG D 67 -3.13 -31.86 -31.89
C ARG D 67 -3.55 -32.90 -30.87
N LEU D 68 -3.11 -32.71 -29.63
CA LEU D 68 -3.46 -33.63 -28.56
C LEU D 68 -4.60 -33.06 -27.74
N LEU D 69 -5.38 -33.95 -27.14
CA LEU D 69 -6.44 -33.54 -26.23
C LEU D 69 -6.31 -34.32 -24.93
N ALA D 70 -7.12 -33.93 -23.95
CA ALA D 70 -7.15 -34.60 -22.66
C ALA D 70 -8.44 -34.23 -21.96
N VAL D 71 -9.31 -35.21 -21.75
CA VAL D 71 -10.61 -34.99 -21.11
C VAL D 71 -10.69 -35.87 -19.89
N GLY D 72 -11.16 -35.32 -18.78
CA GLY D 72 -11.39 -36.12 -17.60
C GLY D 72 -11.91 -35.31 -16.43
N ASN D 73 -11.80 -35.91 -15.26
CA ASN D 73 -12.29 -35.24 -14.06
C ASN D 73 -11.17 -34.45 -13.42
N PRO D 74 -11.44 -33.26 -12.90
CA PRO D 74 -10.38 -32.48 -12.27
C PRO D 74 -10.02 -32.94 -10.88
N TYR D 75 -10.88 -33.71 -10.22
CA TYR D 75 -10.70 -33.95 -8.80
C TYR D 75 -10.10 -35.33 -8.48
N PHE D 76 -10.75 -36.40 -8.90
CA PHE D 76 -10.30 -37.73 -8.49
C PHE D 76 -10.61 -38.76 -9.57
N SER D 77 -9.70 -39.72 -9.69
CA SER D 77 -9.83 -40.77 -10.68
C SER D 77 -10.90 -41.76 -10.24
N ILE D 78 -12.05 -41.71 -10.87
CA ILE D 78 -13.16 -42.59 -10.52
C ILE D 78 -12.88 -43.99 -11.02
N LYS D 79 -13.06 -44.97 -10.14
CA LYS D 79 -12.77 -46.35 -10.49
C LYS D 79 -14.04 -47.11 -10.86
N SER D 80 -13.84 -48.41 -11.09
CA SER D 80 -14.95 -49.28 -11.44
C SER D 80 -15.65 -49.79 -10.17
N PRO D 81 -16.96 -50.03 -10.23
CA PRO D 81 -17.61 -50.68 -9.09
C PRO D 81 -17.21 -52.14 -8.93
N ASN D 82 -16.74 -52.78 -10.00
CA ASN D 82 -16.31 -54.16 -9.90
C ASN D 82 -14.79 -54.30 -9.93
N ASN D 83 -14.07 -53.28 -10.38
CA ASN D 83 -12.64 -53.44 -10.60
C ASN D 83 -11.87 -52.32 -9.91
N ASN D 84 -10.63 -52.61 -9.55
CA ASN D 84 -9.75 -51.63 -8.93
C ASN D 84 -8.53 -51.32 -9.78
N LYS D 85 -8.49 -51.80 -11.02
CA LYS D 85 -7.39 -51.54 -11.93
C LYS D 85 -7.87 -50.98 -13.26
N LYS D 86 -9.19 -50.87 -13.45
CA LYS D 86 -9.79 -50.31 -14.66
C LYS D 86 -10.29 -48.92 -14.31
N VAL D 87 -9.67 -47.91 -14.91
CA VAL D 87 -10.16 -46.55 -14.72
C VAL D 87 -11.34 -46.30 -15.65
N LEU D 88 -12.24 -45.42 -15.23
CA LEU D 88 -13.38 -45.05 -16.04
C LEU D 88 -13.20 -43.65 -16.61
N VAL D 89 -12.89 -42.70 -15.75
CA VAL D 89 -12.60 -41.34 -16.16
C VAL D 89 -11.33 -40.90 -15.44
N PRO D 90 -10.36 -40.34 -16.13
CA PRO D 90 -9.06 -40.08 -15.52
C PRO D 90 -9.06 -38.77 -14.76
N LYS D 91 -8.04 -38.60 -13.94
CA LYS D 91 -7.84 -37.39 -13.15
C LYS D 91 -6.85 -36.51 -13.90
N VAL D 92 -7.37 -35.62 -14.72
CA VAL D 92 -6.55 -34.60 -15.37
C VAL D 92 -7.00 -33.26 -14.83
N SER D 93 -6.04 -32.40 -14.51
CA SER D 93 -6.37 -31.12 -13.92
C SER D 93 -5.49 -30.06 -14.55
N GLY D 94 -5.75 -28.80 -14.20
CA GLY D 94 -4.88 -27.73 -14.62
C GLY D 94 -3.75 -27.47 -13.66
N LEU D 95 -3.39 -28.45 -12.84
CA LEU D 95 -2.36 -28.28 -11.81
C LEU D 95 -1.28 -29.34 -11.87
N GLN D 96 -1.14 -30.04 -12.99
CA GLN D 96 -0.24 -31.16 -13.06
C GLN D 96 0.96 -30.83 -13.93
N TYR D 97 2.02 -31.60 -13.75
CA TYR D 97 3.16 -31.52 -14.66
C TYR D 97 2.81 -32.34 -15.88
N ARG D 98 2.29 -31.70 -16.90
CA ARG D 98 2.13 -32.37 -18.18
C ARG D 98 3.51 -32.56 -18.79
N VAL D 99 4.05 -33.76 -18.69
CA VAL D 99 5.40 -34.07 -19.14
C VAL D 99 5.29 -34.80 -20.46
N PHE D 100 5.86 -34.23 -21.51
CA PHE D 100 5.88 -34.95 -22.76
C PHE D 100 7.20 -35.69 -22.90
N ARG D 101 7.15 -36.81 -23.62
CA ARG D 101 8.34 -37.55 -23.95
C ARG D 101 8.26 -37.89 -25.43
N VAL D 102 8.99 -37.16 -26.24
CA VAL D 102 9.03 -37.45 -27.65
C VAL D 102 9.95 -38.63 -27.90
N ARG D 103 9.90 -39.14 -29.12
CA ARG D 103 10.82 -40.20 -29.53
C ARG D 103 11.26 -39.93 -30.96
N LEU D 104 12.51 -39.53 -31.11
CA LEU D 104 13.00 -39.19 -32.44
C LEU D 104 13.36 -40.46 -33.20
N PRO D 105 13.18 -40.47 -34.51
CA PRO D 105 13.64 -41.60 -35.30
C PRO D 105 15.15 -41.60 -35.37
N ASP D 106 15.70 -42.78 -35.64
CA ASP D 106 17.13 -42.93 -35.77
C ASP D 106 17.60 -42.19 -37.02
N PRO D 107 18.57 -41.30 -36.90
CA PRO D 107 19.17 -40.72 -38.10
C PRO D 107 19.95 -41.71 -38.94
N ASN D 108 20.48 -42.78 -38.35
CA ASN D 108 21.22 -43.75 -39.16
C ASN D 108 20.31 -44.69 -39.93
N LYS D 109 19.01 -44.64 -39.69
CA LYS D 109 18.06 -45.38 -40.49
C LYS D 109 17.51 -44.58 -41.65
N PHE D 110 18.30 -43.65 -42.19
CA PHE D 110 17.92 -42.91 -43.38
C PHE D 110 18.78 -43.31 -44.56
N GLY D 111 18.20 -43.19 -45.75
CA GLY D 111 18.95 -43.44 -46.96
C GLY D 111 19.00 -42.20 -47.82
N PHE D 112 20.18 -41.60 -47.90
CA PHE D 112 20.35 -40.40 -48.69
C PHE D 112 21.00 -40.74 -50.01
N PRO D 113 20.67 -40.04 -51.07
CA PRO D 113 21.39 -40.24 -52.33
C PRO D 113 22.77 -39.62 -52.27
N ASP D 114 22.87 -38.44 -51.66
CA ASP D 114 24.13 -37.71 -51.55
C ASP D 114 24.92 -38.28 -50.40
N THR D 115 25.68 -39.33 -50.70
CA THR D 115 26.47 -40.02 -49.68
C THR D 115 27.89 -39.48 -49.60
N SER D 116 28.07 -38.20 -49.91
CA SER D 116 29.41 -37.64 -49.90
C SER D 116 29.81 -37.09 -48.53
N PHE D 117 28.84 -36.72 -47.69
CA PHE D 117 29.17 -36.16 -46.39
C PHE D 117 29.05 -37.20 -45.27
N TYR D 118 28.06 -38.09 -45.36
CA TYR D 118 27.90 -39.14 -44.36
C TYR D 118 28.82 -40.29 -44.74
N ASN D 119 30.00 -40.27 -44.17
CA ASN D 119 30.93 -41.35 -44.43
C ASN D 119 30.82 -42.39 -43.32
N PRO D 120 30.24 -43.56 -43.57
CA PRO D 120 29.96 -44.52 -42.49
C PRO D 120 31.15 -45.38 -42.10
N ASP D 121 32.36 -45.08 -42.59
CA ASP D 121 33.54 -45.73 -42.07
C ASP D 121 33.81 -45.25 -40.66
N THR D 122 33.83 -43.94 -40.46
CA THR D 122 34.23 -43.36 -39.19
C THR D 122 33.18 -42.53 -38.50
N GLN D 123 32.13 -42.08 -39.19
CA GLN D 123 31.27 -41.10 -38.58
C GLN D 123 29.85 -41.63 -38.45
N ARG D 124 29.10 -41.00 -37.53
CA ARG D 124 27.73 -41.34 -37.26
C ARG D 124 26.92 -40.05 -37.26
N LEU D 125 25.60 -40.17 -37.08
CA LEU D 125 24.70 -39.02 -37.15
C LEU D 125 23.90 -38.88 -35.87
N VAL D 126 23.59 -37.63 -35.53
CA VAL D 126 22.79 -37.32 -34.36
C VAL D 126 22.11 -35.97 -34.57
N TRP D 127 20.86 -35.88 -34.14
CA TRP D 127 20.10 -34.65 -34.26
C TRP D 127 20.60 -33.61 -33.29
N ALA D 128 20.16 -32.38 -33.50
CA ALA D 128 20.24 -31.34 -32.49
C ALA D 128 18.95 -30.56 -32.50
N CYS D 129 18.61 -30.00 -31.35
CA CYS D 129 17.46 -29.13 -31.22
C CYS D 129 17.90 -27.70 -31.47
N VAL D 130 17.12 -26.95 -32.24
CA VAL D 130 17.53 -25.59 -32.56
C VAL D 130 16.33 -24.67 -32.39
N GLY D 131 15.15 -25.25 -32.17
CA GLY D 131 13.97 -24.45 -31.92
C GLY D 131 12.87 -25.29 -31.30
N LEU D 132 11.82 -24.60 -30.87
CA LEU D 132 10.68 -25.22 -30.22
C LEU D 132 9.55 -24.22 -30.17
N GLU D 133 8.32 -24.72 -30.16
CA GLU D 133 7.16 -23.87 -29.95
C GLU D 133 6.04 -24.70 -29.36
N ILE D 134 5.48 -24.25 -28.24
CA ILE D 134 4.41 -24.95 -27.57
C ILE D 134 3.18 -24.06 -27.60
N GLY D 135 2.14 -24.50 -28.28
CA GLY D 135 0.94 -23.72 -28.39
C GLY D 135 -0.16 -24.19 -27.45
N ARG D 136 -1.18 -23.35 -27.32
CA ARG D 136 -2.37 -23.68 -26.56
C ARG D 136 -3.57 -23.21 -27.36
N GLY D 137 -4.72 -23.82 -27.09
CA GLY D 137 -5.92 -23.50 -27.82
C GLY D 137 -7.19 -23.38 -27.00
N GLN D 138 -7.08 -22.93 -25.74
CA GLN D 138 -8.26 -22.70 -24.94
C GLN D 138 -8.22 -21.30 -24.36
N PRO D 139 -9.37 -20.70 -24.08
CA PRO D 139 -9.40 -19.35 -23.52
C PRO D 139 -8.79 -19.26 -22.13
N LEU D 140 -8.48 -18.04 -21.75
CA LEU D 140 -7.83 -17.79 -20.47
C LEU D 140 -8.87 -17.85 -19.37
N GLY D 141 -8.77 -18.85 -18.51
CA GLY D 141 -9.73 -18.99 -17.45
C GLY D 141 -9.21 -19.79 -16.26
N VAL D 142 -9.43 -19.28 -15.07
CA VAL D 142 -8.82 -19.82 -13.86
C VAL D 142 -9.88 -20.59 -13.08
N GLY D 143 -9.47 -21.73 -12.52
CA GLY D 143 -10.41 -22.59 -11.82
C GLY D 143 -10.17 -22.75 -10.34
N VAL D 144 -11.19 -23.23 -9.63
CA VAL D 144 -11.21 -23.27 -8.19
C VAL D 144 -11.21 -24.75 -7.77
N SER D 145 -10.72 -25.01 -6.56
CA SER D 145 -10.82 -26.34 -5.97
C SER D 145 -11.38 -26.19 -4.56
N GLY D 146 -12.00 -27.27 -4.07
CA GLY D 146 -12.69 -27.17 -2.80
C GLY D 146 -12.77 -28.42 -1.95
N HIS D 147 -12.42 -28.28 -0.68
CA HIS D 147 -12.57 -29.34 0.29
C HIS D 147 -13.92 -29.23 0.99
N PRO D 148 -14.55 -30.35 1.31
CA PRO D 148 -15.84 -30.29 2.02
C PRO D 148 -15.74 -30.35 3.53
N TYR D 149 -14.57 -30.66 4.09
CA TYR D 149 -14.42 -30.79 5.55
C TYR D 149 -13.17 -30.08 6.02
N LEU D 150 -12.97 -28.85 5.56
CA LEU D 150 -11.73 -28.13 5.84
C LEU D 150 -11.73 -27.64 7.28
N ASN D 151 -10.54 -27.49 7.84
CA ASN D 151 -10.38 -27.16 9.25
C ASN D 151 -10.42 -25.65 9.51
N LYS D 152 -11.44 -24.97 9.00
CA LYS D 152 -11.58 -23.54 9.25
C LYS D 152 -12.21 -23.38 10.63
N PHE D 153 -11.38 -23.21 11.65
CA PHE D 153 -11.95 -23.06 12.98
C PHE D 153 -12.55 -21.69 13.19
N ASP D 154 -11.71 -20.66 13.19
CA ASP D 154 -12.17 -19.30 13.42
C ASP D 154 -11.76 -18.40 12.27
N ASP D 155 -12.02 -17.11 12.42
CA ASP D 155 -11.62 -16.10 11.46
C ASP D 155 -10.78 -15.07 12.19
N THR D 156 -9.55 -14.87 11.72
CA THR D 156 -8.55 -14.18 12.53
C THR D 156 -8.02 -12.95 11.81
N GLU D 157 -8.90 -12.17 11.22
CA GLU D 157 -8.53 -10.91 10.61
C GLU D 157 -9.37 -9.74 11.05
N THR D 158 -10.63 -9.98 11.40
CA THR D 158 -11.53 -8.92 11.82
C THR D 158 -11.98 -9.05 13.27
N SER D 159 -12.56 -10.19 13.64
CA SER D 159 -13.10 -10.35 14.98
C SER D 159 -13.01 -11.82 15.38
N ASN D 160 -12.16 -12.13 16.35
CA ASN D 160 -12.17 -13.42 17.03
C ASN D 160 -12.41 -13.10 18.49
N ARG D 161 -13.68 -12.90 18.83
CA ARG D 161 -14.04 -12.38 20.14
C ARG D 161 -14.00 -13.50 21.17
N TYR D 162 -13.30 -13.23 22.28
CA TYR D 162 -13.33 -14.14 23.41
C TYR D 162 -14.74 -14.19 24.01
N PRO D 163 -15.17 -15.36 24.52
CA PRO D 163 -14.47 -16.62 24.73
C PRO D 163 -14.51 -17.53 23.51
N ALA D 164 -14.08 -18.77 23.71
CA ALA D 164 -14.18 -19.79 22.68
C ALA D 164 -15.62 -20.23 22.50
N GLN D 165 -15.93 -20.68 21.28
CA GLN D 165 -17.17 -21.41 21.04
C GLN D 165 -16.82 -22.89 20.96
N PRO D 166 -17.19 -23.70 21.95
CA PRO D 166 -16.74 -25.09 21.99
C PRO D 166 -17.60 -26.00 21.10
N GLY D 167 -17.15 -27.24 20.98
CA GLY D 167 -17.75 -28.22 20.11
C GLY D 167 -16.65 -29.07 19.52
N SER D 168 -16.82 -30.39 19.52
CA SER D 168 -15.74 -31.28 19.12
C SER D 168 -15.74 -31.60 17.63
N ASP D 169 -16.44 -30.80 16.83
CA ASP D 169 -16.24 -30.81 15.37
C ASP D 169 -16.64 -29.46 14.82
N ASN D 170 -15.75 -28.86 14.05
CA ASN D 170 -16.06 -27.58 13.41
C ASN D 170 -15.62 -27.54 11.95
N ARG D 171 -15.31 -28.68 11.34
CA ARG D 171 -14.91 -28.72 9.95
C ARG D 171 -16.09 -28.38 9.05
N GLU D 172 -15.79 -27.86 7.87
CA GLU D 172 -16.83 -27.42 6.96
C GLU D 172 -16.31 -27.31 5.54
N CYS D 173 -17.20 -26.94 4.64
CA CYS D 173 -16.94 -26.89 3.21
C CYS D 173 -16.48 -25.50 2.79
N LEU D 174 -15.38 -25.46 2.04
CA LEU D 174 -14.79 -24.21 1.59
C LEU D 174 -14.04 -24.46 0.29
N SER D 175 -13.60 -23.37 -0.35
CA SER D 175 -12.93 -23.46 -1.64
C SER D 175 -12.15 -22.17 -1.86
N MET D 176 -11.08 -22.26 -2.66
CA MET D 176 -10.24 -21.09 -2.90
C MET D 176 -9.45 -21.24 -4.19
N ASP D 177 -8.84 -20.14 -4.61
CA ASP D 177 -8.01 -20.04 -5.79
C ASP D 177 -6.59 -20.49 -5.47
N TYR D 178 -5.78 -20.69 -6.52
CA TYR D 178 -4.44 -21.24 -6.37
C TYR D 178 -3.34 -20.29 -6.84
N LYS D 179 -2.13 -20.61 -6.39
CA LYS D 179 -0.92 -19.88 -6.74
C LYS D 179 -0.66 -20.09 -8.23
N GLN D 180 -0.81 -19.05 -9.02
CA GLN D 180 -0.79 -19.23 -10.46
C GLN D 180 0.65 -19.14 -10.95
N THR D 181 0.96 -19.89 -12.01
CA THR D 181 2.35 -20.14 -12.37
C THR D 181 2.45 -20.65 -13.80
N GLN D 182 3.68 -20.63 -14.30
CA GLN D 182 4.02 -21.13 -15.62
C GLN D 182 5.50 -21.49 -15.60
N LEU D 183 5.86 -22.65 -16.15
CA LEU D 183 7.26 -22.94 -16.38
C LEU D 183 7.38 -24.00 -17.49
N CYS D 184 8.58 -24.10 -18.05
CA CYS D 184 8.88 -25.14 -19.03
C CYS D 184 10.36 -25.49 -18.98
N LEU D 185 10.69 -26.78 -19.08
CA LEU D 185 12.05 -27.28 -19.10
C LEU D 185 12.21 -28.20 -20.30
N ILE D 186 13.39 -28.20 -20.91
CA ILE D 186 13.66 -29.11 -22.01
C ILE D 186 15.01 -29.76 -21.81
N GLY D 187 15.09 -31.07 -22.06
CA GLY D 187 16.35 -31.77 -21.86
C GLY D 187 16.29 -33.19 -22.39
N CYS D 188 17.48 -33.77 -22.56
CA CYS D 188 17.59 -35.14 -23.03
C CYS D 188 17.49 -36.17 -21.92
N LYS D 189 17.27 -35.73 -20.68
CA LYS D 189 17.04 -36.60 -19.54
C LYS D 189 15.81 -36.09 -18.82
N PRO D 190 15.04 -36.96 -18.16
CA PRO D 190 13.86 -36.49 -17.45
C PRO D 190 14.24 -35.65 -16.25
N PRO D 191 13.44 -34.64 -15.92
CA PRO D 191 13.83 -33.68 -14.89
C PRO D 191 13.76 -34.24 -13.48
N THR D 192 14.55 -33.63 -12.59
CA THR D 192 14.62 -34.03 -11.19
C THR D 192 13.79 -33.05 -10.36
N GLY D 193 13.18 -33.51 -9.27
CA GLY D 193 12.43 -32.61 -8.42
C GLY D 193 12.27 -33.15 -7.01
N GLU D 194 12.45 -32.31 -6.00
CA GLU D 194 12.44 -32.81 -4.63
C GLU D 194 11.09 -32.59 -3.96
N HIS D 195 10.94 -33.20 -2.80
CA HIS D 195 9.79 -32.98 -1.93
C HIS D 195 10.14 -33.36 -0.51
N TRP D 196 9.61 -32.61 0.45
CA TRP D 196 9.86 -32.84 1.85
C TRP D 196 9.04 -34.02 2.33
N GLY D 197 9.60 -34.78 3.27
CA GLY D 197 8.92 -35.99 3.66
C GLY D 197 9.37 -36.56 4.97
N LYS D 198 8.93 -37.79 5.22
CA LYS D 198 9.10 -38.49 6.48
C LYS D 198 10.51 -39.06 6.52
N GLY D 199 10.85 -39.76 7.59
CA GLY D 199 12.08 -40.53 7.63
C GLY D 199 12.18 -41.20 8.98
N VAL D 200 13.23 -41.98 9.14
CA VAL D 200 13.57 -42.44 10.48
C VAL D 200 14.09 -41.24 11.25
N ALA D 201 13.50 -40.99 12.42
CA ALA D 201 13.85 -39.84 13.22
C ALA D 201 15.28 -39.95 13.73
N CYS D 202 15.50 -40.90 14.63
CA CYS D 202 16.78 -40.99 15.32
C CYS D 202 16.88 -42.33 16.04
N ASN D 203 17.87 -42.44 16.91
CA ASN D 203 17.85 -43.52 17.89
C ASN D 203 16.89 -43.16 19.05
N ASN D 204 16.83 -44.05 20.02
CA ASN D 204 15.78 -44.01 21.03
C ASN D 204 16.32 -43.73 22.42
N ASN D 205 17.28 -42.80 22.55
CA ASN D 205 17.76 -42.46 23.88
C ASN D 205 16.92 -41.35 24.51
N ALA D 206 16.87 -40.19 23.88
CA ALA D 206 16.26 -39.01 24.46
C ALA D 206 14.74 -39.04 24.27
N ALA D 207 14.05 -38.44 25.23
CA ALA D 207 12.60 -38.47 25.31
C ALA D 207 12.06 -37.07 25.59
N ALA D 208 12.50 -36.11 24.78
CA ALA D 208 12.18 -34.71 25.04
C ALA D 208 10.73 -34.36 24.69
N THR D 209 10.39 -34.47 23.42
CA THR D 209 9.04 -34.18 22.96
C THR D 209 8.78 -35.03 21.71
N ASP D 210 7.53 -35.43 21.54
CA ASP D 210 7.13 -36.21 20.37
C ASP D 210 6.96 -35.22 19.24
N CYS D 211 7.82 -35.32 18.24
CA CYS D 211 7.76 -34.43 17.11
C CYS D 211 8.14 -35.23 15.88
N PRO D 212 7.50 -34.99 14.73
CA PRO D 212 7.81 -35.77 13.56
C PRO D 212 9.15 -35.35 12.99
N PRO D 213 9.88 -36.27 12.38
CA PRO D 213 11.15 -35.92 11.74
C PRO D 213 10.88 -35.30 10.38
N LEU D 214 11.94 -34.81 9.75
CA LEU D 214 11.82 -34.16 8.45
C LEU D 214 13.01 -34.51 7.59
N GLU D 215 12.75 -34.86 6.33
CA GLU D 215 13.80 -35.02 5.35
C GLU D 215 13.23 -34.87 3.95
N LEU D 216 13.92 -34.06 3.13
CA LEU D 216 13.56 -33.88 1.73
C LEU D 216 14.07 -35.07 0.91
N PHE D 217 13.39 -35.32 -0.21
CA PHE D 217 13.68 -36.50 -1.01
C PHE D 217 13.80 -36.11 -2.48
N ASN D 218 14.93 -36.43 -3.08
CA ASN D 218 15.15 -36.20 -4.51
C ASN D 218 14.65 -37.39 -5.28
N SER D 219 13.86 -37.14 -6.33
CA SER D 219 13.35 -38.21 -7.18
C SER D 219 13.10 -37.71 -8.59
N ILE D 220 12.36 -38.48 -9.39
CA ILE D 220 12.06 -38.14 -10.77
C ILE D 220 10.63 -37.60 -10.82
N ILE D 221 10.40 -36.62 -11.69
CA ILE D 221 9.10 -35.98 -11.82
C ILE D 221 8.26 -36.80 -12.78
N GLU D 222 7.40 -37.65 -12.24
CA GLU D 222 6.50 -38.42 -13.09
C GLU D 222 5.28 -37.60 -13.44
N ASP D 223 4.66 -37.94 -14.57
CA ASP D 223 3.46 -37.24 -15.00
C ASP D 223 2.29 -37.61 -14.11
N GLY D 224 1.36 -36.67 -13.98
CA GLY D 224 0.22 -36.83 -13.11
C GLY D 224 0.45 -36.27 -11.72
N ASP D 225 1.70 -35.93 -11.40
CA ASP D 225 1.98 -35.38 -10.09
C ASP D 225 1.53 -33.93 -10.06
N MET D 226 1.31 -33.41 -8.85
CA MET D 226 0.80 -32.06 -8.74
C MET D 226 1.90 -31.09 -8.37
N VAL D 227 1.80 -29.88 -8.91
CA VAL D 227 2.78 -28.84 -8.63
C VAL D 227 2.59 -28.33 -7.21
N ASP D 228 3.60 -27.63 -6.69
CA ASP D 228 3.38 -26.86 -5.49
C ASP D 228 2.33 -25.80 -5.76
N THR D 229 1.50 -25.56 -4.74
CA THR D 229 0.35 -24.69 -4.96
C THR D 229 0.17 -23.70 -3.83
N GLY D 230 1.16 -23.52 -2.97
CA GLY D 230 1.08 -22.55 -1.91
C GLY D 230 0.89 -23.13 -0.53
N PHE D 231 1.22 -24.40 -0.32
CA PHE D 231 1.20 -24.99 1.00
C PHE D 231 2.44 -25.81 1.29
N GLY D 232 3.58 -25.42 0.72
CA GLY D 232 4.82 -26.06 1.01
C GLY D 232 5.03 -27.35 0.21
N CYS D 233 6.28 -27.58 -0.14
CA CYS D 233 6.63 -28.69 -1.02
C CYS D 233 6.86 -29.97 -0.21
N MET D 234 5.76 -30.57 0.21
CA MET D 234 5.79 -31.75 1.06
C MET D 234 4.78 -32.79 0.59
N ASP D 235 4.95 -34.01 1.10
CA ASP D 235 3.89 -35.00 1.08
C ASP D 235 2.74 -34.49 1.93
N PHE D 236 1.53 -34.82 1.55
CA PHE D 236 0.37 -34.52 2.39
C PHE D 236 -0.35 -35.78 2.84
N GLY D 237 -0.04 -36.93 2.25
CA GLY D 237 -0.67 -38.15 2.70
C GLY D 237 -0.10 -38.66 4.00
N THR D 238 1.22 -38.67 4.13
CA THR D 238 1.89 -39.30 5.27
C THR D 238 2.30 -38.31 6.35
N LEU D 239 2.59 -37.06 6.00
CA LEU D 239 3.01 -36.11 7.02
C LEU D 239 1.82 -35.47 7.70
N GLN D 240 0.70 -35.38 7.01
CA GLN D 240 -0.52 -35.05 7.72
C GLN D 240 -1.34 -36.31 7.96
N ALA D 241 -2.27 -36.20 8.88
CA ALA D 241 -3.05 -37.36 9.23
C ALA D 241 -4.54 -37.19 8.99
N ASN D 242 -5.10 -36.05 9.35
CA ASN D 242 -6.55 -35.90 9.34
C ASN D 242 -7.10 -35.63 7.95
N LYS D 243 -6.22 -35.50 6.95
CA LYS D 243 -6.52 -35.26 5.52
C LYS D 243 -7.58 -34.18 5.29
N SER D 244 -7.56 -33.14 6.13
CA SER D 244 -8.60 -32.13 6.09
C SER D 244 -8.03 -30.72 6.23
N ASP D 245 -6.89 -30.44 5.60
CA ASP D 245 -6.26 -29.13 5.66
C ASP D 245 -6.01 -28.52 4.29
N VAL D 246 -5.88 -29.34 3.26
CA VAL D 246 -5.71 -28.85 1.89
C VAL D 246 -6.95 -29.29 1.13
N PRO D 247 -7.23 -28.75 -0.05
CA PRO D 247 -8.37 -29.26 -0.83
C PRO D 247 -8.11 -30.65 -1.37
N ILE D 248 -9.16 -31.19 -2.01
CA ILE D 248 -9.26 -32.64 -2.19
C ILE D 248 -8.29 -33.14 -3.24
N ASP D 249 -7.79 -32.28 -4.10
CA ASP D 249 -6.89 -32.73 -5.15
C ASP D 249 -5.46 -32.87 -4.66
N ILE D 250 -5.19 -32.58 -3.39
CA ILE D 250 -3.82 -32.61 -2.89
C ILE D 250 -3.75 -33.68 -1.80
N CYS D 251 -4.88 -33.94 -1.14
CA CYS D 251 -4.93 -34.67 0.14
C CYS D 251 -4.46 -36.12 0.04
N ASN D 252 -4.12 -36.62 -1.13
CA ASN D 252 -3.41 -37.88 -1.27
C ASN D 252 -2.31 -37.73 -2.31
N SER D 253 -1.55 -36.64 -2.24
CA SER D 253 -0.56 -36.39 -3.27
C SER D 253 0.77 -35.93 -2.71
N THR D 254 1.77 -35.79 -3.57
CA THR D 254 3.15 -35.44 -3.19
C THR D 254 3.58 -34.25 -4.04
N CYS D 255 3.34 -33.05 -3.54
CA CYS D 255 3.58 -31.84 -4.32
C CYS D 255 5.08 -31.60 -4.43
N LYS D 256 5.68 -32.06 -5.51
CA LYS D 256 7.10 -31.88 -5.70
C LYS D 256 7.39 -30.46 -6.21
N TYR D 257 8.65 -30.18 -6.43
CA TYR D 257 9.08 -28.88 -6.91
C TYR D 257 10.39 -29.07 -7.65
N PRO D 258 10.57 -28.44 -8.81
CA PRO D 258 11.76 -28.71 -9.63
C PRO D 258 13.00 -28.12 -8.98
N ASP D 259 13.98 -28.97 -8.72
CA ASP D 259 15.24 -28.54 -8.14
C ASP D 259 16.00 -27.70 -9.15
N TYR D 260 15.90 -26.39 -9.01
CA TYR D 260 16.68 -25.52 -9.87
C TYR D 260 18.15 -25.51 -9.51
N LEU D 261 18.54 -26.06 -8.37
CA LEU D 261 19.92 -25.91 -7.94
C LEU D 261 20.76 -27.12 -8.30
N LYS D 262 20.28 -28.33 -8.01
CA LYS D 262 21.06 -29.51 -8.32
C LYS D 262 21.09 -29.77 -9.82
N MET D 263 19.98 -29.55 -10.50
CA MET D 263 19.93 -29.71 -11.94
C MET D 263 20.77 -28.66 -12.65
N ALA D 264 20.97 -27.50 -12.03
CA ALA D 264 21.94 -26.57 -12.58
C ALA D 264 23.37 -27.06 -12.37
N SER D 265 23.63 -27.73 -11.26
CA SER D 265 24.97 -28.14 -10.91
C SER D 265 25.26 -29.59 -11.27
N GLU D 266 24.53 -30.14 -12.23
CA GLU D 266 24.85 -31.45 -12.73
C GLU D 266 26.17 -31.38 -13.52
N PRO D 267 27.07 -32.35 -13.31
CA PRO D 267 28.43 -32.21 -13.88
C PRO D 267 28.48 -32.33 -15.39
N TYR D 268 27.54 -33.01 -16.02
CA TYR D 268 27.55 -33.04 -17.48
C TYR D 268 26.65 -31.96 -18.06
N GLY D 269 25.58 -31.62 -17.38
CA GLY D 269 24.71 -30.56 -17.83
C GLY D 269 23.92 -30.97 -19.05
N ASP D 270 23.09 -31.99 -18.91
CA ASP D 270 22.28 -32.48 -20.01
C ASP D 270 20.87 -32.76 -19.55
N SER D 271 20.48 -32.16 -18.42
CA SER D 271 19.11 -32.25 -17.97
C SER D 271 18.36 -30.94 -18.21
N LEU D 272 19.07 -29.84 -18.44
CA LEU D 272 18.45 -28.54 -18.67
C LEU D 272 19.13 -27.90 -19.87
N PHE D 273 18.45 -27.92 -21.01
CA PHE D 273 18.89 -27.07 -22.10
C PHE D 273 18.62 -25.61 -21.79
N PHE D 274 17.43 -25.31 -21.29
CA PHE D 274 16.86 -23.97 -21.35
C PHE D 274 15.62 -23.96 -20.48
N PHE D 275 15.41 -22.95 -19.65
CA PHE D 275 14.25 -23.00 -18.78
C PHE D 275 13.69 -21.63 -18.49
N LEU D 276 12.37 -21.54 -18.38
CA LEU D 276 11.68 -20.30 -18.13
C LEU D 276 10.72 -20.50 -16.97
N ARG D 277 10.42 -19.41 -16.27
CA ARG D 277 9.44 -19.48 -15.20
C ARG D 277 8.92 -18.08 -14.92
N ARG D 278 7.70 -18.03 -14.39
CA ARG D 278 7.04 -16.79 -14.00
C ARG D 278 5.85 -17.14 -13.14
N GLU D 279 5.77 -16.56 -11.94
CA GLU D 279 4.68 -16.87 -11.03
C GLU D 279 4.46 -15.73 -10.05
N GLN D 280 3.24 -15.67 -9.51
CA GLN D 280 2.88 -14.69 -8.49
C GLN D 280 1.73 -15.23 -7.66
N MET D 281 1.69 -14.83 -6.39
CA MET D 281 0.60 -15.15 -5.48
C MET D 281 0.59 -14.12 -4.36
N PHE D 282 -0.55 -14.01 -3.69
CA PHE D 282 -0.70 -13.11 -2.55
C PHE D 282 -1.88 -13.57 -1.72
N VAL D 283 -1.84 -13.23 -0.43
CA VAL D 283 -2.79 -13.81 0.51
C VAL D 283 -4.18 -13.23 0.30
N ARG D 284 -5.18 -13.98 0.72
CA ARG D 284 -6.57 -13.59 0.57
C ARG D 284 -7.28 -13.43 1.90
N HIS D 285 -7.21 -14.44 2.75
CA HIS D 285 -7.87 -14.41 4.04
C HIS D 285 -6.96 -15.04 5.07
N PHE D 286 -7.42 -15.07 6.31
CA PHE D 286 -6.68 -15.63 7.43
C PHE D 286 -7.64 -16.52 8.21
N PHE D 287 -7.29 -17.77 8.40
CA PHE D 287 -8.06 -18.64 9.28
C PHE D 287 -7.10 -19.25 10.28
N ASN D 288 -7.58 -20.23 11.03
CA ASN D 288 -6.73 -20.94 11.97
C ASN D 288 -7.23 -22.36 12.15
N ARG D 289 -6.31 -23.25 12.49
CA ARG D 289 -6.67 -24.65 12.66
C ARG D 289 -7.32 -24.86 14.02
N ALA D 290 -7.70 -26.11 14.29
CA ALA D 290 -8.35 -26.47 15.55
C ALA D 290 -7.74 -27.77 16.05
N GLY D 291 -7.00 -27.68 17.15
CA GLY D 291 -6.50 -28.87 17.80
C GLY D 291 -5.56 -28.48 18.92
N LYS D 292 -5.08 -29.50 19.61
CA LYS D 292 -4.09 -29.27 20.66
C LYS D 292 -2.76 -28.97 20.00
N LEU D 293 -2.32 -27.72 20.10
CA LEU D 293 -0.99 -27.34 19.64
C LEU D 293 0.04 -28.03 20.53
N GLY D 294 0.69 -29.05 19.98
CA GLY D 294 1.56 -29.93 20.75
C GLY D 294 2.77 -29.27 21.36
N GLU D 295 3.24 -28.19 20.75
CA GLU D 295 4.35 -27.43 21.32
C GLU D 295 3.77 -26.27 22.11
N ALA D 296 4.11 -26.17 23.38
CA ALA D 296 3.48 -25.20 24.25
C ALA D 296 3.97 -23.78 23.95
N VAL D 297 3.08 -22.82 24.13
CA VAL D 297 3.46 -21.41 24.04
C VAL D 297 3.88 -20.95 25.43
N PRO D 298 5.07 -20.37 25.57
CA PRO D 298 5.58 -20.06 26.91
C PRO D 298 4.81 -18.94 27.59
N ASP D 299 4.79 -19.00 28.92
CA ASP D 299 4.14 -17.97 29.73
C ASP D 299 4.94 -16.68 29.77
N ASP D 300 6.19 -16.71 29.34
CA ASP D 300 7.04 -15.52 29.32
C ASP D 300 6.54 -14.48 28.35
N LEU D 301 6.14 -14.88 27.16
CA LEU D 301 5.90 -13.96 26.05
C LEU D 301 4.58 -13.23 26.18
N TYR D 302 3.74 -13.60 27.14
CA TYR D 302 2.43 -12.98 27.23
C TYR D 302 2.00 -12.92 28.68
N ILE D 303 1.25 -11.89 29.02
CA ILE D 303 0.71 -11.73 30.36
C ILE D 303 -0.41 -12.72 30.54
N LYS D 304 -0.38 -13.48 31.64
CA LYS D 304 -1.42 -14.45 31.90
C LYS D 304 -2.75 -13.76 32.20
N GLY D 305 -3.83 -14.35 31.72
CA GLY D 305 -5.14 -13.78 31.92
C GLY D 305 -6.14 -14.78 32.46
N SER D 306 -7.30 -14.31 32.88
CA SER D 306 -8.31 -15.16 33.49
C SER D 306 -9.68 -14.59 33.18
N GLY D 307 -10.66 -15.02 33.98
CA GLY D 307 -12.03 -14.55 33.81
C GLY D 307 -12.69 -15.18 32.61
N ASN D 308 -12.91 -14.38 31.56
CA ASN D 308 -13.37 -14.93 30.30
C ASN D 308 -12.22 -15.55 29.53
N THR D 309 -10.99 -15.28 29.96
CA THR D 309 -9.76 -15.66 29.26
C THR D 309 -8.99 -16.74 30.00
N ALA D 310 -9.67 -17.74 30.54
CA ALA D 310 -8.99 -18.79 31.30
C ALA D 310 -8.36 -19.84 30.42
N VAL D 311 -8.84 -20.03 29.20
CA VAL D 311 -8.33 -21.05 28.29
C VAL D 311 -7.70 -20.35 27.10
N ILE D 312 -6.41 -20.60 26.88
CA ILE D 312 -5.66 -19.96 25.81
C ILE D 312 -6.09 -20.58 24.49
N GLN D 313 -6.05 -19.80 23.42
CA GLN D 313 -6.49 -20.26 22.12
C GLN D 313 -5.33 -20.80 21.29
N SER D 314 -5.61 -21.10 20.03
CA SER D 314 -4.61 -21.67 19.14
C SER D 314 -3.73 -20.58 18.57
N SER D 315 -2.53 -20.98 18.19
CA SER D 315 -1.63 -20.11 17.45
C SER D 315 -1.27 -20.78 16.13
N ALA D 316 -2.16 -21.62 15.63
CA ALA D 316 -1.94 -22.37 14.39
C ALA D 316 -2.79 -21.76 13.29
N PHE D 317 -2.26 -20.72 12.65
CA PHE D 317 -2.92 -20.07 11.54
C PHE D 317 -2.49 -20.71 10.23
N PHE D 318 -3.22 -20.39 9.17
CA PHE D 318 -2.78 -20.68 7.83
C PHE D 318 -3.44 -19.68 6.90
N PRO D 319 -2.73 -19.20 5.91
CA PRO D 319 -3.35 -18.26 4.96
C PRO D 319 -3.94 -19.02 3.79
N THR D 320 -4.58 -18.32 2.86
CA THR D 320 -5.06 -18.94 1.63
C THR D 320 -4.48 -18.20 0.44
N PRO D 321 -3.88 -18.88 -0.51
CA PRO D 321 -3.34 -18.20 -1.68
C PRO D 321 -4.43 -17.88 -2.67
N SER D 322 -4.11 -16.97 -3.57
CA SER D 322 -5.02 -16.55 -4.63
C SER D 322 -4.21 -15.82 -5.69
N GLY D 323 -4.29 -16.33 -6.90
CA GLY D 323 -3.64 -15.69 -8.01
C GLY D 323 -4.40 -14.46 -8.44
N SER D 324 -3.66 -13.42 -8.78
CA SER D 324 -4.27 -12.18 -9.23
C SER D 324 -4.67 -12.26 -10.70
N ILE D 325 -4.91 -11.10 -11.30
CA ILE D 325 -5.33 -11.00 -12.70
C ILE D 325 -4.35 -11.71 -13.63
N VAL D 326 -4.89 -12.40 -14.60
CA VAL D 326 -4.10 -13.12 -15.57
C VAL D 326 -4.32 -12.43 -16.93
N THR D 327 -3.24 -11.91 -17.47
CA THR D 327 -3.35 -11.23 -18.75
C THR D 327 -3.03 -12.17 -19.88
N SER D 328 -3.13 -11.65 -21.10
CA SER D 328 -2.56 -12.28 -22.27
C SER D 328 -1.32 -11.55 -22.73
N GLU D 329 -0.93 -10.51 -22.01
CA GLU D 329 0.35 -9.87 -22.29
C GLU D 329 1.52 -10.68 -21.78
N SER D 330 1.43 -11.21 -20.56
CA SER D 330 2.53 -11.93 -19.93
C SER D 330 2.47 -13.42 -20.17
N GLN D 331 1.94 -13.85 -21.30
CA GLN D 331 1.91 -15.27 -21.58
C GLN D 331 3.29 -15.78 -21.96
N LEU D 332 3.45 -17.10 -21.87
CA LEU D 332 4.70 -17.73 -22.20
C LEU D 332 4.61 -18.74 -23.33
N PHE D 333 3.50 -18.79 -24.04
CA PHE D 333 3.34 -19.75 -25.12
C PHE D 333 3.02 -19.02 -26.42
N ASN D 334 2.85 -19.79 -27.49
CA ASN D 334 2.63 -19.32 -28.86
C ASN D 334 3.73 -18.40 -29.34
N LYS D 335 4.94 -18.62 -28.87
CA LYS D 335 6.12 -17.87 -29.26
C LYS D 335 7.26 -18.84 -29.52
N PRO D 336 8.05 -18.61 -30.54
CA PRO D 336 9.21 -19.45 -30.77
C PRO D 336 10.30 -19.19 -29.76
N TYR D 337 11.28 -20.08 -29.71
CA TYR D 337 12.42 -19.95 -28.82
C TYR D 337 13.63 -20.56 -29.51
N TRP D 338 14.63 -19.73 -29.79
CA TRP D 338 15.79 -20.22 -30.52
C TRP D 338 16.95 -20.46 -29.58
N LEU D 339 17.48 -21.68 -29.59
CA LEU D 339 18.62 -22.00 -28.74
C LEU D 339 19.92 -21.69 -29.45
N GLN D 340 20.36 -20.46 -29.35
CA GLN D 340 21.65 -20.10 -29.92
C GLN D 340 22.80 -20.61 -29.09
N ARG D 341 22.65 -20.64 -27.76
CA ARG D 341 23.62 -21.26 -26.87
C ARG D 341 22.87 -21.64 -25.59
N ALA D 342 22.84 -22.93 -25.30
CA ALA D 342 22.23 -23.39 -24.08
C ALA D 342 23.08 -23.04 -22.88
N GLN D 343 22.51 -23.20 -21.69
CA GLN D 343 23.26 -22.87 -20.49
C GLN D 343 24.22 -23.97 -20.08
N GLY D 344 23.90 -25.23 -20.38
CA GLY D 344 24.73 -26.33 -19.96
C GLY D 344 25.90 -26.54 -20.90
N HIS D 345 26.57 -27.68 -20.70
CA HIS D 345 27.61 -28.10 -21.62
C HIS D 345 27.02 -28.80 -22.84
N ASN D 346 25.99 -29.60 -22.67
CA ASN D 346 25.38 -30.31 -23.78
C ASN D 346 24.59 -29.30 -24.59
N ASN D 347 25.26 -28.69 -25.57
CA ASN D 347 24.70 -27.56 -26.30
C ASN D 347 23.61 -28.00 -27.26
N GLY D 348 22.47 -28.42 -26.72
CA GLY D 348 21.31 -28.76 -27.49
C GLY D 348 21.28 -30.17 -28.04
N ILE D 349 22.41 -30.88 -28.00
CA ILE D 349 22.51 -32.17 -28.68
C ILE D 349 21.68 -33.21 -27.95
N CYS D 350 20.89 -33.96 -28.69
CA CYS D 350 20.00 -34.95 -28.11
C CYS D 350 20.68 -36.31 -28.20
N TRP D 351 21.28 -36.74 -27.11
CA TRP D 351 21.65 -38.14 -27.02
C TRP D 351 20.40 -38.97 -26.83
N GLY D 352 20.48 -40.25 -27.20
CA GLY D 352 19.43 -41.19 -26.91
C GLY D 352 18.21 -41.10 -27.79
N ASN D 353 18.17 -40.13 -28.70
CA ASN D 353 17.15 -39.96 -29.73
C ASN D 353 15.77 -39.75 -29.12
N GLN D 354 15.77 -39.09 -27.96
CA GLN D 354 14.52 -38.70 -27.33
C GLN D 354 14.77 -37.49 -26.45
N LEU D 355 13.76 -36.62 -26.37
CA LEU D 355 13.80 -35.46 -25.51
C LEU D 355 12.77 -35.61 -24.42
N PHE D 356 12.88 -34.75 -23.42
CA PHE D 356 11.89 -34.65 -22.37
C PHE D 356 11.49 -33.19 -22.26
N VAL D 357 10.26 -32.89 -22.60
CA VAL D 357 9.72 -31.55 -22.46
C VAL D 357 8.66 -31.61 -21.40
N THR D 358 8.79 -30.78 -20.38
CA THR D 358 7.78 -30.65 -19.35
C THR D 358 7.29 -29.21 -19.34
N VAL D 359 6.01 -29.05 -19.06
CA VAL D 359 5.35 -27.76 -19.13
C VAL D 359 4.15 -27.82 -18.19
N VAL D 360 3.88 -26.71 -17.51
CA VAL D 360 2.75 -26.65 -16.60
C VAL D 360 2.17 -25.25 -16.68
N ASP D 361 0.86 -25.17 -16.72
CA ASP D 361 0.19 -23.89 -16.74
C ASP D 361 -0.99 -23.94 -15.79
N THR D 362 -1.27 -22.81 -15.17
CA THR D 362 -2.43 -22.67 -14.31
C THR D 362 -3.35 -21.52 -14.71
N THR D 363 -3.10 -20.89 -15.85
CA THR D 363 -3.98 -19.81 -16.31
C THR D 363 -5.10 -20.34 -17.17
N ARG D 364 -4.99 -21.56 -17.66
CA ARG D 364 -5.91 -22.07 -18.65
C ARG D 364 -6.66 -23.23 -18.04
N SER D 365 -7.19 -23.02 -16.86
CA SER D 365 -7.68 -24.10 -16.03
C SER D 365 -9.17 -23.99 -15.76
N THR D 366 -9.96 -23.78 -16.81
CA THR D 366 -11.40 -23.74 -16.64
C THR D 366 -11.94 -25.11 -16.25
N ASN D 367 -13.14 -25.11 -15.68
CA ASN D 367 -13.81 -26.33 -15.28
C ASN D 367 -15.20 -26.31 -15.85
N MET D 368 -15.40 -27.07 -16.92
CA MET D 368 -16.70 -27.21 -17.52
C MET D 368 -17.61 -28.00 -16.60
N THR D 369 -18.78 -27.44 -16.32
CA THR D 369 -19.75 -28.06 -15.44
C THR D 369 -21.00 -28.41 -16.22
N LEU D 370 -21.32 -29.69 -16.27
CA LEU D 370 -22.46 -30.18 -17.01
C LEU D 370 -23.63 -30.47 -16.07
N CYS D 371 -24.84 -30.27 -16.57
CA CYS D 371 -26.05 -30.43 -15.76
C CYS D 371 -27.07 -31.22 -16.57
N THR D 372 -27.51 -32.36 -16.04
CA THR D 372 -28.57 -33.13 -16.68
C THR D 372 -29.69 -33.42 -15.69
N GLU D 373 -30.80 -33.92 -16.24
CA GLU D 373 -32.00 -34.23 -15.48
C GLU D 373 -32.45 -35.66 -15.80
N VAL D 374 -33.35 -36.18 -14.97
CA VAL D 374 -33.88 -37.52 -15.13
C VAL D 374 -35.37 -37.51 -15.48
N THR D 375 -36.13 -36.52 -15.02
CA THR D 375 -37.56 -36.42 -15.30
C THR D 375 -37.86 -35.04 -15.88
N LYS D 376 -39.02 -34.92 -16.53
CA LYS D 376 -39.49 -33.63 -17.00
C LYS D 376 -40.64 -33.16 -16.12
N GLU D 377 -40.42 -32.10 -15.35
CA GLU D 377 -41.41 -31.58 -14.42
C GLU D 377 -41.68 -30.12 -14.75
N GLY D 378 -42.93 -29.71 -14.59
CA GLY D 378 -43.33 -28.36 -14.94
C GLY D 378 -42.90 -27.28 -13.98
N THR D 379 -42.37 -27.64 -12.81
CA THR D 379 -41.91 -26.67 -11.84
C THR D 379 -40.45 -26.95 -11.47
N TYR D 380 -39.81 -25.97 -10.86
CA TYR D 380 -38.42 -26.12 -10.49
C TYR D 380 -38.30 -27.02 -9.26
N LYS D 381 -37.34 -27.94 -9.31
CA LYS D 381 -37.09 -28.84 -8.20
C LYS D 381 -35.61 -28.76 -7.85
N ASN D 382 -35.20 -29.53 -6.85
CA ASN D 382 -33.79 -29.73 -6.57
C ASN D 382 -33.35 -31.18 -6.63
N ASP D 383 -34.26 -32.13 -6.44
CA ASP D 383 -33.97 -33.56 -6.58
C ASP D 383 -34.13 -34.02 -8.02
N ASN D 384 -34.37 -33.10 -8.94
CA ASN D 384 -34.62 -33.44 -10.33
C ASN D 384 -33.39 -33.32 -11.21
N PHE D 385 -32.25 -32.92 -10.68
CA PHE D 385 -31.07 -32.73 -11.49
C PHE D 385 -29.84 -33.39 -10.87
N LYS D 386 -28.95 -33.84 -11.74
CA LYS D 386 -27.65 -34.35 -11.35
C LYS D 386 -26.62 -33.63 -12.20
N GLU D 387 -25.58 -33.11 -11.57
CA GLU D 387 -24.60 -32.28 -12.26
C GLU D 387 -23.23 -32.93 -12.20
N TYR D 388 -22.35 -32.55 -13.13
CA TYR D 388 -21.05 -33.18 -13.25
C TYR D 388 -20.00 -32.14 -13.61
N VAL D 389 -18.75 -32.40 -13.20
CA VAL D 389 -17.63 -31.53 -13.52
C VAL D 389 -16.68 -32.24 -14.45
N ARG D 390 -16.14 -31.50 -15.41
CA ARG D 390 -15.18 -32.01 -16.37
C ARG D 390 -14.17 -30.92 -16.67
N HIS D 391 -13.04 -31.31 -17.21
CA HIS D 391 -11.98 -30.37 -17.54
C HIS D 391 -11.30 -30.83 -18.82
N VAL D 392 -11.08 -29.90 -19.74
CA VAL D 392 -10.48 -30.25 -21.02
C VAL D 392 -9.10 -29.64 -21.09
N GLU D 393 -8.29 -30.13 -22.01
CA GLU D 393 -6.89 -29.76 -22.06
C GLU D 393 -6.36 -30.15 -23.43
N GLU D 394 -5.56 -29.27 -24.02
CA GLU D 394 -4.99 -29.54 -25.34
C GLU D 394 -3.57 -29.04 -25.35
N TYR D 395 -2.76 -29.58 -26.26
CA TYR D 395 -1.42 -29.06 -26.45
C TYR D 395 -1.04 -29.15 -27.91
N ASP D 396 0.14 -28.63 -28.25
CA ASP D 396 0.67 -28.73 -29.59
C ASP D 396 2.17 -28.51 -29.51
N LEU D 397 2.93 -29.30 -30.26
CA LEU D 397 4.37 -29.13 -30.26
C LEU D 397 4.82 -28.89 -31.69
N GLN D 398 5.70 -27.93 -31.88
CA GLN D 398 6.47 -27.83 -33.10
C GLN D 398 7.94 -27.92 -32.78
N PHE D 399 8.72 -28.36 -33.77
CA PHE D 399 10.15 -28.48 -33.57
C PHE D 399 10.83 -28.12 -34.87
N VAL D 400 12.10 -27.77 -34.77
CA VAL D 400 12.98 -27.73 -35.93
C VAL D 400 14.31 -28.31 -35.52
N PHE D 401 14.79 -29.31 -36.26
CA PHE D 401 15.98 -30.02 -35.86
C PHE D 401 17.07 -29.86 -36.91
N GLN D 402 18.30 -30.02 -36.46
CA GLN D 402 19.44 -29.94 -37.34
C GLN D 402 20.35 -31.12 -36.99
N LEU D 403 20.70 -31.91 -38.00
CA LEU D 403 21.53 -33.08 -37.77
C LEU D 403 23.00 -32.74 -38.04
N CYS D 404 23.87 -33.25 -37.17
CA CYS D 404 25.28 -32.97 -37.31
C CYS D 404 26.03 -34.27 -37.14
N LYS D 405 27.11 -34.40 -37.90
CA LYS D 405 27.90 -35.62 -37.89
C LYS D 405 28.96 -35.55 -36.81
N ILE D 406 29.32 -36.71 -36.30
CA ILE D 406 30.25 -36.83 -35.18
C ILE D 406 31.39 -37.73 -35.63
N THR D 407 32.60 -37.20 -35.67
CA THR D 407 33.75 -38.03 -35.98
C THR D 407 34.06 -38.89 -34.77
N LEU D 408 34.70 -40.04 -35.00
CA LEU D 408 34.94 -40.98 -33.93
C LEU D 408 36.40 -41.40 -34.01
N THR D 409 37.26 -40.69 -33.29
CA THR D 409 38.62 -41.14 -33.11
C THR D 409 38.63 -42.13 -31.96
N ALA D 410 39.80 -42.70 -31.67
CA ALA D 410 39.93 -43.49 -30.46
C ALA D 410 39.85 -42.62 -29.22
N GLU D 411 40.36 -41.39 -29.28
CA GLU D 411 40.30 -40.46 -28.16
C GLU D 411 38.86 -40.10 -27.85
N ILE D 412 38.03 -39.96 -28.88
CA ILE D 412 36.65 -39.57 -28.69
C ILE D 412 35.82 -40.71 -28.12
N MET D 413 36.05 -41.94 -28.58
CA MET D 413 35.20 -43.05 -28.18
C MET D 413 35.43 -43.46 -26.73
N THR D 414 36.52 -43.03 -26.11
CA THR D 414 36.61 -43.15 -24.66
C THR D 414 35.66 -42.18 -23.98
N TYR D 415 35.57 -40.95 -24.50
CA TYR D 415 34.86 -39.89 -23.82
C TYR D 415 33.37 -40.14 -23.83
N ILE D 416 32.86 -40.70 -24.93
CA ILE D 416 31.45 -41.03 -24.97
C ILE D 416 31.15 -42.24 -24.11
N HIS D 417 32.16 -43.09 -23.89
CA HIS D 417 31.91 -44.33 -23.15
C HIS D 417 31.68 -44.04 -21.67
N THR D 418 32.35 -43.03 -21.13
CA THR D 418 32.21 -42.80 -19.70
C THR D 418 30.97 -42.00 -19.34
N MET D 419 30.29 -41.39 -20.31
CA MET D 419 29.08 -40.64 -19.98
C MET D 419 27.92 -41.60 -19.72
N ASP D 420 27.57 -42.40 -20.72
CA ASP D 420 26.64 -43.49 -20.54
C ASP D 420 26.93 -44.54 -21.60
N SER D 421 26.99 -45.79 -21.17
CA SER D 421 27.43 -46.85 -22.07
C SER D 421 26.34 -47.31 -23.01
N ASN D 422 25.09 -46.96 -22.72
CA ASN D 422 23.97 -47.40 -23.55
C ASN D 422 23.95 -46.68 -24.89
N ILE D 423 24.57 -45.52 -24.99
CA ILE D 423 24.53 -44.77 -26.24
C ILE D 423 25.49 -45.38 -27.27
N LEU D 424 26.53 -46.05 -26.79
CA LEU D 424 27.45 -46.67 -27.74
C LEU D 424 26.97 -48.03 -28.18
N GLU D 425 26.14 -48.67 -27.37
CA GLU D 425 25.54 -49.96 -27.71
C GLU D 425 24.62 -49.88 -28.91
N ASP D 426 23.82 -48.81 -29.03
CA ASP D 426 22.78 -48.77 -30.06
C ASP D 426 23.35 -48.48 -31.44
N TRP D 427 24.40 -47.66 -31.52
CA TRP D 427 25.13 -47.50 -32.78
C TRP D 427 25.92 -48.75 -33.13
N GLN D 428 26.09 -49.67 -32.18
CA GLN D 428 26.73 -50.97 -32.38
C GLN D 428 28.17 -50.81 -32.85
N PHE D 429 28.98 -50.22 -31.97
CA PHE D 429 30.40 -49.99 -32.27
C PHE D 429 31.32 -50.76 -31.34
N GLY D 430 30.95 -50.98 -30.09
CA GLY D 430 31.75 -51.83 -29.25
C GLY D 430 31.05 -53.13 -28.90
N LEU D 431 31.46 -54.23 -29.55
CA LEU D 431 30.84 -55.54 -29.36
C LEU D 431 31.91 -56.62 -29.28
N THR D 432 31.47 -57.84 -28.98
CA THR D 432 32.28 -59.02 -28.77
C THR D 432 31.67 -60.19 -29.55
N PRO D 433 32.50 -61.16 -29.94
CA PRO D 433 31.94 -62.39 -30.50
C PRO D 433 31.50 -63.34 -29.40
N PRO D 434 30.24 -63.77 -29.40
CA PRO D 434 29.79 -64.77 -28.43
C PRO D 434 30.33 -66.15 -28.77
N PRO D 435 30.75 -66.92 -27.77
CA PRO D 435 31.42 -68.20 -28.03
C PRO D 435 30.46 -69.34 -28.33
N SER D 436 30.97 -70.57 -28.42
CA SER D 436 30.08 -71.71 -28.46
C SER D 436 29.62 -72.10 -29.84
N ALA D 437 30.55 -72.57 -30.67
CA ALA D 437 30.35 -72.91 -32.06
C ALA D 437 29.13 -73.74 -32.45
N SER D 438 28.96 -74.93 -31.89
CA SER D 438 27.81 -75.77 -32.21
C SER D 438 27.16 -76.26 -30.92
N LEU D 439 25.82 -76.31 -30.94
CA LEU D 439 25.06 -76.90 -29.86
C LEU D 439 24.54 -78.24 -30.33
N GLN D 440 23.69 -78.89 -29.52
CA GLN D 440 22.98 -80.09 -29.94
C GLN D 440 21.51 -80.05 -29.60
N ASP D 441 20.93 -78.87 -29.40
CA ASP D 441 19.61 -78.72 -28.83
C ASP D 441 18.53 -78.87 -29.90
N THR D 442 18.34 -80.09 -30.40
CA THR D 442 17.30 -80.31 -31.39
C THR D 442 16.74 -81.72 -31.23
N TYR D 443 15.43 -81.87 -31.42
CA TYR D 443 14.78 -83.15 -31.64
C TYR D 443 13.72 -82.99 -32.72
N ARG D 444 13.47 -84.08 -33.45
CA ARG D 444 12.47 -84.01 -34.52
C ARG D 444 11.07 -84.03 -33.93
N PHE D 445 10.85 -84.87 -32.93
CA PHE D 445 9.60 -84.88 -32.18
C PHE D 445 9.79 -84.12 -30.89
N VAL D 446 8.83 -83.27 -30.56
CA VAL D 446 8.96 -82.39 -29.41
C VAL D 446 8.10 -82.84 -28.22
N THR D 447 6.95 -83.46 -28.45
CA THR D 447 6.07 -83.91 -27.35
C THR D 447 6.13 -85.43 -27.31
N SER D 448 7.09 -85.97 -26.58
CA SER D 448 7.33 -87.41 -26.60
C SER D 448 7.76 -87.84 -25.20
N GLN D 449 8.33 -89.04 -25.10
CA GLN D 449 8.93 -89.51 -23.86
C GLN D 449 10.45 -89.60 -23.96
N ALA D 450 11.05 -88.79 -24.83
CA ALA D 450 12.49 -88.63 -24.90
C ALA D 450 12.79 -87.21 -24.46
N ILE D 451 12.14 -86.80 -23.39
CA ILE D 451 11.86 -85.40 -23.15
C ILE D 451 12.52 -84.96 -21.85
N THR D 452 12.86 -83.68 -21.77
CA THR D 452 13.30 -83.05 -20.53
C THR D 452 12.44 -81.86 -20.14
N CYS D 453 11.24 -81.72 -20.73
CA CYS D 453 10.27 -80.64 -20.46
C CYS D 453 10.88 -79.27 -20.78
N GLN D 454 11.09 -79.06 -22.07
CA GLN D 454 11.88 -77.93 -22.56
C GLN D 454 11.17 -76.60 -22.35
N LYS D 455 11.95 -75.60 -21.94
CA LYS D 455 11.46 -74.28 -21.60
C LYS D 455 12.27 -73.24 -22.38
N THR D 456 11.64 -72.10 -22.64
CA THR D 456 12.21 -71.03 -23.46
C THR D 456 11.64 -69.70 -22.96
N ALA D 457 11.59 -68.71 -23.87
CA ALA D 457 11.20 -67.30 -23.67
C ALA D 457 12.13 -66.55 -22.72
N PRO D 458 13.34 -66.18 -23.17
CA PRO D 458 14.19 -65.34 -22.34
C PRO D 458 13.72 -63.90 -22.36
N PRO D 459 13.95 -63.13 -21.28
CA PRO D 459 13.42 -61.76 -21.19
C PRO D 459 14.32 -60.69 -21.79
N LYS D 460 15.18 -61.08 -22.74
CA LYS D 460 16.21 -60.26 -23.41
C LYS D 460 15.83 -58.84 -23.88
N GLU D 461 14.59 -58.55 -24.40
CA GLU D 461 14.34 -57.15 -24.83
C GLU D 461 14.02 -56.15 -23.71
N LYS D 462 14.23 -56.51 -22.44
CA LYS D 462 13.92 -55.59 -21.35
C LYS D 462 15.22 -54.93 -20.88
N GLU D 463 15.43 -53.67 -21.31
CA GLU D 463 16.66 -52.95 -21.00
C GLU D 463 16.45 -51.52 -20.48
N ASP D 464 15.32 -50.88 -20.78
CA ASP D 464 15.13 -49.49 -20.34
C ASP D 464 14.65 -49.44 -18.90
N PRO D 465 15.35 -48.73 -18.00
CA PRO D 465 14.92 -48.69 -16.60
C PRO D 465 13.78 -47.73 -16.31
N LEU D 466 13.04 -47.30 -17.33
CA LEU D 466 12.10 -46.20 -17.20
C LEU D 466 10.65 -46.67 -17.09
N ASN D 467 10.41 -47.98 -17.16
CA ASN D 467 9.05 -48.48 -17.21
C ASN D 467 8.32 -48.42 -15.88
N LYS D 468 9.02 -48.14 -14.78
CA LYS D 468 8.34 -47.93 -13.52
C LYS D 468 7.63 -46.59 -13.44
N TYR D 469 7.81 -45.73 -14.44
CA TYR D 469 7.29 -44.36 -14.41
C TYR D 469 6.33 -44.17 -15.57
N THR D 470 5.38 -43.26 -15.37
CA THR D 470 4.36 -43.01 -16.37
C THR D 470 4.67 -41.68 -17.06
N PHE D 471 4.92 -41.75 -18.35
CA PHE D 471 5.11 -40.57 -19.15
C PHE D 471 3.97 -40.48 -20.16
N TRP D 472 3.77 -39.29 -20.70
CA TRP D 472 2.89 -39.13 -21.84
C TRP D 472 3.72 -39.27 -23.09
N GLU D 473 3.46 -40.30 -23.87
CA GLU D 473 4.23 -40.60 -25.05
C GLU D 473 3.60 -39.92 -26.25
N VAL D 474 4.43 -39.28 -27.06
CA VAL D 474 4.02 -38.67 -28.31
C VAL D 474 4.95 -39.17 -29.40
N ASN D 475 4.38 -39.68 -30.49
CA ASN D 475 5.16 -40.37 -31.51
C ASN D 475 5.58 -39.38 -32.58
N LEU D 476 6.88 -39.26 -32.77
CA LEU D 476 7.46 -38.43 -33.82
C LEU D 476 8.24 -39.24 -34.84
N LYS D 477 8.11 -40.57 -34.81
CA LYS D 477 8.92 -41.40 -35.68
C LYS D 477 8.45 -41.34 -37.12
N GLU D 478 7.25 -40.83 -37.36
CA GLU D 478 6.63 -40.94 -38.67
C GLU D 478 6.17 -39.60 -39.22
N LYS D 479 6.80 -38.50 -38.80
CA LYS D 479 6.30 -37.21 -39.24
C LYS D 479 7.39 -36.21 -39.57
N PHE D 480 8.60 -36.65 -39.93
CA PHE D 480 9.61 -35.68 -40.30
C PHE D 480 9.33 -35.12 -41.68
N SER D 481 9.96 -33.98 -41.98
CA SER D 481 9.89 -33.41 -43.32
C SER D 481 11.08 -32.50 -43.51
N ALA D 482 11.25 -32.03 -44.74
CA ALA D 482 12.37 -31.18 -45.09
C ALA D 482 11.98 -29.89 -45.77
N ASP D 483 10.88 -29.83 -46.48
CA ASP D 483 10.45 -28.61 -47.13
C ASP D 483 9.80 -27.77 -46.05
N LEU D 484 10.53 -26.78 -45.55
CA LEU D 484 10.06 -26.02 -44.39
C LEU D 484 8.86 -25.17 -44.72
N ASP D 485 8.78 -24.68 -45.94
CA ASP D 485 7.91 -23.56 -46.26
C ASP D 485 6.45 -23.96 -46.34
N GLN D 486 6.12 -25.25 -46.32
CA GLN D 486 4.74 -25.68 -46.18
C GLN D 486 4.36 -25.90 -44.72
N PHE D 487 5.02 -25.22 -43.80
CA PHE D 487 4.73 -25.50 -42.42
C PHE D 487 4.68 -24.21 -41.63
N PRO D 488 3.92 -24.15 -40.55
CA PRO D 488 3.69 -22.87 -39.88
C PRO D 488 4.83 -22.35 -39.02
N LEU D 489 6.03 -22.89 -39.15
CA LEU D 489 7.12 -22.39 -38.35
C LEU D 489 8.34 -21.99 -39.16
N GLY D 490 8.63 -22.66 -40.26
CA GLY D 490 9.83 -22.34 -41.01
C GLY D 490 9.79 -20.96 -41.64
N ARG D 491 8.59 -20.47 -41.93
CA ARG D 491 8.46 -19.10 -42.38
C ARG D 491 8.76 -18.13 -41.24
N LYS D 492 8.47 -18.52 -40.00
CA LYS D 492 8.96 -17.76 -38.87
C LYS D 492 10.39 -18.10 -38.53
N PHE D 493 10.98 -19.07 -39.21
CA PHE D 493 12.36 -19.43 -38.96
C PHE D 493 13.31 -18.91 -40.02
N LEU D 494 12.91 -18.95 -41.29
CA LEU D 494 13.81 -18.52 -42.35
C LEU D 494 14.08 -17.03 -42.34
N LEU D 495 13.16 -16.24 -41.77
CA LEU D 495 13.49 -14.84 -41.60
C LEU D 495 14.50 -14.64 -40.48
N GLN D 496 14.57 -15.58 -39.55
CA GLN D 496 15.54 -15.46 -38.48
C GLN D 496 16.93 -15.82 -38.96
N SER D 497 17.04 -16.68 -39.95
CA SER D 497 18.34 -17.09 -40.44
C SER D 497 18.96 -16.08 -41.37
N GLY D 498 18.24 -15.03 -41.73
CA GLY D 498 18.79 -14.05 -42.66
C GLY D 498 18.67 -14.42 -44.12
N LEU D 499 18.10 -15.58 -44.44
CA LEU D 499 17.90 -15.96 -45.83
C LEU D 499 16.63 -15.32 -46.37
N SER E 28 56.44 52.53 14.25
CA SER E 28 57.47 52.46 15.27
C SER E 28 56.95 51.81 16.53
N VAL E 29 55.71 51.32 16.49
CA VAL E 29 55.10 50.69 17.64
C VAL E 29 54.91 49.22 17.35
N TRP E 30 54.64 48.89 16.07
CA TRP E 30 54.57 47.54 15.53
C TRP E 30 53.52 46.69 16.25
N ARG E 31 52.28 47.11 16.08
CA ARG E 31 51.16 46.60 16.85
C ARG E 31 50.63 45.28 16.31
N PRO E 32 49.97 44.50 17.15
CA PRO E 32 49.10 43.44 16.63
C PRO E 32 47.75 44.01 16.24
N SER E 33 47.06 43.29 15.37
CA SER E 33 45.78 43.74 14.85
C SER E 33 44.74 42.65 15.03
N GLU E 34 43.59 42.86 14.37
CA GLU E 34 42.43 41.99 14.57
C GLU E 34 41.80 41.75 13.21
N ALA E 35 41.44 40.50 12.93
CA ALA E 35 40.79 40.13 11.68
C ALA E 35 39.90 38.91 11.91
N THR E 36 39.46 38.29 10.81
CA THR E 36 38.62 37.11 10.90
C THR E 36 38.91 36.07 9.81
N VAL E 37 40.05 36.17 9.15
CA VAL E 37 40.29 35.40 7.92
C VAL E 37 40.53 33.93 8.26
N TYR E 38 39.92 33.05 7.46
CA TYR E 38 40.13 31.61 7.55
C TYR E 38 41.46 31.25 6.93
N LEU E 39 42.02 30.11 7.33
CA LEU E 39 43.35 29.73 6.92
C LEU E 39 43.36 28.28 6.48
N PRO E 40 44.20 27.92 5.51
CA PRO E 40 44.21 26.54 4.99
C PRO E 40 44.78 25.58 6.01
N PRO E 41 43.96 24.68 6.54
CA PRO E 41 44.38 23.92 7.73
C PRO E 41 45.10 22.63 7.44
N VAL E 42 46.29 22.52 8.04
CA VAL E 42 46.87 21.34 8.71
C VAL E 42 46.59 20.07 7.91
N PRO E 43 47.34 19.80 6.84
CA PRO E 43 46.97 18.74 5.89
C PRO E 43 46.91 17.34 6.51
N VAL E 44 45.69 16.82 6.59
CA VAL E 44 45.41 15.52 7.16
C VAL E 44 45.62 14.48 6.07
N SER E 45 46.18 13.33 6.46
CA SER E 45 46.52 12.23 5.56
C SER E 45 45.31 11.74 4.77
N LYS E 46 45.34 11.97 3.47
CA LYS E 46 44.27 11.55 2.59
C LYS E 46 44.26 10.05 2.44
N VAL E 47 43.09 9.50 2.15
CA VAL E 47 42.89 8.05 2.07
C VAL E 47 42.85 7.67 0.60
N VAL E 48 43.83 6.94 0.16
CA VAL E 48 43.98 6.63 -1.26
C VAL E 48 43.37 5.26 -1.54
N SER E 49 42.59 5.20 -2.63
CA SER E 49 41.92 3.98 -3.06
C SER E 49 42.91 2.90 -3.45
N THR E 50 42.39 1.68 -3.62
CA THR E 50 43.22 0.49 -3.69
C THR E 50 43.64 0.14 -5.11
N ASP E 51 43.27 0.95 -6.09
CA ASP E 51 43.66 0.67 -7.47
C ASP E 51 44.97 1.33 -7.82
N GLU E 52 45.62 1.94 -6.85
CA GLU E 52 46.87 2.65 -7.05
C GLU E 52 48.08 1.84 -6.58
N TYR E 53 47.90 1.03 -5.55
CA TYR E 53 49.01 0.30 -4.97
C TYR E 53 48.83 -1.21 -4.98
N VAL E 54 47.72 -1.71 -5.51
CA VAL E 54 47.51 -3.15 -5.60
C VAL E 54 47.33 -3.50 -7.07
N SER E 55 48.33 -4.15 -7.63
CA SER E 55 48.26 -4.55 -9.03
C SER E 55 47.41 -5.81 -9.14
N ARG E 56 46.82 -6.00 -10.31
CA ARG E 56 46.02 -7.18 -10.57
C ARG E 56 46.76 -8.16 -11.46
N THR E 57 46.55 -9.44 -11.19
CA THR E 57 47.10 -10.50 -12.01
C THR E 57 45.96 -11.14 -12.80
N SER E 58 46.28 -12.24 -13.49
CA SER E 58 45.29 -12.84 -14.35
C SER E 58 45.07 -14.31 -13.99
N ILE E 59 44.90 -14.58 -12.70
CA ILE E 59 44.57 -15.91 -12.21
C ILE E 59 43.18 -15.82 -11.62
N TYR E 60 42.42 -16.90 -11.70
CA TYR E 60 41.07 -16.90 -11.15
C TYR E 60 40.83 -18.18 -10.38
N TYR E 61 39.85 -18.12 -9.49
CA TYR E 61 39.55 -19.27 -8.65
C TYR E 61 38.06 -19.26 -8.36
N TYR E 62 37.34 -20.26 -8.86
CA TYR E 62 35.97 -20.44 -8.45
C TYR E 62 35.94 -21.03 -7.06
N ALA E 63 34.94 -20.63 -6.30
CA ALA E 63 34.61 -21.29 -5.05
C ALA E 63 33.13 -21.56 -5.04
N GLY E 64 32.75 -22.62 -4.36
CA GLY E 64 31.36 -22.92 -4.24
C GLY E 64 30.99 -23.16 -2.81
N SER E 65 29.81 -23.69 -2.57
CA SER E 65 29.44 -24.17 -1.25
C SER E 65 28.38 -25.22 -1.43
N SER E 66 28.27 -26.11 -0.45
CA SER E 66 27.21 -27.09 -0.52
C SER E 66 25.87 -26.43 -0.25
N ARG E 67 24.80 -27.14 -0.60
CA ARG E 67 23.45 -26.65 -0.37
C ARG E 67 23.20 -26.72 1.13
N LEU E 68 23.47 -25.61 1.79
CA LEU E 68 23.29 -25.54 3.23
C LEU E 68 21.88 -25.08 3.55
N LEU E 69 21.31 -25.65 4.60
CA LEU E 69 19.94 -25.33 4.97
C LEU E 69 19.73 -25.62 6.45
N ALA E 70 18.70 -25.02 7.00
CA ALA E 70 18.35 -25.21 8.40
C ALA E 70 16.85 -25.32 8.49
N VAL E 71 16.35 -25.78 9.64
CA VAL E 71 14.94 -26.09 9.79
C VAL E 71 14.57 -25.96 11.26
N GLY E 72 13.41 -25.40 11.53
CA GLY E 72 12.93 -25.28 12.88
C GLY E 72 11.54 -24.70 12.97
N ASN E 73 11.22 -24.17 14.13
CA ASN E 73 9.98 -23.54 14.54
C ASN E 73 10.02 -22.04 14.28
N PRO E 74 8.98 -21.48 13.67
CA PRO E 74 9.08 -20.10 13.22
C PRO E 74 8.71 -19.07 14.27
N TYR E 75 8.49 -19.47 15.51
CA TYR E 75 8.01 -18.54 16.51
C TYR E 75 8.95 -18.33 17.69
N PHE E 76 9.41 -19.40 18.33
CA PHE E 76 10.26 -19.25 19.51
C PHE E 76 11.10 -20.49 19.72
N SER E 77 12.27 -20.30 20.32
CA SER E 77 13.18 -21.41 20.61
C SER E 77 12.59 -22.29 21.69
N ILE E 78 13.01 -23.56 21.69
CA ILE E 78 12.50 -24.54 22.64
C ILE E 78 13.66 -25.01 23.51
N LYS E 79 13.84 -24.37 24.65
CA LYS E 79 14.86 -24.79 25.60
C LYS E 79 14.42 -26.08 26.27
N SER E 80 15.40 -26.93 26.62
CA SER E 80 14.97 -28.22 27.13
C SER E 80 14.65 -28.14 28.62
N PRO E 81 13.49 -28.65 29.02
CA PRO E 81 13.25 -28.81 30.46
C PRO E 81 14.07 -29.98 31.01
N ASN E 82 14.88 -29.75 32.05
CA ASN E 82 14.99 -28.46 32.74
C ASN E 82 16.32 -27.78 32.42
N ASN E 83 17.15 -28.43 31.61
CA ASN E 83 18.47 -27.89 31.30
C ASN E 83 18.34 -26.79 30.25
N ASN E 84 18.37 -25.55 30.72
CA ASN E 84 17.98 -24.39 29.92
C ASN E 84 19.08 -23.89 29.00
N LYS E 85 20.17 -24.62 28.84
CA LYS E 85 21.19 -24.25 27.88
C LYS E 85 21.25 -25.21 26.70
N LYS E 86 20.37 -26.19 26.64
CA LYS E 86 20.23 -27.08 25.51
C LYS E 86 18.88 -26.83 24.87
N VAL E 87 18.88 -26.42 23.62
CA VAL E 87 17.65 -26.23 22.88
C VAL E 87 17.22 -27.57 22.33
N LEU E 88 15.96 -27.67 21.91
CA LEU E 88 15.46 -28.90 21.33
C LEU E 88 15.18 -28.73 19.84
N VAL E 89 14.37 -27.75 19.48
CA VAL E 89 14.27 -27.33 18.08
C VAL E 89 14.41 -25.82 18.04
N PRO E 90 15.38 -25.30 17.32
CA PRO E 90 15.70 -23.88 17.43
C PRO E 90 14.73 -23.02 16.67
N LYS E 91 14.85 -21.71 16.89
CA LYS E 91 13.97 -20.75 16.26
C LYS E 91 14.62 -20.21 15.01
N VAL E 92 14.06 -20.54 13.86
CA VAL E 92 14.47 -20.00 12.58
C VAL E 92 13.20 -19.74 11.77
N SER E 93 13.15 -18.60 11.12
CA SER E 93 11.92 -18.17 10.49
C SER E 93 12.25 -17.37 9.24
N GLY E 94 11.27 -16.62 8.75
CA GLY E 94 11.44 -15.85 7.54
C GLY E 94 11.61 -14.36 7.74
N LEU E 95 12.03 -13.92 8.93
CA LEU E 95 12.25 -12.50 9.17
C LEU E 95 13.63 -12.19 9.69
N GLN E 96 14.51 -13.18 9.81
CA GLN E 96 15.73 -12.99 10.55
C GLN E 96 16.88 -12.60 9.65
N TYR E 97 17.76 -11.77 10.18
CA TYR E 97 19.00 -11.43 9.51
C TYR E 97 19.90 -12.64 9.46
N ARG E 98 20.10 -13.20 8.29
CA ARG E 98 21.18 -14.17 8.14
C ARG E 98 22.47 -13.43 7.83
N VAL E 99 23.53 -13.73 8.55
CA VAL E 99 24.85 -13.18 8.26
C VAL E 99 25.83 -14.33 8.10
N PHE E 100 26.19 -14.64 6.87
CA PHE E 100 27.16 -15.68 6.64
C PHE E 100 28.56 -15.11 6.75
N ARG E 101 29.34 -15.64 7.68
CA ARG E 101 30.76 -15.33 7.76
C ARG E 101 31.49 -16.44 7.02
N VAL E 102 32.12 -16.09 5.94
CA VAL E 102 32.85 -17.06 5.15
C VAL E 102 34.31 -17.03 5.55
N ARG E 103 35.04 -18.06 5.17
CA ARG E 103 36.47 -18.14 5.41
C ARG E 103 37.21 -18.19 4.09
N LEU E 104 38.51 -17.99 4.17
CA LEU E 104 39.41 -18.06 3.04
C LEU E 104 40.60 -18.91 3.45
N PRO E 105 41.37 -19.41 2.50
CA PRO E 105 42.68 -19.95 2.83
C PRO E 105 43.75 -18.88 2.66
N ASP E 106 44.84 -19.05 3.39
CA ASP E 106 45.93 -18.11 3.32
C ASP E 106 46.62 -18.25 1.97
N PRO E 107 46.68 -17.18 1.18
CA PRO E 107 47.39 -17.26 -0.10
C PRO E 107 48.89 -17.32 0.04
N ASN E 108 49.44 -16.98 1.20
CA ASN E 108 50.89 -16.97 1.34
C ASN E 108 51.45 -18.31 1.77
N LYS E 109 50.69 -19.39 1.64
CA LYS E 109 51.17 -20.72 1.98
C LYS E 109 51.09 -21.68 0.81
N PHE E 110 50.52 -21.25 -0.32
CA PHE E 110 50.30 -22.18 -1.42
C PHE E 110 51.58 -22.50 -2.18
N GLY E 111 52.20 -21.49 -2.78
CA GLY E 111 53.16 -21.74 -3.83
C GLY E 111 54.51 -22.18 -3.30
N PHE E 112 55.05 -23.22 -3.89
CA PHE E 112 56.46 -23.47 -3.78
C PHE E 112 57.23 -22.34 -4.46
N PRO E 113 58.40 -21.95 -3.91
CA PRO E 113 58.96 -20.62 -4.20
C PRO E 113 59.40 -20.46 -5.64
N ASP E 114 59.01 -19.33 -6.22
CA ASP E 114 59.44 -18.94 -7.56
C ASP E 114 59.54 -17.42 -7.49
N THR E 115 60.77 -16.92 -7.44
CA THR E 115 60.94 -15.48 -7.25
C THR E 115 60.65 -14.70 -8.52
N SER E 116 60.56 -15.36 -9.68
CA SER E 116 60.10 -14.67 -10.86
C SER E 116 58.62 -14.34 -10.76
N PHE E 117 57.85 -15.18 -10.07
CA PHE E 117 56.48 -14.79 -9.77
C PHE E 117 56.44 -13.74 -8.68
N TYR E 118 56.87 -14.09 -7.48
CA TYR E 118 56.85 -13.16 -6.37
C TYR E 118 57.95 -13.57 -5.41
N ASN E 119 58.46 -12.60 -4.65
CA ASN E 119 59.47 -12.89 -3.65
C ASN E 119 58.90 -12.60 -2.28
N PRO E 120 58.93 -13.53 -1.33
CA PRO E 120 58.22 -13.33 -0.06
C PRO E 120 58.92 -12.41 0.92
N ASP E 121 59.92 -11.65 0.51
CA ASP E 121 60.50 -10.67 1.41
C ASP E 121 59.82 -9.32 1.31
N THR E 122 59.36 -8.94 0.12
CA THR E 122 58.83 -7.61 -0.11
C THR E 122 57.39 -7.62 -0.59
N GLN E 123 56.87 -8.75 -1.03
CA GLN E 123 55.49 -8.80 -1.46
C GLN E 123 54.66 -9.67 -0.53
N ARG E 124 53.35 -9.48 -0.58
CA ARG E 124 52.40 -10.38 0.07
C ARG E 124 51.24 -10.59 -0.89
N LEU E 125 50.33 -11.48 -0.55
CA LEU E 125 49.26 -11.82 -1.47
C LEU E 125 47.93 -11.65 -0.78
N VAL E 126 46.90 -11.27 -1.54
CA VAL E 126 45.59 -11.00 -0.99
C VAL E 126 44.54 -11.21 -2.08
N TRP E 127 43.40 -11.78 -1.68
CA TRP E 127 42.35 -12.08 -2.64
C TRP E 127 41.56 -10.85 -3.03
N ALA E 128 40.77 -10.96 -4.08
CA ALA E 128 39.78 -9.96 -4.45
C ALA E 128 38.46 -10.69 -4.62
N CYS E 129 37.44 -10.02 -5.13
CA CYS E 129 36.15 -10.69 -5.32
C CYS E 129 35.43 -10.05 -6.48
N VAL E 130 35.12 -10.82 -7.52
CA VAL E 130 34.58 -10.24 -8.74
C VAL E 130 33.31 -10.92 -9.19
N GLY E 131 32.53 -11.47 -8.28
CA GLY E 131 31.25 -12.02 -8.70
C GLY E 131 30.60 -12.78 -7.57
N LEU E 132 29.29 -12.96 -7.70
CA LEU E 132 28.51 -13.47 -6.59
C LEU E 132 27.13 -13.89 -7.06
N GLU E 133 26.62 -14.94 -6.43
CA GLU E 133 25.25 -15.40 -6.58
C GLU E 133 24.79 -15.90 -5.22
N ILE E 134 23.58 -15.53 -4.80
CA ILE E 134 22.94 -16.19 -3.67
C ILE E 134 21.69 -16.87 -4.21
N GLY E 135 21.74 -18.18 -4.30
CA GLY E 135 20.59 -18.90 -4.79
C GLY E 135 19.53 -19.11 -3.73
N ARG E 136 18.34 -19.49 -4.19
CA ARG E 136 17.24 -19.84 -3.33
C ARG E 136 16.52 -21.03 -3.93
N GLY E 137 16.01 -21.90 -3.07
CA GLY E 137 15.48 -23.16 -3.56
C GLY E 137 14.01 -23.40 -3.29
N GLN E 138 13.50 -22.82 -2.22
CA GLN E 138 12.13 -23.08 -1.85
C GLN E 138 11.19 -22.31 -2.75
N PRO E 139 9.99 -22.83 -3.00
CA PRO E 139 9.01 -22.10 -3.80
C PRO E 139 8.55 -20.84 -3.13
N LEU E 140 7.95 -19.98 -3.95
CA LEU E 140 7.62 -18.65 -3.50
C LEU E 140 6.32 -18.68 -2.70
N GLY E 141 6.27 -17.86 -1.67
CA GLY E 141 5.12 -17.78 -0.80
C GLY E 141 5.46 -17.03 0.47
N VAL E 142 4.48 -16.27 0.94
CA VAL E 142 4.65 -15.47 2.13
C VAL E 142 4.02 -16.22 3.30
N GLY E 143 4.53 -15.96 4.49
CA GLY E 143 3.96 -16.56 5.69
C GLY E 143 3.56 -15.48 6.66
N VAL E 144 2.60 -15.82 7.51
CA VAL E 144 1.97 -14.85 8.39
C VAL E 144 2.37 -15.13 9.83
N SER E 145 2.01 -14.21 10.71
CA SER E 145 2.21 -14.42 12.14
C SER E 145 1.20 -13.59 12.91
N GLY E 146 0.68 -14.17 13.98
CA GLY E 146 -0.36 -13.53 14.77
C GLY E 146 0.03 -13.44 16.20
N HIS E 147 -0.96 -13.29 17.07
CA HIS E 147 -0.77 -13.30 18.52
C HIS E 147 -2.12 -13.57 19.17
N PRO E 148 -2.20 -14.56 20.08
CA PRO E 148 -3.48 -14.87 20.71
C PRO E 148 -3.96 -13.84 21.71
N TYR E 149 -3.07 -12.97 22.19
CA TYR E 149 -3.48 -11.96 23.16
C TYR E 149 -3.06 -10.59 22.67
N LEU E 150 -3.35 -10.30 21.41
CA LEU E 150 -3.01 -9.01 20.85
C LEU E 150 -3.98 -7.96 21.37
N ASN E 151 -3.42 -6.82 21.80
CA ASN E 151 -4.21 -5.73 22.35
C ASN E 151 -4.89 -5.00 21.21
N LYS E 152 -6.10 -5.44 20.88
CA LYS E 152 -6.98 -4.70 19.98
C LYS E 152 -8.19 -4.27 20.80
N PHE E 153 -8.36 -2.96 20.98
CA PHE E 153 -9.52 -2.47 21.73
C PHE E 153 -10.79 -2.71 20.94
N ASP E 154 -10.92 -2.04 19.80
CA ASP E 154 -12.13 -2.09 18.98
C ASP E 154 -11.74 -1.90 17.53
N ASP E 155 -12.74 -1.73 16.67
CA ASP E 155 -12.49 -1.45 15.27
C ASP E 155 -12.73 0.03 14.99
N THR E 156 -12.05 0.54 13.96
CA THR E 156 -12.25 1.94 13.59
C THR E 156 -12.27 2.17 12.08
N GLU E 157 -12.58 1.14 11.29
CA GLU E 157 -12.74 1.30 9.85
C GLU E 157 -13.90 2.22 9.50
N THR E 158 -15.13 1.76 9.74
CA THR E 158 -16.34 2.46 9.33
C THR E 158 -17.19 2.86 10.53
N SER E 159 -17.22 2.04 11.57
CA SER E 159 -18.13 2.30 12.69
C SER E 159 -17.44 1.99 14.00
N ASN E 160 -17.53 2.93 14.93
CA ASN E 160 -17.02 2.79 16.29
C ASN E 160 -17.98 3.57 17.16
N ARG E 161 -18.97 2.87 17.72
CA ARG E 161 -20.14 3.56 18.25
C ARG E 161 -19.89 4.10 19.65
N TYR E 162 -20.66 5.12 20.00
CA TYR E 162 -20.80 5.69 21.34
C TYR E 162 -22.12 5.27 21.97
N PRO E 163 -22.11 4.87 23.25
CA PRO E 163 -20.93 4.82 24.12
C PRO E 163 -20.20 3.48 24.11
N ALA E 164 -19.24 3.35 25.02
CA ALA E 164 -18.39 2.17 25.05
C ALA E 164 -19.13 0.98 25.65
N GLN E 165 -19.03 -0.16 24.97
CA GLN E 165 -19.66 -1.39 25.43
C GLN E 165 -18.92 -2.23 26.49
N PRO E 166 -17.61 -2.50 26.40
CA PRO E 166 -17.08 -3.70 27.03
C PRO E 166 -16.82 -3.54 28.53
N GLY E 167 -16.13 -4.53 29.08
CA GLY E 167 -15.87 -4.59 30.51
C GLY E 167 -14.43 -4.33 30.91
N SER E 168 -13.89 -5.18 31.78
CA SER E 168 -12.57 -4.97 32.36
C SER E 168 -11.47 -5.20 31.33
N ASP E 169 -11.37 -6.40 30.79
CA ASP E 169 -10.35 -6.74 29.81
C ASP E 169 -10.99 -7.33 28.57
N ASN E 170 -10.52 -6.85 27.42
CA ASN E 170 -11.13 -7.14 26.14
C ASN E 170 -10.04 -7.51 25.14
N ARG E 171 -9.09 -8.33 25.56
CA ARG E 171 -7.98 -8.70 24.71
C ARG E 171 -8.45 -9.64 23.62
N GLU E 172 -7.80 -9.56 22.46
CA GLU E 172 -8.27 -10.24 21.27
C GLU E 172 -7.18 -11.19 20.74
N CYS E 173 -7.56 -12.04 19.80
CA CYS E 173 -6.62 -12.88 19.08
C CYS E 173 -6.72 -12.59 17.59
N LEU E 174 -5.61 -12.17 16.99
CA LEU E 174 -5.62 -11.74 15.60
C LEU E 174 -4.34 -12.16 14.90
N SER E 175 -4.32 -11.98 13.59
CA SER E 175 -3.22 -12.40 12.74
C SER E 175 -2.95 -11.36 11.67
N MET E 176 -1.67 -11.17 11.36
CA MET E 176 -1.27 -10.22 10.34
C MET E 176 -0.06 -10.76 9.59
N ASP E 177 0.47 -9.93 8.70
CA ASP E 177 1.70 -10.23 7.98
C ASP E 177 2.55 -8.97 7.92
N TYR E 178 3.59 -8.98 7.09
CA TYR E 178 4.59 -7.92 7.14
C TYR E 178 4.85 -7.33 5.77
N LYS E 179 5.69 -6.31 5.75
CA LYS E 179 6.15 -5.73 4.51
C LYS E 179 7.24 -6.59 3.89
N GLN E 180 7.14 -6.79 2.58
CA GLN E 180 8.13 -7.61 1.89
C GLN E 180 9.41 -6.82 1.71
N THR E 181 10.53 -7.48 1.98
CA THR E 181 11.81 -6.82 2.03
C THR E 181 12.86 -7.77 1.51
N GLN E 182 13.57 -7.34 0.48
CA GLN E 182 14.70 -8.08 -0.02
C GLN E 182 15.88 -7.15 0.02
N LEU E 183 17.01 -7.63 0.53
CA LEU E 183 18.23 -6.84 0.48
C LEU E 183 19.43 -7.75 0.52
N CYS E 184 20.58 -7.18 0.18
CA CYS E 184 21.79 -7.95 -0.02
C CYS E 184 22.98 -7.02 0.21
N LEU E 185 23.98 -7.52 0.95
CA LEU E 185 25.12 -6.70 1.31
C LEU E 185 26.40 -7.49 1.11
N ILE E 186 27.52 -6.80 1.12
CA ILE E 186 28.85 -7.41 0.99
C ILE E 186 29.81 -6.63 1.87
N GLY E 187 30.52 -7.32 2.76
CA GLY E 187 31.51 -6.60 3.53
C GLY E 187 32.67 -7.42 4.06
N CYS E 188 33.76 -6.74 4.39
CA CYS E 188 34.90 -7.33 5.09
C CYS E 188 34.85 -7.06 6.59
N LYS E 189 34.36 -5.91 7.00
CA LYS E 189 33.89 -5.72 8.36
C LYS E 189 32.41 -6.06 8.40
N PRO E 190 31.86 -6.44 9.56
CA PRO E 190 30.46 -6.81 9.61
C PRO E 190 29.57 -5.59 9.44
N PRO E 191 28.40 -5.76 8.89
CA PRO E 191 27.53 -4.60 8.67
C PRO E 191 26.89 -4.10 9.95
N THR E 192 27.02 -2.81 10.23
CA THR E 192 26.46 -2.27 11.46
C THR E 192 24.97 -2.02 11.29
N GLY E 193 24.35 -1.45 12.31
CA GLY E 193 22.92 -1.22 12.30
C GLY E 193 22.54 -0.54 13.59
N GLU E 194 21.30 -0.10 13.65
CA GLU E 194 20.82 0.66 14.79
C GLU E 194 19.38 0.31 15.15
N HIS E 195 18.92 0.91 16.24
CA HIS E 195 17.59 0.71 16.78
C HIS E 195 17.35 1.77 17.83
N TRP E 196 16.07 2.06 18.08
CA TRP E 196 15.71 3.05 19.07
C TRP E 196 15.54 2.42 20.44
N GLY E 197 16.30 2.92 21.41
CA GLY E 197 16.29 2.36 22.75
C GLY E 197 16.34 3.44 23.81
N LYS E 198 15.98 3.03 25.02
CA LYS E 198 15.84 3.97 26.12
C LYS E 198 17.20 4.49 26.59
N GLY E 199 17.16 5.62 27.28
CA GLY E 199 18.34 6.17 27.91
C GLY E 199 17.96 6.92 29.16
N VAL E 200 18.90 7.65 29.75
CA VAL E 200 18.65 8.37 30.98
C VAL E 200 18.08 9.73 30.64
N ALA E 201 17.45 10.34 31.64
CA ALA E 201 16.82 11.64 31.49
C ALA E 201 17.61 12.68 32.26
N CYS E 202 17.05 13.88 32.35
CA CYS E 202 17.62 14.97 33.12
C CYS E 202 16.86 15.08 34.43
N ASN E 203 17.43 14.55 35.51
CA ASN E 203 16.73 14.37 36.77
C ASN E 203 17.01 15.49 37.75
N ASN E 204 17.17 16.72 37.25
CA ASN E 204 17.23 17.87 38.13
C ASN E 204 16.09 18.81 37.79
N ASN E 205 15.45 18.59 36.66
CA ASN E 205 14.31 19.40 36.27
C ASN E 205 13.04 18.73 36.77
N ALA E 206 12.12 19.53 37.32
CA ALA E 206 10.81 19.04 37.74
C ALA E 206 9.92 18.86 36.52
N ALA E 207 10.01 17.66 35.95
CA ALA E 207 9.35 17.34 34.69
C ALA E 207 7.85 17.22 34.91
N ALA E 208 7.06 17.86 34.04
CA ALA E 208 5.62 17.76 34.10
C ALA E 208 5.12 16.37 33.77
N THR E 209 5.52 15.82 32.63
CA THR E 209 5.43 14.39 32.40
C THR E 209 6.84 13.82 32.40
N ASP E 210 6.94 12.54 32.78
CA ASP E 210 8.24 11.92 32.97
C ASP E 210 8.48 10.87 31.88
N CYS E 211 8.20 11.24 30.64
CA CYS E 211 8.34 10.43 29.45
C CYS E 211 9.74 9.82 29.35
N PRO E 212 9.82 8.55 28.98
CA PRO E 212 11.11 7.93 28.80
C PRO E 212 11.81 8.50 27.59
N PRO E 213 13.00 9.04 27.76
CA PRO E 213 13.74 9.58 26.62
C PRO E 213 14.25 8.44 25.76
N LEU E 214 14.64 8.78 24.54
CA LEU E 214 14.97 7.79 23.54
C LEU E 214 16.36 8.07 23.02
N GLU E 215 17.09 7.03 22.64
CA GLU E 215 18.46 7.22 22.22
C GLU E 215 18.82 6.23 21.13
N LEU E 216 19.59 6.70 20.17
CA LEU E 216 20.05 5.94 19.02
C LEU E 216 21.24 5.10 19.46
N PHE E 217 21.36 3.88 18.92
CA PHE E 217 22.42 2.96 19.33
C PHE E 217 22.98 2.23 18.11
N ASN E 218 24.16 2.62 17.67
CA ASN E 218 24.79 1.96 16.52
C ASN E 218 25.47 0.70 17.00
N SER E 219 24.80 -0.44 16.83
CA SER E 219 25.35 -1.71 17.23
C SER E 219 25.77 -2.51 16.00
N ILE E 220 26.14 -3.77 16.21
CA ILE E 220 26.59 -4.66 15.15
C ILE E 220 25.60 -5.80 15.02
N ILE E 221 25.15 -6.07 13.79
CA ILE E 221 24.08 -7.01 13.53
C ILE E 221 24.49 -8.45 13.80
N GLU E 222 23.74 -9.14 14.64
CA GLU E 222 23.97 -10.56 14.86
C GLU E 222 23.03 -11.38 13.98
N ASP E 223 23.27 -12.67 13.93
CA ASP E 223 22.37 -13.58 13.24
C ASP E 223 21.19 -13.92 14.15
N GLY E 224 20.02 -14.04 13.57
CA GLY E 224 18.84 -14.33 14.32
C GLY E 224 18.11 -13.10 14.80
N ASP E 225 18.70 -11.93 14.62
CA ASP E 225 17.99 -10.71 14.93
C ASP E 225 17.01 -10.39 13.82
N MET E 226 15.83 -9.95 14.22
CA MET E 226 14.75 -9.77 13.27
C MET E 226 14.88 -8.45 12.53
N VAL E 227 14.10 -8.33 11.46
CA VAL E 227 14.13 -7.18 10.58
C VAL E 227 12.91 -6.35 10.95
N ASP E 228 12.86 -5.13 10.44
CA ASP E 228 11.73 -4.25 10.68
C ASP E 228 10.46 -4.85 10.11
N THR E 229 9.39 -4.75 10.87
CA THR E 229 8.13 -5.32 10.46
C THR E 229 7.10 -4.23 10.31
N GLY E 230 7.54 -3.05 9.89
CA GLY E 230 6.65 -1.93 9.77
C GLY E 230 6.33 -1.20 11.06
N PHE E 231 6.58 -1.79 12.21
CA PHE E 231 6.32 -1.14 13.47
C PHE E 231 7.52 -0.36 13.99
N GLY E 232 8.40 0.06 13.11
CA GLY E 232 9.49 0.89 13.59
C GLY E 232 10.62 0.07 14.15
N CYS E 233 11.79 0.71 14.22
CA CYS E 233 13.01 0.05 14.68
C CYS E 233 13.31 0.39 16.13
N MET E 234 12.59 -0.23 17.04
CA MET E 234 12.84 -0.05 18.46
C MET E 234 13.10 -1.39 19.15
N ASP E 235 13.54 -1.28 20.39
CA ASP E 235 13.51 -2.40 21.32
C ASP E 235 12.08 -2.60 21.78
N PHE E 236 11.49 -3.73 21.43
CA PHE E 236 10.21 -4.12 22.00
C PHE E 236 10.36 -4.87 23.30
N GLY E 237 11.59 -5.12 23.74
CA GLY E 237 11.81 -5.88 24.93
C GLY E 237 11.53 -5.09 26.19
N THR E 238 11.95 -3.83 26.23
CA THR E 238 11.79 -3.03 27.42
C THR E 238 10.78 -1.90 27.29
N LEU E 239 10.35 -1.56 26.08
CA LEU E 239 9.44 -0.44 25.92
C LEU E 239 8.00 -0.85 25.74
N GLN E 240 7.74 -2.11 25.42
CA GLN E 240 6.38 -2.65 25.40
C GLN E 240 6.22 -3.49 26.65
N ALA E 241 5.84 -2.85 27.75
CA ALA E 241 5.82 -3.53 29.04
C ALA E 241 4.67 -4.51 29.11
N ASN E 242 3.59 -4.30 28.37
CA ASN E 242 2.49 -5.24 28.42
C ASN E 242 2.76 -6.49 27.61
N LYS E 243 3.81 -6.51 26.78
CA LYS E 243 4.28 -7.65 25.98
C LYS E 243 3.25 -8.20 25.02
N SER E 244 2.18 -7.46 24.75
CA SER E 244 1.01 -8.03 24.09
C SER E 244 0.40 -7.05 23.11
N ASP E 245 1.25 -6.34 22.37
CA ASP E 245 0.73 -5.46 21.31
C ASP E 245 1.43 -5.63 19.98
N VAL E 246 2.48 -6.41 19.89
CA VAL E 246 3.15 -6.73 18.64
C VAL E 246 2.90 -8.21 18.39
N PRO E 247 3.12 -8.75 17.21
CA PRO E 247 3.05 -10.20 17.02
C PRO E 247 4.11 -10.93 17.84
N ILE E 248 3.85 -12.23 18.04
CA ILE E 248 4.56 -13.08 19.00
C ILE E 248 6.06 -13.07 18.84
N ASP E 249 6.54 -13.13 17.61
CA ASP E 249 7.96 -13.30 17.35
C ASP E 249 8.79 -12.09 17.72
N ILE E 250 8.16 -10.92 17.87
CA ILE E 250 8.89 -9.68 18.00
C ILE E 250 8.64 -9.15 19.41
N CYS E 251 8.22 -10.03 20.30
CA CYS E 251 7.81 -9.57 21.62
C CYS E 251 8.99 -9.25 22.53
N ASN E 252 10.12 -9.91 22.37
CA ASN E 252 11.16 -9.86 23.38
C ASN E 252 12.53 -9.68 22.75
N SER E 253 12.61 -8.87 21.71
CA SER E 253 13.88 -8.65 21.05
C SER E 253 13.90 -7.25 20.51
N THR E 254 14.86 -6.98 19.64
CA THR E 254 14.91 -5.69 18.96
C THR E 254 15.15 -5.96 17.47
N CYS E 255 14.30 -5.38 16.64
CA CYS E 255 14.45 -5.51 15.21
C CYS E 255 15.27 -4.36 14.68
N LYS E 256 16.52 -4.63 14.33
CA LYS E 256 17.40 -3.57 13.89
C LYS E 256 17.09 -3.21 12.43
N TYR E 257 17.75 -2.19 11.93
CA TYR E 257 17.61 -1.75 10.55
C TYR E 257 18.96 -1.14 10.19
N PRO E 258 19.43 -1.31 8.95
CA PRO E 258 20.75 -0.80 8.61
C PRO E 258 20.76 0.72 8.55
N ASP E 259 21.96 1.26 8.57
CA ASP E 259 22.17 2.69 8.48
C ASP E 259 23.11 2.86 7.29
N TYR E 260 22.53 3.05 6.10
CA TYR E 260 23.32 3.19 4.89
C TYR E 260 24.13 4.47 4.87
N LEU E 261 23.58 5.57 5.34
CA LEU E 261 24.25 6.85 5.25
C LEU E 261 25.37 7.01 6.26
N LYS E 262 25.54 6.05 7.17
CA LYS E 262 26.70 6.06 8.04
C LYS E 262 27.86 5.27 7.44
N MET E 263 27.58 4.09 6.91
CA MET E 263 28.64 3.23 6.39
C MET E 263 29.28 3.87 5.16
N ALA E 264 28.50 4.57 4.36
CA ALA E 264 29.04 5.24 3.19
C ALA E 264 29.95 6.39 3.58
N SER E 265 29.66 7.04 4.70
CA SER E 265 30.45 8.18 5.12
C SER E 265 31.66 7.79 5.94
N GLU E 266 31.87 6.50 6.17
CA GLU E 266 33.12 6.09 6.78
C GLU E 266 34.23 6.16 5.74
N PRO E 267 35.37 6.77 6.06
CA PRO E 267 36.39 7.06 5.05
C PRO E 267 37.08 5.84 4.48
N TYR E 268 37.28 4.79 5.28
CA TYR E 268 37.93 3.63 4.74
C TYR E 268 36.99 2.80 3.88
N GLY E 269 35.70 2.83 4.16
CA GLY E 269 34.70 2.20 3.33
C GLY E 269 34.89 0.71 3.25
N ASP E 270 34.72 0.03 4.39
CA ASP E 270 35.05 -1.37 4.46
C ASP E 270 33.87 -2.13 5.03
N SER E 271 32.68 -1.69 4.65
CA SER E 271 31.49 -2.44 4.99
C SER E 271 30.52 -2.55 3.84
N LEU E 272 30.70 -1.80 2.77
CA LEU E 272 29.83 -1.87 1.61
C LEU E 272 30.67 -2.01 0.37
N PHE E 273 30.48 -3.09 -0.35
CA PHE E 273 30.97 -3.14 -1.72
C PHE E 273 29.84 -3.02 -2.71
N PHE E 274 28.63 -3.38 -2.31
CA PHE E 274 27.49 -3.49 -3.21
C PHE E 274 26.26 -3.66 -2.33
N PHE E 275 25.18 -2.95 -2.62
CA PHE E 275 23.99 -3.11 -1.80
C PHE E 275 22.75 -2.83 -2.64
N LEU E 276 21.69 -3.58 -2.35
CA LEU E 276 20.44 -3.44 -3.08
C LEU E 276 19.32 -3.60 -2.07
N ARG E 277 18.16 -3.02 -2.39
CA ARG E 277 17.02 -3.17 -1.50
C ARG E 277 15.72 -2.92 -2.24
N ARG E 278 14.67 -3.60 -1.82
CA ARG E 278 13.31 -3.37 -2.30
C ARG E 278 12.34 -3.63 -1.16
N GLU E 279 11.51 -2.63 -0.86
CA GLU E 279 10.48 -2.78 0.15
C GLU E 279 9.17 -2.24 -0.38
N GLN E 280 8.06 -2.84 0.03
CA GLN E 280 6.76 -2.26 -0.25
C GLN E 280 5.77 -2.68 0.84
N MET E 281 4.76 -1.85 1.04
CA MET E 281 3.90 -1.89 2.20
C MET E 281 2.68 -1.03 1.96
N PHE E 282 1.51 -1.53 2.37
CA PHE E 282 0.35 -0.67 2.50
C PHE E 282 -0.47 -1.15 3.69
N VAL E 283 -1.56 -0.46 3.96
CA VAL E 283 -2.36 -0.76 5.15
C VAL E 283 -3.68 -1.40 4.78
N ARG E 284 -4.04 -2.44 5.53
CA ARG E 284 -5.26 -3.18 5.30
C ARG E 284 -6.38 -2.79 6.22
N HIS E 285 -6.18 -2.91 7.52
CA HIS E 285 -7.22 -2.64 8.50
C HIS E 285 -6.77 -1.53 9.43
N PHE E 286 -7.63 -1.17 10.36
CA PHE E 286 -7.33 -0.15 11.34
C PHE E 286 -7.87 -0.57 12.70
N PHE E 287 -6.98 -0.63 13.68
CA PHE E 287 -7.39 -0.93 15.02
C PHE E 287 -6.90 0.17 15.94
N ASN E 288 -7.61 0.36 17.05
CA ASN E 288 -7.17 1.29 18.06
C ASN E 288 -6.69 0.51 19.27
N ARG E 289 -5.69 1.05 19.93
CA ARG E 289 -5.16 0.40 21.12
C ARG E 289 -6.05 0.73 22.31
N ALA E 290 -5.77 0.11 23.45
CA ALA E 290 -6.53 0.35 24.65
C ALA E 290 -5.59 0.82 25.77
N GLY E 291 -6.18 1.48 26.76
CA GLY E 291 -5.43 2.06 27.84
C GLY E 291 -5.60 3.57 27.88
N LYS E 292 -4.93 4.17 28.86
CA LYS E 292 -5.12 5.59 29.10
C LYS E 292 -4.01 6.37 28.41
N LEU E 293 -4.40 7.42 27.68
CA LEU E 293 -3.46 8.24 26.94
C LEU E 293 -2.53 8.99 27.86
N GLY E 294 -1.25 9.06 27.49
CA GLY E 294 -0.28 9.83 28.22
C GLY E 294 -0.61 11.29 28.11
N GLU E 295 -0.54 11.84 26.91
CA GLU E 295 -0.97 13.21 26.70
C GLU E 295 -2.38 13.16 26.15
N ALA E 296 -3.36 13.35 27.03
CA ALA E 296 -4.73 13.52 26.59
C ALA E 296 -4.86 14.82 25.82
N VAL E 297 -5.91 14.90 24.99
CA VAL E 297 -5.97 15.98 24.01
C VAL E 297 -6.32 17.29 24.70
N PRO E 298 -5.68 18.40 24.32
CA PRO E 298 -6.05 19.69 24.89
C PRO E 298 -7.40 20.15 24.36
N ASP E 299 -7.96 21.11 25.08
CA ASP E 299 -9.39 21.38 25.05
C ASP E 299 -9.85 22.16 23.83
N ASP E 300 -9.03 23.05 23.28
CA ASP E 300 -9.50 24.00 22.29
C ASP E 300 -9.48 23.45 20.85
N LEU E 301 -9.44 22.14 20.70
CA LEU E 301 -9.51 21.53 19.38
C LEU E 301 -10.75 20.68 19.20
N TYR E 302 -11.72 20.79 20.10
CA TYR E 302 -12.96 20.03 20.02
C TYR E 302 -13.98 20.69 20.94
N ILE E 303 -15.23 20.28 20.80
CA ILE E 303 -16.33 20.84 21.56
C ILE E 303 -17.06 19.70 22.24
N LYS E 304 -17.23 19.81 23.55
CA LYS E 304 -17.70 18.70 24.36
C LYS E 304 -19.19 18.44 24.13
N GLY E 305 -19.69 17.37 24.72
CA GLY E 305 -21.11 17.04 24.62
C GLY E 305 -21.62 16.60 25.97
N SER E 306 -22.75 15.89 25.94
CA SER E 306 -23.39 15.47 27.18
C SER E 306 -24.17 14.18 26.95
N GLY E 307 -24.16 13.32 27.96
CA GLY E 307 -24.89 12.08 27.89
C GLY E 307 -24.01 10.91 27.49
N ASN E 308 -24.32 10.27 26.35
CA ASN E 308 -23.54 9.16 25.83
C ASN E 308 -22.16 9.57 25.34
N THR E 309 -21.90 10.87 25.23
CA THR E 309 -20.59 11.41 24.87
C THR E 309 -19.80 11.77 26.11
N ALA E 310 -19.95 10.99 27.18
CA ALA E 310 -19.37 11.34 28.46
C ALA E 310 -17.86 11.12 28.46
N VAL E 311 -17.42 9.89 28.30
CA VAL E 311 -16.02 9.55 28.35
C VAL E 311 -15.40 9.81 26.98
N ILE E 312 -14.25 10.47 26.97
CA ILE E 312 -13.50 10.61 25.73
C ILE E 312 -12.91 9.26 25.37
N GLN E 313 -13.06 8.86 24.12
CA GLN E 313 -12.48 7.59 23.74
C GLN E 313 -10.96 7.73 23.55
N SER E 314 -10.24 6.74 24.09
CA SER E 314 -8.79 6.69 23.96
C SER E 314 -8.38 6.49 22.52
N SER E 315 -7.61 7.44 21.99
CA SER E 315 -7.36 7.56 20.56
C SER E 315 -5.98 7.04 20.16
N ALA E 316 -5.52 5.96 20.76
CA ALA E 316 -4.22 5.38 20.41
C ALA E 316 -4.42 4.48 19.19
N PHE E 317 -4.16 5.03 18.01
CA PHE E 317 -4.42 4.31 16.76
C PHE E 317 -3.14 3.69 16.25
N PHE E 318 -3.25 2.46 15.75
CA PHE E 318 -2.11 1.83 15.14
C PHE E 318 -2.57 1.08 13.91
N PRO E 319 -1.79 1.08 12.85
CA PRO E 319 -2.23 0.40 11.63
C PRO E 319 -1.72 -1.02 11.57
N THR E 320 -2.22 -1.79 10.61
CA THR E 320 -1.60 -3.07 10.44
C THR E 320 -0.95 -3.17 9.07
N PRO E 321 0.27 -3.70 9.01
CA PRO E 321 0.91 -3.93 7.71
C PRO E 321 0.20 -5.05 6.98
N SER E 322 0.37 -5.06 5.67
CA SER E 322 -0.50 -5.88 4.85
C SER E 322 0.23 -6.70 3.80
N GLY E 323 1.50 -6.44 3.55
CA GLY E 323 2.12 -7.11 2.43
C GLY E 323 1.64 -6.48 1.14
N SER E 324 1.77 -7.26 0.07
CA SER E 324 1.29 -6.87 -1.24
C SER E 324 1.21 -8.14 -2.08
N ILE E 325 1.14 -7.99 -3.40
CA ILE E 325 1.43 -9.10 -4.27
C ILE E 325 2.93 -9.26 -4.38
N VAL E 326 3.38 -10.47 -4.68
CA VAL E 326 4.79 -10.73 -4.92
C VAL E 326 4.88 -11.52 -6.21
N THR E 327 5.49 -10.91 -7.21
CA THR E 327 5.68 -11.56 -8.49
C THR E 327 7.06 -12.17 -8.56
N SER E 328 7.36 -12.81 -9.69
CA SER E 328 8.69 -13.29 -9.95
C SER E 328 9.44 -12.42 -10.95
N GLU E 329 8.84 -11.36 -11.46
CA GLU E 329 9.66 -10.42 -12.19
C GLU E 329 10.52 -9.57 -11.28
N SER E 330 10.13 -9.42 -10.02
CA SER E 330 10.76 -8.48 -9.12
C SER E 330 11.50 -9.22 -8.02
N GLN E 331 12.20 -10.27 -8.41
CA GLN E 331 13.06 -10.97 -7.48
C GLN E 331 14.39 -10.24 -7.37
N LEU E 332 15.29 -10.77 -6.57
CA LEU E 332 16.64 -10.25 -6.52
C LEU E 332 17.70 -11.32 -6.44
N PHE E 333 17.34 -12.58 -6.50
CA PHE E 333 18.30 -13.65 -6.39
C PHE E 333 18.34 -14.44 -7.68
N ASN E 334 19.25 -15.42 -7.72
CA ASN E 334 19.54 -16.27 -8.87
C ASN E 334 19.99 -15.48 -10.08
N LYS E 335 20.53 -14.27 -9.89
CA LYS E 335 21.09 -13.45 -10.93
C LYS E 335 22.46 -12.95 -10.46
N PRO E 336 23.48 -13.00 -11.29
CA PRO E 336 24.83 -12.72 -10.82
C PRO E 336 25.07 -11.25 -10.68
N TYR E 337 26.18 -10.90 -10.03
CA TYR E 337 26.52 -9.51 -9.78
C TYR E 337 28.03 -9.37 -9.91
N TRP E 338 28.46 -8.68 -10.95
CA TRP E 338 29.89 -8.49 -11.17
C TRP E 338 30.31 -7.15 -10.57
N LEU E 339 31.29 -7.18 -9.69
CA LEU E 339 31.76 -5.97 -9.02
C LEU E 339 32.71 -5.26 -9.95
N GLN E 340 32.15 -4.50 -10.89
CA GLN E 340 32.96 -3.73 -11.82
C GLN E 340 33.65 -2.56 -11.12
N ARG E 341 33.02 -2.00 -10.10
CA ARG E 341 33.57 -0.87 -9.37
C ARG E 341 32.81 -0.77 -8.05
N ALA E 342 33.53 -0.86 -6.94
CA ALA E 342 32.85 -0.70 -5.66
C ALA E 342 32.57 0.78 -5.41
N GLN E 343 31.73 1.04 -4.41
CA GLN E 343 31.33 2.41 -4.17
C GLN E 343 32.29 3.12 -3.22
N GLY E 344 32.91 2.38 -2.30
CA GLY E 344 33.82 3.00 -1.37
C GLY E 344 35.20 3.14 -1.98
N HIS E 345 36.23 2.95 -1.16
CA HIS E 345 37.57 2.88 -1.69
C HIS E 345 38.07 1.46 -1.85
N ASN E 346 37.62 0.55 -1.01
CA ASN E 346 38.04 -0.84 -1.10
C ASN E 346 37.35 -1.49 -2.27
N ASN E 347 38.01 -1.53 -3.42
CA ASN E 347 37.35 -2.01 -4.62
C ASN E 347 37.35 -3.52 -4.74
N GLY E 348 36.85 -4.21 -3.72
CA GLY E 348 36.73 -5.64 -3.75
C GLY E 348 37.75 -6.37 -2.91
N ILE E 349 38.69 -5.66 -2.29
CA ILE E 349 39.74 -6.31 -1.51
C ILE E 349 39.13 -6.83 -0.22
N CYS E 350 39.42 -8.08 0.11
CA CYS E 350 38.93 -8.70 1.32
C CYS E 350 40.08 -8.89 2.31
N TRP E 351 40.23 -7.93 3.22
CA TRP E 351 41.29 -8.04 4.20
C TRP E 351 40.97 -9.11 5.23
N GLY E 352 42.02 -9.61 5.87
CA GLY E 352 41.88 -10.58 6.93
C GLY E 352 41.35 -11.94 6.53
N ASN E 353 41.20 -12.18 5.23
CA ASN E 353 40.77 -13.44 4.64
C ASN E 353 39.38 -13.84 5.13
N GLN E 354 38.45 -12.88 5.03
CA GLN E 354 37.06 -13.14 5.36
C GLN E 354 36.18 -12.15 4.64
N LEU E 355 34.94 -12.57 4.38
CA LEU E 355 33.90 -11.71 3.85
C LEU E 355 32.65 -11.89 4.69
N PHE E 356 31.75 -10.91 4.59
CA PHE E 356 30.48 -10.97 5.31
C PHE E 356 29.39 -10.64 4.31
N VAL E 357 28.67 -11.62 3.86
CA VAL E 357 27.46 -11.38 3.10
C VAL E 357 26.30 -11.44 4.06
N THR E 358 25.24 -10.73 3.76
CA THR E 358 24.00 -10.88 4.51
C THR E 358 22.81 -10.73 3.59
N VAL E 359 21.77 -11.49 3.87
CA VAL E 359 20.52 -11.41 3.17
C VAL E 359 19.41 -11.36 4.19
N VAL E 360 18.32 -10.70 3.84
CA VAL E 360 17.06 -10.82 4.54
C VAL E 360 16.03 -10.96 3.45
N ASP E 361 15.39 -12.11 3.37
CA ASP E 361 14.40 -12.34 2.35
C ASP E 361 13.13 -12.80 3.01
N THR E 362 12.01 -12.23 2.62
CA THR E 362 10.75 -12.59 3.20
C THR E 362 9.66 -12.70 2.15
N THR E 363 10.02 -13.11 0.94
CA THR E 363 9.02 -13.50 -0.02
C THR E 363 8.94 -15.01 -0.16
N ARG E 364 9.79 -15.74 0.54
CA ARG E 364 9.84 -17.19 0.47
C ARG E 364 9.70 -17.79 1.85
N SER E 365 8.68 -17.38 2.59
CA SER E 365 8.64 -17.71 3.99
C SER E 365 7.41 -18.52 4.36
N THR E 366 7.11 -19.56 3.59
CA THR E 366 5.90 -20.32 3.83
C THR E 366 5.99 -21.11 5.13
N ASN E 367 4.83 -21.53 5.62
CA ASN E 367 4.73 -22.20 6.91
C ASN E 367 4.25 -23.63 6.72
N MET E 368 5.18 -24.56 6.84
CA MET E 368 4.91 -25.97 6.59
C MET E 368 4.03 -26.50 7.71
N THR E 369 2.74 -26.60 7.45
CA THR E 369 1.82 -27.05 8.47
C THR E 369 1.93 -28.56 8.65
N LEU E 370 1.98 -28.99 9.91
CA LEU E 370 2.20 -30.40 10.20
C LEU E 370 1.19 -30.91 11.22
N CYS E 371 0.75 -32.15 11.02
CA CYS E 371 -0.33 -32.73 11.83
C CYS E 371 -0.08 -34.22 12.05
N THR E 372 -0.09 -34.64 13.30
CA THR E 372 0.11 -36.04 13.65
C THR E 372 -1.06 -36.53 14.48
N GLU E 373 -1.57 -37.71 14.16
CA GLU E 373 -2.63 -38.37 14.90
C GLU E 373 -2.04 -39.15 16.08
N VAL E 374 -2.73 -39.11 17.22
CA VAL E 374 -2.37 -39.98 18.33
C VAL E 374 -3.38 -41.12 18.54
N THR E 375 -4.65 -40.91 18.17
CA THR E 375 -5.71 -41.84 18.54
C THR E 375 -6.63 -42.08 17.36
N LYS E 376 -6.55 -43.26 16.75
CA LYS E 376 -7.45 -43.60 15.65
C LYS E 376 -8.72 -44.20 16.22
N GLU E 377 -9.86 -43.58 15.92
CA GLU E 377 -11.17 -44.10 16.28
C GLU E 377 -12.04 -44.04 15.04
N GLY E 378 -13.25 -44.58 15.13
CA GLY E 378 -14.14 -44.64 13.99
C GLY E 378 -14.69 -43.32 13.51
N THR E 379 -14.71 -42.28 14.34
CA THR E 379 -15.18 -40.97 13.96
C THR E 379 -14.23 -39.88 14.44
N TYR E 380 -14.60 -38.64 14.11
CA TYR E 380 -13.70 -37.51 14.26
C TYR E 380 -13.87 -36.87 15.63
N LYS E 381 -12.80 -36.87 16.43
CA LYS E 381 -12.71 -36.11 17.66
C LYS E 381 -11.47 -35.24 17.60
N ASN E 382 -11.58 -33.99 18.07
CA ASN E 382 -10.48 -33.05 17.95
C ASN E 382 -9.28 -33.44 18.78
N ASP E 383 -9.49 -34.22 19.83
CA ASP E 383 -8.46 -34.49 20.83
C ASP E 383 -7.54 -35.64 20.44
N ASN E 384 -7.46 -35.97 19.15
CA ASN E 384 -6.66 -37.09 18.70
C ASN E 384 -5.53 -36.66 17.78
N PHE E 385 -5.36 -35.35 17.57
CA PHE E 385 -4.42 -34.86 16.58
C PHE E 385 -3.59 -33.74 17.19
N LYS E 386 -2.27 -33.90 17.18
CA LYS E 386 -1.34 -32.92 17.72
C LYS E 386 -0.68 -32.22 16.55
N GLU E 387 -0.87 -30.90 16.47
CA GLU E 387 -0.36 -30.10 15.36
C GLU E 387 0.98 -29.51 15.77
N TYR E 388 1.86 -29.37 14.81
CA TYR E 388 3.07 -28.58 14.94
C TYR E 388 3.16 -27.58 13.79
N VAL E 389 3.97 -26.56 13.96
CA VAL E 389 4.29 -25.62 12.89
C VAL E 389 5.78 -25.59 12.73
N ARG E 390 6.25 -25.87 11.51
CA ARG E 390 7.67 -25.89 11.22
C ARG E 390 7.94 -25.00 10.02
N HIS E 391 9.21 -24.76 9.75
CA HIS E 391 9.61 -23.89 8.65
C HIS E 391 10.99 -24.31 8.19
N VAL E 392 11.24 -24.17 6.89
CA VAL E 392 12.51 -24.58 6.32
C VAL E 392 12.83 -23.66 5.14
N GLU E 393 14.12 -23.49 4.88
CA GLU E 393 14.58 -22.79 3.69
C GLU E 393 16.02 -23.20 3.44
N GLU E 394 16.51 -23.00 2.22
CA GLU E 394 17.85 -23.40 1.85
C GLU E 394 18.58 -22.24 1.20
N TYR E 395 19.90 -22.39 1.09
CA TYR E 395 20.76 -21.36 0.56
C TYR E 395 21.97 -22.02 -0.08
N ASP E 396 22.65 -21.29 -0.96
CA ASP E 396 23.94 -21.67 -1.49
C ASP E 396 24.65 -20.48 -2.08
N LEU E 397 25.96 -20.58 -2.24
CA LEU E 397 26.75 -19.42 -2.60
C LEU E 397 27.76 -19.82 -3.64
N GLN E 398 28.01 -18.92 -4.58
CA GLN E 398 29.11 -19.08 -5.51
C GLN E 398 29.95 -17.82 -5.48
N PHE E 399 31.22 -17.97 -5.76
CA PHE E 399 32.14 -16.85 -5.78
C PHE E 399 33.16 -17.07 -6.87
N VAL E 400 33.71 -15.97 -7.36
CA VAL E 400 34.87 -16.01 -8.23
C VAL E 400 35.86 -14.97 -7.73
N PHE E 401 37.07 -15.42 -7.43
CA PHE E 401 38.04 -14.53 -6.81
C PHE E 401 39.20 -14.29 -7.76
N GLN E 402 40.04 -13.32 -7.40
CA GLN E 402 41.18 -13.03 -8.24
C GLN E 402 42.34 -12.67 -7.34
N LEU E 403 43.47 -13.32 -7.57
CA LEU E 403 44.64 -13.18 -6.71
C LEU E 403 45.37 -11.89 -7.06
N CYS E 404 45.76 -11.13 -6.04
CA CYS E 404 46.38 -9.83 -6.26
C CYS E 404 47.48 -9.60 -5.23
N LYS E 405 48.56 -8.96 -5.63
CA LYS E 405 49.75 -8.82 -4.78
C LYS E 405 49.96 -7.39 -4.37
N ILE E 406 50.35 -7.19 -3.12
CA ILE E 406 50.70 -5.87 -2.60
C ILE E 406 52.21 -5.75 -2.60
N THR E 407 52.71 -4.77 -3.33
CA THR E 407 54.14 -4.53 -3.37
C THR E 407 54.48 -3.73 -2.12
N LEU E 408 54.75 -4.43 -1.02
CA LEU E 408 54.92 -3.78 0.28
C LEU E 408 56.24 -3.04 0.28
N THR E 409 56.17 -1.75 -0.01
CA THR E 409 57.30 -0.85 0.12
C THR E 409 57.19 -0.18 1.48
N ALA E 410 58.12 0.72 1.82
CA ALA E 410 58.07 1.36 3.13
C ALA E 410 56.94 2.38 3.23
N GLU E 411 56.68 3.13 2.17
CA GLU E 411 55.66 4.17 2.21
C GLU E 411 54.27 3.57 2.33
N ILE E 412 54.07 2.41 1.72
CA ILE E 412 52.78 1.75 1.86
C ILE E 412 52.67 1.12 3.23
N MET E 413 53.79 0.72 3.82
CA MET E 413 53.78 0.06 5.12
C MET E 413 53.28 0.97 6.22
N THR E 414 53.67 2.24 6.19
CA THR E 414 53.14 3.16 7.17
C THR E 414 51.71 3.58 6.85
N TYR E 415 51.25 3.34 5.62
CA TYR E 415 49.85 3.60 5.31
C TYR E 415 48.96 2.55 5.93
N ILE E 416 49.41 1.29 5.90
CA ILE E 416 48.58 0.21 6.42
C ILE E 416 48.52 0.25 7.95
N HIS E 417 49.61 0.65 8.61
CA HIS E 417 49.61 0.68 10.06
C HIS E 417 48.68 1.75 10.59
N THR E 418 48.52 2.85 9.86
CA THR E 418 47.54 3.83 10.24
C THR E 418 46.12 3.37 9.92
N MET E 419 45.96 2.46 8.96
CA MET E 419 44.64 1.92 8.69
C MET E 419 44.19 1.02 9.82
N ASP E 420 44.90 -0.08 10.02
CA ASP E 420 44.61 -1.07 11.06
C ASP E 420 45.81 -1.99 11.16
N SER E 421 46.29 -2.19 12.40
CA SER E 421 47.49 -2.98 12.59
C SER E 421 47.20 -4.47 12.50
N ASN E 422 45.92 -4.85 12.61
CA ASN E 422 45.53 -6.26 12.74
C ASN E 422 45.80 -7.08 11.49
N ILE E 423 45.98 -6.43 10.35
CA ILE E 423 46.41 -7.12 9.15
C ILE E 423 47.90 -7.36 9.17
N LEU E 424 48.69 -6.39 9.61
CA LEU E 424 50.14 -6.50 9.70
C LEU E 424 50.59 -7.56 10.70
N GLU E 425 49.74 -7.92 11.66
CA GLU E 425 50.10 -9.01 12.55
C GLU E 425 50.00 -10.35 11.85
N ASP E 426 48.91 -10.60 11.13
CA ASP E 426 48.62 -11.94 10.66
C ASP E 426 49.50 -12.38 9.49
N TRP E 427 50.19 -11.46 8.83
CA TRP E 427 51.19 -11.88 7.87
C TRP E 427 52.51 -12.23 8.52
N GLN E 428 52.66 -11.93 9.81
CA GLN E 428 53.95 -11.95 10.52
C GLN E 428 55.01 -11.18 9.75
N PHE E 429 54.86 -9.85 9.73
CA PHE E 429 55.80 -9.03 8.97
C PHE E 429 56.51 -8.05 9.89
N GLY E 430 57.64 -8.50 10.43
CA GLY E 430 58.55 -7.61 11.13
C GLY E 430 58.09 -7.15 12.50
N LEU E 431 57.93 -8.07 13.43
CA LEU E 431 57.59 -7.76 14.82
C LEU E 431 58.31 -8.73 15.75
N THR E 432 58.75 -8.21 16.90
CA THR E 432 59.59 -8.92 17.87
C THR E 432 58.86 -10.00 18.69
N PRO E 433 57.61 -9.85 19.16
CA PRO E 433 56.95 -11.01 19.82
C PRO E 433 56.62 -12.20 18.92
N PRO E 434 55.96 -12.07 17.75
CA PRO E 434 55.24 -13.24 17.17
C PRO E 434 56.14 -14.37 16.67
N PRO E 435 57.48 -14.19 16.54
CA PRO E 435 58.34 -15.38 16.65
C PRO E 435 58.09 -16.15 17.93
N SER E 436 58.32 -15.54 19.09
CA SER E 436 58.14 -16.24 20.35
C SER E 436 59.13 -17.36 20.54
N ALA E 437 58.66 -18.60 20.39
CA ALA E 437 59.49 -19.77 20.51
C ALA E 437 58.85 -21.03 19.95
N SER E 438 58.96 -22.14 20.67
CA SER E 438 58.29 -23.37 20.28
C SER E 438 56.79 -23.23 20.42
N LEU E 439 56.09 -24.23 19.91
CA LEU E 439 54.64 -24.14 19.80
C LEU E 439 54.00 -24.79 21.02
N GLN E 440 52.69 -25.00 20.92
CA GLN E 440 51.89 -25.52 22.02
C GLN E 440 52.25 -26.97 22.31
N ASP E 441 52.05 -27.38 23.55
CA ASP E 441 52.47 -28.70 23.99
C ASP E 441 51.21 -29.53 24.22
N THR E 442 50.76 -30.18 23.15
CA THR E 442 49.49 -30.91 23.22
C THR E 442 49.70 -32.27 23.85
N TYR E 443 48.61 -32.88 24.28
CA TYR E 443 48.63 -34.26 24.74
C TYR E 443 47.95 -35.15 23.72
N ARG E 444 48.04 -36.44 23.96
CA ARG E 444 47.05 -37.35 23.41
C ARG E 444 45.98 -37.40 24.47
N PHE E 445 44.72 -37.33 24.04
CA PHE E 445 43.65 -36.91 24.95
C PHE E 445 43.35 -37.97 25.99
N VAL E 446 43.32 -37.53 27.24
CA VAL E 446 42.92 -38.33 28.39
C VAL E 446 41.87 -37.50 29.12
N THR E 447 40.79 -38.14 29.54
CA THR E 447 39.74 -37.41 30.23
C THR E 447 40.06 -37.08 31.68
N SER E 448 40.52 -38.05 32.47
CA SER E 448 40.41 -37.95 33.92
C SER E 448 41.53 -37.14 34.56
N GLN E 449 42.78 -37.57 34.43
CA GLN E 449 43.90 -36.84 35.01
C GLN E 449 44.41 -35.87 33.96
N ALA E 450 45.60 -35.28 34.15
CA ALA E 450 46.20 -34.27 33.27
C ALA E 450 45.30 -33.02 33.18
N ILE E 451 45.42 -32.22 34.24
CA ILE E 451 44.55 -31.10 34.65
C ILE E 451 44.08 -30.16 33.54
N THR E 452 44.79 -30.11 32.41
CA THR E 452 44.37 -29.29 31.28
C THR E 452 43.07 -29.82 30.66
N CYS E 453 42.21 -28.88 30.26
CA CYS E 453 40.90 -29.20 29.71
C CYS E 453 40.57 -28.16 28.65
N GLN E 454 39.28 -28.06 28.30
CA GLN E 454 38.77 -27.17 27.27
C GLN E 454 38.55 -25.75 27.76
N LYS E 455 38.93 -25.46 29.00
CA LYS E 455 38.86 -24.11 29.53
C LYS E 455 39.91 -23.22 28.86
N THR E 456 39.68 -21.91 28.89
CA THR E 456 40.52 -20.97 28.18
C THR E 456 41.58 -20.34 29.07
N ALA E 457 41.89 -20.95 30.20
CA ALA E 457 43.05 -20.47 30.96
C ALA E 457 44.38 -20.71 30.23
N PRO E 458 44.52 -21.61 29.25
CA PRO E 458 45.51 -21.37 28.22
C PRO E 458 45.02 -20.30 27.28
N PRO E 459 45.78 -19.21 27.12
CA PRO E 459 45.42 -18.20 26.13
C PRO E 459 45.71 -18.69 24.73
N LYS E 460 44.90 -18.22 23.79
CA LYS E 460 45.08 -18.56 22.40
C LYS E 460 46.10 -17.62 21.80
N GLU E 461 46.81 -17.99 20.74
CA GLU E 461 47.65 -17.00 20.03
C GLU E 461 46.85 -15.91 19.33
N LYS E 462 45.54 -16.09 19.15
CA LYS E 462 44.70 -15.12 18.46
C LYS E 462 43.46 -14.86 19.31
N GLU E 463 43.16 -13.58 19.52
CA GLU E 463 41.96 -13.15 20.23
C GLU E 463 41.20 -12.20 19.32
N ASP E 464 39.87 -12.23 19.38
CA ASP E 464 39.12 -11.32 18.52
C ASP E 464 37.78 -10.95 19.14
N PRO E 465 37.36 -9.69 19.05
CA PRO E 465 36.06 -9.29 19.60
C PRO E 465 34.87 -9.89 18.86
N LEU E 466 35.06 -10.36 17.63
CA LEU E 466 33.96 -10.97 16.91
C LEU E 466 33.61 -12.35 17.44
N ASN E 467 34.45 -12.93 18.30
CA ASN E 467 34.14 -14.21 18.91
C ASN E 467 33.00 -14.08 19.91
N LYS E 468 32.79 -12.89 20.47
CA LYS E 468 31.65 -12.65 21.36
C LYS E 468 30.33 -12.73 20.59
N TYR E 469 30.30 -12.17 19.40
CA TYR E 469 29.10 -12.21 18.57
C TYR E 469 28.94 -13.60 17.97
N THR E 470 27.78 -13.87 17.40
CA THR E 470 27.54 -15.16 16.76
C THR E 470 27.04 -14.98 15.34
N PHE E 471 27.46 -15.89 14.47
CA PHE E 471 27.12 -15.86 13.06
C PHE E 471 26.63 -17.21 12.60
N TRP E 472 26.54 -17.39 11.29
CA TRP E 472 26.37 -18.69 10.65
C TRP E 472 27.60 -18.89 9.79
N GLU E 473 28.59 -19.61 10.33
CA GLU E 473 29.88 -19.72 9.67
C GLU E 473 29.81 -20.67 8.50
N VAL E 474 30.55 -20.36 7.45
CA VAL E 474 30.65 -21.20 6.26
C VAL E 474 32.12 -21.42 5.99
N ASN E 475 32.54 -22.69 5.95
CA ASN E 475 33.94 -23.04 5.88
C ASN E 475 34.35 -23.36 4.44
N LEU E 476 35.42 -22.72 3.99
CA LEU E 476 35.75 -22.73 2.57
C LEU E 476 37.24 -22.85 2.30
N LYS E 477 38.03 -23.37 3.24
CA LYS E 477 39.44 -23.49 2.94
C LYS E 477 39.77 -24.64 1.99
N GLU E 478 38.81 -25.50 1.70
CA GLU E 478 39.10 -26.66 0.87
C GLU E 478 38.21 -26.80 -0.36
N LYS E 479 37.45 -25.79 -0.72
CA LYS E 479 36.61 -25.91 -1.90
C LYS E 479 37.09 -25.07 -3.06
N PHE E 480 38.29 -24.52 -3.01
CA PHE E 480 38.76 -23.74 -4.16
C PHE E 480 39.07 -24.65 -5.33
N SER E 481 39.12 -24.03 -6.51
CA SER E 481 39.48 -24.74 -7.73
C SER E 481 40.08 -23.72 -8.67
N ALA E 482 41.18 -24.10 -9.32
CA ALA E 482 41.80 -23.20 -10.29
C ALA E 482 41.07 -23.18 -11.62
N ASP E 483 40.54 -24.32 -12.05
CA ASP E 483 39.76 -24.37 -13.27
C ASP E 483 38.33 -24.03 -12.90
N LEU E 484 37.61 -23.43 -13.84
CA LEU E 484 36.33 -22.85 -13.50
C LEU E 484 35.19 -23.22 -14.43
N ASP E 485 35.45 -23.64 -15.67
CA ASP E 485 34.34 -23.85 -16.59
C ASP E 485 33.63 -25.19 -16.40
N GLN E 486 33.99 -25.95 -15.37
CA GLN E 486 33.21 -27.10 -14.95
C GLN E 486 32.18 -26.74 -13.89
N PHE E 487 31.87 -25.47 -13.73
CA PHE E 487 31.03 -24.93 -12.68
C PHE E 487 30.11 -23.86 -13.26
N PRO E 488 28.94 -23.63 -12.69
CA PRO E 488 27.95 -22.77 -13.38
C PRO E 488 28.33 -21.31 -13.42
N LEU E 489 28.94 -20.78 -12.39
CA LEU E 489 29.36 -19.38 -12.42
C LEU E 489 30.53 -19.16 -13.33
N GLY E 490 31.35 -20.18 -13.55
CA GLY E 490 32.51 -20.03 -14.40
C GLY E 490 32.08 -19.82 -15.84
N ARG E 491 31.22 -20.71 -16.32
CA ARG E 491 30.83 -20.66 -17.71
C ARG E 491 30.00 -19.43 -18.03
N LYS E 492 29.36 -18.83 -17.05
CA LYS E 492 28.77 -17.52 -17.32
C LYS E 492 29.80 -16.41 -17.26
N PHE E 493 30.85 -16.58 -16.47
CA PHE E 493 31.87 -15.55 -16.35
C PHE E 493 32.75 -15.44 -17.57
N LEU E 494 33.06 -16.57 -18.20
CA LEU E 494 33.89 -16.53 -19.39
C LEU E 494 33.20 -15.89 -20.58
N LEU E 495 31.87 -15.95 -20.62
CA LEU E 495 31.17 -15.23 -21.68
C LEU E 495 31.22 -13.73 -21.45
N GLN E 496 31.30 -13.30 -20.19
CA GLN E 496 31.27 -11.89 -19.89
C GLN E 496 32.59 -11.21 -20.23
N SER E 497 33.71 -11.90 -20.02
CA SER E 497 34.99 -11.30 -20.34
C SER E 497 35.35 -11.41 -21.82
N GLY E 498 34.81 -12.39 -22.52
CA GLY E 498 35.15 -12.60 -23.91
C GLY E 498 36.43 -13.39 -24.10
N LEU E 499 36.61 -14.44 -23.32
CA LEU E 499 37.77 -15.32 -23.45
C LEU E 499 37.37 -16.72 -23.91
N ASP F 1 -7.51 -9.21 49.87
CA ASP F 1 -6.40 -8.38 50.29
C ASP F 1 -5.24 -9.22 50.78
N ILE F 2 -4.03 -8.68 50.66
CA ILE F 2 -2.85 -9.29 51.26
C ILE F 2 -2.34 -8.37 52.36
N GLN F 3 -2.56 -8.79 53.61
CA GLN F 3 -2.26 -7.99 54.78
C GLN F 3 -0.78 -8.12 55.12
N MET F 4 -0.25 -7.10 55.77
CA MET F 4 1.16 -7.01 56.06
C MET F 4 1.37 -7.08 57.57
N THR F 5 2.37 -7.84 58.01
CA THR F 5 2.67 -8.02 59.42
C THR F 5 4.04 -7.41 59.71
N GLN F 6 4.07 -6.12 60.00
CA GLN F 6 5.30 -5.42 60.36
C GLN F 6 5.56 -5.55 61.85
N SER F 7 6.79 -5.91 62.19
CA SER F 7 7.24 -6.10 63.57
C SER F 7 8.65 -5.54 63.65
N PRO F 8 9.09 -5.00 64.80
CA PRO F 8 8.44 -4.81 66.11
C PRO F 8 7.58 -3.56 66.18
N ALA F 9 6.90 -3.36 67.31
CA ALA F 9 6.06 -2.18 67.45
C ALA F 9 6.90 -0.92 67.61
N SER F 10 8.11 -1.07 68.16
CA SER F 10 9.06 0.02 68.32
C SER F 10 10.43 -0.58 68.56
N LEU F 11 11.43 0.28 68.71
CA LEU F 11 12.75 -0.15 69.11
C LEU F 11 13.48 1.01 69.77
N SER F 12 14.14 0.74 70.89
CA SER F 12 15.03 1.68 71.54
C SER F 12 16.44 1.41 71.02
N VAL F 13 17.03 2.38 70.34
CA VAL F 13 18.35 2.24 69.74
C VAL F 13 19.11 3.54 69.97
N SER F 14 20.44 3.44 69.96
CA SER F 14 21.31 4.60 70.00
C SER F 14 22.03 4.75 68.66
N VAL F 15 22.94 5.71 68.61
CA VAL F 15 23.64 6.01 67.37
C VAL F 15 24.72 4.96 67.12
N GLY F 16 24.65 4.32 65.95
CA GLY F 16 25.71 3.45 65.50
C GLY F 16 25.31 2.01 65.26
N GLU F 17 24.22 1.55 65.86
CA GLU F 17 23.86 0.15 65.81
C GLU F 17 23.28 -0.21 64.44
N THR F 18 23.29 -1.51 64.14
CA THR F 18 22.73 -2.06 62.91
C THR F 18 21.31 -2.54 63.18
N VAL F 19 20.34 -1.98 62.46
CA VAL F 19 18.93 -2.16 62.79
C VAL F 19 18.22 -2.93 61.70
N THR F 20 17.07 -3.51 62.05
CA THR F 20 16.31 -4.39 61.17
C THR F 20 14.84 -4.37 61.58
N ILE F 21 13.96 -4.08 60.64
CA ILE F 21 12.52 -4.13 60.85
C ILE F 21 11.94 -5.25 59.99
N THR F 22 11.12 -6.11 60.61
CA THR F 22 10.53 -7.25 59.94
C THR F 22 9.28 -6.83 59.18
N CYS F 23 9.13 -7.35 57.98
CA CYS F 23 8.01 -7.01 57.10
C CYS F 23 7.63 -8.26 56.32
N ARG F 24 6.41 -8.77 56.55
CA ARG F 24 5.99 -10.07 56.05
C ARG F 24 4.53 -10.04 55.61
N ALA F 25 4.25 -10.65 54.46
CA ALA F 25 2.91 -10.69 53.90
C ALA F 25 2.43 -12.14 53.71
N SER F 26 1.34 -12.28 52.95
CA SER F 26 0.70 -13.57 52.77
C SER F 26 1.00 -14.20 51.42
N GLU F 27 1.32 -13.40 50.41
CA GLU F 27 1.51 -13.89 49.06
C GLU F 27 2.89 -13.46 48.58
N ASN F 28 3.45 -14.26 47.67
CA ASN F 28 4.69 -13.90 47.01
C ASN F 28 4.47 -12.67 46.16
N ILE F 29 4.75 -11.49 46.73
CA ILE F 29 4.93 -10.28 45.95
C ILE F 29 6.41 -10.22 45.59
N TYR F 30 6.68 -9.83 44.36
CA TYR F 30 8.01 -10.01 43.79
C TYR F 30 8.77 -8.70 43.95
N SER F 31 9.23 -8.46 45.19
CA SER F 31 10.14 -7.37 45.56
C SER F 31 9.55 -5.99 45.28
N ASN F 32 8.23 -5.89 45.26
CA ASN F 32 7.56 -4.61 45.00
C ASN F 32 7.17 -4.01 46.35
N LEU F 33 8.18 -3.57 47.10
CA LEU F 33 7.98 -3.00 48.42
C LEU F 33 8.54 -1.59 48.49
N ILE F 34 7.90 -0.75 49.30
CA ILE F 34 8.34 0.63 49.56
C ILE F 34 8.43 0.82 51.06
N TRP F 35 9.56 1.38 51.52
CA TRP F 35 9.75 1.76 52.91
C TRP F 35 9.68 3.27 53.05
N TYR F 36 9.25 3.75 54.22
CA TYR F 36 8.93 5.15 54.43
C TYR F 36 9.36 5.63 55.81
N GLN F 37 9.46 6.96 55.95
CA GLN F 37 9.88 7.61 57.18
C GLN F 37 8.92 8.76 57.51
N GLN F 38 8.43 8.77 58.75
CA GLN F 38 7.58 9.85 59.25
C GLN F 38 8.10 10.33 60.58
N LYS F 39 8.37 11.62 60.70
CA LYS F 39 8.62 12.21 62.00
C LYS F 39 7.36 12.90 62.49
N GLN F 40 7.41 13.39 63.74
CA GLN F 40 6.22 13.95 64.36
C GLN F 40 5.88 15.31 63.75
N GLY F 41 4.58 15.53 63.52
CA GLY F 41 4.12 16.76 62.90
C GLY F 41 4.48 16.88 61.44
N LYS F 42 4.73 15.77 60.77
CA LYS F 42 5.27 15.78 59.42
C LYS F 42 4.61 14.69 58.58
N SER F 43 4.85 14.77 57.28
CA SER F 43 4.38 13.92 56.20
C SER F 43 5.41 12.84 55.88
N PRO F 44 5.01 11.72 55.28
CA PRO F 44 6.00 10.70 54.89
C PRO F 44 6.94 11.17 53.79
N GLN F 45 8.07 10.46 53.65
CA GLN F 45 9.11 10.80 52.68
C GLN F 45 9.71 9.55 52.06
N LEU F 46 9.98 9.61 50.75
CA LEU F 46 10.40 8.46 49.97
C LEU F 46 11.83 8.06 50.34
N LEU F 47 12.02 6.79 50.66
CA LEU F 47 13.34 6.28 50.99
C LEU F 47 13.86 5.30 49.94
N VAL F 48 13.16 4.18 49.74
CA VAL F 48 13.61 3.16 48.79
C VAL F 48 12.42 2.67 48.00
N TYR F 49 12.67 2.35 46.73
CA TYR F 49 11.61 1.85 45.85
C TYR F 49 12.03 0.52 45.26
N ALA F 50 11.03 -0.36 45.12
CA ALA F 50 11.16 -1.73 44.62
C ALA F 50 12.14 -2.57 45.42
N ALA F 51 12.27 -2.26 46.73
CA ALA F 51 12.96 -3.05 47.76
C ALA F 51 14.46 -3.19 47.57
N THR F 52 15.03 -2.60 46.52
CA THR F 52 16.47 -2.56 46.34
C THR F 52 17.00 -1.19 45.93
N ASN F 53 16.16 -0.34 45.36
CA ASN F 53 16.61 0.86 44.67
C ASN F 53 16.28 2.09 45.51
N LEU F 54 17.29 2.93 45.77
CA LEU F 54 17.07 4.15 46.51
C LEU F 54 16.61 5.27 45.57
N ALA F 55 15.68 6.08 46.06
CA ALA F 55 15.37 7.34 45.39
C ALA F 55 16.31 8.43 45.88
N ASP F 56 16.30 9.57 45.18
CA ASP F 56 17.41 10.53 45.25
C ASP F 56 17.43 11.28 46.57
N GLY F 57 18.61 11.79 46.92
CA GLY F 57 18.83 12.60 48.10
C GLY F 57 19.25 11.85 49.34
N VAL F 58 19.14 10.52 49.36
CA VAL F 58 19.29 9.79 50.61
C VAL F 58 20.73 9.31 50.79
N PRO F 59 21.21 9.15 52.02
CA PRO F 59 22.53 8.56 52.23
C PRO F 59 22.50 7.04 52.08
N SER F 60 23.69 6.45 52.06
CA SER F 60 23.83 5.03 51.76
C SER F 60 23.77 4.15 52.99
N ARG F 61 23.29 4.66 54.13
CA ARG F 61 23.11 3.79 55.28
C ARG F 61 21.97 2.81 55.04
N PHE F 62 20.93 3.24 54.34
CA PHE F 62 19.79 2.38 54.03
C PHE F 62 20.17 1.38 52.95
N SER F 63 19.88 0.10 53.22
CA SER F 63 20.06 -0.93 52.22
C SER F 63 18.94 -1.96 52.36
N GLY F 64 18.35 -2.33 51.23
CA GLY F 64 17.22 -3.25 51.21
C GLY F 64 17.70 -4.66 50.96
N SER F 65 16.87 -5.63 51.39
CA SER F 65 17.20 -7.04 51.22
C SER F 65 15.92 -7.87 51.24
N GLY F 66 16.04 -9.11 50.80
CA GLY F 66 14.97 -10.06 50.88
C GLY F 66 14.34 -10.34 49.53
N SER F 67 13.78 -11.55 49.43
CA SER F 67 12.97 -11.95 48.29
C SER F 67 11.95 -12.98 48.76
N GLY F 68 10.92 -13.16 47.96
CA GLY F 68 9.87 -14.10 48.33
C GLY F 68 8.78 -13.42 49.12
N THR F 69 8.51 -13.93 50.32
CA THR F 69 7.42 -13.40 51.13
C THR F 69 7.92 -12.56 52.30
N GLN F 70 9.23 -12.35 52.40
CA GLN F 70 9.84 -11.68 53.55
C GLN F 70 10.86 -10.65 53.06
N TYR F 71 10.85 -9.47 53.69
CA TYR F 71 11.79 -8.40 53.36
C TYR F 71 12.14 -7.63 54.63
N SER F 72 13.32 -7.03 54.63
CA SER F 72 13.77 -6.24 55.77
C SER F 72 14.82 -5.25 55.28
N LEU F 73 14.90 -4.11 55.97
CA LEU F 73 15.79 -3.03 55.58
C LEU F 73 16.90 -2.91 56.61
N LYS F 74 18.11 -2.60 56.15
CA LYS F 74 19.30 -2.52 56.99
C LYS F 74 19.89 -1.13 56.96
N ILE F 75 20.10 -0.55 58.15
CA ILE F 75 20.78 0.72 58.32
C ILE F 75 21.98 0.49 59.23
N ASN F 76 23.17 0.83 58.75
CA ASN F 76 24.34 0.83 59.60
C ASN F 76 24.76 2.25 59.93
N SER F 77 25.28 2.42 61.15
CA SER F 77 25.59 3.72 61.77
C SER F 77 24.40 4.66 61.72
N LEU F 78 23.33 4.30 62.44
CA LEU F 78 22.10 5.07 62.40
C LEU F 78 22.30 6.43 63.07
N GLN F 79 21.72 7.46 62.47
CA GLN F 79 21.97 8.85 62.83
C GLN F 79 20.72 9.50 63.40
N SER F 80 20.91 10.75 63.85
CA SER F 80 19.83 11.46 64.54
C SER F 80 18.75 11.95 63.59
N GLU F 81 19.03 11.96 62.29
CA GLU F 81 18.02 12.38 61.32
C GLU F 81 17.09 11.23 60.94
N ASP F 82 17.40 10.01 61.38
CA ASP F 82 16.60 8.86 60.99
C ASP F 82 15.48 8.53 61.97
N PHE F 83 15.46 9.19 63.12
CA PHE F 83 14.47 8.84 64.15
C PHE F 83 13.09 9.33 63.75
N GLY F 84 12.12 8.42 63.79
CA GLY F 84 10.75 8.71 63.44
C GLY F 84 9.92 7.46 63.43
N SER F 85 8.79 7.53 62.73
CA SER F 85 7.86 6.41 62.59
C SER F 85 7.85 5.90 61.16
N TYR F 86 7.78 4.57 61.01
CA TYR F 86 8.11 3.91 59.76
C TYR F 86 6.93 3.13 59.21
N TYR F 87 7.00 2.80 57.92
CA TYR F 87 5.99 2.02 57.23
C TYR F 87 6.63 1.29 56.05
N CYS F 88 6.42 -0.02 55.96
CA CYS F 88 6.79 -0.78 54.77
C CYS F 88 5.53 -1.14 53.98
N GLN F 89 5.55 -0.82 52.69
CA GLN F 89 4.34 -0.89 51.88
C GLN F 89 4.57 -1.75 50.64
N HIS F 90 3.78 -2.80 50.50
CA HIS F 90 3.69 -3.55 49.26
C HIS F 90 2.73 -2.82 48.33
N PHE F 91 2.90 -3.00 47.02
CA PHE F 91 1.96 -2.32 46.14
C PHE F 91 1.45 -3.17 44.99
N TRP F 92 1.21 -4.46 45.23
CA TRP F 92 0.31 -5.18 44.36
C TRP F 92 -0.98 -5.47 45.14
N GLY F 93 -2.11 -5.24 44.51
CA GLY F 93 -3.29 -5.89 45.06
C GLY F 93 -4.48 -4.96 45.14
N THR F 94 -5.58 -5.49 44.92
CA THR F 94 -6.81 -4.82 45.23
C THR F 94 -7.37 -5.35 46.54
N PRO F 95 -7.24 -4.59 47.65
CA PRO F 95 -6.61 -3.27 47.76
C PRO F 95 -5.18 -3.30 48.32
N LEU F 96 -4.47 -2.19 48.13
CA LEU F 96 -3.13 -2.01 48.66
C LEU F 96 -3.17 -1.83 50.17
N THR F 97 -2.29 -2.55 50.87
CA THR F 97 -2.19 -2.43 52.31
C THR F 97 -0.80 -1.91 52.67
N PHE F 98 -0.63 -1.55 53.94
CA PHE F 98 0.55 -0.84 54.39
C PHE F 98 1.17 -1.53 55.59
N GLY F 99 2.17 -0.89 56.17
CA GLY F 99 2.85 -1.45 57.32
C GLY F 99 2.14 -1.16 58.63
N ALA F 100 2.53 -1.93 59.65
CA ALA F 100 1.90 -1.79 60.97
C ALA F 100 2.36 -0.52 61.67
N GLY F 101 3.58 -0.08 61.41
CA GLY F 101 4.10 1.14 61.97
C GLY F 101 4.96 0.89 63.19
N THR F 102 6.25 1.17 63.03
CA THR F 102 7.19 1.16 64.14
C THR F 102 7.73 2.55 64.39
N LYS F 103 7.66 2.98 65.63
CA LYS F 103 8.18 4.28 66.05
C LYS F 103 9.59 4.05 66.55
N LEU F 104 10.56 4.55 65.81
CA LEU F 104 11.97 4.26 66.09
C LEU F 104 12.44 5.19 67.20
N GLU F 105 12.57 4.65 68.41
CA GLU F 105 12.82 5.43 69.60
C GLU F 105 14.28 5.37 70.00
N ILE F 106 14.62 6.21 70.96
CA ILE F 106 15.99 6.38 71.40
C ILE F 106 16.23 5.46 72.59
N LYS F 107 17.47 4.96 72.72
CA LYS F 107 17.84 4.12 73.84
C LYS F 107 18.42 4.96 74.98
N ARG F 108 18.08 4.61 76.21
CA ARG F 108 18.68 5.23 77.38
C ARG F 108 18.62 4.26 78.55
N ALA F 109 19.49 4.48 79.53
CA ALA F 109 19.45 3.68 80.75
C ALA F 109 18.22 4.04 81.56
N ASP F 110 17.73 3.07 82.33
CA ASP F 110 16.45 3.24 83.00
C ASP F 110 16.60 4.02 84.30
N ALA F 111 15.60 4.84 84.59
CA ALA F 111 15.51 5.61 85.81
C ALA F 111 14.12 5.47 86.39
N ALA F 112 14.05 5.30 87.71
CA ALA F 112 12.79 5.13 88.41
C ALA F 112 11.98 6.42 88.36
N PRO F 113 10.65 6.31 88.30
CA PRO F 113 9.82 7.51 88.16
C PRO F 113 9.79 8.38 89.42
N THR F 114 9.44 9.64 89.20
CA THR F 114 9.12 10.58 90.27
C THR F 114 7.63 10.89 90.16
N VAL F 115 6.83 10.17 90.96
CA VAL F 115 5.38 10.23 90.90
C VAL F 115 4.85 10.91 92.16
N SER F 116 3.90 11.83 91.99
CA SER F 116 3.34 12.57 93.11
C SER F 116 1.83 12.61 93.02
N ILE F 117 1.16 12.21 94.08
CA ILE F 117 -0.29 12.13 94.15
C ILE F 117 -0.81 13.44 94.74
N PHE F 118 -2.07 13.77 94.44
CA PHE F 118 -2.69 15.02 94.84
C PHE F 118 -4.11 14.80 95.35
N PRO F 119 -4.56 15.57 96.34
CA PRO F 119 -6.00 15.65 96.63
C PRO F 119 -6.71 16.47 95.56
N PRO F 120 -8.02 16.28 95.39
CA PRO F 120 -8.73 17.00 94.32
C PRO F 120 -8.88 18.50 94.59
N SER F 121 -9.28 19.22 93.55
CA SER F 121 -9.42 20.66 93.61
C SER F 121 -10.77 21.05 94.20
N SER F 122 -10.76 22.17 94.94
CA SER F 122 -11.97 22.64 95.63
C SER F 122 -12.91 23.36 94.68
N GLU F 123 -12.47 23.65 93.46
CA GLU F 123 -13.35 24.31 92.50
C GLU F 123 -14.35 23.33 91.90
N GLN F 124 -13.96 22.06 91.77
CA GLN F 124 -14.88 21.03 91.27
C GLN F 124 -15.90 20.65 92.31
N LEU F 125 -15.55 20.79 93.60
CA LEU F 125 -16.44 20.36 94.67
C LEU F 125 -17.64 21.28 94.78
N THR F 126 -17.48 22.55 94.40
CA THR F 126 -18.61 23.47 94.40
C THR F 126 -19.54 23.18 93.23
N SER F 127 -18.98 22.83 92.07
CA SER F 127 -19.81 22.45 90.94
C SER F 127 -20.31 21.01 91.05
N GLY F 128 -19.69 20.21 91.91
CA GLY F 128 -20.17 18.88 92.17
C GLY F 128 -19.34 17.74 91.65
N GLY F 129 -18.02 17.89 91.55
CA GLY F 129 -17.20 16.79 91.10
C GLY F 129 -15.92 16.67 91.88
N ALA F 130 -15.17 15.59 91.65
CA ALA F 130 -13.85 15.41 92.25
C ALA F 130 -13.03 14.50 91.36
N SER F 131 -12.00 15.05 90.73
CA SER F 131 -11.12 14.30 89.85
C SER F 131 -9.85 13.95 90.61
N VAL F 132 -9.52 12.66 90.65
CA VAL F 132 -8.33 12.17 91.33
C VAL F 132 -7.30 11.81 90.27
N VAL F 133 -6.15 12.48 90.30
CA VAL F 133 -5.15 12.40 89.24
C VAL F 133 -3.83 11.90 89.85
N CYS F 134 -3.17 10.98 89.15
CA CYS F 134 -1.85 10.49 89.52
C CYS F 134 -0.89 10.75 88.39
N PHE F 135 0.06 11.68 88.59
CA PHE F 135 1.01 12.11 87.57
C PHE F 135 2.26 11.24 87.60
N LEU F 136 2.54 10.57 86.49
CA LEU F 136 3.71 9.69 86.37
C LEU F 136 4.76 10.40 85.53
N ASN F 137 5.82 10.89 86.17
CA ASN F 137 6.79 11.75 85.54
C ASN F 137 8.18 11.11 85.48
N ASN F 138 8.81 11.27 84.31
CA ASN F 138 10.25 11.11 84.08
C ASN F 138 10.78 9.73 84.44
N PHE F 139 10.31 8.72 83.69
CA PHE F 139 10.79 7.37 83.86
C PHE F 139 11.18 6.79 82.51
N TYR F 140 11.39 5.46 82.52
CA TYR F 140 11.73 4.66 81.36
C TYR F 140 11.56 3.22 81.80
N PRO F 141 11.02 2.34 80.94
CA PRO F 141 10.56 2.54 79.57
C PRO F 141 9.15 3.12 79.48
N LYS F 142 8.61 3.22 78.26
CA LYS F 142 7.28 3.79 78.07
C LYS F 142 6.19 2.88 78.64
N ASP F 143 6.40 1.57 78.58
CA ASP F 143 5.40 0.62 79.06
C ASP F 143 5.35 0.65 80.59
N ILE F 144 4.18 0.98 81.13
CA ILE F 144 3.95 1.02 82.57
C ILE F 144 2.45 0.81 82.79
N ASN F 145 2.10 0.23 83.93
CA ASN F 145 0.72 -0.02 84.29
C ASN F 145 0.40 0.61 85.64
N VAL F 146 -0.77 1.23 85.72
CA VAL F 146 -1.17 2.04 86.87
C VAL F 146 -2.38 1.36 87.53
N LYS F 147 -2.40 1.37 88.87
CA LYS F 147 -3.48 0.79 89.65
C LYS F 147 -4.18 1.87 90.48
N TRP F 148 -5.49 2.00 90.29
CA TRP F 148 -6.31 2.90 91.10
C TRP F 148 -6.97 2.11 92.23
N LYS F 149 -7.06 2.73 93.41
CA LYS F 149 -7.51 2.06 94.62
C LYS F 149 -8.41 2.99 95.43
N ILE F 150 -9.48 2.44 95.99
CA ILE F 150 -10.37 3.15 96.91
C ILE F 150 -10.64 2.23 98.10
N ASP F 151 -10.27 2.70 99.31
CA ASP F 151 -10.43 1.98 100.58
C ASP F 151 -9.72 0.63 100.56
N GLY F 152 -8.62 0.54 99.83
CA GLY F 152 -7.92 -0.72 99.65
C GLY F 152 -8.48 -1.60 98.54
N SER F 153 -9.64 -1.27 98.00
CA SER F 153 -10.28 -2.07 96.96
C SER F 153 -10.13 -1.35 95.62
N GLU F 154 -9.59 -2.06 94.63
CA GLU F 154 -9.23 -1.40 93.38
C GLU F 154 -10.47 -1.13 92.53
N ARG F 155 -10.30 -0.24 91.55
CA ARG F 155 -11.37 0.23 90.69
C ARG F 155 -10.89 0.19 89.25
N GLN F 156 -11.75 -0.24 88.34
CA GLN F 156 -11.36 -0.40 86.96
C GLN F 156 -12.06 0.60 86.04
N ASN F 157 -13.23 1.09 86.44
CA ASN F 157 -14.02 1.93 85.55
C ASN F 157 -13.80 3.41 85.85
N GLY F 158 -13.93 4.23 84.80
CA GLY F 158 -13.71 5.66 84.91
C GLY F 158 -12.27 6.06 84.83
N VAL F 159 -11.38 5.16 84.45
CA VAL F 159 -9.93 5.42 84.39
C VAL F 159 -9.60 6.01 83.03
N LEU F 160 -8.99 7.19 83.03
CA LEU F 160 -8.61 7.89 81.81
C LEU F 160 -7.12 8.23 81.89
N ASN F 161 -6.40 7.95 80.81
CA ASN F 161 -4.94 8.04 80.80
C ASN F 161 -4.48 9.03 79.74
N SER F 162 -3.18 9.38 79.80
CA SER F 162 -2.53 10.22 78.80
C SER F 162 -1.04 9.94 78.79
N TRP F 163 -0.50 9.73 77.59
CA TRP F 163 0.93 9.55 77.35
C TRP F 163 1.44 10.72 76.52
N THR F 164 2.70 11.11 76.73
CA THR F 164 3.33 12.07 75.84
C THR F 164 4.37 11.36 74.97
N ASP F 165 4.92 12.11 74.02
CA ASP F 165 5.96 11.59 73.14
C ASP F 165 7.29 11.55 73.89
N GLN F 166 8.26 10.87 73.28
CA GLN F 166 9.63 10.90 73.76
C GLN F 166 10.21 12.30 73.66
N ASP F 167 10.77 12.78 74.76
CA ASP F 167 11.46 14.05 74.75
C ASP F 167 12.74 13.93 73.92
N SER F 168 13.07 15.00 73.21
CA SER F 168 14.27 14.95 72.37
C SER F 168 15.53 15.29 73.16
N LYS F 169 15.37 15.72 74.40
CA LYS F 169 16.51 16.17 75.19
C LYS F 169 17.20 15.01 75.91
N ASP F 170 16.47 14.32 76.80
CA ASP F 170 17.06 13.22 77.55
C ASP F 170 16.36 11.89 77.29
N SER F 171 15.53 11.83 76.24
CA SER F 171 14.68 10.67 75.89
C SER F 171 13.81 10.20 77.06
N THR F 172 12.98 11.08 77.62
CA THR F 172 12.10 10.69 78.71
C THR F 172 10.64 10.63 78.24
N TYR F 173 9.79 10.09 79.12
CA TYR F 173 8.34 10.14 78.95
C TYR F 173 7.72 10.70 80.21
N SER F 174 6.50 11.21 80.07
CA SER F 174 5.73 11.73 81.19
C SER F 174 4.27 11.35 81.01
N MET F 175 3.72 10.69 82.02
CA MET F 175 2.41 10.08 81.89
C MET F 175 1.44 10.74 82.84
N SER F 176 0.22 10.97 82.36
CA SER F 176 -0.84 11.55 83.18
C SER F 176 -1.96 10.53 83.28
N SER F 177 -2.31 10.14 84.50
CA SER F 177 -3.36 9.18 84.77
C SER F 177 -4.42 9.85 85.61
N THR F 178 -5.69 9.63 85.26
CA THR F 178 -6.81 10.36 85.85
C THR F 178 -7.94 9.41 86.21
N LEU F 179 -8.49 9.56 87.42
CA LEU F 179 -9.74 8.89 87.82
C LEU F 179 -10.76 9.97 88.14
N THR F 180 -11.97 9.81 87.57
CA THR F 180 -13.02 10.83 87.63
C THR F 180 -14.20 10.31 88.42
N LEU F 181 -14.63 11.08 89.42
CA LEU F 181 -15.74 10.67 90.27
C LEU F 181 -16.55 11.88 90.73
N THR F 182 -17.76 11.61 91.21
CA THR F 182 -18.76 12.64 91.48
C THR F 182 -18.59 13.25 92.87
N LYS F 183 -19.57 14.07 93.27
CA LYS F 183 -19.48 14.75 94.55
C LYS F 183 -19.86 13.85 95.72
N ASP F 184 -20.87 13.00 95.54
CA ASP F 184 -21.34 12.18 96.67
C ASP F 184 -20.47 10.94 96.84
N GLU F 185 -19.82 10.50 95.77
CA GLU F 185 -18.89 9.38 95.87
C GLU F 185 -17.59 9.80 96.54
N TYR F 186 -17.31 11.11 96.53
CA TYR F 186 -16.03 11.62 97.00
C TYR F 186 -15.97 11.72 98.52
N GLU F 187 -17.07 12.16 99.15
CA GLU F 187 -17.02 12.45 100.58
C GLU F 187 -17.14 11.19 101.42
N ARG F 188 -17.56 10.07 100.83
CA ARG F 188 -17.84 8.88 101.62
C ARG F 188 -16.58 8.09 101.96
N HIS F 189 -15.69 7.92 100.98
CA HIS F 189 -14.50 7.12 101.14
C HIS F 189 -13.30 8.03 101.43
N ASN F 190 -12.31 7.50 102.16
CA ASN F 190 -11.26 8.38 102.65
C ASN F 190 -9.88 7.97 102.13
N SER F 191 -9.73 6.74 101.68
CA SER F 191 -8.44 6.23 101.22
C SER F 191 -8.42 6.11 99.70
N TYR F 192 -7.54 6.88 99.06
CA TYR F 192 -7.33 6.83 97.61
C TYR F 192 -5.83 6.89 97.34
N THR F 193 -5.36 6.12 96.37
CA THR F 193 -3.95 6.05 96.03
C THR F 193 -3.74 5.50 94.63
N CYS F 194 -2.52 5.66 94.12
CA CYS F 194 -2.11 5.05 92.87
C CYS F 194 -0.83 4.24 93.11
N GLU F 195 -0.80 3.01 92.57
CA GLU F 195 0.33 2.10 92.72
C GLU F 195 0.77 1.60 91.35
N ALA F 196 1.90 2.11 90.87
CA ALA F 196 2.37 1.85 89.52
C ALA F 196 3.49 0.81 89.55
N THR F 197 3.38 -0.22 88.72
CA THR F 197 4.35 -1.28 88.65
C THR F 197 5.48 -0.88 87.70
N HIS F 198 6.71 -1.32 88.00
CA HIS F 198 7.84 -0.96 87.17
C HIS F 198 8.94 -2.03 87.31
N LYS F 199 9.99 -1.86 86.51
CA LYS F 199 11.12 -2.77 86.51
C LYS F 199 12.17 -2.37 87.56
N THR F 200 12.30 -1.07 87.83
CA THR F 200 13.33 -0.57 88.74
C THR F 200 13.09 -1.02 90.18
N SER F 201 11.83 -1.12 90.58
CA SER F 201 11.48 -1.63 91.90
C SER F 201 10.46 -2.76 91.77
N THR F 202 10.63 -3.79 92.59
CA THR F 202 9.69 -4.91 92.60
C THR F 202 8.37 -4.51 93.24
N SER F 203 8.42 -3.73 94.32
CA SER F 203 7.25 -3.13 94.92
C SER F 203 6.83 -1.90 94.13
N PRO F 204 5.53 -1.67 93.98
CA PRO F 204 5.08 -0.50 93.22
C PRO F 204 5.28 0.80 93.99
N ILE F 205 5.17 1.90 93.26
CA ILE F 205 5.32 3.24 93.81
C ILE F 205 4.10 3.56 94.67
N VAL F 206 4.32 3.88 95.95
CA VAL F 206 3.24 4.09 96.90
C VAL F 206 3.08 5.57 97.20
N LYS F 207 1.96 6.14 96.74
CA LYS F 207 1.61 7.53 96.94
C LYS F 207 0.14 7.63 97.28
N SER F 208 -0.17 8.05 98.51
CA SER F 208 -1.56 8.06 98.97
C SER F 208 -1.88 9.41 99.61
N PHE F 209 -3.17 9.62 99.87
CA PHE F 209 -3.65 10.84 100.50
C PHE F 209 -5.00 10.57 101.17
N ASN F 210 -5.26 11.30 102.25
CA ASN F 210 -6.51 11.21 103.00
C ASN F 210 -7.15 12.59 103.14
N ARG F 211 -8.48 12.63 103.15
CA ARG F 211 -9.20 13.89 103.22
C ARG F 211 -9.15 14.49 104.63
N ASN F 212 -9.03 13.63 105.65
CA ASN F 212 -9.05 14.11 107.02
C ASN F 212 -7.72 14.71 107.43
N GLU F 213 -6.65 14.35 106.71
CA GLU F 213 -5.32 14.85 107.05
C GLU F 213 -5.14 16.30 106.62
N CYS F 214 -5.44 16.61 105.35
CA CYS F 214 -5.25 17.94 104.82
C CYS F 214 -6.35 18.89 105.27
N GLN G 1 7.40 23.81 39.64
CA GLN G 1 7.73 22.96 40.76
C GLN G 1 6.48 22.29 41.31
N VAL G 2 6.53 20.98 41.51
CA VAL G 2 5.35 20.21 41.90
C VAL G 2 4.99 20.50 43.35
N GLN G 3 3.69 20.50 43.64
CA GLN G 3 3.18 20.74 44.98
C GLN G 3 1.79 20.15 45.09
N LEU G 4 1.44 19.70 46.29
CA LEU G 4 0.09 19.25 46.60
C LEU G 4 -0.36 19.99 47.85
N LEU G 5 -1.15 21.03 47.67
CA LEU G 5 -1.68 21.76 48.82
C LEU G 5 -2.84 20.98 49.43
N GLN G 6 -2.98 21.11 50.74
CA GLN G 6 -4.06 20.43 51.46
C GLN G 6 -4.44 21.28 52.66
N SER G 7 -5.75 21.38 52.93
CA SER G 7 -6.22 22.07 54.11
C SER G 7 -6.04 21.17 55.34
N GLY G 8 -5.49 21.76 56.41
CA GLY G 8 -4.98 20.93 57.51
C GLY G 8 -6.04 20.43 58.46
N ALA G 9 -6.97 21.32 58.86
CA ALA G 9 -7.97 20.98 59.86
C ALA G 9 -9.37 21.15 59.29
N GLU G 10 -10.28 20.28 59.72
CA GLU G 10 -11.65 20.32 59.25
C GLU G 10 -12.55 19.73 60.32
N LEU G 11 -13.48 20.54 60.82
CA LEU G 11 -14.41 20.16 61.88
C LEU G 11 -15.81 19.98 61.32
N VAL G 12 -16.44 18.84 61.65
CA VAL G 12 -17.75 18.50 61.11
C VAL G 12 -18.63 17.85 62.17
N ARG G 13 -19.84 17.49 61.77
CA ARG G 13 -20.86 16.84 62.55
C ARG G 13 -21.08 15.40 62.05
N PRO G 14 -21.30 14.44 62.95
CA PRO G 14 -21.52 13.07 62.51
C PRO G 14 -22.87 12.92 61.84
N GLY G 15 -22.88 12.16 60.75
CA GLY G 15 -24.08 11.99 59.96
C GLY G 15 -24.27 12.99 58.85
N SER G 16 -23.30 13.86 58.60
CA SER G 16 -23.36 14.83 57.52
C SER G 16 -22.27 14.51 56.49
N SER G 17 -22.16 15.36 55.48
CA SER G 17 -21.26 15.13 54.35
C SER G 17 -20.28 16.29 54.20
N VAL G 18 -19.01 15.95 54.03
CA VAL G 18 -17.91 16.91 53.98
C VAL G 18 -17.14 16.72 52.67
N LYS G 19 -16.74 17.85 52.07
CA LYS G 19 -16.07 17.88 50.77
C LYS G 19 -14.58 18.17 50.96
N ILE G 20 -13.76 17.13 50.89
CA ILE G 20 -12.31 17.30 51.08
C ILE G 20 -11.63 17.35 49.72
N SER G 21 -10.72 18.30 49.55
CA SER G 21 -10.05 18.53 48.27
C SER G 21 -8.57 18.83 48.47
N CYS G 22 -7.79 18.59 47.41
CA CYS G 22 -6.38 18.95 47.38
C CYS G 22 -6.03 19.47 45.99
N LYS G 23 -5.08 20.40 45.94
CA LYS G 23 -4.76 21.19 44.75
C LYS G 23 -3.52 20.65 44.08
N ALA G 24 -3.53 20.58 42.74
CA ALA G 24 -2.45 20.00 41.96
C ALA G 24 -1.84 21.02 41.00
N SER G 25 -0.51 21.04 40.97
CA SER G 25 0.25 21.91 40.08
C SER G 25 1.65 21.33 39.92
N GLY G 26 2.44 21.99 39.07
CA GLY G 26 3.79 21.58 38.78
C GLY G 26 3.91 20.48 37.75
N TYR G 27 2.83 19.74 37.50
CA TYR G 27 2.80 18.70 36.49
C TYR G 27 1.50 18.85 35.70
N VAL G 28 1.32 17.98 34.73
CA VAL G 28 0.07 17.95 33.98
C VAL G 28 -0.89 16.96 34.64
N PHE G 29 -2.07 17.44 35.02
CA PHE G 29 -2.93 16.71 35.93
C PHE G 29 -3.59 15.51 35.26
N THR G 30 -3.81 15.59 33.94
CA THR G 30 -4.55 14.53 33.26
C THR G 30 -3.68 13.32 32.95
N SER G 31 -2.39 13.38 33.27
CA SER G 31 -1.49 12.30 32.92
C SER G 31 -1.18 11.37 34.09
N TYR G 32 -1.89 11.49 35.20
CA TYR G 32 -1.61 10.69 36.39
C TYR G 32 -2.91 10.20 37.02
N TRP G 33 -2.90 8.96 37.50
CA TRP G 33 -3.95 8.50 38.39
C TRP G 33 -3.76 9.15 39.76
N MET G 34 -4.86 9.32 40.48
CA MET G 34 -4.79 9.88 41.82
C MET G 34 -5.40 8.91 42.82
N HIS G 35 -4.79 8.81 43.99
CA HIS G 35 -5.23 7.92 45.05
C HIS G 35 -5.45 8.75 46.32
N TRP G 36 -6.29 8.24 47.21
CA TRP G 36 -6.53 8.87 48.51
C TRP G 36 -6.33 7.81 49.58
N VAL G 37 -5.93 8.24 50.78
CA VAL G 37 -5.53 7.32 51.83
C VAL G 37 -6.03 7.81 53.18
N LYS G 38 -6.14 6.87 54.12
CA LYS G 38 -6.61 7.12 55.47
C LYS G 38 -5.76 6.39 56.51
N GLN G 39 -5.15 7.17 57.41
CA GLN G 39 -4.42 6.60 58.55
C GLN G 39 -5.32 6.69 59.76
N ARG G 40 -5.87 5.56 60.18
CA ARG G 40 -6.57 5.47 61.45
C ARG G 40 -5.60 5.74 62.59
N PRO G 41 -5.96 6.64 63.52
CA PRO G 41 -5.07 6.96 64.63
C PRO G 41 -4.87 5.75 65.55
N GLY G 42 -3.60 5.39 65.74
CA GLY G 42 -3.29 4.13 66.40
C GLY G 42 -3.33 2.95 65.45
N GLN G 43 -3.17 3.19 64.15
CA GLN G 43 -3.20 2.15 63.14
C GLN G 43 -2.40 2.67 61.95
N GLY G 44 -2.08 1.79 61.01
CA GLY G 44 -1.45 2.20 59.76
C GLY G 44 -2.44 2.84 58.79
N LEU G 45 -1.91 3.16 57.61
CA LEU G 45 -2.68 3.77 56.54
C LEU G 45 -3.66 2.76 55.95
N GLU G 46 -4.72 3.28 55.32
CA GLU G 46 -5.67 2.47 54.56
C GLU G 46 -5.92 3.13 53.21
N TRP G 47 -5.70 2.37 52.13
CA TRP G 47 -5.87 2.89 50.78
C TRP G 47 -7.32 2.77 50.36
N ILE G 48 -7.88 3.83 49.77
CA ILE G 48 -9.32 3.85 49.58
C ILE G 48 -9.69 3.73 48.10
N GLY G 49 -8.83 4.17 47.19
CA GLY G 49 -9.32 4.27 45.82
C GLY G 49 -8.29 4.78 44.84
N GLN G 50 -8.78 5.00 43.62
CA GLN G 50 -7.94 5.25 42.47
C GLN G 50 -8.75 5.99 41.41
N ILE G 51 -8.32 7.18 41.03
CA ILE G 51 -9.12 8.05 40.17
C ILE G 51 -8.22 8.76 39.16
N TYR G 52 -8.74 8.94 37.94
CA TYR G 52 -8.07 9.57 36.82
C TYR G 52 -8.84 10.81 36.40
N PRO G 53 -8.19 11.96 36.20
CA PRO G 53 -8.94 13.14 35.77
C PRO G 53 -9.24 13.15 34.29
N GLY G 54 -8.49 12.38 33.49
CA GLY G 54 -8.61 12.40 32.05
C GLY G 54 -9.92 11.91 31.51
N ASP G 55 -10.36 10.75 31.99
CA ASP G 55 -11.64 10.22 31.58
C ASP G 55 -12.67 10.26 32.70
N GLY G 56 -12.23 10.08 33.93
CA GLY G 56 -13.13 9.93 35.04
C GLY G 56 -13.35 8.51 35.49
N GLY G 57 -12.51 7.58 35.04
CA GLY G 57 -12.65 6.21 35.47
C GLY G 57 -12.31 6.03 36.93
N THR G 58 -13.28 5.53 37.68
CA THR G 58 -13.20 5.51 39.12
C THR G 58 -12.74 4.14 39.58
N HIS G 59 -12.26 4.10 40.81
CA HIS G 59 -12.00 2.85 41.52
C HIS G 59 -12.15 3.10 43.01
N TYR G 60 -12.83 2.19 43.68
CA TYR G 60 -13.08 2.28 45.10
C TYR G 60 -12.48 1.07 45.81
N ASN G 61 -12.48 1.13 47.13
CA ASN G 61 -12.24 -0.05 47.95
C ASN G 61 -13.59 -0.63 48.31
N GLY G 62 -13.65 -1.95 48.45
CA GLY G 62 -14.91 -2.60 48.82
C GLY G 62 -15.35 -2.25 50.22
N ASN G 63 -14.40 -1.96 51.10
CA ASN G 63 -14.74 -1.55 52.47
C ASN G 63 -15.13 -0.08 52.51
N PHE G 64 -14.81 0.66 51.45
CA PHE G 64 -15.31 2.02 51.31
C PHE G 64 -16.42 2.11 50.28
N ARG G 65 -16.97 0.97 49.85
CA ARG G 65 -17.97 0.96 48.78
C ARG G 65 -19.26 1.59 49.27
N ASP G 66 -19.72 2.58 48.51
CA ASP G 66 -20.82 3.54 48.76
C ASP G 66 -20.49 4.52 49.87
N LYS G 67 -19.30 4.46 50.46
CA LYS G 67 -18.98 5.37 51.56
C LYS G 67 -18.35 6.66 51.04
N ALA G 68 -17.50 6.56 50.03
CA ALA G 68 -16.91 7.73 49.39
C ALA G 68 -17.25 7.75 47.92
N THR G 69 -17.49 8.95 47.40
CA THR G 69 -17.82 9.15 45.99
C THR G 69 -16.64 9.88 45.35
N LEU G 70 -15.81 9.14 44.63
CA LEU G 70 -14.63 9.75 44.02
C LEU G 70 -15.01 10.45 42.72
N THR G 71 -14.90 11.78 42.73
CA THR G 71 -15.15 12.60 41.56
C THR G 71 -14.15 13.75 41.60
N ALA G 72 -13.90 14.34 40.43
CA ALA G 72 -12.91 15.40 40.37
C ALA G 72 -13.40 16.50 39.43
N ASP G 73 -12.51 17.46 39.16
CA ASP G 73 -12.75 18.50 38.17
C ASP G 73 -11.41 18.87 37.55
N LYS G 74 -11.43 19.18 36.25
CA LYS G 74 -10.17 19.37 35.54
C LYS G 74 -9.86 20.84 35.30
N SER G 75 -10.85 21.73 35.47
CA SER G 75 -10.59 23.14 35.21
C SER G 75 -9.74 23.76 36.33
N SER G 76 -10.13 23.55 37.58
CA SER G 76 -9.41 24.13 38.71
C SER G 76 -8.26 23.25 39.20
N SER G 77 -8.01 22.12 38.53
CA SER G 77 -6.90 21.20 38.81
C SER G 77 -6.93 20.67 40.24
N THR G 78 -8.05 20.02 40.59
CA THR G 78 -8.18 19.42 41.91
C THR G 78 -9.04 18.17 41.81
N ALA G 79 -8.86 17.28 42.77
CA ALA G 79 -9.70 16.10 42.90
C ALA G 79 -10.39 16.11 44.25
N TYR G 80 -11.55 15.47 44.32
CA TYR G 80 -12.36 15.49 45.51
C TYR G 80 -12.61 14.07 45.97
N MET G 81 -12.77 13.91 47.28
CA MET G 81 -13.49 12.79 47.84
C MET G 81 -14.54 13.36 48.77
N HIS G 82 -15.63 12.62 48.99
CA HIS G 82 -16.81 13.15 49.64
C HIS G 82 -17.48 12.03 50.43
N LEU G 83 -17.12 11.91 51.70
CA LEU G 83 -17.61 10.83 52.54
C LEU G 83 -19.07 11.09 52.90
N SER G 84 -19.91 10.08 52.72
CA SER G 84 -21.35 10.22 52.95
C SER G 84 -21.75 9.54 54.26
N SER G 85 -22.56 10.27 55.05
CA SER G 85 -23.08 9.85 56.36
C SER G 85 -21.95 9.45 57.30
N LEU G 86 -21.12 10.42 57.66
CA LEU G 86 -19.86 10.13 58.35
C LEU G 86 -20.10 9.71 59.80
N THR G 87 -19.31 8.75 60.28
CA THR G 87 -19.41 8.24 61.64
C THR G 87 -18.09 8.49 62.37
N SER G 88 -18.00 7.98 63.60
CA SER G 88 -16.90 8.39 64.47
C SER G 88 -15.62 7.63 64.18
N GLU G 89 -15.74 6.43 63.58
CA GLU G 89 -14.54 5.62 63.35
C GLU G 89 -13.74 6.10 62.14
N ASP G 90 -14.26 7.07 61.39
CA ASP G 90 -13.48 7.66 60.31
C ASP G 90 -12.95 9.02 60.70
N SER G 91 -12.89 9.28 62.00
CA SER G 91 -12.15 10.44 62.50
C SER G 91 -10.67 10.13 62.41
N ALA G 92 -10.03 10.67 61.37
CA ALA G 92 -8.65 10.31 61.06
C ALA G 92 -8.00 11.37 60.16
N VAL G 93 -6.76 11.14 59.77
CA VAL G 93 -6.04 12.02 58.86
C VAL G 93 -6.17 11.47 57.43
N TYR G 94 -6.00 12.35 56.44
CA TYR G 94 -6.18 11.99 55.04
C TYR G 94 -5.15 12.73 54.18
N PHE G 95 -4.59 12.02 53.22
CA PHE G 95 -3.77 12.61 52.16
C PHE G 95 -4.32 12.18 50.80
N CYS G 96 -3.94 12.93 49.77
CA CYS G 96 -4.15 12.52 48.39
C CYS G 96 -2.80 12.20 47.77
N ALA G 97 -2.76 11.21 46.89
CA ALA G 97 -1.51 10.54 46.57
C ALA G 97 -1.03 10.87 45.17
N ARG G 98 0.25 11.21 45.06
CA ARG G 98 0.92 11.40 43.79
C ARG G 98 2.15 10.49 43.69
N LYS G 99 2.18 9.69 42.65
CA LYS G 99 3.31 8.84 42.30
C LYS G 99 4.18 9.50 41.23
N ILE G 100 5.22 8.79 40.82
CA ILE G 100 5.97 9.17 39.61
C ILE G 100 5.16 8.70 38.41
N TYR G 101 5.53 9.17 37.20
CA TYR G 101 4.79 8.78 36.00
C TYR G 101 4.91 7.29 35.74
N ASP G 102 5.99 6.68 36.21
CA ASP G 102 6.05 5.23 36.31
C ASP G 102 4.98 4.72 37.29
N GLY G 103 5.09 5.08 38.56
CA GLY G 103 4.01 4.83 39.50
C GLY G 103 4.16 3.64 40.40
N TYR G 104 5.38 3.32 40.83
CA TYR G 104 5.56 2.28 41.85
C TYR G 104 4.95 2.72 43.17
N GLY G 105 5.50 3.79 43.75
CA GLY G 105 5.04 4.29 45.02
C GLY G 105 4.83 5.80 44.97
N PHE G 106 4.36 6.32 46.09
CA PHE G 106 3.89 7.69 46.16
C PHE G 106 5.06 8.60 46.49
N SER G 107 5.45 9.43 45.53
CA SER G 107 6.64 10.25 45.68
C SER G 107 6.34 11.52 46.48
N TYR G 108 5.31 12.24 46.08
CA TYR G 108 4.89 13.45 46.78
C TYR G 108 3.52 13.23 47.40
N TRP G 109 3.33 13.76 48.60
CA TRP G 109 2.06 13.76 49.30
C TRP G 109 1.54 15.19 49.41
N GLY G 110 0.44 15.34 50.14
CA GLY G 110 -0.09 16.64 50.47
C GLY G 110 0.42 17.15 51.81
N GLN G 111 -0.51 17.72 52.59
CA GLN G 111 -0.16 18.13 53.95
C GLN G 111 -0.83 17.26 55.00
N GLY G 112 -2.10 16.93 54.80
CA GLY G 112 -2.88 16.17 55.77
C GLY G 112 -4.17 16.89 56.09
N THR G 113 -5.18 16.11 56.50
CA THR G 113 -6.47 16.66 56.88
C THR G 113 -7.11 15.77 57.94
N LEU G 114 -7.22 16.29 59.17
CA LEU G 114 -7.80 15.57 60.30
C LEU G 114 -9.24 16.01 60.46
N VAL G 115 -10.14 15.05 60.52
CA VAL G 115 -11.57 15.32 60.64
C VAL G 115 -12.06 14.88 62.01
N THR G 116 -12.96 15.66 62.60
CA THR G 116 -13.55 15.35 63.90
C THR G 116 -15.06 15.52 63.82
N VAL G 117 -15.78 14.63 64.50
CA VAL G 117 -17.24 14.65 64.50
C VAL G 117 -17.73 14.95 65.92
N SER G 118 -18.59 15.95 66.04
CA SER G 118 -19.16 16.36 67.33
C SER G 118 -20.38 17.21 67.07
N ALA G 119 -21.07 17.58 68.15
CA ALA G 119 -22.29 18.38 68.01
C ALA G 119 -22.00 19.87 68.16
N LYS G 120 -21.48 20.29 69.31
CA LYS G 120 -21.29 21.71 69.58
C LYS G 120 -19.93 21.94 70.24
N THR G 121 -19.44 23.17 70.12
CA THR G 121 -18.20 23.57 70.79
C THR G 121 -18.53 24.04 72.20
N THR G 122 -17.55 23.89 73.10
CA THR G 122 -17.70 24.35 74.48
C THR G 122 -16.37 24.89 74.98
N PRO G 123 -16.37 26.04 75.65
CA PRO G 123 -15.14 26.54 76.28
C PRO G 123 -14.86 25.82 77.59
N PRO G 124 -13.60 25.73 78.00
CA PRO G 124 -13.26 25.02 79.24
C PRO G 124 -13.28 25.92 80.46
N SER G 125 -12.84 25.34 81.57
CA SER G 125 -12.57 26.04 82.82
C SER G 125 -11.26 25.49 83.39
N VAL G 126 -10.49 26.35 84.05
CA VAL G 126 -9.19 25.98 84.62
C VAL G 126 -9.32 25.89 86.14
N TYR G 127 -8.70 24.86 86.72
CA TYR G 127 -8.75 24.61 88.15
C TYR G 127 -7.34 24.59 88.74
N PRO G 128 -7.11 25.31 89.83
CA PRO G 128 -5.83 25.19 90.54
C PRO G 128 -5.74 23.88 91.31
N LEU G 129 -4.52 23.37 91.39
CA LEU G 129 -4.22 22.13 92.11
C LEU G 129 -3.06 22.38 93.05
N ALA G 130 -3.30 22.21 94.34
CA ALA G 130 -2.29 22.37 95.37
C ALA G 130 -1.81 21.01 95.87
N PRO G 131 -0.56 20.87 96.28
CA PRO G 131 -0.08 19.58 96.79
C PRO G 131 -0.67 19.23 98.16
N GLY G 132 -0.27 18.06 98.67
CA GLY G 132 -0.71 17.62 99.96
C GLY G 132 0.26 17.98 101.08
N SER G 133 -0.26 18.00 102.31
CA SER G 133 0.57 18.35 103.45
C SER G 133 1.45 17.19 103.90
N ALA G 134 1.23 15.99 103.34
CA ALA G 134 2.18 14.89 103.47
C ALA G 134 3.25 15.02 102.39
N ALA G 135 4.00 13.93 102.19
CA ALA G 135 5.09 13.80 101.21
C ALA G 135 6.14 14.88 101.44
N GLN G 136 6.87 14.74 102.56
CA GLN G 136 7.64 15.81 103.18
C GLN G 136 8.71 16.40 102.26
N THR G 137 9.28 17.53 102.70
CA THR G 137 10.09 18.39 101.84
C THR G 137 11.40 17.77 101.36
N ASN G 138 11.38 17.26 100.14
CA ASN G 138 12.60 16.94 99.44
C ASN G 138 13.01 18.12 98.56
N SER G 139 13.92 17.86 97.64
CA SER G 139 14.48 18.91 96.79
C SER G 139 13.44 19.53 95.84
N MET G 140 12.62 18.71 95.20
CA MET G 140 11.71 19.19 94.17
C MET G 140 10.26 19.00 94.60
N VAL G 141 9.47 20.05 94.43
CA VAL G 141 8.03 20.00 94.66
C VAL G 141 7.32 20.15 93.32
N THR G 142 6.36 19.27 93.07
CA THR G 142 5.65 19.19 91.80
C THR G 142 4.25 19.74 92.01
N LEU G 143 3.84 20.68 91.16
CA LEU G 143 2.60 21.41 91.34
C LEU G 143 1.56 20.87 90.35
N GLY G 144 0.42 21.56 90.26
CA GLY G 144 -0.62 21.08 89.36
C GLY G 144 -1.52 22.18 88.86
N CYS G 145 -1.98 21.99 87.63
CA CYS G 145 -2.96 22.85 86.96
C CYS G 145 -3.67 22.03 85.89
N LEU G 146 -5.00 22.13 85.85
CA LEU G 146 -5.83 21.19 85.10
C LEU G 146 -6.95 21.96 84.39
N VAL G 147 -6.89 21.97 83.06
CA VAL G 147 -8.01 22.44 82.24
C VAL G 147 -8.82 21.22 81.84
N LYS G 148 -10.10 21.39 81.54
CA LYS G 148 -10.98 20.25 81.36
C LYS G 148 -12.21 20.62 80.54
N GLY G 149 -12.60 19.70 79.65
CA GLY G 149 -13.91 19.75 79.04
C GLY G 149 -14.12 20.81 77.99
N TYR G 150 -13.38 20.76 76.88
CA TYR G 150 -13.51 21.76 75.84
C TYR G 150 -13.58 21.14 74.46
N PHE G 151 -14.04 21.96 73.52
CA PHE G 151 -14.04 21.66 72.10
C PHE G 151 -14.07 22.98 71.35
N PRO G 152 -13.30 23.12 70.26
CA PRO G 152 -12.29 22.21 69.73
C PRO G 152 -10.86 22.62 70.05
N GLU G 153 -9.93 21.93 69.39
CA GLU G 153 -8.54 22.34 69.29
C GLU G 153 -8.44 23.72 68.63
N PRO G 154 -7.41 24.51 68.96
CA PRO G 154 -6.31 24.30 69.89
C PRO G 154 -6.49 25.01 71.23
N VAL G 155 -5.49 24.86 72.11
CA VAL G 155 -5.50 25.47 73.45
C VAL G 155 -4.05 25.67 73.88
N THR G 156 -3.78 26.82 74.50
CA THR G 156 -2.46 27.10 75.04
C THR G 156 -2.57 27.36 76.54
N VAL G 157 -1.56 26.89 77.28
CA VAL G 157 -1.48 27.06 78.72
C VAL G 157 -0.04 27.44 79.05
N THR G 158 0.13 28.53 79.80
CA THR G 158 1.46 29.01 80.15
C THR G 158 1.55 29.31 81.63
N TRP G 159 2.73 29.06 82.19
CA TRP G 159 3.03 29.31 83.60
C TRP G 159 3.73 30.64 83.72
N ASN G 160 3.14 31.55 84.51
CA ASN G 160 3.61 32.93 84.72
C ASN G 160 3.71 33.69 83.40
N SER G 161 2.80 33.35 82.46
CA SER G 161 2.75 33.88 81.10
C SER G 161 4.08 33.72 80.36
N GLY G 162 4.81 32.64 80.65
CA GLY G 162 6.07 32.35 80.00
C GLY G 162 7.29 32.87 80.70
N SER G 163 7.18 33.29 81.96
CA SER G 163 8.31 33.91 82.64
C SER G 163 9.36 32.88 83.07
N LEU G 164 8.98 31.99 83.97
CA LEU G 164 9.94 31.05 84.54
C LEU G 164 9.84 29.68 83.89
N SER G 165 8.98 29.56 82.88
CA SER G 165 8.58 28.26 82.34
C SER G 165 9.73 27.56 81.62
N SER G 166 10.36 26.60 82.31
CA SER G 166 11.41 25.78 81.75
C SER G 166 11.43 24.41 82.41
N GLY G 167 10.81 23.41 81.79
CA GLY G 167 10.87 22.07 82.34
C GLY G 167 9.51 21.46 82.64
N VAL G 168 8.46 22.04 82.09
CA VAL G 168 7.11 21.54 82.31
C VAL G 168 6.73 20.61 81.16
N HIS G 169 6.21 19.44 81.51
CA HIS G 169 5.70 18.51 80.51
C HIS G 169 4.23 18.84 80.29
N THR G 170 3.94 19.57 79.22
CA THR G 170 2.56 19.90 78.87
C THR G 170 1.95 18.67 78.21
N PHE G 171 0.96 18.08 78.88
CA PHE G 171 0.44 16.78 78.50
C PHE G 171 -0.50 16.90 77.30
N PRO G 172 -0.57 15.88 76.46
CA PRO G 172 -1.43 15.98 75.27
C PRO G 172 -2.91 15.92 75.62
N ALA G 173 -3.72 16.55 74.79
CA ALA G 173 -5.17 16.62 75.02
C ALA G 173 -5.80 15.28 74.67
N VAL G 174 -6.39 14.61 75.67
CA VAL G 174 -7.11 13.38 75.41
C VAL G 174 -8.61 13.68 75.23
N LEU G 175 -9.19 13.09 74.19
CA LEU G 175 -10.59 13.26 73.85
C LEU G 175 -11.43 12.15 74.44
N GLN G 176 -12.27 12.49 75.40
CA GLN G 176 -13.27 11.56 75.94
C GLN G 176 -14.59 12.30 76.06
N SER G 177 -15.64 11.71 75.46
CA SER G 177 -16.99 12.29 75.39
C SER G 177 -16.96 13.68 74.74
N ASP G 178 -16.40 13.74 73.53
CA ASP G 178 -16.23 14.89 72.64
C ASP G 178 -15.67 16.14 73.31
N LEU G 179 -15.00 16.01 74.44
CA LEU G 179 -14.41 17.11 75.18
C LEU G 179 -12.99 16.72 75.55
N TYR G 180 -12.06 17.65 75.34
CA TYR G 180 -10.66 17.34 75.58
C TYR G 180 -10.30 17.73 77.01
N THR G 181 -9.31 17.04 77.57
CA THR G 181 -8.83 17.30 78.91
C THR G 181 -7.30 17.25 78.90
N LEU G 182 -6.70 18.33 79.35
CA LEU G 182 -5.25 18.51 79.33
C LEU G 182 -4.79 18.74 80.77
N SER G 183 -3.50 18.54 81.01
CA SER G 183 -2.94 18.77 82.34
C SER G 183 -1.51 19.27 82.17
N SER G 184 -0.97 19.85 83.25
CA SER G 184 0.41 20.32 83.26
C SER G 184 0.90 20.33 84.70
N SER G 185 2.15 19.94 84.89
CA SER G 185 2.77 19.90 86.22
C SER G 185 4.21 20.36 86.12
N VAL G 186 4.58 21.37 86.91
CA VAL G 186 5.89 21.99 86.86
C VAL G 186 6.80 21.35 87.91
N THR G 187 8.06 21.15 87.56
CA THR G 187 9.10 20.83 88.53
C THR G 187 9.83 22.11 88.92
N VAL G 188 10.15 22.23 90.20
CA VAL G 188 10.68 23.47 90.75
C VAL G 188 11.39 23.14 92.06
N PRO G 189 12.40 23.90 92.47
CA PRO G 189 12.93 23.76 93.83
C PRO G 189 11.89 24.15 94.88
N SER G 190 12.17 23.74 96.12
CA SER G 190 11.16 23.84 97.17
C SER G 190 11.06 25.25 97.75
N SER G 191 12.11 26.04 97.62
CA SER G 191 12.14 27.35 98.28
C SER G 191 11.24 28.44 97.68
N PRO G 192 11.09 28.60 96.35
CA PRO G 192 10.16 29.66 95.87
C PRO G 192 8.67 29.37 96.08
N ARG G 193 8.30 28.26 96.72
CA ARG G 193 6.94 28.05 97.16
C ARG G 193 6.91 28.19 98.67
N PRO G 194 6.04 29.07 99.21
CA PRO G 194 5.06 29.91 98.55
C PRO G 194 5.52 31.34 98.26
N SER G 195 6.78 31.50 97.87
CA SER G 195 7.32 32.84 97.61
C SER G 195 6.74 33.45 96.35
N GLU G 196 6.95 32.81 95.21
CA GLU G 196 6.56 33.43 93.95
C GLU G 196 5.10 33.18 93.63
N THR G 197 4.55 32.03 94.08
CA THR G 197 3.16 31.61 93.92
C THR G 197 2.74 31.57 92.44
N VAL G 198 3.33 30.63 91.69
CA VAL G 198 3.24 30.50 90.24
C VAL G 198 1.78 30.35 89.80
N THR G 199 1.46 30.90 88.62
CA THR G 199 0.09 30.96 88.13
C THR G 199 -0.06 30.18 86.84
N CYS G 200 -1.32 29.88 86.49
CA CYS G 200 -1.64 29.09 85.30
C CYS G 200 -2.66 29.82 84.42
N ASN G 201 -2.20 30.31 83.27
CA ASN G 201 -3.02 31.12 82.38
C ASN G 201 -3.50 30.24 81.23
N VAL G 202 -4.72 30.48 80.75
CA VAL G 202 -5.27 29.75 79.61
C VAL G 202 -5.65 30.74 78.52
N ALA G 203 -5.23 30.44 77.29
CA ALA G 203 -5.60 31.21 76.11
C ALA G 203 -6.19 30.25 75.09
N HIS G 204 -7.26 30.68 74.43
CA HIS G 204 -8.16 29.79 73.67
C HIS G 204 -8.46 30.43 72.33
N PRO G 205 -7.88 29.93 71.24
CA PRO G 205 -8.21 30.47 69.89
C PRO G 205 -9.61 30.05 69.45
N ALA G 206 -10.60 30.65 70.11
CA ALA G 206 -12.00 30.23 70.12
C ALA G 206 -12.80 31.39 70.67
N SER G 207 -13.90 31.08 71.36
CA SER G 207 -14.63 32.03 72.24
C SER G 207 -13.71 32.83 73.18
N SER G 208 -12.52 32.31 73.52
CA SER G 208 -11.36 33.09 73.99
C SER G 208 -11.55 33.62 75.40
N THR G 209 -12.01 32.76 76.30
CA THR G 209 -11.97 33.02 77.73
C THR G 209 -10.53 32.91 78.21
N LYS G 210 -9.96 34.03 78.67
CA LYS G 210 -8.63 34.01 79.27
C LYS G 210 -8.76 34.08 80.79
N VAL G 211 -8.40 32.99 81.46
CA VAL G 211 -8.60 32.84 82.90
C VAL G 211 -7.25 32.63 83.57
N ASP G 212 -7.07 33.24 84.73
CA ASP G 212 -5.87 33.00 85.55
C ASP G 212 -6.31 32.49 86.92
N LYS G 213 -5.56 31.53 87.45
CA LYS G 213 -5.81 30.95 88.77
C LYS G 213 -4.50 30.81 89.53
N LYS G 214 -4.57 31.00 90.84
CA LYS G 214 -3.38 30.93 91.68
C LYS G 214 -3.21 29.53 92.26
N ILE G 215 -2.00 29.00 92.15
CA ILE G 215 -1.72 27.61 92.45
C ILE G 215 -1.19 27.43 93.88
#